data_9OQO
#
_entry.id   9OQO
#
_cell.length_a   1.00
_cell.length_b   1.00
_cell.length_c   1.00
_cell.angle_alpha   90.00
_cell.angle_beta   90.00
_cell.angle_gamma   90.00
#
_symmetry.space_group_name_H-M   'P 1'
#
loop_
_entity.id
_entity.type
_entity.pdbx_description
1 polymer Pannexin-1
2 non-polymer PHOSPHATIDYLETHANOLAMINE
3 non-polymer CHOLESTEROL
4 non-polymer 2-acetamido-2-deoxy-beta-D-glucopyranose
#
_entity_poly.entity_id   1
_entity_poly.type   'polypeptide(L)'
_entity_poly.pdbx_seq_one_letter_code
;MAIAQLATEYVFSDFLLKEPTEPKFKGLRLELAVDKMVTCIAVGLPLLLISLAFAQEISIGTQISCFSPSSFSWRQAAFV
DSYCWAAVQQKNSLQSESGNLPLWLHKFFPYILLLFAILLYLPPLFWRFAAAPHICSDLKFIMEELDKVYNRAIKAAKSA
RDLDMRDGACSVPGVTENLGQSLWEVSESHFKYPIVEQYLKTKKNSNNLIIKYISCRLLTLIIILLACIYLGYYFSLSSL
SDEFVCSIKSGILRNDSTVPDQFQCKLIAVGIFQLLSVINLVVYVLLAPVVVYTLFVPFRQKTDVLKVYEILPTFDVLHF
KSEGYNDLSLYNLFLEENISEVKSYKCLKVLENIKSSGQGIDPMLLLTNLGMIKMDVVDGKTPMSAEMREEQGNQTAELQ
GMNIDSETKANNGEKNARQRLLDSSC
;
_entity_poly.pdbx_strand_id   A,B,C,D,E,F,G
#
loop_
_chem_comp.id
_chem_comp.type
_chem_comp.name
_chem_comp.formula
CLR non-polymer CHOLESTEROL 'C27 H46 O'
NAG D-saccharide, beta linking 2-acetamido-2-deoxy-beta-D-glucopyranose 'C8 H15 N O6'
PTY non-polymer PHOSPHATIDYLETHANOLAMINE 'C40 H80 N O8 P'
#
# COMPACT_ATOMS: atom_id res chain seq x y z
N ALA A 2 -4.95 -1.44 17.37
CA ALA A 2 -5.25 -0.91 18.70
C ALA A 2 -6.63 -0.28 18.73
N ILE A 3 -7.06 0.15 19.92
CA ILE A 3 -8.37 0.77 20.06
C ILE A 3 -8.50 1.96 19.12
N ALA A 4 -7.47 2.81 19.09
CA ALA A 4 -7.53 4.00 18.26
C ALA A 4 -7.59 3.66 16.78
N GLN A 5 -6.84 2.63 16.36
CA GLN A 5 -6.90 2.21 14.96
C GLN A 5 -8.29 1.73 14.59
N LEU A 6 -8.91 0.94 15.46
CA LEU A 6 -10.28 0.49 15.21
C LEU A 6 -11.23 1.66 15.12
N ALA A 7 -11.10 2.64 16.01
CA ALA A 7 -11.95 3.81 15.96
C ALA A 7 -11.78 4.56 14.66
N THR A 8 -10.52 4.79 14.25
CA THR A 8 -10.29 5.49 12.99
C THR A 8 -10.89 4.73 11.82
N GLU A 9 -10.80 3.40 11.85
CA GLU A 9 -11.33 2.61 10.74
C GLU A 9 -12.86 2.68 10.69
N TYR A 10 -13.51 2.65 11.85
CA TYR A 10 -14.95 2.38 11.87
C TYR A 10 -15.84 3.60 12.09
N VAL A 11 -15.33 4.68 12.69
CA VAL A 11 -16.12 5.88 12.93
C VAL A 11 -15.53 7.10 12.23
N PHE A 12 -14.21 7.28 12.29
CA PHE A 12 -13.58 8.48 11.76
C PHE A 12 -13.16 8.34 10.30
N SER A 13 -13.42 7.19 9.68
CA SER A 13 -13.13 6.97 8.26
C SER A 13 -14.43 6.73 7.51
N ASP A 14 -14.30 6.60 6.18
CA ASP A 14 -15.45 6.39 5.30
C ASP A 14 -15.82 4.90 5.24
N PHE A 15 -16.21 4.37 6.40
CA PHE A 15 -16.64 2.98 6.49
C PHE A 15 -18.09 2.90 6.02
N LEU A 16 -18.30 2.22 4.89
CA LEU A 16 -19.59 2.11 4.22
C LEU A 16 -20.10 3.44 3.69
N LEU A 17 -19.29 4.51 3.78
CA LEU A 17 -19.66 5.81 3.25
C LEU A 17 -19.05 6.06 1.87
N LYS A 18 -18.36 5.08 1.30
CA LYS A 18 -17.74 5.27 -0.01
C LYS A 18 -18.82 5.39 -1.07
N GLU A 19 -18.67 6.39 -1.95
CA GLU A 19 -19.57 6.53 -3.07
C GLU A 19 -19.32 5.42 -4.09
N PRO A 20 -20.32 5.11 -4.94
CA PRO A 20 -20.13 4.02 -5.91
C PRO A 20 -18.87 4.19 -6.74
N THR A 21 -18.07 3.13 -6.83
CA THR A 21 -16.83 3.16 -7.60
C THR A 21 -17.13 2.74 -9.04
N GLU A 22 -17.84 3.62 -9.74
CA GLU A 22 -18.20 3.36 -11.12
C GLU A 22 -18.69 4.65 -11.78
N PRO A 23 -18.41 4.85 -13.08
CA PRO A 23 -18.87 6.07 -13.75
C PRO A 23 -20.38 6.19 -13.86
N LYS A 24 -21.12 5.09 -13.69
CA LYS A 24 -22.57 5.14 -13.85
C LYS A 24 -23.19 6.10 -12.84
N PHE A 25 -22.71 6.09 -11.60
CA PHE A 25 -23.22 6.96 -10.54
C PHE A 25 -22.10 7.95 -10.19
N LYS A 26 -22.11 9.10 -10.85
CA LYS A 26 -21.12 10.16 -10.62
C LYS A 26 -21.82 11.28 -9.86
N GLY A 27 -21.51 11.39 -8.57
CA GLY A 27 -22.10 12.39 -7.72
C GLY A 27 -23.48 12.06 -7.19
N LEU A 28 -23.98 10.87 -7.48
CA LEU A 28 -25.30 10.44 -7.02
C LEU A 28 -25.15 9.57 -5.78
N ARG A 29 -25.83 9.94 -4.70
CA ARG A 29 -25.72 9.20 -3.45
C ARG A 29 -26.35 7.82 -3.56
N LEU A 30 -27.51 7.73 -4.23
CA LEU A 30 -28.22 6.47 -4.38
C LEU A 30 -28.80 5.99 -3.05
N GLU A 31 -28.63 6.78 -2.00
CA GLU A 31 -29.07 6.38 -0.67
C GLU A 31 -29.30 7.63 0.16
N LEU A 32 -30.42 7.67 0.87
CA LEU A 32 -30.72 8.83 1.70
C LEU A 32 -29.70 8.94 2.82
N ALA A 33 -29.45 10.17 3.27
CA ALA A 33 -28.47 10.39 4.32
C ALA A 33 -28.86 9.67 5.60
N VAL A 34 -30.14 9.75 5.97
CA VAL A 34 -30.59 9.11 7.21
C VAL A 34 -30.43 7.59 7.10
N ASP A 35 -30.80 7.01 5.96
CA ASP A 35 -30.65 5.57 5.78
C ASP A 35 -29.19 5.15 5.81
N LYS A 36 -28.32 5.95 5.19
CA LYS A 36 -26.89 5.63 5.21
C LYS A 36 -26.35 5.69 6.64
N MET A 37 -26.75 6.70 7.40
CA MET A 37 -26.35 6.78 8.80
C MET A 37 -26.83 5.56 9.58
N VAL A 38 -28.10 5.18 9.38
CA VAL A 38 -28.66 4.06 10.12
C VAL A 38 -27.90 2.78 9.79
N THR A 39 -27.65 2.53 8.50
CA THR A 39 -26.94 1.32 8.11
C THR A 39 -25.52 1.34 8.64
N CYS A 40 -24.82 2.47 8.52
CA CYS A 40 -23.45 2.55 8.99
C CYS A 40 -23.36 2.28 10.48
N ILE A 41 -24.26 2.88 11.26
CA ILE A 41 -24.26 2.63 12.71
C ILE A 41 -24.54 1.16 12.98
N ALA A 42 -25.67 0.66 12.46
CA ALA A 42 -26.11 -0.68 12.79
C ALA A 42 -25.11 -1.74 12.35
N VAL A 43 -24.26 -1.44 11.36
CA VAL A 43 -23.30 -2.42 10.88
C VAL A 43 -21.96 -2.26 11.59
N GLY A 44 -21.40 -1.06 11.62
CA GLY A 44 -20.09 -0.84 12.19
C GLY A 44 -20.04 -0.70 13.70
N LEU A 45 -21.20 -0.68 14.37
CA LEU A 45 -21.17 -0.66 15.83
C LEU A 45 -20.83 -2.05 16.35
N PRO A 46 -21.58 -3.09 15.98
CA PRO A 46 -21.24 -4.42 16.48
C PRO A 46 -19.83 -4.86 16.11
N LEU A 47 -19.37 -4.51 14.91
CA LEU A 47 -17.99 -4.82 14.54
C LEU A 47 -17.01 -4.10 15.45
N LEU A 48 -17.28 -2.82 15.73
CA LEU A 48 -16.42 -2.06 16.63
C LEU A 48 -16.39 -2.69 18.01
N LEU A 49 -17.54 -3.13 18.50
CA LEU A 49 -17.59 -3.75 19.82
C LEU A 49 -16.84 -5.08 19.84
N ILE A 50 -16.97 -5.88 18.78
CA ILE A 50 -16.20 -7.11 18.68
C ILE A 50 -14.71 -6.80 18.77
N SER A 51 -14.27 -5.82 17.97
CA SER A 51 -12.85 -5.49 17.95
C SER A 51 -12.38 -4.99 19.31
N LEU A 52 -13.19 -4.16 19.96
CA LEU A 52 -12.82 -3.62 21.26
C LEU A 52 -12.72 -4.71 22.31
N ALA A 53 -13.67 -5.65 22.33
CA ALA A 53 -13.73 -6.65 23.38
C ALA A 53 -12.48 -7.51 23.45
N PHE A 54 -11.77 -7.68 22.33
CA PHE A 54 -10.58 -8.50 22.27
C PHE A 54 -9.34 -7.66 21.96
N ALA A 55 -9.39 -6.38 22.32
CA ALA A 55 -8.25 -5.50 22.11
C ALA A 55 -7.07 -5.95 22.95
N GLN A 56 -5.86 -5.66 22.46
CA GLN A 56 -4.66 -6.12 23.14
C GLN A 56 -4.54 -5.56 24.55
N GLU A 57 -5.24 -4.47 24.86
CA GLU A 57 -5.14 -3.84 26.16
C GLU A 57 -6.23 -4.32 27.12
N ILE A 58 -7.49 -4.28 26.68
CA ILE A 58 -8.57 -4.73 27.55
C ILE A 58 -8.50 -6.22 27.81
N SER A 59 -7.90 -6.98 26.89
CA SER A 59 -7.88 -8.43 26.98
C SER A 59 -6.70 -8.86 27.86
N ILE A 60 -7.00 -9.59 28.93
CA ILE A 60 -5.96 -10.09 29.81
C ILE A 60 -5.14 -11.16 29.10
N GLY A 61 -5.81 -12.01 28.30
CA GLY A 61 -5.14 -13.12 27.66
C GLY A 61 -6.13 -14.12 27.10
N THR A 62 -5.95 -15.39 27.45
CA THR A 62 -6.86 -16.43 26.98
C THR A 62 -8.29 -16.10 27.35
N GLN A 63 -9.23 -16.75 26.67
CA GLN A 63 -10.65 -16.48 26.86
C GLN A 63 -11.27 -17.33 27.96
N ILE A 64 -10.50 -18.19 28.62
CA ILE A 64 -11.04 -19.06 29.65
C ILE A 64 -9.89 -19.63 30.46
N SER A 65 -10.12 -19.77 31.77
CA SER A 65 -9.15 -20.37 32.67
C SER A 65 -9.91 -21.23 33.68
N CYS A 66 -9.39 -22.43 33.96
CA CYS A 66 -10.13 -23.42 34.73
C CYS A 66 -9.51 -23.74 36.09
N PHE A 67 -8.32 -23.23 36.40
CA PHE A 67 -7.71 -23.43 37.71
C PHE A 67 -7.55 -24.92 38.03
N SER A 68 -6.70 -25.56 37.22
CA SER A 68 -6.34 -26.93 37.49
C SER A 68 -5.48 -27.02 38.74
N PRO A 69 -5.45 -28.18 39.40
CA PRO A 69 -4.65 -28.30 40.62
C PRO A 69 -3.19 -27.93 40.39
N SER A 70 -2.49 -27.69 41.49
CA SER A 70 -1.08 -27.33 41.41
C SER A 70 -0.25 -28.45 40.80
N SER A 71 -0.63 -29.70 41.08
CA SER A 71 0.13 -30.84 40.55
C SER A 71 0.11 -30.88 39.03
N PHE A 72 -0.93 -30.31 38.42
CA PHE A 72 -1.04 -30.33 36.97
C PHE A 72 0.06 -29.50 36.32
N SER A 73 0.58 -30.00 35.21
CA SER A 73 1.56 -29.25 34.44
C SER A 73 0.85 -28.13 33.66
N TRP A 74 1.64 -27.24 33.07
CA TRP A 74 1.04 -26.17 32.28
C TRP A 74 0.32 -26.72 31.07
N ARG A 75 0.85 -27.77 30.46
CA ARG A 75 0.17 -28.43 29.35
C ARG A 75 -1.12 -29.12 29.77
N GLN A 76 -1.15 -29.76 30.95
CA GLN A 76 -2.40 -30.31 31.45
C GLN A 76 -3.42 -29.21 31.72
N ALA A 77 -2.95 -28.08 32.26
CA ALA A 77 -3.84 -26.95 32.48
C ALA A 77 -4.41 -26.42 31.17
N ALA A 78 -3.56 -26.33 30.14
CA ALA A 78 -4.04 -25.91 28.83
C ALA A 78 -5.06 -26.90 28.29
N PHE A 79 -4.80 -28.20 28.47
CA PHE A 79 -5.76 -29.21 28.04
C PHE A 79 -7.10 -29.00 28.73
N VAL A 80 -7.08 -28.79 30.04
CA VAL A 80 -8.33 -28.62 30.78
C VAL A 80 -9.06 -27.38 30.28
N ASP A 81 -8.35 -26.27 30.15
CA ASP A 81 -8.98 -25.03 29.72
C ASP A 81 -9.61 -25.18 28.35
N SER A 82 -8.86 -25.72 27.39
CA SER A 82 -9.38 -25.84 26.03
C SER A 82 -10.48 -26.88 25.94
N TYR A 83 -10.37 -27.98 26.70
CA TYR A 83 -11.42 -28.98 26.72
C TYR A 83 -12.72 -28.38 27.21
N CYS A 84 -12.67 -27.60 28.28
CA CYS A 84 -13.88 -26.96 28.79
C CYS A 84 -14.40 -25.93 27.79
N TRP A 85 -13.49 -25.20 27.15
CA TRP A 85 -13.89 -24.26 26.10
C TRP A 85 -14.70 -24.95 25.02
N ALA A 86 -14.22 -26.11 24.55
CA ALA A 86 -14.94 -26.86 23.52
C ALA A 86 -16.15 -27.60 24.08
N ALA A 87 -16.19 -27.85 25.38
CA ALA A 87 -17.25 -28.62 26.01
C ALA A 87 -18.38 -27.75 26.55
N VAL A 88 -18.25 -26.42 26.47
CA VAL A 88 -19.41 -25.58 26.77
C VAL A 88 -20.61 -26.05 25.98
N GLN A 89 -20.40 -26.50 24.75
CA GLN A 89 -21.50 -27.00 23.93
C GLN A 89 -21.94 -28.39 24.41
N GLN A 90 -20.97 -29.25 24.75
CA GLN A 90 -21.29 -30.59 25.24
C GLN A 90 -21.95 -30.46 26.60
N LYS A 91 -23.25 -30.76 26.67
CA LYS A 91 -24.01 -30.46 27.87
C LYS A 91 -23.59 -31.33 29.05
N ASN A 92 -23.36 -32.62 28.80
CA ASN A 92 -23.04 -33.53 29.91
C ASN A 92 -21.71 -33.15 30.57
N SER A 93 -20.79 -32.58 29.80
CA SER A 93 -19.46 -32.29 30.33
C SER A 93 -19.53 -31.28 31.47
N LEU A 94 -20.34 -30.24 31.32
CA LEU A 94 -20.41 -29.16 32.30
C LEU A 94 -21.75 -29.16 33.01
N GLN A 95 -21.74 -28.62 34.23
CA GLN A 95 -22.94 -28.46 35.04
C GLN A 95 -22.89 -27.06 35.66
N SER A 96 -23.66 -26.13 35.10
CA SER A 96 -23.70 -24.75 35.56
C SER A 96 -25.12 -24.39 35.98
N GLU A 97 -25.23 -23.53 37.00
CA GLU A 97 -26.54 -23.14 37.50
C GLU A 97 -27.34 -22.41 36.42
N SER A 98 -26.69 -21.49 35.70
CA SER A 98 -27.37 -20.72 34.67
C SER A 98 -27.75 -21.56 33.46
N GLY A 99 -27.23 -22.77 33.33
CA GLY A 99 -27.50 -23.63 32.20
C GLY A 99 -26.35 -23.69 31.22
N ASN A 100 -26.70 -23.97 29.96
CA ASN A 100 -25.71 -24.06 28.89
C ASN A 100 -25.88 -22.98 27.83
N LEU A 101 -27.09 -22.45 27.66
CA LEU A 101 -27.26 -21.33 26.74
C LEU A 101 -26.43 -20.12 27.12
N PRO A 102 -26.31 -19.74 28.39
CA PRO A 102 -25.40 -18.64 28.73
C PRO A 102 -23.97 -18.90 28.28
N LEU A 103 -23.49 -20.14 28.42
CA LEU A 103 -22.13 -20.45 27.98
C LEU A 103 -22.01 -20.39 26.47
N TRP A 104 -22.99 -20.95 25.76
CA TRP A 104 -23.03 -20.81 24.31
C TRP A 104 -22.92 -19.35 23.89
N LEU A 105 -23.73 -18.51 24.52
CA LEU A 105 -23.75 -17.09 24.16
C LEU A 105 -22.43 -16.42 24.50
N HIS A 106 -21.87 -16.73 25.66
CA HIS A 106 -20.59 -16.11 26.03
C HIS A 106 -19.49 -16.51 25.05
N LYS A 107 -19.50 -17.76 24.59
CA LYS A 107 -18.47 -18.20 23.66
C LYS A 107 -18.67 -17.62 22.27
N PHE A 108 -19.93 -17.45 21.83
CA PHE A 108 -20.21 -17.09 20.45
C PHE A 108 -20.74 -15.68 20.29
N PHE A 109 -20.60 -14.83 21.31
CA PHE A 109 -21.06 -13.44 21.19
C PHE A 109 -20.48 -12.71 19.99
N PRO A 110 -19.18 -12.79 19.69
CA PRO A 110 -18.68 -12.14 18.48
C PRO A 110 -19.38 -12.63 17.22
N TYR A 111 -19.65 -13.94 17.14
CA TYR A 111 -20.35 -14.48 15.99
C TYR A 111 -21.75 -13.90 15.88
N ILE A 112 -22.45 -13.75 17.00
CA ILE A 112 -23.81 -13.23 16.96
C ILE A 112 -23.82 -11.75 16.57
N LEU A 113 -22.86 -10.98 17.09
CA LEU A 113 -22.76 -9.59 16.67
C LEU A 113 -22.46 -9.48 15.18
N LEU A 114 -21.55 -10.32 14.68
CA LEU A 114 -21.26 -10.32 13.24
C LEU A 114 -22.48 -10.72 12.43
N LEU A 115 -23.25 -11.69 12.93
CA LEU A 115 -24.47 -12.09 12.24
C LEU A 115 -25.46 -10.94 12.17
N PHE A 116 -25.63 -10.21 13.27
CA PHE A 116 -26.52 -9.05 13.25
C PHE A 116 -26.02 -8.01 12.26
N ALA A 117 -24.71 -7.76 12.25
CA ALA A 117 -24.17 -6.78 11.31
C ALA A 117 -24.43 -7.20 9.87
N ILE A 118 -24.22 -8.48 9.56
CA ILE A 118 -24.44 -8.96 8.19
C ILE A 118 -25.91 -8.87 7.83
N LEU A 119 -26.81 -9.25 8.74
CA LEU A 119 -28.23 -9.21 8.45
C LEU A 119 -28.73 -7.78 8.28
N LEU A 120 -28.10 -6.82 8.97
CA LEU A 120 -28.46 -5.42 8.79
C LEU A 120 -27.88 -4.84 7.51
N TYR A 121 -26.71 -5.32 7.08
CA TYR A 121 -26.12 -4.88 5.83
C TYR A 121 -26.77 -5.52 4.62
N LEU A 122 -27.46 -6.64 4.80
CA LEU A 122 -28.09 -7.33 3.66
C LEU A 122 -29.13 -6.48 2.95
N PRO A 123 -30.09 -5.86 3.64
CA PRO A 123 -31.13 -5.10 2.94
C PRO A 123 -30.56 -3.92 2.18
N PRO A 124 -29.62 -3.17 2.78
CA PRO A 124 -28.95 -2.12 1.99
C PRO A 124 -28.28 -2.65 0.73
N LEU A 125 -27.65 -3.82 0.81
CA LEU A 125 -26.99 -4.39 -0.36
C LEU A 125 -28.01 -4.80 -1.41
N PHE A 126 -29.13 -5.39 -0.99
CA PHE A 126 -30.19 -5.73 -1.92
C PHE A 126 -30.72 -4.47 -2.61
N TRP A 127 -30.93 -3.40 -1.84
CA TRP A 127 -31.33 -2.13 -2.42
C TRP A 127 -30.32 -1.70 -3.48
N ARG A 128 -29.04 -1.66 -3.10
CA ARG A 128 -27.99 -1.22 -4.02
C ARG A 128 -27.95 -2.02 -5.30
N PHE A 129 -28.11 -3.34 -5.22
CA PHE A 129 -27.94 -4.19 -6.39
C PHE A 129 -29.25 -4.50 -7.12
N ALA A 130 -30.39 -4.03 -6.62
CA ALA A 130 -31.66 -4.26 -7.30
C ALA A 130 -32.33 -2.96 -7.73
N ALA A 131 -32.50 -2.00 -6.81
CA ALA A 131 -33.31 -0.83 -7.07
C ALA A 131 -32.49 0.43 -7.28
N ALA A 132 -31.18 0.39 -7.05
CA ALA A 132 -30.36 1.59 -7.16
C ALA A 132 -30.10 1.96 -8.61
N PRO A 133 -29.76 1.00 -9.49
CA PRO A 133 -29.52 1.38 -10.89
C PRO A 133 -30.73 2.01 -11.55
N HIS A 134 -31.93 1.47 -11.31
CA HIS A 134 -33.12 2.00 -11.94
C HIS A 134 -33.42 3.42 -11.48
N ILE A 135 -33.40 3.64 -10.17
CA ILE A 135 -33.66 4.97 -9.64
C ILE A 135 -32.58 5.94 -10.10
N CYS A 136 -31.33 5.48 -10.16
CA CYS A 136 -30.25 6.34 -10.61
C CYS A 136 -30.45 6.79 -12.06
N SER A 137 -30.80 5.84 -12.93
CA SER A 137 -31.05 6.18 -14.32
C SER A 137 -32.22 7.16 -14.45
N ASP A 138 -33.30 6.89 -13.72
CA ASP A 138 -34.47 7.76 -13.80
C ASP A 138 -34.13 9.16 -13.28
N LEU A 139 -33.35 9.25 -12.21
CA LEU A 139 -33.01 10.54 -11.64
C LEU A 139 -32.05 11.30 -12.56
N LYS A 140 -31.15 10.58 -13.22
CA LYS A 140 -30.29 11.24 -14.21
C LYS A 140 -31.12 11.79 -15.37
N PHE A 141 -32.11 11.02 -15.82
CA PHE A 141 -33.01 11.53 -16.85
C PHE A 141 -33.73 12.79 -16.38
N ILE A 142 -34.22 12.77 -15.14
CA ILE A 142 -34.94 13.93 -14.61
C ILE A 142 -34.03 15.13 -14.54
N MET A 143 -32.80 14.95 -14.05
CA MET A 143 -31.85 16.06 -13.98
C MET A 143 -31.54 16.60 -15.37
N GLU A 144 -31.33 15.72 -16.34
CA GLU A 144 -31.05 16.19 -17.69
C GLU A 144 -32.23 16.97 -18.25
N GLU A 145 -33.44 16.48 -18.02
CA GLU A 145 -34.63 17.18 -18.51
C GLU A 145 -34.74 18.56 -17.85
N LEU A 146 -34.51 18.64 -16.55
CA LEU A 146 -34.59 19.92 -15.85
C LEU A 146 -33.55 20.89 -16.38
N ASP A 147 -32.32 20.43 -16.58
CA ASP A 147 -31.28 21.30 -17.11
C ASP A 147 -31.63 21.78 -18.52
N LYS A 148 -32.14 20.87 -19.35
CA LYS A 148 -32.50 21.25 -20.71
C LYS A 148 -33.61 22.28 -20.72
N VAL A 149 -34.65 22.08 -19.89
CA VAL A 149 -35.77 23.02 -19.89
C VAL A 149 -35.32 24.38 -19.34
N TYR A 150 -34.45 24.37 -18.32
CA TYR A 150 -33.93 25.64 -17.83
C TYR A 150 -33.13 26.37 -18.90
N ASN A 151 -32.30 25.64 -19.65
CA ASN A 151 -31.53 26.25 -20.71
C ASN A 151 -32.45 26.82 -21.79
N ARG A 152 -33.49 26.07 -22.16
CA ARG A 152 -34.43 26.56 -23.17
C ARG A 152 -35.15 27.81 -22.68
N ALA A 153 -35.56 27.82 -21.40
CA ALA A 153 -36.26 28.98 -20.87
C ALA A 153 -35.36 30.21 -20.87
N ILE A 154 -34.10 30.07 -20.44
CA ILE A 154 -33.22 31.23 -20.42
C ILE A 154 -32.91 31.70 -21.84
N LYS A 155 -32.77 30.75 -22.78
CA LYS A 155 -32.55 31.14 -24.17
C LYS A 155 -33.75 31.91 -24.72
N ALA A 156 -34.96 31.44 -24.41
CA ALA A 156 -36.16 32.15 -24.87
C ALA A 156 -36.25 33.53 -24.26
N ALA A 157 -35.91 33.65 -22.97
CA ALA A 157 -35.93 34.97 -22.33
C ALA A 157 -34.92 35.90 -22.98
N LYS A 158 -33.72 35.40 -23.27
CA LYS A 158 -32.71 36.22 -23.92
C LYS A 158 -33.16 36.65 -25.31
N SER A 159 -33.77 35.73 -26.07
CA SER A 159 -34.27 36.07 -27.40
C SER A 159 -35.36 37.13 -27.31
N ALA A 160 -36.28 37.00 -26.36
CA ALA A 160 -37.32 38.01 -26.19
C ALA A 160 -36.73 39.36 -25.82
N ARG A 161 -35.75 39.38 -24.92
CA ARG A 161 -35.13 40.64 -24.52
C ARG A 161 -34.41 41.28 -25.71
N ASP A 162 -33.69 40.50 -26.49
CA ASP A 162 -32.95 41.02 -27.64
C ASP A 162 -33.89 41.21 -28.83
N PHE A 191 -41.87 21.89 -29.71
CA PHE A 191 -42.21 20.84 -28.76
C PHE A 191 -42.85 21.44 -27.51
N LYS A 192 -42.02 21.92 -26.58
CA LYS A 192 -42.50 22.52 -25.34
C LYS A 192 -43.46 21.58 -24.61
N TYR A 193 -43.10 20.29 -24.59
CA TYR A 193 -43.93 19.29 -23.94
C TYR A 193 -43.41 19.01 -22.53
N PRO A 194 -44.29 18.84 -21.54
CA PRO A 194 -43.82 18.54 -20.16
C PRO A 194 -43.45 17.07 -19.98
N ILE A 195 -42.34 16.67 -20.62
CA ILE A 195 -41.93 15.27 -20.60
C ILE A 195 -41.62 14.82 -19.18
N VAL A 196 -40.88 15.64 -18.42
CA VAL A 196 -40.47 15.25 -17.08
C VAL A 196 -41.69 15.16 -16.16
N GLU A 197 -42.62 16.11 -16.28
CA GLU A 197 -43.82 16.06 -15.46
C GLU A 197 -44.66 14.84 -15.80
N GLN A 198 -44.78 14.50 -17.09
CA GLN A 198 -45.50 13.30 -17.46
C GLN A 198 -44.83 12.05 -16.91
N TYR A 199 -43.50 12.02 -16.93
CA TYR A 199 -42.78 10.88 -16.38
C TYR A 199 -43.04 10.74 -14.89
N LEU A 200 -43.00 11.86 -14.16
CA LEU A 200 -43.32 11.82 -12.73
C LEU A 200 -44.75 11.36 -12.49
N LYS A 201 -45.69 11.86 -13.29
CA LYS A 201 -47.09 11.44 -13.14
C LYS A 201 -47.24 9.94 -13.37
N THR A 202 -46.55 9.40 -14.38
CA THR A 202 -46.57 7.97 -14.60
C THR A 202 -45.97 7.23 -13.42
N LYS A 203 -44.87 7.75 -12.88
CA LYS A 203 -44.25 7.13 -11.71
C LYS A 203 -45.19 7.15 -10.51
N LYS A 204 -46.14 8.10 -10.49
CA LYS A 204 -47.08 8.18 -9.39
C LYS A 204 -47.84 6.87 -9.20
N ASN A 205 -48.13 6.15 -10.29
CA ASN A 205 -48.88 4.92 -10.18
C ASN A 205 -48.02 3.75 -9.72
N SER A 206 -46.91 3.51 -10.42
CA SER A 206 -46.04 2.39 -10.07
C SER A 206 -45.50 2.55 -8.66
N ASN A 207 -45.41 1.42 -7.94
CA ASN A 207 -45.01 1.45 -6.54
C ASN A 207 -44.03 0.34 -6.18
N ASN A 208 -43.43 -0.32 -7.16
CA ASN A 208 -42.48 -1.40 -6.85
C ASN A 208 -41.28 -0.86 -6.09
N LEU A 209 -40.78 0.31 -6.47
CA LEU A 209 -39.62 0.87 -5.81
C LEU A 209 -39.92 1.20 -4.34
N ILE A 210 -41.06 1.85 -4.09
CA ILE A 210 -41.42 2.19 -2.72
C ILE A 210 -41.68 0.93 -1.91
N ILE A 211 -42.28 -0.09 -2.53
CA ILE A 211 -42.51 -1.34 -1.82
C ILE A 211 -41.20 -1.98 -1.41
N LYS A 212 -40.21 -1.99 -2.33
CA LYS A 212 -38.91 -2.54 -1.98
C LYS A 212 -38.24 -1.74 -0.87
N TYR A 213 -38.32 -0.41 -0.95
CA TYR A 213 -37.73 0.42 0.09
C TYR A 213 -38.36 0.15 1.45
N ILE A 214 -39.70 0.09 1.49
CA ILE A 214 -40.40 -0.16 2.74
C ILE A 214 -40.07 -1.55 3.28
N SER A 215 -40.00 -2.55 2.39
CA SER A 215 -39.66 -3.89 2.85
C SER A 215 -38.26 -3.94 3.45
N CYS A 216 -37.30 -3.28 2.79
CA CYS A 216 -35.95 -3.26 3.33
C CYS A 216 -35.91 -2.56 4.68
N ARG A 217 -36.58 -1.41 4.81
CA ARG A 217 -36.60 -0.71 6.09
C ARG A 217 -37.26 -1.55 7.17
N LEU A 218 -38.35 -2.24 6.83
CA LEU A 218 -39.04 -3.05 7.82
C LEU A 218 -38.19 -4.24 8.26
N LEU A 219 -37.49 -4.87 7.32
CA LEU A 219 -36.59 -5.96 7.70
C LEU A 219 -35.45 -5.45 8.57
N THR A 220 -34.92 -4.27 8.26
CA THR A 220 -33.88 -3.69 9.11
C THR A 220 -34.42 -3.44 10.51
N LEU A 221 -35.65 -2.91 10.62
CA LEU A 221 -36.25 -2.68 11.93
C LEU A 221 -36.45 -3.99 12.68
N ILE A 222 -36.91 -5.02 11.99
CA ILE A 222 -37.13 -6.31 12.66
C ILE A 222 -35.80 -6.87 13.16
N ILE A 223 -34.75 -6.80 12.33
CA ILE A 223 -33.45 -7.29 12.75
C ILE A 223 -32.96 -6.49 13.95
N ILE A 224 -33.16 -5.17 13.94
CA ILE A 224 -32.71 -4.35 15.05
C ILE A 224 -33.46 -4.73 16.34
N LEU A 225 -34.77 -4.95 16.23
CA LEU A 225 -35.54 -5.34 17.42
C LEU A 225 -35.09 -6.69 17.94
N LEU A 226 -34.84 -7.65 17.04
CA LEU A 226 -34.35 -8.95 17.48
C LEU A 226 -33.00 -8.83 18.16
N ALA A 227 -32.12 -7.99 17.60
CA ALA A 227 -30.83 -7.75 18.23
C ALA A 227 -30.99 -7.12 19.60
N CYS A 228 -31.94 -6.19 19.74
CA CYS A 228 -32.20 -5.59 21.04
C CYS A 228 -32.66 -6.64 22.04
N ILE A 229 -33.55 -7.53 21.62
CA ILE A 229 -34.02 -8.59 22.52
C ILE A 229 -32.86 -9.45 22.96
N TYR A 230 -32.02 -9.87 22.01
CA TYR A 230 -30.90 -10.73 22.35
C TYR A 230 -29.91 -10.02 23.28
N LEU A 231 -29.62 -8.75 23.01
CA LEU A 231 -28.66 -8.02 23.84
C LEU A 231 -29.22 -7.80 25.24
N GLY A 232 -30.53 -7.54 25.35
CA GLY A 232 -31.13 -7.42 26.66
C GLY A 232 -31.06 -8.72 27.43
N TYR A 233 -31.32 -9.85 26.76
CA TYR A 233 -31.20 -11.14 27.42
C TYR A 233 -29.77 -11.39 27.86
N TYR A 234 -28.80 -11.03 27.03
CA TYR A 234 -27.40 -11.23 27.37
C TYR A 234 -26.99 -10.38 28.56
N PHE A 235 -27.44 -9.12 28.60
CA PHE A 235 -27.07 -8.21 29.68
C PHE A 235 -27.87 -8.45 30.95
N SER A 236 -28.99 -9.17 30.87
CA SER A 236 -29.78 -9.46 32.06
C SER A 236 -29.25 -10.68 32.83
N LEU A 237 -28.23 -11.34 32.32
CA LEU A 237 -27.70 -12.51 33.00
C LEU A 237 -27.10 -12.12 34.35
N SER A 238 -26.97 -13.11 35.23
CA SER A 238 -26.54 -12.86 36.60
C SER A 238 -25.09 -12.40 36.69
N SER A 239 -24.32 -12.49 35.62
CA SER A 239 -22.89 -12.18 35.54
C SER A 239 -22.05 -13.26 36.19
N LEU A 240 -22.66 -14.26 36.82
CA LEU A 240 -21.95 -15.42 37.33
C LEU A 240 -22.14 -16.64 36.44
N SER A 241 -22.92 -16.52 35.38
CA SER A 241 -23.10 -17.62 34.44
C SER A 241 -21.83 -17.94 33.66
N ASP A 242 -20.93 -16.96 33.56
CA ASP A 242 -19.63 -17.22 32.94
C ASP A 242 -18.86 -18.31 33.66
N GLU A 243 -19.06 -18.45 34.96
CA GLU A 243 -18.44 -19.51 35.74
C GLU A 243 -19.27 -20.78 35.61
N PHE A 244 -18.64 -21.84 35.11
CA PHE A 244 -19.29 -23.13 34.96
C PHE A 244 -18.35 -24.23 35.45
N VAL A 245 -18.95 -25.33 35.90
CA VAL A 245 -18.19 -26.48 36.38
C VAL A 245 -17.93 -27.39 35.19
N CYS A 246 -16.67 -27.83 35.06
CA CYS A 246 -16.21 -28.59 33.91
C CYS A 246 -15.65 -29.93 34.37
N SER A 247 -15.92 -30.98 33.61
CA SER A 247 -15.57 -32.34 33.99
C SER A 247 -14.88 -33.03 32.82
N ILE A 248 -13.57 -33.23 32.93
CA ILE A 248 -12.84 -34.05 31.95
C ILE A 248 -12.85 -35.47 32.51
N LYS A 249 -13.97 -36.16 32.25
CA LYS A 249 -14.17 -37.50 32.79
C LYS A 249 -14.88 -38.39 31.77
N SER A 250 -14.66 -38.15 30.49
CA SER A 250 -15.23 -38.96 29.42
C SER A 250 -14.12 -39.68 28.68
N GLY A 251 -14.25 -41.00 28.55
CA GLY A 251 -13.24 -41.80 27.91
C GLY A 251 -12.38 -42.56 28.90
N ILE A 252 -11.07 -42.62 28.64
CA ILE A 252 -10.17 -43.32 29.55
C ILE A 252 -10.00 -42.57 30.86
N LEU A 253 -10.28 -41.27 30.88
CA LEU A 253 -10.14 -40.46 32.09
C LEU A 253 -11.37 -40.52 32.97
N ARG A 254 -12.40 -41.27 32.57
CA ARG A 254 -13.63 -41.31 33.36
C ARG A 254 -13.39 -41.87 34.75
N ASN A 255 -12.62 -42.95 34.86
CA ASN A 255 -12.37 -43.61 36.13
C ASN A 255 -11.00 -43.27 36.70
N ASP A 256 -10.29 -42.33 36.09
CA ASP A 256 -8.98 -41.93 36.61
C ASP A 256 -9.15 -41.23 37.96
N SER A 257 -8.19 -41.47 38.85
CA SER A 257 -8.26 -40.99 40.23
C SER A 257 -7.51 -39.69 40.46
N THR A 258 -6.31 -39.54 39.90
CA THR A 258 -5.52 -38.34 40.16
C THR A 258 -6.21 -37.09 39.65
N VAL A 259 -7.02 -37.21 38.62
CA VAL A 259 -7.73 -36.04 38.07
C VAL A 259 -8.94 -35.74 38.95
N PRO A 260 -9.13 -34.50 39.39
CA PRO A 260 -10.31 -34.19 40.19
C PRO A 260 -11.59 -34.36 39.38
N ASP A 261 -12.68 -34.66 40.10
CA ASP A 261 -13.95 -34.94 39.43
C ASP A 261 -14.43 -33.76 38.61
N GLN A 262 -14.01 -32.55 38.95
CA GLN A 262 -14.49 -31.37 38.24
C GLN A 262 -13.55 -30.21 38.49
N PHE A 263 -13.75 -29.14 37.72
CA PHE A 263 -12.90 -27.97 37.74
C PHE A 263 -13.76 -26.72 37.78
N GLN A 264 -13.15 -25.61 38.18
CA GLN A 264 -13.83 -24.32 38.25
C GLN A 264 -13.33 -23.46 37.09
N CYS A 265 -14.15 -23.34 36.05
CA CYS A 265 -13.81 -22.56 34.87
C CYS A 265 -14.62 -21.28 34.83
N LYS A 266 -14.01 -20.23 34.31
CA LYS A 266 -14.65 -18.94 34.14
C LYS A 266 -14.43 -18.45 32.72
N LEU A 267 -15.51 -17.99 32.09
CA LEU A 267 -15.43 -17.45 30.74
C LEU A 267 -15.06 -15.98 30.84
N ILE A 268 -13.88 -15.63 30.35
CA ILE A 268 -13.37 -14.28 30.47
C ILE A 268 -13.97 -13.40 29.37
N ALA A 269 -14.00 -12.09 29.65
CA ALA A 269 -14.56 -11.07 28.76
C ALA A 269 -16.08 -11.13 28.69
N VAL A 270 -16.72 -11.90 29.56
CA VAL A 270 -18.18 -11.93 29.58
C VAL A 270 -18.73 -10.61 30.08
N GLY A 271 -18.09 -10.02 31.08
CA GLY A 271 -18.52 -8.70 31.53
C GLY A 271 -18.35 -7.64 30.47
N ILE A 272 -17.25 -7.70 29.73
CA ILE A 272 -17.03 -6.76 28.64
C ILE A 272 -18.07 -6.97 27.54
N PHE A 273 -18.39 -8.23 27.25
CA PHE A 273 -19.45 -8.50 26.29
C PHE A 273 -20.77 -7.91 26.76
N GLN A 274 -21.08 -8.03 28.05
CA GLN A 274 -22.33 -7.48 28.58
C GLN A 274 -22.34 -5.96 28.47
N LEU A 275 -21.22 -5.31 28.80
CA LEU A 275 -21.14 -3.86 28.69
C LEU A 275 -21.36 -3.42 27.25
N LEU A 276 -20.63 -4.04 26.31
CA LEU A 276 -20.78 -3.69 24.91
C LEU A 276 -22.17 -4.01 24.40
N SER A 277 -22.79 -5.07 24.90
CA SER A 277 -24.13 -5.43 24.46
C SER A 277 -25.15 -4.41 24.93
N VAL A 278 -25.02 -3.93 26.16
CA VAL A 278 -25.95 -2.89 26.61
C VAL A 278 -25.72 -1.60 25.85
N ILE A 279 -24.47 -1.29 25.51
CA ILE A 279 -24.19 -0.10 24.69
C ILE A 279 -24.88 -0.24 23.34
N ASN A 280 -24.72 -1.39 22.70
CA ASN A 280 -25.36 -1.63 21.40
C ASN A 280 -26.87 -1.58 21.52
N LEU A 281 -27.40 -2.10 22.63
CA LEU A 281 -28.85 -2.04 22.86
C LEU A 281 -29.33 -0.60 22.94
N VAL A 282 -28.60 0.24 23.66
CA VAL A 282 -28.97 1.66 23.75
C VAL A 282 -28.94 2.29 22.37
N VAL A 283 -27.87 2.03 21.61
CA VAL A 283 -27.76 2.63 20.29
C VAL A 283 -28.92 2.17 19.40
N TYR A 284 -29.25 0.88 19.44
CA TYR A 284 -30.29 0.35 18.56
C TYR A 284 -31.67 0.87 18.96
N VAL A 285 -31.94 0.99 20.27
CA VAL A 285 -33.24 1.52 20.67
C VAL A 285 -33.35 3.00 20.29
N LEU A 286 -32.24 3.74 20.38
CA LEU A 286 -32.27 5.11 19.87
C LEU A 286 -32.47 5.16 18.37
N LEU A 287 -31.93 4.16 17.65
CA LEU A 287 -31.98 4.18 16.19
C LEU A 287 -33.33 3.75 15.64
N ALA A 288 -34.03 2.84 16.33
CA ALA A 288 -35.29 2.31 15.80
C ALA A 288 -36.30 3.41 15.49
N PRO A 289 -36.49 4.43 16.33
CA PRO A 289 -37.38 5.53 15.93
C PRO A 289 -36.99 6.16 14.60
N VAL A 290 -35.68 6.28 14.33
CA VAL A 290 -35.24 6.77 13.03
C VAL A 290 -35.72 5.83 11.94
N VAL A 291 -35.68 4.52 12.20
CA VAL A 291 -36.09 3.56 11.19
C VAL A 291 -37.59 3.69 10.90
N VAL A 292 -38.41 3.83 11.94
CA VAL A 292 -39.84 3.96 11.70
C VAL A 292 -40.15 5.28 11.00
N TYR A 293 -39.40 6.34 11.33
CA TYR A 293 -39.57 7.61 10.64
C TYR A 293 -39.24 7.47 9.15
N THR A 294 -38.15 6.77 8.84
CA THR A 294 -37.81 6.53 7.44
C THR A 294 -38.88 5.68 6.76
N LEU A 295 -39.45 4.72 7.49
CA LEU A 295 -40.54 3.92 6.94
C LEU A 295 -41.73 4.77 6.57
N PHE A 296 -42.11 5.71 7.44
CA PHE A 296 -43.18 6.67 7.14
C PHE A 296 -42.66 7.71 6.15
N VAL A 297 -42.65 7.31 4.88
CA VAL A 297 -42.07 8.18 3.84
C VAL A 297 -42.97 9.34 3.47
N PRO A 298 -44.30 9.20 3.35
CA PRO A 298 -45.09 10.35 2.87
C PRO A 298 -44.96 11.58 3.76
N PHE A 299 -44.86 11.38 5.08
CA PHE A 299 -44.65 12.51 5.98
C PHE A 299 -43.31 13.17 5.69
N ARG A 300 -42.29 12.37 5.39
CA ARG A 300 -41.01 12.93 4.97
C ARG A 300 -41.14 13.71 3.67
N GLN A 301 -42.08 13.32 2.82
CA GLN A 301 -42.25 13.98 1.53
C GLN A 301 -42.83 15.37 1.72
N LYS A 302 -41.96 16.37 1.83
CA LYS A 302 -42.36 17.75 2.03
C LYS A 302 -41.28 18.66 1.48
N THR A 303 -41.52 19.97 1.55
CA THR A 303 -40.60 20.95 1.00
C THR A 303 -40.39 20.70 -0.50
N ASP A 304 -41.47 20.85 -1.26
CA ASP A 304 -41.49 20.48 -2.66
C ASP A 304 -40.27 21.03 -3.39
N VAL A 305 -39.42 20.12 -3.87
CA VAL A 305 -38.25 20.52 -4.64
C VAL A 305 -38.67 21.12 -5.97
N LEU A 306 -39.72 20.58 -6.59
CA LEU A 306 -40.19 21.03 -7.89
C LEU A 306 -40.95 22.34 -7.83
N LYS A 307 -41.35 22.78 -6.64
CA LYS A 307 -42.07 24.05 -6.53
C LYS A 307 -41.21 25.22 -7.02
N VAL A 308 -39.89 25.07 -6.96
CA VAL A 308 -39.00 26.14 -7.40
C VAL A 308 -39.07 26.30 -8.92
N TYR A 309 -39.18 25.20 -9.66
CA TYR A 309 -39.20 25.25 -11.11
C TYR A 309 -40.51 25.78 -11.69
N GLU A 310 -41.53 25.98 -10.86
CA GLU A 310 -42.85 26.34 -11.36
C GLU A 310 -42.90 27.75 -11.95
N ILE A 311 -41.87 28.57 -11.74
CA ILE A 311 -41.85 29.93 -12.27
C ILE A 311 -41.32 29.99 -13.69
N LEU A 312 -40.73 28.92 -14.20
CA LEU A 312 -40.18 28.93 -15.54
C LEU A 312 -41.31 28.92 -16.57
N PRO A 313 -41.31 29.82 -17.56
CA PRO A 313 -42.35 29.76 -18.59
C PRO A 313 -42.41 28.43 -19.32
N THR A 314 -41.27 27.79 -19.55
CA THR A 314 -41.22 26.53 -20.29
C THR A 314 -41.62 25.33 -19.45
N PHE A 315 -41.81 25.51 -18.15
CA PHE A 315 -42.18 24.42 -17.25
C PHE A 315 -43.61 24.63 -16.77
N ASP A 316 -44.43 23.59 -16.91
CA ASP A 316 -45.83 23.68 -16.50
C ASP A 316 -45.92 23.89 -14.99
N VAL A 317 -46.90 24.69 -14.57
CA VAL A 317 -47.08 25.03 -13.15
C VAL A 317 -47.97 23.94 -12.56
N LEU A 318 -47.34 22.84 -12.16
CA LEU A 318 -48.05 21.75 -11.50
C LEU A 318 -47.04 20.84 -10.83
N HIS A 319 -47.08 20.77 -9.49
CA HIS A 319 -46.23 19.84 -8.78
C HIS A 319 -46.84 18.43 -8.77
N PHE A 320 -48.03 18.29 -8.20
CA PHE A 320 -48.76 17.03 -8.21
C PHE A 320 -47.91 15.88 -7.69
N LYS A 321 -47.32 16.08 -6.51
CA LYS A 321 -46.51 15.04 -5.87
C LYS A 321 -46.64 15.20 -4.35
N SER A 322 -47.57 14.46 -3.77
CA SER A 322 -47.76 14.46 -2.32
C SER A 322 -48.87 13.48 -1.97
N GLU A 323 -48.87 13.04 -0.72
CA GLU A 323 -49.93 12.19 -0.16
C GLU A 323 -50.13 10.93 -1.00
N GLY A 324 -49.09 10.09 -1.02
CA GLY A 324 -49.16 8.84 -1.73
C GLY A 324 -48.10 7.84 -1.33
N TYR A 325 -48.51 6.60 -1.07
CA TYR A 325 -47.57 5.50 -0.83
C TYR A 325 -47.10 4.93 -2.16
N ASN A 326 -46.43 5.77 -2.94
CA ASN A 326 -45.99 5.44 -4.29
C ASN A 326 -44.54 5.85 -4.46
N ASP A 327 -43.96 5.42 -5.58
CA ASP A 327 -42.57 5.74 -5.88
C ASP A 327 -42.35 7.23 -6.11
N LEU A 328 -43.43 8.00 -6.33
CA LEU A 328 -43.27 9.43 -6.56
C LEU A 328 -42.73 10.13 -5.31
N SER A 329 -43.23 9.77 -4.13
CA SER A 329 -42.70 10.36 -2.90
C SER A 329 -41.25 10.00 -2.69
N LEU A 330 -40.87 8.76 -2.98
CA LEU A 330 -39.48 8.35 -2.84
C LEU A 330 -38.59 9.13 -3.81
N TYR A 331 -39.06 9.33 -5.03
CA TYR A 331 -38.31 10.13 -5.99
C TYR A 331 -38.18 11.57 -5.51
N ASN A 332 -39.24 12.11 -4.90
CA ASN A 332 -39.17 13.46 -4.36
C ASN A 332 -38.12 13.55 -3.26
N LEU A 333 -38.08 12.55 -2.39
CA LEU A 333 -37.06 12.54 -1.34
C LEU A 333 -35.66 12.45 -1.94
N PHE A 334 -35.48 11.59 -2.93
CA PHE A 334 -34.17 11.45 -3.55
C PHE A 334 -33.74 12.75 -4.23
N LEU A 335 -34.69 13.45 -4.87
CA LEU A 335 -34.38 14.75 -5.45
C LEU A 335 -33.97 15.74 -4.35
N GLU A 336 -34.77 15.85 -3.30
CA GLU A 336 -34.41 16.75 -2.21
C GLU A 336 -33.05 16.40 -1.61
N GLU A 337 -32.63 15.14 -1.73
CA GLU A 337 -31.36 14.72 -1.17
C GLU A 337 -30.19 15.07 -2.09
N ASN A 338 -30.35 14.82 -3.39
CA ASN A 338 -29.25 14.96 -4.35
C ASN A 338 -29.58 15.91 -5.50
N ILE A 339 -30.22 17.04 -5.20
CA ILE A 339 -30.49 18.07 -6.21
C ILE A 339 -29.60 19.29 -6.04
N SER A 340 -28.91 19.43 -4.91
CA SER A 340 -28.05 20.60 -4.71
C SER A 340 -26.93 20.66 -5.73
N GLU A 341 -26.61 19.56 -6.40
CA GLU A 341 -25.55 19.54 -7.39
C GLU A 341 -25.98 20.12 -8.74
N VAL A 342 -27.25 20.47 -8.90
CA VAL A 342 -27.77 20.98 -10.16
C VAL A 342 -27.73 22.50 -10.14
N LYS A 343 -26.97 23.08 -11.08
CA LYS A 343 -26.80 24.53 -11.11
C LYS A 343 -28.12 25.23 -11.41
N SER A 344 -28.94 24.66 -12.30
CA SER A 344 -30.22 25.26 -12.60
C SER A 344 -31.12 25.29 -11.37
N TYR A 345 -31.16 24.19 -10.62
CA TYR A 345 -31.95 24.16 -9.40
C TYR A 345 -31.43 25.17 -8.38
N LYS A 346 -30.10 25.28 -8.25
CA LYS A 346 -29.53 26.26 -7.33
C LYS A 346 -29.93 27.68 -7.72
N CYS A 347 -29.85 27.99 -9.02
CA CYS A 347 -30.23 29.32 -9.49
C CYS A 347 -31.70 29.59 -9.21
N LEU A 348 -32.56 28.62 -9.50
CA LEU A 348 -33.98 28.80 -9.24
C LEU A 348 -34.25 28.99 -7.75
N LYS A 349 -33.54 28.24 -6.90
CA LYS A 349 -33.72 28.37 -5.46
C LYS A 349 -33.32 29.76 -4.98
N VAL A 350 -32.20 30.28 -5.46
CA VAL A 350 -31.79 31.63 -5.05
C VAL A 350 -32.78 32.66 -5.60
N LEU A 351 -33.31 32.45 -6.81
CA LEU A 351 -34.30 33.37 -7.34
C LEU A 351 -35.54 33.40 -6.45
N GLU A 352 -36.02 32.23 -6.04
CA GLU A 352 -37.19 32.19 -5.16
C GLU A 352 -36.88 32.82 -3.81
N ASN A 353 -35.67 32.59 -3.29
CA ASN A 353 -35.28 33.21 -2.03
C ASN A 353 -35.31 34.72 -2.12
N ILE A 354 -34.78 35.27 -3.22
CA ILE A 354 -34.84 36.72 -3.41
C ILE A 354 -36.28 37.17 -3.59
N LYS A 355 -37.12 36.33 -4.18
CA LYS A 355 -38.53 36.69 -4.35
C LYS A 355 -39.24 36.85 -3.01
N SER A 356 -38.66 36.37 -1.92
CA SER A 356 -39.26 36.56 -0.61
C SER A 356 -39.44 38.05 -0.31
N SER A 357 -38.43 38.86 -0.63
CA SER A 357 -38.57 40.31 -0.47
C SER A 357 -39.50 40.88 -1.54
N GLY A 358 -39.42 40.37 -2.76
CA GLY A 358 -40.25 40.84 -3.84
C GLY A 358 -39.79 42.13 -4.48
N GLN A 359 -38.57 42.57 -4.21
CA GLN A 359 -38.10 43.85 -4.76
C GLN A 359 -38.02 43.79 -6.28
N GLY A 360 -37.50 42.70 -6.82
CA GLY A 360 -37.28 42.55 -8.25
C GLY A 360 -38.35 41.73 -8.93
N ILE A 361 -37.99 41.13 -10.06
CA ILE A 361 -38.88 40.31 -10.87
C ILE A 361 -38.19 39.00 -11.18
N ASP A 362 -38.95 37.90 -11.15
CA ASP A 362 -38.38 36.59 -11.41
C ASP A 362 -37.76 36.49 -12.81
N PRO A 363 -38.46 36.84 -13.89
CA PRO A 363 -37.81 36.76 -15.21
C PRO A 363 -36.61 37.68 -15.35
N MET A 364 -36.66 38.87 -14.75
CA MET A 364 -35.52 39.77 -14.81
C MET A 364 -34.31 39.17 -14.10
N LEU A 365 -34.53 38.58 -12.93
CA LEU A 365 -33.43 37.93 -12.20
C LEU A 365 -32.89 36.75 -12.99
N LEU A 366 -33.77 35.97 -13.61
CA LEU A 366 -33.32 34.83 -14.41
C LEU A 366 -32.46 35.29 -15.58
N LEU A 367 -32.89 36.35 -16.27
CA LEU A 367 -32.10 36.88 -17.38
C LEU A 367 -30.76 37.41 -16.89
N THR A 368 -30.75 38.12 -15.76
CA THR A 368 -29.51 38.68 -15.24
C THR A 368 -28.53 37.61 -14.79
N ASN A 369 -29.05 36.49 -14.26
CA ASN A 369 -28.16 35.47 -13.71
C ASN A 369 -27.21 34.92 -14.77
N LEU A 370 -27.72 34.62 -15.95
CA LEU A 370 -26.93 34.05 -17.04
C LEU A 370 -26.14 32.83 -16.55
N GLY A 371 -26.88 31.84 -16.06
CA GLY A 371 -26.29 30.65 -15.47
C GLY A 371 -26.59 29.38 -16.25
N MET A 372 -26.52 29.46 -17.58
CA MET A 372 -26.82 28.29 -18.40
C MET A 372 -25.91 27.12 -18.05
N ILE A 373 -24.62 27.38 -17.90
CA ILE A 373 -23.65 26.34 -17.58
C ILE A 373 -22.33 26.96 -17.18
N ALA B 2 -8.79 -9.78 12.45
CA ALA B 2 -9.84 -10.01 13.44
C ALA B 2 -11.16 -10.35 12.76
N ILE B 3 -12.16 -10.67 13.57
CA ILE B 3 -13.48 -11.01 13.03
C ILE B 3 -14.01 -9.89 12.15
N ALA B 4 -13.90 -8.65 12.64
CA ALA B 4 -14.42 -7.51 11.90
C ALA B 4 -13.66 -7.30 10.59
N GLN B 5 -12.34 -7.51 10.61
CA GLN B 5 -11.57 -7.37 9.38
C GLN B 5 -12.00 -8.41 8.35
N LEU B 6 -12.21 -9.65 8.79
CA LEU B 6 -12.67 -10.68 7.88
C LEU B 6 -14.04 -10.32 7.31
N ALA B 7 -14.94 -9.83 8.15
CA ALA B 7 -16.26 -9.43 7.67
C ALA B 7 -16.15 -8.33 6.63
N THR B 8 -15.35 -7.30 6.91
CA THR B 8 -15.19 -6.22 5.95
C THR B 8 -14.61 -6.73 4.64
N GLU B 9 -13.68 -7.68 4.71
CA GLU B 9 -13.08 -8.21 3.49
C GLU B 9 -14.08 -9.02 2.67
N TYR B 10 -14.93 -9.81 3.34
CA TYR B 10 -15.67 -10.85 2.62
C TYR B 10 -17.14 -10.53 2.37
N VAL B 11 -17.76 -9.63 3.14
CA VAL B 11 -19.15 -9.27 2.94
C VAL B 11 -19.32 -7.79 2.63
N PHE B 12 -18.63 -6.91 3.36
CA PHE B 12 -18.82 -5.48 3.21
C PHE B 12 -17.90 -4.85 2.17
N SER B 13 -17.06 -5.64 1.50
CA SER B 13 -16.20 -5.16 0.43
C SER B 13 -16.58 -5.84 -0.88
N ASP B 14 -15.91 -5.42 -1.96
CA ASP B 14 -16.18 -5.94 -3.29
C ASP B 14 -15.40 -7.23 -3.53
N PHE B 15 -15.73 -8.25 -2.74
CA PHE B 15 -15.12 -9.56 -2.87
C PHE B 15 -15.80 -10.29 -4.01
N LEU B 16 -15.06 -10.54 -5.09
CA LEU B 16 -15.56 -11.15 -6.32
C LEU B 16 -16.58 -10.27 -7.04
N LEU B 17 -16.80 -9.04 -6.56
CA LEU B 17 -17.70 -8.10 -7.20
C LEU B 17 -16.97 -7.10 -8.08
N LYS B 18 -15.65 -7.23 -8.22
CA LYS B 18 -14.89 -6.31 -9.03
C LYS B 18 -15.25 -6.47 -10.50
N GLU B 19 -15.49 -5.35 -11.18
CA GLU B 19 -15.74 -5.38 -12.61
C GLU B 19 -14.45 -5.72 -13.35
N PRO B 20 -14.56 -6.24 -14.58
CA PRO B 20 -13.35 -6.62 -15.33
C PRO B 20 -12.34 -5.48 -15.41
N THR B 21 -11.08 -5.78 -15.08
CA THR B 21 -10.01 -4.78 -15.11
C THR B 21 -9.39 -4.79 -16.50
N GLU B 22 -10.16 -4.30 -17.47
CA GLU B 22 -9.69 -4.24 -18.84
C GLU B 22 -10.61 -3.33 -19.66
N PRO B 23 -10.08 -2.59 -20.63
CA PRO B 23 -10.93 -1.72 -21.45
C PRO B 23 -11.94 -2.47 -22.32
N LYS B 24 -11.74 -3.77 -22.54
CA LYS B 24 -12.65 -4.52 -23.40
C LYS B 24 -14.07 -4.49 -22.86
N PHE B 25 -14.22 -4.65 -21.54
CA PHE B 25 -15.53 -4.64 -20.89
C PHE B 25 -15.61 -3.39 -20.01
N LYS B 26 -16.13 -2.31 -20.60
CA LYS B 26 -16.29 -1.03 -19.91
C LYS B 26 -17.77 -0.85 -19.60
N GLY B 27 -18.14 -1.02 -18.34
CA GLY B 27 -19.51 -0.90 -17.90
C GLY B 27 -20.36 -2.13 -18.15
N LEU B 28 -19.78 -3.21 -18.65
CA LEU B 28 -20.53 -4.45 -18.92
C LEU B 28 -20.32 -5.42 -17.78
N ARG B 29 -21.42 -5.91 -17.20
CA ARG B 29 -21.32 -6.81 -16.05
C ARG B 29 -20.76 -8.17 -16.47
N LEU B 30 -21.18 -8.68 -17.63
CA LEU B 30 -20.75 -9.98 -18.12
C LEU B 30 -21.30 -11.11 -17.27
N GLU B 31 -22.11 -10.79 -16.27
CA GLU B 31 -22.63 -11.79 -15.34
C GLU B 31 -23.93 -11.27 -14.76
N LEU B 32 -24.94 -12.12 -14.71
CA LEU B 32 -26.23 -11.72 -14.15
C LEU B 32 -26.07 -11.42 -12.67
N ALA B 33 -26.90 -10.51 -12.16
CA ALA B 33 -26.81 -10.13 -10.76
C ALA B 33 -27.08 -11.32 -9.84
N VAL B 34 -28.09 -12.13 -10.18
CA VAL B 34 -28.41 -13.29 -9.35
C VAL B 34 -27.26 -14.28 -9.35
N ASP B 35 -26.67 -14.54 -10.51
CA ASP B 35 -25.55 -15.47 -10.58
C ASP B 35 -24.35 -14.95 -9.81
N LYS B 36 -24.07 -13.64 -9.93
CA LYS B 36 -22.96 -13.06 -9.18
C LYS B 36 -23.20 -13.19 -7.68
N MET B 37 -24.43 -12.92 -7.22
CA MET B 37 -24.74 -13.11 -5.81
C MET B 37 -24.53 -14.55 -5.39
N VAL B 38 -25.02 -15.50 -6.20
CA VAL B 38 -24.91 -16.91 -5.84
C VAL B 38 -23.44 -17.31 -5.73
N THR B 39 -22.64 -16.92 -6.72
CA THR B 39 -21.21 -17.27 -6.69
C THR B 39 -20.52 -16.63 -5.51
N CYS B 40 -20.79 -15.34 -5.27
CA CYS B 40 -20.13 -14.64 -4.17
C CYS B 40 -20.46 -15.31 -2.84
N ILE B 41 -21.74 -15.63 -2.62
CA ILE B 41 -22.11 -16.30 -1.37
C ILE B 41 -21.42 -17.65 -1.28
N ALA B 42 -21.62 -18.50 -2.29
CA ALA B 42 -21.13 -19.87 -2.23
C ALA B 42 -19.61 -19.94 -2.11
N VAL B 43 -18.90 -18.89 -2.53
CA VAL B 43 -17.44 -18.89 -2.45
C VAL B 43 -16.94 -18.25 -1.16
N GLY B 44 -17.41 -17.04 -0.86
CA GLY B 44 -16.94 -16.32 0.30
C GLY B 44 -17.57 -16.69 1.63
N LEU B 45 -18.57 -17.56 1.63
CA LEU B 45 -19.13 -18.03 2.89
C LEU B 45 -18.18 -19.05 3.52
N PRO B 46 -17.83 -20.13 2.82
CA PRO B 46 -16.90 -21.10 3.43
C PRO B 46 -15.57 -20.48 3.81
N LEU B 47 -15.05 -19.55 3.02
CA LEU B 47 -13.83 -18.86 3.40
C LEU B 47 -14.02 -18.06 4.68
N LEU B 48 -15.15 -17.36 4.78
CA LEU B 48 -15.45 -16.60 5.99
C LEU B 48 -15.53 -17.52 7.20
N LEU B 49 -16.16 -18.68 7.04
CA LEU B 49 -16.28 -19.61 8.16
C LEU B 49 -14.91 -20.17 8.56
N ILE B 50 -14.07 -20.49 7.58
CA ILE B 50 -12.71 -20.92 7.89
C ILE B 50 -12.00 -19.87 8.71
N SER B 51 -12.07 -18.61 8.25
CA SER B 51 -11.36 -17.54 8.95
C SER B 51 -11.92 -17.35 10.37
N LEU B 52 -13.24 -17.43 10.51
CA LEU B 52 -13.86 -17.25 11.81
C LEU B 52 -13.45 -18.36 12.78
N ALA B 53 -13.46 -19.61 12.31
CA ALA B 53 -13.23 -20.74 13.20
C ALA B 53 -11.87 -20.69 13.89
N PHE B 54 -10.88 -20.03 13.27
CA PHE B 54 -9.54 -19.93 13.84
C PHE B 54 -9.20 -18.48 14.20
N ALA B 55 -10.22 -17.68 14.47
CA ALA B 55 -10.00 -16.30 14.86
C ALA B 55 -9.25 -16.25 16.19
N GLN B 56 -8.50 -15.16 16.38
CA GLN B 56 -7.67 -15.05 17.58
C GLN B 56 -8.50 -15.03 18.85
N GLU B 57 -9.79 -14.73 18.76
CA GLU B 57 -10.65 -14.64 19.94
C GLU B 57 -11.38 -15.94 20.22
N ILE B 58 -12.05 -16.49 19.20
CA ILE B 58 -12.78 -17.74 19.39
C ILE B 58 -11.82 -18.90 19.66
N SER B 59 -10.59 -18.81 19.17
CA SER B 59 -9.64 -19.91 19.27
C SER B 59 -8.94 -19.85 20.62
N ILE B 60 -9.05 -20.93 21.39
CA ILE B 60 -8.38 -21.00 22.68
C ILE B 60 -6.87 -21.09 22.49
N GLY B 61 -6.43 -21.82 21.47
CA GLY B 61 -5.02 -22.06 21.25
C GLY B 61 -4.78 -23.18 20.27
N THR B 62 -3.93 -24.14 20.66
CA THR B 62 -3.64 -25.27 19.80
C THR B 62 -4.94 -25.98 19.40
N GLN B 63 -4.84 -26.78 18.34
CA GLN B 63 -6.00 -27.46 17.77
C GLN B 63 -6.25 -28.82 18.41
N ILE B 64 -5.43 -29.24 19.36
CA ILE B 64 -5.58 -30.55 19.99
C ILE B 64 -4.78 -30.57 21.27
N SER B 65 -5.32 -31.25 22.28
CA SER B 65 -4.64 -31.45 23.55
C SER B 65 -4.94 -32.86 24.03
N CYS B 66 -3.92 -33.55 24.55
CA CYS B 66 -4.01 -34.97 24.84
C CYS B 66 -3.92 -35.32 26.32
N PHE B 67 -3.62 -34.36 27.19
CA PHE B 67 -3.59 -34.60 28.63
C PHE B 67 -2.60 -35.72 28.99
N SER B 68 -1.33 -35.43 28.74
CA SER B 68 -0.29 -36.34 29.14
C SER B 68 -0.15 -36.33 30.66
N PRO B 69 0.39 -37.39 31.25
CA PRO B 69 0.52 -37.44 32.70
C PRO B 69 1.29 -36.25 33.24
N SER B 70 1.17 -36.03 34.55
CA SER B 70 1.86 -34.92 35.19
C SER B 70 3.37 -35.08 35.09
N SER B 71 3.86 -36.32 35.14
CA SER B 71 5.30 -36.54 35.08
C SER B 71 5.89 -36.08 33.76
N PHE B 72 5.08 -36.05 32.70
CA PHE B 72 5.58 -35.64 31.40
C PHE B 72 5.96 -34.17 31.39
N SER B 73 7.06 -33.86 30.70
CA SER B 73 7.48 -32.49 30.52
C SER B 73 6.57 -31.79 29.50
N TRP B 74 6.71 -30.47 29.38
CA TRP B 74 5.90 -29.76 28.40
C TRP B 74 6.27 -30.18 26.99
N ARG B 75 7.54 -30.45 26.74
CA ARG B 75 7.97 -30.95 25.44
C ARG B 75 7.44 -32.36 25.14
N GLN B 76 7.40 -33.24 26.15
CA GLN B 76 6.78 -34.55 25.95
C GLN B 76 5.29 -34.40 25.66
N ALA B 77 4.63 -33.48 26.36
CA ALA B 77 3.22 -33.22 26.10
C ALA B 77 3.01 -32.72 24.67
N ALA B 78 3.87 -31.81 24.22
CA ALA B 78 3.79 -31.34 22.85
C ALA B 78 4.00 -32.47 21.87
N PHE B 79 4.97 -33.35 22.16
CA PHE B 79 5.18 -34.51 21.30
C PHE B 79 3.93 -35.36 21.22
N VAL B 80 3.30 -35.64 22.35
CA VAL B 80 2.10 -36.48 22.35
C VAL B 80 0.99 -35.82 21.55
N ASP B 81 0.76 -34.53 21.80
CA ASP B 81 -0.31 -33.82 21.11
C ASP B 81 -0.09 -33.84 19.60
N SER B 82 1.11 -33.48 19.16
CA SER B 82 1.37 -33.42 17.73
C SER B 82 1.40 -34.79 17.09
N TYR B 83 1.92 -35.79 17.81
CA TYR B 83 1.91 -37.16 17.30
C TYR B 83 0.48 -37.62 17.06
N CYS B 84 -0.41 -37.38 18.01
CA CYS B 84 -1.80 -37.76 17.82
C CYS B 84 -2.45 -36.97 16.69
N TRP B 85 -2.11 -35.68 16.60
CA TRP B 85 -2.59 -34.86 15.49
C TRP B 85 -2.24 -35.48 14.15
N ALA B 86 -0.99 -35.91 13.99
CA ALA B 86 -0.55 -36.53 12.75
C ALA B 86 -1.04 -37.97 12.61
N ALA B 87 -1.40 -38.61 13.72
CA ALA B 87 -1.80 -40.01 13.72
C ALA B 87 -3.31 -40.19 13.61
N VAL B 88 -4.08 -39.11 13.60
CA VAL B 88 -5.50 -39.25 13.29
C VAL B 88 -5.67 -40.03 12.00
N GLN B 89 -4.76 -39.82 11.03
CA GLN B 89 -4.82 -40.56 9.78
C GLN B 89 -4.34 -42.00 9.96
N GLN B 90 -3.29 -42.21 10.75
CA GLN B 90 -2.78 -43.55 11.01
C GLN B 90 -3.81 -44.29 11.86
N LYS B 91 -4.47 -45.29 11.26
CA LYS B 91 -5.62 -45.92 11.90
C LYS B 91 -5.20 -46.70 13.13
N ASN B 92 -4.10 -47.45 13.05
CA ASN B 92 -3.71 -48.31 14.15
C ASN B 92 -3.36 -47.50 15.39
N SER B 93 -2.86 -46.28 15.20
CA SER B 93 -2.41 -45.48 16.33
C SER B 93 -3.55 -45.15 17.28
N LEU B 94 -4.71 -44.78 16.74
CA LEU B 94 -5.84 -44.35 17.54
C LEU B 94 -6.97 -45.37 17.48
N GLN B 95 -7.80 -45.37 18.53
CA GLN B 95 -8.98 -46.22 18.61
C GLN B 95 -10.11 -45.36 19.18
N SER B 96 -11.02 -44.91 18.30
CA SER B 96 -12.14 -44.07 18.67
C SER B 96 -13.45 -44.77 18.31
N GLU B 97 -14.47 -44.53 19.13
CA GLU B 97 -15.76 -45.17 18.89
C GLU B 97 -16.36 -44.72 17.56
N SER B 98 -16.28 -43.42 17.27
CA SER B 98 -16.84 -42.89 16.03
C SER B 98 -16.06 -43.32 14.79
N GLY B 99 -14.87 -43.87 14.96
CA GLY B 99 -14.05 -44.30 13.85
C GLY B 99 -12.89 -43.35 13.59
N ASN B 100 -12.46 -43.32 12.33
CA ASN B 100 -11.36 -42.46 11.90
C ASN B 100 -11.79 -41.41 10.90
N LEU B 101 -12.85 -41.64 10.14
CA LEU B 101 -13.36 -40.61 9.24
C LEU B 101 -13.77 -39.36 10.01
N PRO B 102 -14.44 -39.43 11.16
CA PRO B 102 -14.71 -38.19 11.91
C PRO B 102 -13.46 -37.42 12.25
N LEU B 103 -12.38 -38.11 12.61
CA LEU B 103 -11.13 -37.41 12.93
C LEU B 103 -10.51 -36.79 11.69
N TRP B 104 -10.50 -37.52 10.57
CA TRP B 104 -10.06 -36.96 9.30
C TRP B 104 -10.81 -35.67 9.01
N LEU B 105 -12.14 -35.71 9.12
CA LEU B 105 -12.97 -34.55 8.80
C LEU B 105 -12.69 -33.40 9.76
N HIS B 106 -12.57 -33.70 11.05
CA HIS B 106 -12.29 -32.64 12.02
C HIS B 106 -10.96 -31.97 11.73
N LYS B 107 -9.96 -32.74 11.33
CA LYS B 107 -8.65 -32.17 11.06
C LYS B 107 -8.64 -31.38 9.75
N PHE B 108 -9.39 -31.84 8.74
CA PHE B 108 -9.29 -31.26 7.40
C PHE B 108 -10.52 -30.46 6.98
N PHE B 109 -11.37 -30.09 7.93
CA PHE B 109 -12.55 -29.28 7.61
C PHE B 109 -12.22 -28.00 6.86
N PRO B 110 -11.21 -27.21 7.26
CA PRO B 110 -10.86 -26.03 6.46
C PRO B 110 -10.51 -26.38 5.04
N TYR B 111 -9.79 -27.49 4.83
CA TYR B 111 -9.43 -27.90 3.49
C TYR B 111 -10.68 -28.23 2.67
N ILE B 112 -11.65 -28.90 3.28
CA ILE B 112 -12.85 -29.29 2.56
C ILE B 112 -13.69 -28.06 2.22
N LEU B 113 -13.79 -27.11 3.14
CA LEU B 113 -14.50 -25.87 2.83
C LEU B 113 -13.81 -25.12 1.69
N LEU B 114 -12.48 -25.05 1.72
CA LEU B 114 -11.75 -24.40 0.65
C LEU B 114 -11.96 -25.13 -0.68
N LEU B 115 -11.99 -26.46 -0.64
CA LEU B 115 -12.25 -27.23 -1.84
C LEU B 115 -13.62 -26.92 -2.42
N PHE B 116 -14.64 -26.85 -1.55
CA PHE B 116 -15.97 -26.50 -2.02
C PHE B 116 -15.98 -25.09 -2.63
N ALA B 117 -15.30 -24.15 -1.98
CA ALA B 117 -15.24 -22.79 -2.51
C ALA B 117 -14.59 -22.76 -3.88
N ILE B 118 -13.48 -23.50 -4.05
CA ILE B 118 -12.79 -23.53 -5.33
C ILE B 118 -13.65 -24.17 -6.40
N LEU B 119 -14.31 -25.28 -6.05
CA LEU B 119 -15.14 -25.97 -7.03
C LEU B 119 -16.35 -25.13 -7.42
N LEU B 120 -16.85 -24.30 -6.52
CA LEU B 120 -17.95 -23.40 -6.85
C LEU B 120 -17.48 -22.20 -7.67
N TYR B 121 -16.24 -21.75 -7.44
CA TYR B 121 -15.68 -20.65 -8.22
C TYR B 121 -15.22 -21.10 -9.60
N LEU B 122 -14.98 -22.38 -9.79
CA LEU B 122 -14.50 -22.87 -11.09
C LEU B 122 -15.47 -22.61 -12.22
N PRO B 123 -16.75 -22.93 -12.12
CA PRO B 123 -17.66 -22.74 -13.26
C PRO B 123 -17.80 -21.27 -13.62
N PRO B 124 -17.91 -20.36 -12.64
CA PRO B 124 -17.89 -18.93 -12.99
C PRO B 124 -16.63 -18.52 -13.72
N LEU B 125 -15.48 -19.05 -13.33
CA LEU B 125 -14.23 -18.70 -14.01
C LEU B 125 -14.21 -19.24 -15.43
N PHE B 126 -14.70 -20.47 -15.62
CA PHE B 126 -14.80 -21.02 -16.97
C PHE B 126 -15.71 -20.16 -17.83
N TRP B 127 -16.85 -19.74 -17.28
CA TRP B 127 -17.73 -18.82 -17.99
C TRP B 127 -16.97 -17.56 -18.39
N ARG B 128 -16.32 -16.91 -17.41
CA ARG B 128 -15.60 -15.68 -17.66
C ARG B 128 -14.55 -15.83 -18.75
N PHE B 129 -13.81 -16.93 -18.77
CA PHE B 129 -12.69 -17.07 -19.68
C PHE B 129 -13.03 -17.80 -20.98
N ALA B 130 -14.27 -18.28 -21.13
CA ALA B 130 -14.68 -18.96 -22.35
C ALA B 130 -15.80 -18.23 -23.06
N ALA B 131 -16.91 -17.93 -22.37
CA ALA B 131 -18.12 -17.44 -23.00
C ALA B 131 -18.35 -15.95 -22.78
N ALA B 132 -17.57 -15.31 -21.91
CA ALA B 132 -17.81 -13.91 -21.59
C ALA B 132 -17.32 -12.98 -22.70
N PRO B 133 -16.14 -13.21 -23.28
CA PRO B 133 -15.71 -12.32 -24.38
C PRO B 133 -16.65 -12.32 -25.56
N HIS B 134 -17.15 -13.49 -25.95
CA HIS B 134 -18.03 -13.57 -27.12
C HIS B 134 -19.34 -12.85 -26.88
N ILE B 135 -19.98 -13.12 -25.73
CA ILE B 135 -21.23 -12.44 -25.41
C ILE B 135 -21.01 -10.95 -25.25
N CYS B 136 -19.87 -10.55 -24.68
CA CYS B 136 -19.60 -9.14 -24.51
C CYS B 136 -19.47 -8.44 -25.86
N SER B 137 -18.73 -9.04 -26.79
CA SER B 137 -18.60 -8.46 -28.13
C SER B 137 -19.95 -8.37 -28.83
N ASP B 138 -20.74 -9.45 -28.75
CA ASP B 138 -22.04 -9.44 -29.40
C ASP B 138 -22.95 -8.38 -28.81
N LEU B 139 -22.92 -8.23 -27.48
CA LEU B 139 -23.78 -7.25 -26.82
C LEU B 139 -23.32 -5.83 -27.13
N LYS B 140 -22.01 -5.61 -27.24
CA LYS B 140 -21.53 -4.30 -27.65
C LYS B 140 -21.99 -3.98 -29.07
N PHE B 141 -21.93 -4.97 -29.97
CA PHE B 141 -22.47 -4.76 -31.31
C PHE B 141 -23.93 -4.40 -31.26
N ILE B 142 -24.72 -5.12 -30.45
CA ILE B 142 -26.15 -4.85 -30.36
C ILE B 142 -26.40 -3.44 -29.84
N MET B 143 -25.67 -3.04 -28.79
CA MET B 143 -25.83 -1.69 -28.26
C MET B 143 -25.48 -0.64 -29.30
N GLU B 144 -24.38 -0.85 -30.03
CA GLU B 144 -23.99 0.12 -31.05
C GLU B 144 -25.06 0.21 -32.13
N GLU B 145 -25.60 -0.93 -32.54
CA GLU B 145 -26.65 -0.92 -33.56
C GLU B 145 -27.89 -0.19 -33.07
N LEU B 146 -28.28 -0.44 -31.82
CA LEU B 146 -29.45 0.24 -31.27
C LEU B 146 -29.25 1.74 -31.20
N ASP B 147 -28.06 2.17 -30.75
CA ASP B 147 -27.78 3.59 -30.68
C ASP B 147 -27.80 4.22 -32.06
N LYS B 148 -27.19 3.54 -33.05
CA LYS B 148 -27.16 4.07 -34.40
C LYS B 148 -28.56 4.19 -34.98
N VAL B 149 -29.41 3.17 -34.79
CA VAL B 149 -30.75 3.23 -35.35
C VAL B 149 -31.58 4.30 -34.66
N TYR B 150 -31.40 4.46 -33.34
CA TYR B 150 -32.10 5.54 -32.65
C TYR B 150 -31.67 6.90 -33.18
N ASN B 151 -30.36 7.09 -33.39
CA ASN B 151 -29.88 8.35 -33.92
C ASN B 151 -30.45 8.61 -35.32
N ARG B 152 -30.46 7.58 -36.16
CA ARG B 152 -31.02 7.74 -37.51
C ARG B 152 -32.49 8.08 -37.46
N ALA B 153 -33.24 7.43 -36.56
CA ALA B 153 -34.67 7.71 -36.46
C ALA B 153 -34.93 9.14 -36.01
N ILE B 154 -34.18 9.62 -35.00
CA ILE B 154 -34.39 10.99 -34.54
C ILE B 154 -33.97 11.98 -35.61
N LYS B 155 -32.90 11.69 -36.34
CA LYS B 155 -32.50 12.57 -37.43
C LYS B 155 -33.56 12.63 -38.52
N ALA B 156 -34.15 11.48 -38.86
CA ALA B 156 -35.21 11.47 -39.87
C ALA B 156 -36.43 12.25 -39.39
N ALA B 157 -36.78 12.09 -38.11
CA ALA B 157 -37.91 12.85 -37.57
C ALA B 157 -37.63 14.34 -37.62
N LYS B 158 -36.42 14.76 -37.26
CA LYS B 158 -36.07 16.18 -37.31
C LYS B 158 -36.13 16.70 -38.74
N SER B 159 -35.62 15.91 -39.70
CA SER B 159 -35.66 16.34 -41.10
C SER B 159 -37.10 16.48 -41.58
N ALA B 160 -37.96 15.52 -41.22
CA ALA B 160 -39.36 15.61 -41.61
C ALA B 160 -40.03 16.83 -41.00
N ARG B 161 -39.76 17.11 -39.72
CA ARG B 161 -40.35 18.27 -39.07
C ARG B 161 -39.88 19.56 -39.72
N ASP B 162 -38.59 19.66 -40.03
CA ASP B 162 -38.04 20.85 -40.66
C ASP B 162 -38.30 20.86 -42.15
N PHE B 191 -30.18 2.18 -46.92
CA PHE B 191 -30.06 0.88 -46.25
C PHE B 191 -31.35 0.54 -45.51
N LYS B 192 -31.48 1.06 -44.30
CA LYS B 192 -32.67 0.82 -43.47
C LYS B 192 -32.92 -0.69 -43.31
N TYR B 193 -31.84 -1.44 -43.13
CA TYR B 193 -31.96 -2.89 -42.97
C TYR B 193 -31.96 -3.27 -41.49
N PRO B 194 -32.79 -4.24 -41.08
CA PRO B 194 -32.81 -4.66 -39.66
C PRO B 194 -31.66 -5.60 -39.32
N ILE B 195 -30.45 -5.04 -39.31
CA ILE B 195 -29.26 -5.86 -39.07
C ILE B 195 -29.30 -6.49 -37.69
N VAL B 196 -29.66 -5.70 -36.67
CA VAL B 196 -29.64 -6.22 -35.30
C VAL B 196 -30.71 -7.30 -35.13
N GLU B 197 -31.89 -7.08 -35.70
CA GLU B 197 -32.95 -8.09 -35.61
C GLU B 197 -32.54 -9.38 -36.32
N GLN B 198 -31.89 -9.25 -37.49
CA GLN B 198 -31.42 -10.45 -38.18
C GLN B 198 -30.36 -11.17 -37.36
N TYR B 199 -29.48 -10.41 -36.70
CA TYR B 199 -28.46 -11.03 -35.86
C TYR B 199 -29.10 -11.79 -34.70
N LEU B 200 -30.10 -11.18 -34.07
CA LEU B 200 -30.82 -11.88 -32.99
C LEU B 200 -31.52 -13.12 -33.51
N LYS B 201 -32.15 -13.03 -34.68
CA LYS B 201 -32.83 -14.19 -35.25
C LYS B 201 -31.84 -15.31 -35.51
N THR B 202 -30.66 -14.98 -36.04
CA THR B 202 -29.63 -16.00 -36.24
C THR B 202 -29.19 -16.59 -34.91
N LYS B 203 -29.04 -15.76 -33.89
CA LYS B 203 -28.68 -16.25 -32.57
C LYS B 203 -29.74 -17.18 -32.01
N LYS B 204 -30.99 -17.03 -32.47
CA LYS B 204 -32.07 -17.88 -32.00
C LYS B 204 -31.75 -19.36 -32.22
N ASN B 205 -31.04 -19.69 -33.30
CA ASN B 205 -30.75 -21.09 -33.60
C ASN B 205 -29.58 -21.60 -32.75
N SER B 206 -28.45 -20.91 -32.79
CA SER B 206 -27.27 -21.36 -32.05
C SER B 206 -27.58 -21.41 -30.56
N ASN B 207 -27.04 -22.44 -29.89
CA ASN B 207 -27.32 -22.65 -28.48
C ASN B 207 -26.09 -23.04 -27.67
N ASN B 208 -24.89 -22.86 -28.22
CA ASN B 208 -23.69 -23.21 -27.47
C ASN B 208 -23.57 -22.38 -26.20
N LEU B 209 -23.88 -21.09 -26.28
CA LEU B 209 -23.77 -20.22 -25.12
C LEU B 209 -24.73 -20.65 -24.02
N ILE B 210 -25.99 -20.91 -24.38
CA ILE B 210 -26.97 -21.32 -23.38
C ILE B 210 -26.61 -22.69 -22.80
N ILE B 211 -26.07 -23.58 -23.64
CA ILE B 211 -25.65 -24.88 -23.14
C ILE B 211 -24.54 -24.73 -22.12
N LYS B 212 -23.56 -23.88 -22.41
CA LYS B 212 -22.48 -23.64 -21.45
C LYS B 212 -23.01 -23.05 -20.16
N TYR B 213 -23.92 -22.07 -20.26
CA TYR B 213 -24.49 -21.46 -19.08
C TYR B 213 -25.23 -22.48 -18.23
N ILE B 214 -26.05 -23.32 -18.87
CA ILE B 214 -26.81 -24.32 -18.14
C ILE B 214 -25.88 -25.34 -17.51
N SER B 215 -24.83 -25.75 -18.23
CA SER B 215 -23.90 -26.72 -17.67
C SER B 215 -23.19 -26.15 -16.45
N CYS B 216 -22.77 -24.88 -16.51
CA CYS B 216 -22.12 -24.26 -15.37
C CYS B 216 -23.07 -24.17 -14.18
N ARG B 217 -24.31 -23.76 -14.42
CA ARG B 217 -25.28 -23.67 -13.33
C ARG B 217 -25.56 -25.05 -12.73
N LEU B 218 -25.67 -26.07 -13.57
CA LEU B 218 -25.95 -27.42 -13.08
C LEU B 218 -24.77 -27.94 -12.26
N LEU B 219 -23.54 -27.70 -12.72
CA LEU B 219 -22.39 -28.11 -11.93
C LEU B 219 -22.32 -27.38 -10.60
N THR B 220 -22.65 -26.09 -10.60
CA THR B 220 -22.70 -25.35 -9.34
C THR B 220 -23.74 -25.95 -8.40
N LEU B 221 -24.92 -26.29 -8.94
CA LEU B 221 -25.96 -26.91 -8.12
C LEU B 221 -25.51 -28.24 -7.56
N ILE B 222 -24.85 -29.06 -8.38
CA ILE B 222 -24.36 -30.36 -7.92
C ILE B 222 -23.34 -30.19 -6.82
N ILE B 223 -22.40 -29.24 -7.00
CA ILE B 223 -21.40 -29.00 -5.97
C ILE B 223 -22.07 -28.53 -4.68
N ILE B 224 -23.07 -27.66 -4.80
CA ILE B 224 -23.77 -27.18 -3.62
C ILE B 224 -24.47 -28.32 -2.90
N LEU B 225 -25.13 -29.20 -3.64
CA LEU B 225 -25.81 -30.33 -3.01
C LEU B 225 -24.81 -31.26 -2.33
N LEU B 226 -23.67 -31.52 -2.97
CA LEU B 226 -22.66 -32.36 -2.35
C LEU B 226 -22.13 -31.72 -1.08
N ALA B 227 -21.92 -30.39 -1.11
CA ALA B 227 -21.49 -29.69 0.08
C ALA B 227 -22.53 -29.78 1.18
N CYS B 228 -23.81 -29.67 0.82
CA CYS B 228 -24.87 -29.81 1.81
C CYS B 228 -24.85 -31.20 2.44
N ILE B 229 -24.66 -32.24 1.62
CA ILE B 229 -24.60 -33.59 2.15
C ILE B 229 -23.44 -33.71 3.13
N TYR B 230 -22.27 -33.22 2.73
CA TYR B 230 -21.10 -33.32 3.60
C TYR B 230 -21.29 -32.55 4.89
N LEU B 231 -21.85 -31.34 4.81
CA LEU B 231 -22.04 -30.53 6.00
C LEU B 231 -23.08 -31.16 6.93
N GLY B 232 -24.13 -31.74 6.37
CA GLY B 232 -25.10 -32.45 7.19
C GLY B 232 -24.48 -33.65 7.90
N TYR B 233 -23.64 -34.40 7.18
CA TYR B 233 -22.95 -35.52 7.82
C TYR B 233 -22.03 -35.03 8.93
N TYR B 234 -21.33 -33.91 8.69
CA TYR B 234 -20.42 -33.38 9.71
C TYR B 234 -21.19 -32.91 10.94
N PHE B 235 -22.33 -32.24 10.74
CA PHE B 235 -23.11 -31.72 11.84
C PHE B 235 -23.94 -32.79 12.55
N SER B 236 -24.15 -33.94 11.91
CA SER B 236 -24.91 -35.02 12.53
C SER B 236 -24.06 -35.88 13.46
N LEU B 237 -22.76 -35.61 13.55
CA LEU B 237 -21.89 -36.40 14.41
C LEU B 237 -22.29 -36.22 15.87
N SER B 238 -21.87 -37.18 16.70
CA SER B 238 -22.28 -37.20 18.10
C SER B 238 -21.71 -36.06 18.92
N SER B 239 -20.74 -35.32 18.38
CA SER B 239 -20.01 -34.24 19.03
C SER B 239 -18.99 -34.78 20.02
N LEU B 240 -18.95 -36.09 20.26
CA LEU B 240 -17.90 -36.71 21.06
C LEU B 240 -16.88 -37.44 20.21
N SER B 241 -17.06 -37.44 18.88
CA SER B 241 -16.09 -38.04 17.99
C SER B 241 -14.77 -37.28 17.97
N ASP B 242 -14.80 -36.00 18.34
CA ASP B 242 -13.56 -35.24 18.45
C ASP B 242 -12.62 -35.85 19.47
N GLU B 243 -13.14 -36.50 20.49
CA GLU B 243 -12.33 -37.19 21.49
C GLU B 243 -11.97 -38.58 20.95
N PHE B 244 -10.67 -38.84 20.84
CA PHE B 244 -10.16 -40.13 20.39
C PHE B 244 -9.01 -40.56 21.28
N VAL B 245 -8.84 -41.87 21.38
CA VAL B 245 -7.77 -42.46 22.17
C VAL B 245 -6.52 -42.58 21.29
N CYS B 246 -5.39 -42.14 21.81
CA CYS B 246 -4.15 -42.06 21.06
C CYS B 246 -3.06 -42.88 21.75
N SER B 247 -2.26 -43.57 20.95
CA SER B 247 -1.26 -44.51 21.47
C SER B 247 0.08 -44.22 20.81
N ILE B 248 1.01 -43.65 21.56
CA ILE B 248 2.40 -43.50 21.10
C ILE B 248 3.12 -44.76 21.57
N LYS B 249 2.97 -45.84 20.78
CA LYS B 249 3.53 -47.13 21.14
C LYS B 249 4.07 -47.87 19.92
N SER B 250 4.54 -47.13 18.92
CA SER B 250 5.11 -47.70 17.72
C SER B 250 6.59 -47.34 17.64
N GLY B 251 7.42 -48.36 17.47
CA GLY B 251 8.86 -48.15 17.42
C GLY B 251 9.54 -48.56 18.72
N ILE B 252 10.51 -47.76 19.16
CA ILE B 252 11.21 -48.07 20.40
C ILE B 252 10.32 -47.85 21.62
N LEU B 253 9.27 -47.06 21.50
CA LEU B 253 8.36 -46.79 22.60
C LEU B 253 7.27 -47.83 22.74
N ARG B 254 7.27 -48.85 21.87
CA ARG B 254 6.21 -49.85 21.91
C ARG B 254 6.20 -50.60 23.24
N ASN B 255 7.38 -50.99 23.73
CA ASN B 255 7.50 -51.76 24.95
C ASN B 255 7.94 -50.92 26.14
N ASP B 256 8.00 -49.61 25.98
CA ASP B 256 8.36 -48.73 27.08
C ASP B 256 7.28 -48.75 28.16
N SER B 257 7.72 -48.68 29.41
CA SER B 257 6.83 -48.83 30.57
C SER B 257 6.35 -47.51 31.14
N THR B 258 7.24 -46.52 31.26
CA THR B 258 6.85 -45.25 31.89
C THR B 258 5.76 -44.56 31.11
N VAL B 259 5.70 -44.76 29.80
CA VAL B 259 4.69 -44.12 28.97
C VAL B 259 3.37 -44.89 29.10
N PRO B 260 2.26 -44.22 29.39
CA PRO B 260 0.99 -44.94 29.47
C PRO B 260 0.59 -45.54 28.13
N ASP B 261 -0.18 -46.62 28.20
CA ASP B 261 -0.55 -47.34 26.99
C ASP B 261 -1.34 -46.47 26.02
N GLN B 262 -2.01 -45.44 26.53
CA GLN B 262 -2.83 -44.59 25.67
C GLN B 262 -3.10 -43.27 26.37
N PHE B 263 -3.65 -42.34 25.60
CA PHE B 263 -3.90 -40.97 26.04
C PHE B 263 -5.30 -40.55 25.63
N GLN B 264 -5.80 -39.52 26.29
CA GLN B 264 -7.11 -38.96 25.99
C GLN B 264 -6.92 -37.65 25.25
N CYS B 265 -7.14 -37.67 23.94
CA CYS B 265 -6.99 -36.51 23.08
C CYS B 265 -8.35 -36.01 22.65
N LYS B 266 -8.47 -34.70 22.50
CA LYS B 266 -9.69 -34.05 22.03
C LYS B 266 -9.33 -33.08 20.91
N LEU B 267 -10.08 -33.14 19.82
CA LEU B 267 -9.89 -32.24 18.69
C LEU B 267 -10.68 -30.97 18.97
N ILE B 268 -9.96 -29.86 19.14
CA ILE B 268 -10.59 -28.61 19.50
C ILE B 268 -11.14 -27.93 18.24
N ALA B 269 -12.13 -27.07 18.46
CA ALA B 269 -12.83 -26.33 17.42
C ALA B 269 -13.75 -27.22 16.59
N VAL B 270 -13.97 -28.47 17.02
CA VAL B 270 -14.89 -29.33 16.28
C VAL B 270 -16.33 -28.84 16.43
N GLY B 271 -16.68 -28.36 17.62
CA GLY B 271 -18.01 -27.79 17.79
C GLY B 271 -18.21 -26.54 16.95
N ILE B 272 -17.17 -25.70 16.87
CA ILE B 272 -17.25 -24.50 16.05
C ILE B 272 -17.36 -24.88 14.58
N PHE B 273 -16.62 -25.90 14.16
CA PHE B 273 -16.76 -26.41 12.80
C PHE B 273 -18.17 -26.88 12.53
N GLN B 274 -18.77 -27.59 13.49
CA GLN B 274 -20.14 -28.07 13.30
C GLN B 274 -21.13 -26.91 13.20
N LEU B 275 -20.97 -25.90 14.05
CA LEU B 275 -21.84 -24.72 14.00
C LEU B 275 -21.73 -24.04 12.64
N LEU B 276 -20.50 -23.77 12.20
CA LEU B 276 -20.29 -23.11 10.93
C LEU B 276 -20.77 -23.99 9.77
N SER B 277 -20.65 -25.31 9.89
CA SER B 277 -21.10 -26.19 8.84
C SER B 277 -22.62 -26.18 8.72
N VAL B 278 -23.33 -26.17 9.85
CA VAL B 278 -24.78 -26.09 9.77
C VAL B 278 -25.21 -24.72 9.22
N ILE B 279 -24.48 -23.66 9.56
CA ILE B 279 -24.78 -22.35 8.99
C ILE B 279 -24.62 -22.38 7.48
N ASN B 280 -23.51 -22.94 7.01
CA ASN B 280 -23.27 -23.04 5.57
C ASN B 280 -24.32 -23.93 4.91
N LEU B 281 -24.73 -24.99 5.59
CA LEU B 281 -25.78 -25.85 5.07
C LEU B 281 -27.09 -25.09 4.88
N VAL B 282 -27.46 -24.27 5.87
CA VAL B 282 -28.67 -23.47 5.77
C VAL B 282 -28.55 -22.52 4.58
N VAL B 283 -27.41 -21.84 4.46
CA VAL B 283 -27.23 -20.89 3.37
C VAL B 283 -27.33 -21.59 2.03
N TYR B 284 -26.70 -22.75 1.90
CA TYR B 284 -26.69 -23.46 0.62
C TYR B 284 -28.06 -24.00 0.27
N VAL B 285 -28.81 -24.50 1.25
CA VAL B 285 -30.15 -24.99 0.94
C VAL B 285 -31.06 -23.83 0.55
N LEU B 286 -30.89 -22.67 1.18
CA LEU B 286 -31.62 -21.49 0.73
C LEU B 286 -31.21 -21.07 -0.67
N LEU B 287 -29.93 -21.25 -1.01
CA LEU B 287 -29.42 -20.78 -2.29
C LEU B 287 -29.78 -21.69 -3.45
N ALA B 288 -29.88 -23.01 -3.20
CA ALA B 288 -30.14 -23.93 -4.30
C ALA B 288 -31.40 -23.61 -5.09
N PRO B 289 -32.52 -23.24 -4.47
CA PRO B 289 -33.68 -22.80 -5.26
C PRO B 289 -33.34 -21.66 -6.20
N VAL B 290 -32.49 -20.73 -5.78
CA VAL B 290 -32.04 -19.66 -6.68
C VAL B 290 -31.31 -20.27 -7.86
N VAL B 291 -30.51 -21.31 -7.61
CA VAL B 291 -29.74 -21.93 -8.68
C VAL B 291 -30.67 -22.60 -9.69
N VAL B 292 -31.69 -23.31 -9.22
CA VAL B 292 -32.61 -23.96 -10.15
C VAL B 292 -33.43 -22.92 -10.91
N TYR B 293 -33.78 -21.81 -10.25
CA TYR B 293 -34.47 -20.74 -10.95
C TYR B 293 -33.60 -20.15 -12.04
N THR B 294 -32.31 -19.93 -11.76
CA THR B 294 -31.40 -19.44 -12.79
C THR B 294 -31.26 -20.46 -13.92
N LEU B 295 -31.27 -21.75 -13.58
CA LEU B 295 -31.22 -22.80 -14.60
C LEU B 295 -32.42 -22.72 -15.53
N PHE B 296 -33.61 -22.53 -14.97
CA PHE B 296 -34.82 -22.33 -15.77
C PHE B 296 -34.81 -20.92 -16.37
N VAL B 297 -34.06 -20.78 -17.47
CA VAL B 297 -33.87 -19.45 -18.07
C VAL B 297 -35.09 -18.98 -18.83
N PRO B 298 -35.80 -19.82 -19.61
CA PRO B 298 -36.89 -19.25 -20.43
C PRO B 298 -37.96 -18.57 -19.60
N PHE B 299 -38.27 -19.10 -18.42
CA PHE B 299 -39.23 -18.44 -17.54
C PHE B 299 -38.71 -17.08 -17.10
N ARG B 300 -37.39 -16.98 -16.85
CA ARG B 300 -36.79 -15.68 -16.56
C ARG B 300 -36.91 -14.75 -17.75
N GLN B 301 -36.93 -15.29 -18.96
CA GLN B 301 -36.98 -14.46 -20.16
C GLN B 301 -38.36 -13.83 -20.29
N LYS B 302 -38.50 -12.62 -19.75
CA LYS B 302 -39.77 -11.90 -19.79
C LYS B 302 -39.47 -10.40 -19.73
N THR B 303 -40.52 -9.60 -19.78
CA THR B 303 -40.39 -8.14 -19.80
C THR B 303 -39.51 -7.71 -20.98
N ASP B 304 -40.02 -7.96 -22.19
CA ASP B 304 -39.25 -7.77 -23.40
C ASP B 304 -38.56 -6.41 -23.41
N VAL B 305 -37.23 -6.44 -23.40
CA VAL B 305 -36.45 -5.20 -23.47
C VAL B 305 -36.61 -4.55 -24.84
N LEU B 306 -36.70 -5.36 -25.89
CA LEU B 306 -36.79 -4.85 -27.25
C LEU B 306 -38.19 -4.34 -27.59
N LYS B 307 -39.19 -4.64 -26.77
CA LYS B 307 -40.54 -4.14 -27.04
C LYS B 307 -40.58 -2.62 -27.04
N VAL B 308 -39.67 -1.98 -26.30
CA VAL B 308 -39.64 -0.52 -26.24
C VAL B 308 -39.22 0.07 -27.58
N TYR B 309 -38.28 -0.57 -28.28
CA TYR B 309 -37.77 -0.05 -29.54
C TYR B 309 -38.74 -0.22 -30.69
N GLU B 310 -39.84 -0.94 -30.50
CA GLU B 310 -40.74 -1.26 -31.61
C GLU B 310 -41.49 -0.04 -32.14
N ILE B 311 -41.45 1.09 -31.43
CA ILE B 311 -42.15 2.28 -31.89
C ILE B 311 -41.32 3.12 -32.85
N LEU B 312 -40.03 2.85 -32.97
CA LEU B 312 -39.18 3.62 -33.86
C LEU B 312 -39.50 3.30 -35.32
N PRO B 313 -39.72 4.30 -36.17
CA PRO B 313 -39.96 4.01 -37.59
C PRO B 313 -38.84 3.23 -38.25
N THR B 314 -37.59 3.49 -37.86
CA THR B 314 -36.44 2.83 -38.48
C THR B 314 -36.22 1.42 -37.95
N PHE B 315 -36.94 1.00 -36.92
CA PHE B 315 -36.80 -0.32 -36.33
C PHE B 315 -38.03 -1.16 -36.64
N ASP B 316 -37.81 -2.36 -37.18
CA ASP B 316 -38.92 -3.23 -37.53
C ASP B 316 -39.69 -3.64 -36.28
N VAL B 317 -41.01 -3.74 -36.42
CA VAL B 317 -41.89 -4.07 -35.29
C VAL B 317 -41.96 -5.59 -35.24
N LEU B 318 -40.98 -6.18 -34.55
CA LEU B 318 -40.95 -7.63 -34.36
C LEU B 318 -39.95 -7.95 -33.26
N HIS B 319 -40.43 -8.48 -32.14
CA HIS B 319 -39.54 -8.93 -31.07
C HIS B 319 -38.99 -10.32 -31.37
N PHE B 320 -39.88 -11.30 -31.48
CA PHE B 320 -39.50 -12.66 -31.86
C PHE B 320 -38.38 -13.20 -30.98
N LYS B 321 -38.59 -13.12 -29.66
CA LYS B 321 -37.61 -13.64 -28.70
C LYS B 321 -38.39 -14.09 -27.46
N SER B 322 -38.71 -15.39 -27.43
CA SER B 322 -39.37 -15.98 -26.28
C SER B 322 -39.56 -17.48 -26.54
N GLU B 323 -39.75 -18.23 -25.45
CA GLU B 323 -40.08 -19.65 -25.51
C GLU B 323 -39.04 -20.42 -26.33
N GLY B 324 -37.81 -20.43 -25.82
CA GLY B 324 -36.75 -21.17 -26.47
C GLY B 324 -35.55 -21.44 -25.58
N TYR B 325 -35.08 -22.69 -25.56
CA TYR B 325 -33.84 -23.04 -24.87
C TYR B 325 -32.64 -22.75 -25.78
N ASN B 326 -32.49 -21.47 -26.11
CA ASN B 326 -31.48 -21.01 -27.05
C ASN B 326 -30.76 -19.80 -26.47
N ASP B 327 -29.67 -19.41 -27.14
CA ASP B 327 -28.88 -18.28 -26.68
C ASP B 327 -29.66 -16.97 -26.77
N LEU B 328 -30.77 -16.95 -27.51
CA LEU B 328 -31.54 -15.72 -27.64
C LEU B 328 -32.12 -15.29 -26.30
N SER B 329 -32.65 -16.25 -25.52
CA SER B 329 -33.19 -15.93 -24.21
C SER B 329 -32.09 -15.41 -23.27
N LEU B 330 -30.90 -16.04 -23.33
CA LEU B 330 -29.79 -15.58 -22.51
C LEU B 330 -29.38 -14.17 -22.89
N TYR B 331 -29.35 -13.88 -24.19
CA TYR B 331 -29.04 -12.52 -24.63
C TYR B 331 -30.10 -11.54 -24.16
N ASN B 332 -31.37 -11.96 -24.17
CA ASN B 332 -32.43 -11.08 -23.67
C ASN B 332 -32.24 -10.78 -22.20
N LEU B 333 -31.88 -11.80 -21.40
CA LEU B 333 -31.61 -11.57 -19.99
C LEU B 333 -30.43 -10.63 -19.79
N PHE B 334 -29.36 -10.83 -20.57
CA PHE B 334 -28.20 -9.96 -20.44
C PHE B 334 -28.54 -8.53 -20.80
N LEU B 335 -29.36 -8.34 -21.84
CA LEU B 335 -29.82 -7.00 -22.17
C LEU B 335 -30.62 -6.39 -21.03
N GLU B 336 -31.61 -7.12 -20.54
CA GLU B 336 -32.40 -6.63 -19.41
C GLU B 336 -31.52 -6.30 -18.21
N GLU B 337 -30.37 -6.95 -18.10
CA GLU B 337 -29.48 -6.72 -16.97
C GLU B 337 -28.62 -5.48 -17.17
N ASN B 338 -28.06 -5.31 -18.36
CA ASN B 338 -27.08 -4.26 -18.63
C ASN B 338 -27.50 -3.35 -19.80
N ILE B 339 -28.77 -2.98 -19.86
CA ILE B 339 -29.25 -2.04 -20.87
C ILE B 339 -29.56 -0.67 -20.28
N SER B 340 -29.64 -0.55 -18.96
CA SER B 340 -29.94 0.75 -18.34
C SER B 340 -28.89 1.80 -18.67
N GLU B 341 -27.69 1.38 -19.08
CA GLU B 341 -26.62 2.32 -19.39
C GLU B 341 -26.78 2.95 -20.77
N VAL B 342 -27.77 2.53 -21.55
CA VAL B 342 -27.95 3.04 -22.90
C VAL B 342 -28.95 4.19 -22.87
N LYS B 343 -28.50 5.37 -23.30
CA LYS B 343 -29.35 6.56 -23.24
C LYS B 343 -30.55 6.42 -24.17
N SER B 344 -30.35 5.83 -25.35
CA SER B 344 -31.47 5.64 -26.27
C SER B 344 -32.52 4.72 -25.66
N TYR B 345 -32.09 3.63 -25.03
CA TYR B 345 -33.04 2.74 -24.38
C TYR B 345 -33.76 3.45 -23.24
N LYS B 346 -33.04 4.25 -22.46
CA LYS B 346 -33.68 5.00 -21.37
C LYS B 346 -34.73 5.96 -21.92
N CYS B 347 -34.40 6.67 -22.99
CA CYS B 347 -35.35 7.60 -23.59
C CYS B 347 -36.58 6.86 -24.10
N LEU B 348 -36.38 5.73 -24.79
CA LEU B 348 -37.51 4.96 -25.28
C LEU B 348 -38.37 4.45 -24.13
N LYS B 349 -37.73 4.02 -23.04
CA LYS B 349 -38.48 3.52 -21.90
C LYS B 349 -39.34 4.63 -21.28
N VAL B 350 -38.78 5.83 -21.13
CA VAL B 350 -39.58 6.92 -20.58
C VAL B 350 -40.69 7.31 -21.54
N LEU B 351 -40.43 7.25 -22.85
CA LEU B 351 -41.48 7.54 -23.82
C LEU B 351 -42.64 6.56 -23.68
N GLU B 352 -42.32 5.27 -23.57
CA GLU B 352 -43.37 4.27 -23.41
C GLU B 352 -44.10 4.47 -22.09
N ASN B 353 -43.37 4.80 -21.03
CA ASN B 353 -44.01 5.06 -19.74
C ASN B 353 -45.01 6.21 -19.85
N ILE B 354 -44.61 7.29 -20.52
CA ILE B 354 -45.54 8.40 -20.72
C ILE B 354 -46.71 7.98 -21.60
N LYS B 355 -46.47 7.06 -22.54
CA LYS B 355 -47.54 6.57 -23.40
C LYS B 355 -48.61 5.83 -22.60
N SER B 356 -48.32 5.44 -21.36
CA SER B 356 -49.34 4.79 -20.54
C SER B 356 -50.56 5.70 -20.39
N SER B 357 -50.34 6.99 -20.15
CA SER B 357 -51.45 7.92 -20.08
C SER B 357 -52.02 8.19 -21.48
N GLY B 358 -51.16 8.26 -22.49
CA GLY B 358 -51.61 8.50 -23.84
C GLY B 358 -51.93 9.94 -24.18
N GLN B 359 -51.55 10.88 -23.31
CA GLN B 359 -51.89 12.28 -23.55
C GLN B 359 -51.22 12.80 -24.82
N GLY B 360 -49.95 12.47 -25.03
CA GLY B 360 -49.17 12.96 -26.14
C GLY B 360 -49.06 11.97 -27.27
N ILE B 361 -47.99 12.11 -28.06
CA ILE B 361 -47.72 11.25 -29.20
C ILE B 361 -46.27 10.78 -29.11
N ASP B 362 -46.04 9.52 -29.48
CA ASP B 362 -44.70 8.97 -29.40
C ASP B 362 -43.70 9.72 -30.30
N PRO B 363 -43.97 9.94 -31.58
CA PRO B 363 -43.01 10.70 -32.39
C PRO B 363 -42.80 12.12 -31.91
N MET B 364 -43.86 12.78 -31.42
CA MET B 364 -43.70 14.13 -30.89
C MET B 364 -42.79 14.13 -29.67
N LEU B 365 -42.98 13.18 -28.76
CA LEU B 365 -42.13 13.08 -27.59
C LEU B 365 -40.69 12.77 -27.99
N LEU B 366 -40.50 11.89 -28.97
CA LEU B 366 -39.14 11.58 -29.42
C LEU B 366 -38.46 12.82 -30.00
N LEU B 367 -39.19 13.59 -30.82
CA LEU B 367 -38.61 14.81 -31.37
C LEU B 367 -38.29 15.82 -30.26
N THR B 368 -39.19 15.96 -29.29
CA THR B 368 -38.96 16.93 -28.22
C THR B 368 -37.79 16.53 -27.33
N ASN B 369 -37.57 15.23 -27.12
CA ASN B 369 -36.53 14.79 -26.20
C ASN B 369 -35.16 15.29 -26.63
N LEU B 370 -34.83 15.17 -27.91
CA LEU B 370 -33.53 15.57 -28.44
C LEU B 370 -32.40 14.95 -27.61
N GLY B 371 -32.39 13.62 -27.57
CA GLY B 371 -31.44 12.89 -26.76
C GLY B 371 -30.51 12.03 -27.58
N MET B 372 -30.00 12.58 -28.68
CA MET B 372 -29.10 11.80 -29.55
C MET B 372 -27.87 11.34 -28.79
N ILE B 373 -27.27 12.23 -28.00
CA ILE B 373 -26.09 11.89 -27.23
C ILE B 373 -25.79 12.99 -26.21
N ALA C 2 -3.82 -16.56 6.31
CA ALA C 2 -4.71 -17.66 6.63
C ALA C 2 -5.07 -18.45 5.38
N ILE C 3 -5.81 -19.54 5.56
CA ILE C 3 -6.22 -20.38 4.43
C ILE C 3 -6.97 -19.53 3.41
N ALA C 4 -7.91 -18.72 3.89
CA ALA C 4 -8.73 -17.92 2.98
C ALA C 4 -7.88 -16.89 2.23
N GLN C 5 -6.92 -16.28 2.92
CA GLN C 5 -6.04 -15.32 2.25
C GLN C 5 -5.23 -15.99 1.15
N LEU C 6 -4.70 -17.19 1.42
CA LEU C 6 -3.97 -17.93 0.40
C LEU C 6 -4.87 -18.25 -0.79
N ALA C 7 -6.10 -18.69 -0.51
CA ALA C 7 -7.02 -18.98 -1.59
C ALA C 7 -7.30 -17.75 -2.44
N THR C 8 -7.57 -16.62 -1.79
CA THR C 8 -7.83 -15.40 -2.54
C THR C 8 -6.63 -15.01 -3.38
N GLU C 9 -5.42 -15.20 -2.85
CA GLU C 9 -4.22 -14.83 -3.59
C GLU C 9 -4.01 -15.73 -4.80
N TYR C 10 -4.28 -17.04 -4.65
CA TYR C 10 -3.80 -17.99 -5.64
C TYR C 10 -4.86 -18.52 -6.61
N VAL C 11 -6.15 -18.47 -6.26
CA VAL C 11 -7.20 -18.94 -7.15
C VAL C 11 -8.18 -17.83 -7.50
N PHE C 12 -8.59 -17.02 -6.52
CA PHE C 12 -9.62 -16.02 -6.75
C PHE C 12 -9.06 -14.66 -7.18
N SER C 13 -7.74 -14.54 -7.33
CA SER C 13 -7.10 -13.33 -7.81
C SER C 13 -6.40 -13.61 -9.14
N ASP C 14 -5.85 -12.55 -9.72
CA ASP C 14 -5.16 -12.64 -11.01
C ASP C 14 -3.71 -13.08 -10.82
N PHE C 15 -3.54 -14.29 -10.30
CA PHE C 15 -2.22 -14.87 -10.10
C PHE C 15 -1.73 -15.42 -11.44
N LEU C 16 -0.69 -14.81 -11.99
CA LEU C 16 -0.14 -15.14 -13.30
C LEU C 16 -1.11 -14.82 -14.44
N LEU C 17 -2.26 -14.21 -14.14
CA LEU C 17 -3.21 -13.81 -15.15
C LEU C 17 -3.08 -12.34 -15.54
N LYS C 18 -2.09 -11.63 -14.98
CA LYS C 18 -1.91 -10.23 -15.30
C LYS C 18 -1.48 -10.07 -16.76
N GLU C 19 -2.12 -9.14 -17.46
CA GLU C 19 -1.72 -8.83 -18.82
C GLU C 19 -0.39 -8.08 -18.81
N PRO C 20 0.35 -8.12 -19.92
CA PRO C 20 1.66 -7.45 -19.95
C PRO C 20 1.58 -5.99 -19.51
N THR C 21 2.46 -5.61 -18.59
CA THR C 21 2.49 -4.24 -18.07
C THR C 21 3.42 -3.40 -18.95
N GLU C 22 2.97 -3.16 -20.18
CA GLU C 22 3.74 -2.38 -21.12
C GLU C 22 2.87 -1.97 -22.31
N PRO C 23 3.08 -0.78 -22.87
CA PRO C 23 2.25 -0.34 -24.01
C PRO C 23 2.44 -1.19 -25.27
N LYS C 24 3.53 -1.98 -25.35
CA LYS C 24 3.77 -2.76 -26.55
C LYS C 24 2.63 -3.74 -26.81
N PHE C 25 2.14 -4.39 -25.76
CA PHE C 25 1.05 -5.36 -25.84
C PHE C 25 -0.16 -4.77 -25.14
N LYS C 26 -1.00 -4.07 -25.91
CA LYS C 26 -2.22 -3.44 -25.39
C LYS C 26 -3.40 -4.27 -25.89
N GLY C 27 -4.00 -5.03 -24.98
CA GLY C 27 -5.13 -5.88 -25.32
C GLY C 27 -4.77 -7.20 -25.94
N LEU C 28 -3.48 -7.51 -26.09
CA LEU C 28 -3.03 -8.75 -26.69
C LEU C 28 -2.68 -9.75 -25.59
N ARG C 29 -3.28 -10.94 -25.66
CA ARG C 29 -3.03 -11.94 -24.61
C ARG C 29 -1.62 -12.48 -24.69
N LEU C 30 -1.12 -12.72 -25.90
CA LEU C 30 0.23 -13.27 -26.10
C LEU C 30 0.31 -14.73 -25.65
N GLU C 31 -0.81 -15.29 -25.20
CA GLU C 31 -0.82 -16.64 -24.66
C GLU C 31 -2.23 -17.20 -24.82
N LEU C 32 -2.32 -18.44 -25.29
CA LEU C 32 -3.63 -19.06 -25.45
C LEU C 32 -4.28 -19.25 -24.09
N ALA C 33 -5.62 -19.23 -24.08
CA ALA C 33 -6.35 -19.37 -22.83
C ALA C 33 -6.07 -20.71 -22.18
N VAL C 34 -6.05 -21.78 -22.97
CA VAL C 34 -5.80 -23.11 -22.41
C VAL C 34 -4.40 -23.19 -21.83
N ASP C 35 -3.41 -22.65 -22.54
CA ASP C 35 -2.04 -22.67 -22.03
C ASP C 35 -1.90 -21.85 -20.77
N LYS C 36 -2.56 -20.69 -20.72
CA LYS C 36 -2.52 -19.86 -19.51
C LYS C 36 -3.16 -20.60 -18.34
N MET C 37 -4.29 -21.26 -18.57
CA MET C 37 -4.91 -22.06 -17.52
C MET C 37 -3.97 -23.15 -17.04
N VAL C 38 -3.34 -23.87 -17.98
CA VAL C 38 -2.46 -24.97 -17.61
C VAL C 38 -1.30 -24.46 -16.77
N THR C 39 -0.67 -23.38 -17.22
CA THR C 39 0.47 -22.84 -16.48
C THR C 39 0.04 -22.34 -15.10
N CYS C 40 -1.09 -21.62 -15.03
CA CYS C 40 -1.55 -21.10 -13.76
C CYS C 40 -1.82 -22.23 -12.78
N ILE C 41 -2.50 -23.29 -13.23
CA ILE C 41 -2.77 -24.41 -12.35
C ILE C 41 -1.46 -25.06 -11.92
N ALA C 42 -0.63 -25.46 -12.89
CA ALA C 42 0.58 -26.21 -12.59
C ALA C 42 1.54 -25.43 -11.71
N VAL C 43 1.46 -24.10 -11.70
CA VAL C 43 2.37 -23.30 -10.89
C VAL C 43 1.76 -22.97 -9.54
N GLY C 44 0.54 -22.44 -9.51
CA GLY C 44 -0.08 -22.02 -8.28
C GLY C 44 -0.73 -23.10 -7.47
N LEU C 45 -0.80 -24.34 -7.96
CA LEU C 45 -1.31 -25.41 -7.16
C LEU C 45 -0.27 -25.84 -6.14
N PRO C 46 0.95 -26.21 -6.55
CA PRO C 46 1.96 -26.60 -5.56
C PRO C 46 2.25 -25.51 -4.55
N LEU C 47 2.27 -24.24 -4.98
CA LEU C 47 2.45 -23.16 -4.03
C LEU C 47 1.30 -23.11 -3.03
N LEU C 48 0.07 -23.28 -3.51
CA LEU C 48 -1.08 -23.29 -2.63
C LEU C 48 -0.98 -24.43 -1.62
N LEU C 49 -0.54 -25.60 -2.07
CA LEU C 49 -0.42 -26.74 -1.17
C LEU C 49 0.67 -26.51 -0.13
N ILE C 50 1.80 -25.93 -0.55
CA ILE C 50 2.84 -25.57 0.41
C ILE C 50 2.27 -24.65 1.47
N SER C 51 1.57 -23.60 1.05
CA SER C 51 1.04 -22.64 2.00
C SER C 51 0.03 -23.28 2.93
N LEU C 52 -0.83 -24.16 2.39
CA LEU C 52 -1.84 -24.82 3.21
C LEU C 52 -1.20 -25.75 4.24
N ALA C 53 -0.19 -26.51 3.84
CA ALA C 53 0.38 -27.52 4.72
C ALA C 53 0.94 -26.93 6.00
N PHE C 54 1.37 -25.67 5.98
CA PHE C 54 1.96 -25.01 7.14
C PHE C 54 1.08 -23.86 7.62
N ALA C 55 -0.22 -23.95 7.34
CA ALA C 55 -1.15 -22.92 7.79
C ALA C 55 -1.21 -22.90 9.31
N GLN C 56 -1.52 -21.72 9.86
CA GLN C 56 -1.52 -21.56 11.30
C GLN C 56 -2.55 -22.46 11.98
N GLU C 57 -3.54 -22.94 11.24
CA GLU C 57 -4.59 -23.77 11.83
C GLU C 57 -4.30 -25.26 11.69
N ILE C 58 -3.98 -25.72 10.48
CA ILE C 58 -3.68 -27.12 10.29
C ILE C 58 -2.39 -27.53 10.98
N SER C 59 -1.48 -26.59 11.20
CA SER C 59 -0.17 -26.89 11.77
C SER C 59 -0.27 -26.90 13.29
N ILE C 60 0.08 -28.02 13.90
CA ILE C 60 0.07 -28.12 15.35
C ILE C 60 1.17 -27.25 15.95
N GLY C 61 2.33 -27.20 15.30
CA GLY C 61 3.46 -26.49 15.83
C GLY C 61 4.75 -26.85 15.11
N THR C 62 5.77 -27.21 15.87
CA THR C 62 7.05 -27.61 15.28
C THR C 62 6.84 -28.74 14.28
N GLN C 63 7.84 -28.91 13.41
CA GLN C 63 7.76 -29.90 12.35
C GLN C 63 8.27 -31.27 12.77
N ILE C 64 8.72 -31.43 14.00
CA ILE C 64 9.26 -32.70 14.46
C ILE C 64 9.30 -32.69 15.98
N SER C 65 9.03 -33.86 16.58
CA SER C 65 9.12 -34.05 18.02
C SER C 65 9.69 -35.43 18.29
N CYS C 66 10.60 -35.52 19.25
CA CYS C 66 11.38 -36.73 19.46
C CYS C 66 11.12 -37.44 20.78
N PHE C 67 10.34 -36.84 21.68
CA PHE C 67 9.97 -37.49 22.94
C PHE C 67 11.21 -37.87 23.74
N SER C 68 11.93 -36.85 24.17
CA SER C 68 13.06 -37.06 25.06
C SER C 68 12.56 -37.49 26.43
N PRO C 69 13.40 -38.17 27.20
CA PRO C 69 12.96 -38.61 28.54
C PRO C 69 12.45 -37.46 29.38
N SER C 70 11.74 -37.82 30.46
CA SER C 70 11.19 -36.80 31.35
C SER C 70 12.30 -36.01 32.03
N SER C 71 13.43 -36.68 32.33
CA SER C 71 14.53 -35.99 33.01
C SER C 71 15.09 -34.86 32.16
N PHE C 72 14.95 -34.94 30.84
CA PHE C 72 15.50 -33.92 29.97
C PHE C 72 14.76 -32.60 30.16
N SER C 73 15.51 -31.51 30.12
CA SER C 73 14.93 -30.18 30.17
C SER C 73 14.28 -29.85 28.83
N TRP C 74 13.53 -28.75 28.80
CA TRP C 74 12.90 -28.34 27.55
C TRP C 74 13.96 -27.96 26.51
N ARG C 75 15.05 -27.35 26.94
CA ARG C 75 16.15 -27.06 26.03
C ARG C 75 16.86 -28.30 25.52
N GLN C 76 17.05 -29.31 26.36
CA GLN C 76 17.59 -30.57 25.88
C GLN C 76 16.65 -31.23 24.89
N ALA C 77 15.35 -31.16 25.15
CA ALA C 77 14.37 -31.69 24.21
C ALA C 77 14.44 -30.96 22.87
N ALA C 78 14.55 -29.63 22.91
CA ALA C 78 14.71 -28.85 21.69
C ALA C 78 15.98 -29.25 20.95
N PHE C 79 17.07 -29.45 21.69
CA PHE C 79 18.31 -29.89 21.07
C PHE C 79 18.10 -31.23 20.36
N VAL C 80 17.45 -32.18 21.03
CA VAL C 80 17.25 -33.50 20.42
C VAL C 80 16.40 -33.37 19.16
N ASP C 81 15.30 -32.62 19.26
CA ASP C 81 14.40 -32.49 18.11
C ASP C 81 15.11 -31.87 16.93
N SER C 82 15.82 -30.76 17.16
CA SER C 82 16.48 -30.07 16.05
C SER C 82 17.67 -30.87 15.52
N TYR C 83 18.40 -31.56 16.40
CA TYR C 83 19.49 -32.41 15.96
C TYR C 83 18.98 -33.49 15.03
N CYS C 84 17.88 -34.14 15.40
CA CYS C 84 17.32 -35.17 14.53
C CYS C 84 16.80 -34.57 13.23
N TRP C 85 16.20 -33.38 13.32
CA TRP C 85 15.75 -32.68 12.11
C TRP C 85 16.91 -32.48 11.14
N ALA C 86 18.05 -32.03 11.65
CA ALA C 86 19.22 -31.82 10.80
C ALA C 86 19.91 -33.13 10.42
N ALA C 87 19.70 -34.19 11.20
CA ALA C 87 20.37 -35.46 11.00
C ALA C 87 19.58 -36.42 10.14
N VAL C 88 18.36 -36.06 9.75
CA VAL C 88 17.66 -36.87 8.74
C VAL C 88 18.56 -37.11 7.55
N GLN C 89 19.37 -36.12 7.18
CA GLN C 89 20.30 -36.27 6.07
C GLN C 89 21.50 -37.13 6.48
N GLN C 90 22.01 -36.94 7.68
CA GLN C 90 23.14 -37.74 8.18
C GLN C 90 22.65 -39.17 8.38
N LYS C 91 23.12 -40.08 7.53
CA LYS C 91 22.56 -41.43 7.50
C LYS C 91 22.88 -42.20 8.78
N ASN C 92 24.13 -42.09 9.26
CA ASN C 92 24.52 -42.89 10.42
C ASN C 92 23.74 -42.49 11.67
N SER C 93 23.33 -41.23 11.75
CA SER C 93 22.65 -40.76 12.96
C SER C 93 21.34 -41.49 13.19
N LEU C 94 20.55 -41.71 12.13
CA LEU C 94 19.24 -42.31 12.25
C LEU C 94 19.21 -43.70 11.63
N GLN C 95 18.30 -44.52 12.12
CA GLN C 95 18.06 -45.87 11.59
C GLN C 95 16.55 -46.06 11.49
N SER C 96 16.01 -45.96 10.28
CA SER C 96 14.58 -46.10 10.03
C SER C 96 14.35 -47.25 9.06
N GLU C 97 13.22 -47.95 9.25
CA GLU C 97 12.91 -49.09 8.38
C GLU C 97 12.73 -48.65 6.93
N SER C 98 12.03 -47.53 6.72
CA SER C 98 11.78 -47.04 5.37
C SER C 98 13.04 -46.50 4.70
N GLY C 99 14.11 -46.28 5.45
CA GLY C 99 15.34 -45.74 4.91
C GLY C 99 15.54 -44.29 5.27
N ASN C 100 16.29 -43.60 4.41
CA ASN C 100 16.58 -42.18 4.58
C ASN C 100 15.98 -41.29 3.50
N LEU C 101 15.74 -41.83 2.31
CA LEU C 101 15.05 -41.05 1.29
C LEU C 101 13.67 -40.61 1.72
N PRO C 102 12.85 -41.44 2.38
CA PRO C 102 11.57 -40.94 2.88
C PRO C 102 11.72 -39.75 3.82
N LEU C 103 12.75 -39.76 4.68
CA LEU C 103 12.96 -38.63 5.58
C LEU C 103 13.41 -37.39 4.82
N TRP C 104 14.32 -37.56 3.87
CA TRP C 104 14.70 -36.45 3.00
C TRP C 104 13.48 -35.83 2.36
N LEU C 105 12.61 -36.67 1.79
CA LEU C 105 11.43 -36.17 1.09
C LEU C 105 10.47 -35.49 2.05
N HIS C 106 10.26 -36.06 3.23
CA HIS C 106 9.37 -35.45 4.20
C HIS C 106 9.88 -34.08 4.62
N LYS C 107 11.20 -33.95 4.79
CA LYS C 107 11.75 -32.67 5.22
C LYS C 107 11.73 -31.64 4.10
N PHE C 108 11.93 -32.06 2.85
CA PHE C 108 12.13 -31.12 1.74
C PHE C 108 10.95 -31.10 0.76
N PHE C 109 9.80 -31.63 1.14
CA PHE C 109 8.63 -31.60 0.26
C PHE C 109 8.28 -30.21 -0.21
N PRO C 110 8.24 -29.17 0.65
CA PRO C 110 7.97 -27.83 0.12
C PRO C 110 8.98 -27.40 -0.93
N TYR C 111 10.26 -27.73 -0.73
CA TYR C 111 11.27 -27.38 -1.71
C TYR C 111 11.00 -28.07 -3.05
N ILE C 112 10.59 -29.34 -3.01
CA ILE C 112 10.36 -30.08 -4.24
C ILE C 112 9.13 -29.53 -4.96
N LEU C 113 8.08 -29.19 -4.22
CA LEU C 113 6.91 -28.57 -4.85
C LEU C 113 7.28 -27.23 -5.48
N LEU C 114 8.08 -26.43 -4.78
CA LEU C 114 8.52 -25.15 -5.34
C LEU C 114 9.37 -25.37 -6.59
N LEU C 115 10.23 -26.40 -6.57
CA LEU C 115 11.04 -26.71 -7.74
C LEU C 115 10.16 -27.08 -8.92
N PHE C 116 9.14 -27.90 -8.69
CA PHE C 116 8.22 -28.24 -9.78
C PHE C 116 7.51 -27.01 -10.31
N ALA C 117 7.06 -26.13 -9.40
CA ALA C 117 6.40 -24.91 -9.83
C ALA C 117 7.32 -24.05 -10.69
N ILE C 118 8.58 -23.90 -10.27
CA ILE C 118 9.53 -23.09 -11.01
C ILE C 118 9.82 -23.70 -12.37
N LEU C 119 10.01 -25.03 -12.41
CA LEU C 119 10.30 -25.69 -13.68
C LEU C 119 9.12 -25.63 -14.64
N LEU C 120 7.89 -25.61 -14.10
CA LEU C 120 6.72 -25.45 -14.96
C LEU C 120 6.53 -24.01 -15.42
N TYR C 121 6.93 -23.04 -14.59
CA TYR C 121 6.86 -21.64 -14.99
C TYR C 121 7.97 -21.24 -15.94
N LEU C 122 9.05 -21.99 -15.98
CA LEU C 122 10.18 -21.64 -16.84
C LEU C 122 9.81 -21.63 -18.32
N PRO C 123 9.16 -22.64 -18.88
CA PRO C 123 8.88 -22.62 -20.33
C PRO C 123 7.95 -21.48 -20.71
N PRO C 124 6.90 -21.22 -19.92
CA PRO C 124 6.09 -20.02 -20.21
C PRO C 124 6.90 -18.74 -20.21
N LEU C 125 7.85 -18.60 -19.28
CA LEU C 125 8.67 -17.40 -19.24
C LEU C 125 9.58 -17.31 -20.45
N PHE C 126 10.17 -18.44 -20.86
CA PHE C 126 10.97 -18.45 -22.07
C PHE C 126 10.14 -18.04 -23.27
N TRP C 127 8.92 -18.58 -23.38
CA TRP C 127 8.02 -18.16 -24.44
C TRP C 127 7.81 -16.65 -24.41
N ARG C 128 7.42 -16.13 -23.24
CA ARG C 128 7.15 -14.71 -23.08
C ARG C 128 8.34 -13.84 -23.49
N PHE C 129 9.56 -14.23 -23.12
CA PHE C 129 10.72 -13.38 -23.35
C PHE C 129 11.48 -13.69 -24.64
N ALA C 130 11.06 -14.71 -25.39
CA ALA C 130 11.71 -15.03 -26.65
C ALA C 130 10.77 -14.89 -27.85
N ALA C 131 9.61 -15.55 -27.80
CA ALA C 131 8.73 -15.66 -28.96
C ALA C 131 7.51 -14.77 -28.89
N ALA C 132 7.25 -14.13 -27.75
CA ALA C 132 6.04 -13.33 -27.60
C ALA C 132 6.16 -11.99 -28.32
N PRO C 133 7.29 -11.29 -28.21
CA PRO C 133 7.38 -10.00 -28.93
C PRO C 133 7.22 -10.14 -30.43
N HIS C 134 7.84 -11.17 -31.03
CA HIS C 134 7.77 -11.35 -32.47
C HIS C 134 6.35 -11.65 -32.93
N ILE C 135 5.69 -12.60 -32.26
CA ILE C 135 4.32 -12.93 -32.63
C ILE C 135 3.40 -11.74 -32.38
N CYS C 136 3.65 -10.99 -31.32
CA CYS C 136 2.82 -9.81 -31.02
C CYS C 136 2.94 -8.78 -32.13
N SER C 137 4.17 -8.49 -32.56
CA SER C 137 4.37 -7.52 -33.63
C SER C 137 3.71 -8.00 -34.92
N ASP C 138 3.90 -9.28 -35.26
CA ASP C 138 3.30 -9.81 -36.48
C ASP C 138 1.78 -9.74 -36.43
N LEU C 139 1.20 -10.07 -35.27
CA LEU C 139 -0.25 -10.06 -35.15
C LEU C 139 -0.79 -8.63 -35.18
N LYS C 140 -0.06 -7.67 -34.61
CA LYS C 140 -0.46 -6.28 -34.72
C LYS C 140 -0.43 -5.83 -36.17
N PHE C 141 0.59 -6.23 -36.92
CA PHE C 141 0.63 -5.92 -38.35
C PHE C 141 -0.57 -6.53 -39.06
N ILE C 142 -0.90 -7.78 -38.74
CA ILE C 142 -2.03 -8.44 -39.40
C ILE C 142 -3.33 -7.71 -39.08
N MET C 143 -3.53 -7.35 -37.81
CA MET C 143 -4.74 -6.61 -37.43
C MET C 143 -4.81 -5.27 -38.15
N GLU C 144 -3.70 -4.54 -38.22
CA GLU C 144 -3.71 -3.26 -38.91
C GLU C 144 -4.04 -3.45 -40.38
N GLU C 145 -3.47 -4.48 -41.01
CA GLU C 145 -3.76 -4.72 -42.42
C GLU C 145 -5.23 -5.06 -42.62
N LEU C 146 -5.79 -5.90 -41.75
CA LEU C 146 -7.20 -6.26 -41.87
C LEU C 146 -8.10 -5.04 -41.70
N ASP C 147 -7.80 -4.19 -40.71
CA ASP C 147 -8.60 -2.98 -40.52
C ASP C 147 -8.50 -2.06 -41.72
N LYS C 148 -7.29 -1.89 -42.26
CA LYS C 148 -7.11 -1.01 -43.41
C LYS C 148 -7.87 -1.54 -44.63
N VAL C 149 -7.81 -2.85 -44.88
CA VAL C 149 -8.48 -3.39 -46.05
C VAL C 149 -10.00 -3.30 -45.87
N TYR C 150 -10.49 -3.52 -44.65
CA TYR C 150 -11.92 -3.37 -44.41
C TYR C 150 -12.35 -1.93 -44.65
N ASN C 151 -11.57 -0.96 -44.17
CA ASN C 151 -11.90 0.44 -44.39
C ASN C 151 -11.90 0.78 -45.88
N ARG C 152 -10.90 0.29 -46.62
CA ARG C 152 -10.85 0.55 -48.04
C ARG C 152 -12.05 -0.07 -48.75
N ALA C 153 -12.43 -1.29 -48.36
CA ALA C 153 -13.57 -1.94 -49.00
C ALA C 153 -14.87 -1.17 -48.74
N ILE C 154 -15.08 -0.73 -47.50
CA ILE C 154 -16.31 0.01 -47.21
C ILE C 154 -16.31 1.36 -47.92
N LYS C 155 -15.14 2.00 -48.01
CA LYS C 155 -15.05 3.26 -48.74
C LYS C 155 -15.37 3.06 -50.21
N ALA C 156 -14.85 1.98 -50.82
CA ALA C 156 -15.14 1.70 -52.22
C ALA C 156 -16.62 1.42 -52.42
N ALA C 157 -17.23 0.66 -51.50
CA ALA C 157 -18.66 0.39 -51.60
C ALA C 157 -19.47 1.68 -51.51
N LYS C 158 -19.10 2.57 -50.59
CA LYS C 158 -19.80 3.84 -50.46
C LYS C 158 -19.65 4.68 -51.72
N SER C 159 -18.44 4.72 -52.28
CA SER C 159 -18.22 5.47 -53.51
C SER C 159 -19.05 4.91 -54.66
N ALA C 160 -19.10 3.59 -54.78
CA ALA C 160 -19.90 2.98 -55.83
C ALA C 160 -21.38 3.30 -55.64
N ARG C 161 -21.87 3.22 -54.41
CA ARG C 161 -23.28 3.53 -54.15
C ARG C 161 -23.60 4.98 -54.47
N ASP C 162 -22.71 5.90 -54.09
CA ASP C 162 -22.93 7.32 -54.34
C ASP C 162 -22.53 7.68 -55.77
N PHE C 191 -3.04 0.06 -55.72
CA PHE C 191 -2.35 -1.06 -55.09
C PHE C 191 -3.23 -2.31 -55.10
N LYS C 192 -4.12 -2.42 -54.13
CA LYS C 192 -5.03 -3.55 -54.02
C LYS C 192 -4.25 -4.87 -54.00
N TYR C 193 -3.13 -4.87 -53.29
CA TYR C 193 -2.29 -6.06 -53.22
C TYR C 193 -2.59 -6.86 -51.95
N PRO C 194 -2.63 -8.19 -52.01
CA PRO C 194 -2.91 -8.99 -50.79
C PRO C 194 -1.67 -9.15 -49.92
N ILE C 195 -1.28 -8.04 -49.29
CA ILE C 195 -0.05 -8.03 -48.48
C ILE C 195 -0.18 -8.99 -47.31
N VAL C 196 -1.32 -8.96 -46.61
CA VAL C 196 -1.49 -9.80 -45.43
C VAL C 196 -1.52 -11.28 -45.82
N GLU C 197 -2.20 -11.61 -46.92
CA GLU C 197 -2.24 -12.99 -47.36
C GLU C 197 -0.86 -13.47 -47.78
N GLN C 198 -0.07 -12.62 -48.45
CA GLN C 198 1.29 -12.99 -48.80
C GLN C 198 2.13 -13.20 -47.56
N TYR C 199 1.95 -12.36 -46.54
CA TYR C 199 2.69 -12.52 -45.30
C TYR C 199 2.35 -13.83 -44.62
N LEU C 200 1.06 -14.18 -44.59
CA LEU C 200 0.67 -15.46 -44.02
C LEU C 200 1.25 -16.63 -44.82
N LYS C 201 1.22 -16.53 -46.15
CA LYS C 201 1.78 -17.58 -46.99
C LYS C 201 3.27 -17.76 -46.70
N THR C 202 3.99 -16.66 -46.56
CA THR C 202 5.40 -16.75 -46.22
C THR C 202 5.58 -17.39 -44.85
N LYS C 203 4.73 -17.03 -43.88
CA LYS C 203 4.81 -17.64 -42.57
C LYS C 203 4.53 -19.13 -42.63
N LYS C 204 3.80 -19.57 -43.65
CA LYS C 204 3.50 -20.99 -43.80
C LYS C 204 4.77 -21.84 -43.81
N ASN C 205 5.85 -21.31 -44.39
CA ASN C 205 7.09 -22.08 -44.50
C ASN C 205 7.85 -22.07 -43.18
N SER C 206 8.14 -20.90 -42.63
CA SER C 206 8.92 -20.81 -41.41
C SER C 206 8.19 -21.52 -40.27
N ASN C 207 8.97 -22.20 -39.42
CA ASN C 207 8.39 -23.00 -38.35
C ASN C 207 9.14 -22.85 -37.03
N ASN C 208 9.99 -21.84 -36.88
CA ASN C 208 10.71 -21.67 -35.63
C ASN C 208 9.76 -21.41 -34.47
N LEU C 209 8.72 -20.59 -34.70
CA LEU C 209 7.77 -20.28 -33.64
C LEU C 209 7.03 -21.53 -33.19
N ILE C 210 6.53 -22.32 -34.13
CA ILE C 210 5.80 -23.53 -33.77
C ILE C 210 6.73 -24.52 -33.09
N ILE C 211 7.98 -24.60 -33.53
CA ILE C 211 8.94 -25.50 -32.90
C ILE C 211 9.16 -25.09 -31.45
N LYS C 212 9.33 -23.79 -31.20
CA LYS C 212 9.50 -23.32 -29.83
C LYS C 212 8.27 -23.62 -28.98
N TYR C 213 7.08 -23.38 -29.53
CA TYR C 213 5.85 -23.65 -28.80
C TYR C 213 5.74 -25.13 -28.45
N ILE C 214 6.02 -26.01 -29.42
CA ILE C 214 5.93 -27.44 -29.17
C ILE C 214 6.96 -27.88 -28.16
N SER C 215 8.18 -27.33 -28.24
CA SER C 215 9.22 -27.70 -27.28
C SER C 215 8.82 -27.28 -25.87
N CYS C 216 8.28 -26.07 -25.73
CA CYS C 216 7.84 -25.63 -24.40
C CYS C 216 6.73 -26.51 -23.86
N ARG C 217 5.74 -26.83 -24.70
CA ARG C 217 4.65 -27.70 -24.25
C ARG C 217 5.17 -29.08 -23.86
N LEU C 218 6.10 -29.62 -24.65
CA LEU C 218 6.63 -30.95 -24.36
C LEU C 218 7.43 -30.95 -23.06
N LEU C 219 8.22 -29.90 -22.83
CA LEU C 219 8.95 -29.81 -21.56
C LEU C 219 7.98 -29.68 -20.39
N THR C 220 6.91 -28.89 -20.55
CA THR C 220 5.92 -28.80 -19.50
C THR C 220 5.29 -30.16 -19.22
N LEU C 221 4.97 -30.91 -20.27
CA LEU C 221 4.40 -32.24 -20.09
C LEU C 221 5.38 -33.17 -19.38
N ILE C 222 6.66 -33.12 -19.75
CA ILE C 222 7.66 -33.97 -19.12
C ILE C 222 7.78 -33.62 -17.65
N ILE C 223 7.82 -32.32 -17.32
CA ILE C 223 7.92 -31.91 -15.92
C ILE C 223 6.69 -32.38 -15.16
N ILE C 224 5.51 -32.28 -15.77
CA ILE C 224 4.28 -32.70 -15.10
C ILE C 224 4.32 -34.20 -14.84
N LEU C 225 4.78 -34.99 -15.81
CA LEU C 225 4.85 -36.44 -15.61
C LEU C 225 5.85 -36.79 -14.52
N LEU C 226 7.00 -36.11 -14.51
CA LEU C 226 7.97 -36.35 -13.45
C LEU C 226 7.40 -36.00 -12.09
N ALA C 227 6.67 -34.89 -12.00
CA ALA C 227 6.02 -34.51 -10.76
C ALA C 227 5.00 -35.56 -10.34
N CYS C 228 4.25 -36.09 -11.30
CA CYS C 228 3.29 -37.14 -10.98
C CYS C 228 3.99 -38.37 -10.43
N ILE C 229 5.11 -38.76 -11.04
CA ILE C 229 5.85 -39.92 -10.55
C ILE C 229 6.31 -39.67 -9.11
N TYR C 230 6.87 -38.48 -8.86
CA TYR C 230 7.37 -38.18 -7.52
C TYR C 230 6.24 -38.16 -6.51
N LEU C 231 5.11 -37.54 -6.86
CA LEU C 231 3.99 -37.46 -5.92
C LEU C 231 3.39 -38.84 -5.65
N GLY C 232 3.32 -39.69 -6.68
CA GLY C 232 2.87 -41.05 -6.45
C GLY C 232 3.79 -41.82 -5.53
N TYR C 233 5.10 -41.66 -5.72
CA TYR C 233 6.05 -42.31 -4.82
C TYR C 233 5.89 -41.78 -3.39
N TYR C 234 5.69 -40.48 -3.25
CA TYR C 234 5.52 -39.90 -1.91
C TYR C 234 4.25 -40.40 -1.24
N PHE C 235 3.16 -40.50 -2.00
CA PHE C 235 1.88 -40.93 -1.44
C PHE C 235 1.81 -42.44 -1.25
N SER C 236 2.68 -43.20 -1.90
CA SER C 236 2.67 -44.65 -1.75
C SER C 236 3.45 -45.12 -0.52
N LEU C 237 4.07 -44.20 0.22
CA LEU C 237 4.82 -44.58 1.40
C LEU C 237 3.90 -45.16 2.46
N SER C 238 4.49 -45.91 3.38
CA SER C 238 3.72 -46.65 4.38
C SER C 238 3.01 -45.74 5.37
N SER C 239 3.33 -44.45 5.40
CA SER C 239 2.84 -43.44 6.33
C SER C 239 3.48 -43.60 7.70
N LEU C 240 4.29 -44.63 7.94
CA LEU C 240 5.07 -44.76 9.15
C LEU C 240 6.53 -44.42 8.94
N SER C 241 6.92 -44.08 7.71
CA SER C 241 8.29 -43.67 7.43
C SER C 241 8.62 -42.33 8.08
N ASP C 242 7.62 -41.51 8.38
CA ASP C 242 7.86 -40.28 9.10
C ASP C 242 8.48 -40.53 10.47
N GLU C 243 8.20 -41.67 11.09
CA GLU C 243 8.80 -42.05 12.35
C GLU C 243 10.16 -42.69 12.09
N PHE C 244 11.21 -42.10 12.64
CA PHE C 244 12.57 -42.61 12.51
C PHE C 244 13.26 -42.58 13.86
N VAL C 245 14.22 -43.48 14.04
CA VAL C 245 14.99 -43.57 15.26
C VAL C 245 16.20 -42.65 15.14
N CYS C 246 16.43 -41.84 16.15
CA CYS C 246 17.46 -40.81 16.13
C CYS C 246 18.44 -41.04 17.28
N SER C 247 19.72 -40.81 17.01
CA SER C 247 20.78 -41.11 17.96
C SER C 247 21.72 -39.91 18.07
N ILE C 248 21.64 -39.19 19.19
CA ILE C 248 22.61 -38.13 19.50
C ILE C 248 23.73 -38.81 20.27
N LYS C 249 24.65 -39.42 19.52
CA LYS C 249 25.74 -40.19 20.12
C LYS C 249 27.03 -40.02 19.32
N SER C 250 27.22 -38.85 18.71
CA SER C 250 28.43 -38.54 17.96
C SER C 250 29.16 -37.40 18.64
N GLY C 251 30.44 -37.61 18.93
CA GLY C 251 31.23 -36.62 19.62
C GLY C 251 31.46 -36.97 21.07
N ILE C 252 31.38 -35.97 21.94
CA ILE C 252 31.57 -36.21 23.37
C ILE C 252 30.39 -36.97 23.97
N LEU C 253 29.23 -36.94 23.33
CA LEU C 253 28.05 -37.64 23.81
C LEU C 253 28.00 -39.10 23.39
N ARG C 254 29.00 -39.56 22.64
CA ARG C 254 28.98 -40.94 22.14
C ARG C 254 28.97 -41.94 23.29
N ASN C 255 29.81 -41.72 24.30
CA ASN C 255 29.94 -42.64 25.42
C ASN C 255 29.20 -42.16 26.66
N ASP C 256 28.42 -41.09 26.55
CA ASP C 256 27.65 -40.60 27.69
C ASP C 256 26.57 -41.61 28.07
N SER C 257 26.32 -41.72 29.37
CA SER C 257 25.43 -42.74 29.91
C SER C 257 24.01 -42.21 30.16
N THR C 258 23.87 -41.01 30.72
CA THR C 258 22.54 -40.51 31.05
C THR C 258 21.67 -40.36 29.82
N VAL C 259 22.27 -40.09 28.67
CA VAL C 259 21.51 -39.92 27.44
C VAL C 259 21.12 -41.29 26.89
N PRO C 260 19.85 -41.54 26.56
CA PRO C 260 19.49 -42.84 25.99
C PRO C 260 20.14 -43.06 24.64
N ASP C 261 20.34 -44.33 24.31
CA ASP C 261 21.06 -44.68 23.08
C ASP C 261 20.33 -44.15 21.86
N GLN C 262 19.02 -43.94 21.93
CA GLN C 262 18.26 -43.49 20.78
C GLN C 262 16.94 -42.90 21.24
N PHE C 263 16.25 -42.26 20.30
CA PHE C 263 15.01 -41.53 20.56
C PHE C 263 13.99 -41.89 19.49
N GLN C 264 12.72 -41.64 19.80
CA GLN C 264 11.62 -41.88 18.88
C GLN C 264 11.14 -40.54 18.33
N CYS C 265 11.52 -40.24 17.09
CA CYS C 265 11.16 -39.00 16.43
C CYS C 265 10.12 -39.27 15.36
N LYS C 266 9.23 -38.30 15.17
CA LYS C 266 8.19 -38.37 14.15
C LYS C 266 8.19 -37.07 13.36
N LEU C 267 8.17 -37.18 12.05
CA LEU C 267 8.12 -36.01 11.17
C LEU C 267 6.66 -35.61 11.00
N ILE C 268 6.32 -34.44 11.52
CA ILE C 268 4.94 -33.99 11.51
C ILE C 268 4.60 -33.37 10.15
N ALA C 269 3.31 -33.38 9.83
CA ALA C 269 2.76 -32.88 8.57
C ALA C 269 3.09 -33.79 7.40
N VAL C 270 3.61 -34.99 7.65
CA VAL C 270 3.88 -35.92 6.55
C VAL C 270 2.58 -36.42 5.96
N GLY C 271 1.57 -36.68 6.80
CA GLY C 271 0.28 -37.07 6.27
C GLY C 271 -0.36 -35.98 5.44
N ILE C 272 -0.23 -34.73 5.90
CA ILE C 272 -0.77 -33.60 5.14
C ILE C 272 -0.03 -33.45 3.83
N PHE C 273 1.30 -33.65 3.84
CA PHE C 273 2.05 -33.64 2.60
C PHE C 273 1.56 -34.71 1.66
N GLN C 274 1.29 -35.91 2.17
CA GLN C 274 0.80 -37.00 1.33
C GLN C 274 -0.56 -36.67 0.73
N LEU C 275 -1.47 -36.12 1.55
CA LEU C 275 -2.78 -35.72 1.05
C LEU C 275 -2.66 -34.69 -0.07
N LEU C 276 -1.89 -33.63 0.19
CA LEU C 276 -1.71 -32.59 -0.81
C LEU C 276 -1.00 -33.13 -2.06
N SER C 277 -0.09 -34.08 -1.88
CA SER C 277 0.62 -34.65 -3.01
C SER C 277 -0.32 -35.47 -3.88
N VAL C 278 -1.21 -36.25 -3.27
CA VAL C 278 -2.17 -37.00 -4.08
C VAL C 278 -3.14 -36.05 -4.77
N ILE C 279 -3.51 -34.95 -4.11
CA ILE C 279 -4.37 -33.96 -4.76
C ILE C 279 -3.67 -33.37 -5.99
N ASN C 280 -2.40 -32.99 -5.82
CA ASN C 280 -1.64 -32.44 -6.94
C ASN C 280 -1.47 -33.48 -8.04
N LEU C 281 -1.29 -34.75 -7.66
CA LEU C 281 -1.17 -35.81 -8.65
C LEU C 281 -2.45 -35.93 -9.47
N VAL C 282 -3.61 -35.88 -8.79
CA VAL C 282 -4.89 -35.94 -9.51
C VAL C 282 -5.00 -34.77 -10.47
N VAL C 283 -4.67 -33.57 -9.99
CA VAL C 283 -4.78 -32.39 -10.84
C VAL C 283 -3.87 -32.51 -12.06
N TYR C 284 -2.63 -32.97 -11.84
CA TYR C 284 -1.67 -33.06 -12.94
C TYR C 284 -2.05 -34.13 -13.94
N VAL C 285 -2.58 -35.27 -13.48
CA VAL C 285 -2.99 -36.29 -14.41
C VAL C 285 -4.20 -35.82 -15.21
N LEU C 286 -5.11 -35.07 -14.59
CA LEU C 286 -6.20 -34.48 -15.35
C LEU C 286 -5.68 -33.45 -16.35
N LEU C 287 -4.61 -32.73 -16.00
CA LEU C 287 -4.11 -31.65 -16.83
C LEU C 287 -3.29 -32.16 -18.02
N ALA C 288 -2.59 -33.27 -17.86
CA ALA C 288 -1.70 -33.74 -18.93
C ALA C 288 -2.44 -33.95 -20.25
N PRO C 289 -3.64 -34.54 -20.28
CA PRO C 289 -4.38 -34.60 -21.56
C PRO C 289 -4.56 -33.24 -22.20
N VAL C 290 -4.80 -32.21 -21.40
CA VAL C 290 -4.88 -30.87 -21.95
C VAL C 290 -3.56 -30.48 -22.60
N VAL C 291 -2.44 -30.88 -21.97
CA VAL C 291 -1.14 -30.54 -22.51
C VAL C 291 -0.90 -31.23 -23.85
N VAL C 292 -1.26 -32.51 -23.96
CA VAL C 292 -1.06 -33.20 -25.23
C VAL C 292 -1.99 -32.64 -26.30
N TYR C 293 -3.20 -32.25 -25.90
CA TYR C 293 -4.11 -31.60 -26.86
C TYR C 293 -3.52 -30.29 -27.37
N THR C 294 -2.95 -29.49 -26.47
CA THR C 294 -2.30 -28.26 -26.90
C THR C 294 -1.11 -28.56 -27.80
N LEU C 295 -0.37 -29.63 -27.50
CA LEU C 295 0.74 -30.04 -28.35
C LEU C 295 0.27 -30.36 -29.77
N PHE C 296 -0.83 -31.09 -29.90
CA PHE C 296 -1.44 -31.37 -31.19
C PHE C 296 -2.15 -30.11 -31.70
N VAL C 297 -1.34 -29.20 -32.27
CA VAL C 297 -1.88 -27.91 -32.70
C VAL C 297 -2.68 -28.00 -33.98
N PRO C 298 -2.28 -28.76 -35.01
CA PRO C 298 -3.06 -28.70 -36.26
C PRO C 298 -4.51 -29.09 -36.09
N PHE C 299 -4.80 -30.06 -35.22
CA PHE C 299 -6.19 -30.41 -34.96
C PHE C 299 -6.93 -29.24 -34.32
N ARG C 300 -6.26 -28.51 -33.44
CA ARG C 300 -6.84 -27.29 -32.88
C ARG C 300 -7.09 -26.26 -33.98
N GLN C 301 -6.28 -26.26 -35.03
CA GLN C 301 -6.42 -25.28 -36.09
C GLN C 301 -7.68 -25.56 -36.90
N LYS C 302 -8.78 -24.91 -36.51
CA LYS C 302 -10.06 -25.09 -37.19
C LYS C 302 -10.88 -23.83 -36.98
N THR C 303 -12.08 -23.82 -37.57
CA THR C 303 -12.96 -22.66 -37.52
C THR C 303 -12.24 -21.43 -38.09
N ASP C 304 -11.94 -21.51 -39.38
CA ASP C 304 -11.11 -20.51 -40.05
C ASP C 304 -11.57 -19.10 -39.71
N VAL C 305 -10.70 -18.35 -39.02
CA VAL C 305 -11.01 -16.97 -38.69
C VAL C 305 -11.03 -16.11 -39.95
N LEU C 306 -10.14 -16.40 -40.90
CA LEU C 306 -10.03 -15.61 -42.12
C LEU C 306 -11.14 -15.93 -43.12
N LYS C 307 -11.90 -17.01 -42.92
CA LYS C 307 -12.98 -17.33 -43.84
C LYS C 307 -14.03 -16.21 -43.85
N VAL C 308 -14.14 -15.47 -42.76
CA VAL C 308 -15.13 -14.38 -42.70
C VAL C 308 -14.75 -13.25 -43.63
N TYR C 309 -13.46 -12.95 -43.76
CA TYR C 309 -12.99 -11.84 -44.59
C TYR C 309 -13.07 -12.14 -46.09
N GLU C 310 -13.37 -13.37 -46.47
CA GLU C 310 -13.31 -13.76 -47.88
C GLU C 310 -14.40 -13.10 -48.71
N ILE C 311 -15.40 -12.47 -48.10
CA ILE C 311 -16.47 -11.83 -48.85
C ILE C 311 -16.14 -10.40 -49.25
N LEU C 312 -15.08 -9.83 -48.70
CA LEU C 312 -14.72 -8.45 -49.04
C LEU C 312 -14.16 -8.39 -50.45
N PRO C 313 -14.64 -7.48 -51.30
CA PRO C 313 -14.06 -7.36 -52.65
C PRO C 313 -12.57 -7.07 -52.64
N THR C 314 -12.09 -6.29 -51.69
CA THR C 314 -10.69 -5.91 -51.63
C THR C 314 -9.80 -7.00 -51.05
N PHE C 315 -10.38 -8.09 -50.54
CA PHE C 315 -9.62 -9.18 -49.95
C PHE C 315 -9.73 -10.41 -50.85
N ASP C 316 -8.59 -10.99 -51.19
CA ASP C 316 -8.59 -12.17 -52.06
C ASP C 316 -9.29 -13.34 -51.37
N VAL C 317 -10.00 -14.12 -52.16
CA VAL C 317 -10.77 -15.26 -51.63
C VAL C 317 -9.82 -16.45 -51.62
N LEU C 318 -9.06 -16.56 -50.53
CA LEU C 318 -8.15 -17.69 -50.35
C LEU C 318 -7.71 -17.72 -48.89
N HIS C 319 -8.09 -18.78 -48.17
CA HIS C 319 -7.62 -18.94 -46.80
C HIS C 319 -6.23 -19.56 -46.77
N PHE C 320 -6.09 -20.78 -47.32
CA PHE C 320 -4.80 -21.44 -47.45
C PHE C 320 -4.06 -21.49 -46.12
N LYS C 321 -4.75 -21.99 -45.09
CA LYS C 321 -4.14 -22.15 -43.77
C LYS C 321 -4.79 -23.35 -43.09
N SER C 322 -4.16 -24.51 -43.23
CA SER C 322 -4.61 -25.72 -42.57
C SER C 322 -3.65 -26.85 -42.89
N GLU C 323 -3.67 -27.88 -42.04
CA GLU C 323 -2.92 -29.11 -42.26
C GLU C 323 -1.42 -28.82 -42.43
N GLY C 324 -0.81 -28.29 -41.37
CA GLY C 324 0.60 -28.00 -41.39
C GLY C 324 1.21 -27.81 -40.02
N TYR C 325 2.34 -28.48 -39.76
CA TYR C 325 3.11 -28.26 -38.54
C TYR C 325 4.03 -27.05 -38.71
N ASN C 326 3.39 -25.90 -38.93
CA ASN C 326 4.09 -24.66 -39.22
C ASN C 326 3.53 -23.53 -38.35
N ASP C 327 4.23 -22.39 -38.38
CA ASP C 327 3.80 -21.24 -37.60
C ASP C 327 2.46 -20.70 -38.07
N LEU C 328 2.01 -21.06 -39.27
CA LEU C 328 0.74 -20.56 -39.76
C LEU C 328 -0.42 -21.02 -38.90
N SER C 329 -0.41 -22.30 -38.51
CA SER C 329 -1.48 -22.81 -37.64
C SER C 329 -1.46 -22.12 -36.29
N LEU C 330 -0.27 -21.88 -35.74
CA LEU C 330 -0.17 -21.18 -34.47
C LEU C 330 -0.71 -19.76 -34.58
N TYR C 331 -0.39 -19.08 -35.68
CA TYR C 331 -0.93 -17.74 -35.91
C TYR C 331 -2.45 -17.78 -36.05
N ASN C 332 -2.98 -18.82 -36.70
CA ASN C 332 -4.43 -18.95 -36.82
C ASN C 332 -5.06 -19.11 -35.44
N LEU C 333 -4.45 -19.93 -34.58
CA LEU C 333 -4.97 -20.09 -33.22
C LEU C 333 -4.91 -18.77 -32.46
N PHE C 334 -3.80 -18.05 -32.57
CA PHE C 334 -3.68 -16.77 -31.88
C PHE C 334 -4.72 -15.77 -32.37
N LEU C 335 -4.99 -15.76 -33.68
CA LEU C 335 -6.04 -14.91 -34.20
C LEU C 335 -7.40 -15.31 -33.63
N GLU C 336 -7.73 -16.60 -33.69
CA GLU C 336 -8.99 -17.06 -33.13
C GLU C 336 -9.10 -16.71 -31.65
N GLU C 337 -7.96 -16.58 -30.97
CA GLU C 337 -7.99 -16.27 -29.53
C GLU C 337 -8.19 -14.79 -29.28
N ASN C 338 -7.49 -13.93 -30.02
CA ASN C 338 -7.46 -12.49 -29.77
C ASN C 338 -7.89 -11.66 -30.98
N ILE C 339 -8.94 -12.10 -31.69
CA ILE C 339 -9.49 -11.33 -32.80
C ILE C 339 -10.82 -10.68 -32.46
N SER C 340 -11.46 -11.09 -31.36
CA SER C 340 -12.74 -10.51 -30.99
C SER C 340 -12.65 -9.01 -30.72
N GLU C 341 -11.45 -8.49 -30.46
CA GLU C 341 -11.27 -7.07 -30.21
C GLU C 341 -11.27 -6.23 -31.46
N VAL C 342 -11.33 -6.85 -32.64
CA VAL C 342 -11.28 -6.12 -33.91
C VAL C 342 -12.70 -5.85 -34.38
N LYS C 343 -13.03 -4.57 -34.52
CA LYS C 343 -14.39 -4.20 -34.91
C LYS C 343 -14.72 -4.68 -36.32
N SER C 344 -13.75 -4.60 -37.23
CA SER C 344 -13.98 -5.08 -38.59
C SER C 344 -14.29 -6.57 -38.60
N TYR C 345 -13.52 -7.35 -37.83
CA TYR C 345 -13.79 -8.78 -37.75
C TYR C 345 -15.16 -9.05 -37.14
N LYS C 346 -15.52 -8.30 -36.10
CA LYS C 346 -16.83 -8.49 -35.49
C LYS C 346 -17.94 -8.19 -36.49
N CYS C 347 -17.80 -7.10 -37.25
CA CYS C 347 -18.81 -6.76 -38.25
C CYS C 347 -18.91 -7.84 -39.33
N LEU C 348 -17.77 -8.33 -39.80
CA LEU C 348 -17.79 -9.40 -40.80
C LEU C 348 -18.43 -10.66 -40.24
N LYS C 349 -18.15 -10.98 -38.99
CA LYS C 349 -18.73 -12.17 -38.37
C LYS C 349 -20.24 -12.05 -38.28
N VAL C 350 -20.75 -10.88 -37.87
CA VAL C 350 -22.20 -10.72 -37.80
C VAL C 350 -22.81 -10.74 -39.20
N LEU C 351 -22.10 -10.19 -40.19
CA LEU C 351 -22.61 -10.26 -41.56
C LEU C 351 -22.74 -11.70 -42.03
N GLU C 352 -21.72 -12.52 -41.77
CA GLU C 352 -21.79 -13.92 -42.15
C GLU C 352 -22.88 -14.65 -41.39
N ASN C 353 -23.05 -14.32 -40.10
CA ASN C 353 -24.11 -14.93 -39.32
C ASN C 353 -25.48 -14.63 -39.92
N ILE C 354 -25.70 -13.36 -40.30
CA ILE C 354 -26.97 -13.00 -40.95
C ILE C 354 -27.08 -13.70 -42.29
N LYS C 355 -25.97 -13.93 -42.98
CA LYS C 355 -26.00 -14.61 -44.27
C LYS C 355 -26.50 -16.05 -44.12
N SER C 356 -26.52 -16.59 -42.91
CA SER C 356 -27.05 -17.94 -42.72
C SER C 356 -28.50 -18.02 -43.20
N SER C 357 -29.31 -17.01 -42.88
CA SER C 357 -30.67 -16.98 -43.40
C SER C 357 -30.69 -16.64 -44.89
N GLY C 358 -29.80 -15.76 -45.33
CA GLY C 358 -29.73 -15.37 -46.72
C GLY C 358 -30.77 -14.38 -47.16
N GLN C 359 -31.48 -13.75 -46.23
CA GLN C 359 -32.55 -12.82 -46.61
C GLN C 359 -31.98 -11.61 -47.37
N GLY C 360 -30.87 -11.07 -46.90
CA GLY C 360 -30.29 -9.86 -47.47
C GLY C 360 -29.11 -10.17 -48.38
N ILE C 361 -28.23 -9.17 -48.51
CA ILE C 361 -27.05 -9.27 -49.36
C ILE C 361 -25.84 -8.82 -48.55
N ASP C 362 -24.72 -9.50 -48.75
CA ASP C 362 -23.50 -9.16 -48.01
C ASP C 362 -23.04 -7.74 -48.27
N PRO C 363 -22.88 -7.29 -49.52
CA PRO C 363 -22.46 -5.90 -49.73
C PRO C 363 -23.45 -4.88 -49.20
N MET C 364 -24.75 -5.17 -49.32
CA MET C 364 -25.75 -4.24 -48.79
C MET C 364 -25.64 -4.13 -47.28
N LEU C 365 -25.47 -5.26 -46.60
CA LEU C 365 -25.30 -5.24 -45.14
C LEU C 365 -24.02 -4.50 -44.76
N LEU C 366 -22.94 -4.72 -45.51
CA LEU C 366 -21.69 -4.02 -45.21
C LEU C 366 -21.85 -2.52 -45.36
N LEU C 367 -22.53 -2.08 -46.43
CA LEU C 367 -22.77 -0.65 -46.62
C LEU C 367 -23.65 -0.09 -45.51
N THR C 368 -24.70 -0.83 -45.13
CA THR C 368 -25.60 -0.34 -44.09
C THR C 368 -24.92 -0.26 -42.73
N ASN C 369 -23.98 -1.17 -42.44
CA ASN C 369 -23.38 -1.20 -41.11
C ASN C 369 -22.67 0.11 -40.78
N LEU C 370 -21.89 0.63 -41.73
CA LEU C 370 -21.12 1.86 -41.53
C LEU C 370 -20.31 1.77 -40.24
N GLY C 371 -19.42 0.77 -40.20
CA GLY C 371 -18.63 0.49 -39.02
C GLY C 371 -17.14 0.68 -39.24
N MET C 372 -16.76 1.75 -39.93
CA MET C 372 -15.36 1.99 -40.22
C MET C 372 -14.54 2.09 -38.94
N ILE C 373 -15.05 2.84 -37.96
CA ILE C 373 -14.36 3.01 -36.70
C ILE C 373 -15.29 3.64 -35.68
N ALA D 2 6.22 -16.66 3.53
CA ALA D 2 6.26 -18.10 3.36
C ALA D 2 7.03 -18.47 2.10
N ILE D 3 7.22 -19.79 1.89
CA ILE D 3 7.95 -20.25 0.71
C ILE D 3 7.29 -19.71 -0.55
N ALA D 4 5.96 -19.81 -0.63
CA ALA D 4 5.25 -19.38 -1.82
C ALA D 4 5.38 -17.89 -2.04
N GLN D 5 5.34 -17.10 -0.97
CA GLN D 5 5.51 -15.65 -1.10
C GLN D 5 6.90 -15.31 -1.64
N LEU D 6 7.93 -15.99 -1.13
CA LEU D 6 9.27 -15.77 -1.63
C LEU D 6 9.37 -16.14 -3.10
N ALA D 7 8.76 -17.25 -3.50
CA ALA D 7 8.78 -17.65 -4.90
C ALA D 7 8.11 -16.59 -5.76
N THR D 8 6.92 -16.14 -5.35
CA THR D 8 6.22 -15.12 -6.13
C THR D 8 7.06 -13.85 -6.25
N GLU D 9 7.75 -13.48 -5.16
CA GLU D 9 8.57 -12.27 -5.21
C GLU D 9 9.75 -12.41 -6.15
N TYR D 10 10.40 -13.59 -6.15
CA TYR D 10 11.72 -13.69 -6.75
C TYR D 10 11.76 -14.36 -8.12
N VAL D 11 10.77 -15.17 -8.48
CA VAL D 11 10.74 -15.84 -9.77
C VAL D 11 9.50 -15.46 -10.57
N PHE D 12 8.33 -15.43 -9.95
CA PHE D 12 7.09 -15.19 -10.66
C PHE D 12 6.71 -13.71 -10.75
N SER D 13 7.53 -12.82 -10.21
CA SER D 13 7.31 -11.38 -10.31
C SER D 13 8.46 -10.74 -11.09
N ASP D 14 8.33 -9.44 -11.31
CA ASP D 14 9.30 -8.67 -12.08
C ASP D 14 10.46 -8.22 -11.18
N PHE D 15 11.17 -9.21 -10.65
CA PHE D 15 12.33 -8.95 -9.80
C PHE D 15 13.52 -8.63 -10.70
N LEU D 16 13.99 -7.39 -10.65
CA LEU D 16 15.06 -6.87 -11.50
C LEU D 16 14.66 -6.81 -12.97
N LEU D 17 13.40 -7.11 -13.29
CA LEU D 17 12.89 -7.03 -14.66
C LEU D 17 12.16 -5.72 -14.92
N LYS D 18 12.10 -4.81 -13.95
CA LYS D 18 11.40 -3.56 -14.13
C LYS D 18 12.12 -2.70 -15.16
N GLU D 19 11.36 -2.14 -16.10
CA GLU D 19 11.92 -1.22 -17.07
C GLU D 19 12.28 0.09 -16.38
N PRO D 20 13.19 0.88 -16.98
CA PRO D 20 13.60 2.14 -16.32
C PRO D 20 12.41 3.02 -15.99
N THR D 21 12.36 3.51 -14.75
CA THR D 21 11.28 4.37 -14.30
C THR D 21 11.65 5.83 -14.58
N GLU D 22 11.66 6.16 -15.87
CA GLU D 22 12.00 7.51 -16.30
C GLU D 22 11.60 7.70 -17.75
N PRO D 23 11.16 8.91 -18.14
CA PRO D 23 10.78 9.14 -19.54
C PRO D 23 11.93 9.05 -20.52
N LYS D 24 13.18 9.11 -20.05
CA LYS D 24 14.32 9.07 -20.97
C LYS D 24 14.35 7.77 -21.75
N PHE D 25 14.06 6.65 -21.09
CA PHE D 25 14.05 5.33 -21.72
C PHE D 25 12.60 4.83 -21.74
N LYS D 26 11.90 5.13 -22.82
CA LYS D 26 10.51 4.72 -23.00
C LYS D 26 10.47 3.59 -24.02
N GLY D 27 10.27 2.37 -23.55
CA GLY D 27 10.23 1.21 -24.40
C GLY D 27 11.59 0.64 -24.76
N LEU D 28 12.67 1.20 -24.23
CA LEU D 28 14.02 0.73 -24.51
C LEU D 28 14.49 -0.17 -23.39
N ARG D 29 14.92 -1.38 -23.74
CA ARG D 29 15.36 -2.33 -22.73
C ARG D 29 16.65 -1.90 -22.06
N LEU D 30 17.59 -1.37 -22.86
CA LEU D 30 18.90 -0.94 -22.35
C LEU D 30 19.75 -2.13 -21.91
N GLU D 31 19.23 -3.35 -22.09
CA GLU D 31 19.92 -4.54 -21.63
C GLU D 31 19.46 -5.71 -22.48
N LEU D 32 20.40 -6.54 -22.93
CA LEU D 32 20.05 -7.69 -23.74
C LEU D 32 19.23 -8.68 -22.90
N ALA D 33 18.37 -9.43 -23.57
CA ALA D 33 17.52 -10.38 -22.85
C ALA D 33 18.34 -11.43 -22.14
N VAL D 34 19.38 -11.95 -22.81
CA VAL D 34 20.22 -12.99 -22.21
C VAL D 34 20.95 -12.44 -21.00
N ASP D 35 21.49 -11.22 -21.11
CA ASP D 35 22.19 -10.62 -19.97
C ASP D 35 21.23 -10.36 -18.81
N LYS D 36 20.02 -9.89 -19.11
CA LYS D 36 19.04 -9.67 -18.06
C LYS D 36 18.68 -10.96 -17.36
N MET D 37 18.49 -12.04 -18.13
CA MET D 37 18.23 -13.34 -17.54
C MET D 37 19.38 -13.78 -16.64
N VAL D 38 20.61 -13.64 -17.13
CA VAL D 38 21.77 -14.07 -16.37
C VAL D 38 21.87 -13.30 -15.06
N THR D 39 21.72 -11.98 -15.12
CA THR D 39 21.79 -11.17 -13.91
C THR D 39 20.66 -11.52 -12.95
N CYS D 40 19.44 -11.65 -13.46
CA CYS D 40 18.31 -11.96 -12.59
C CYS D 40 18.53 -13.29 -11.89
N ILE D 41 18.96 -14.31 -12.62
CA ILE D 41 19.22 -15.60 -12.00
C ILE D 41 20.32 -15.48 -10.96
N ALA D 42 21.48 -14.97 -11.37
CA ALA D 42 22.64 -14.95 -10.49
C ALA D 42 22.41 -14.10 -9.25
N VAL D 43 21.46 -13.16 -9.29
CA VAL D 43 21.20 -12.30 -8.14
C VAL D 43 20.08 -12.86 -7.28
N GLY D 44 18.93 -13.18 -7.87
CA GLY D 44 17.79 -13.64 -7.13
C GLY D 44 17.79 -15.11 -6.75
N LEU D 45 18.76 -15.89 -7.21
CA LEU D 45 18.84 -17.28 -6.78
C LEU D 45 19.41 -17.33 -5.36
N PRO D 46 20.59 -16.76 -5.11
CA PRO D 46 21.12 -16.80 -3.74
C PRO D 46 20.20 -16.16 -2.72
N LEU D 47 19.53 -15.07 -3.08
CA LEU D 47 18.55 -14.48 -2.18
C LEU D 47 17.42 -15.44 -1.89
N LEU D 48 16.92 -16.11 -2.94
CA LEU D 48 15.85 -17.08 -2.76
C LEU D 48 16.29 -18.20 -1.84
N LEU D 49 17.53 -18.68 -2.01
CA LEU D 49 18.03 -19.76 -1.16
C LEU D 49 18.18 -19.31 0.29
N ILE D 50 18.67 -18.09 0.49
CA ILE D 50 18.74 -17.54 1.85
C ILE D 50 17.36 -17.54 2.48
N SER D 51 16.37 -17.02 1.75
CA SER D 51 15.02 -16.93 2.30
C SER D 51 14.46 -18.32 2.60
N LEU D 52 14.69 -19.28 1.70
CA LEU D 52 14.18 -20.62 1.88
C LEU D 52 14.81 -21.29 3.10
N ALA D 53 16.13 -21.15 3.27
CA ALA D 53 16.83 -21.87 4.32
C ALA D 53 16.31 -21.53 5.72
N PHE D 54 15.76 -20.34 5.91
CA PHE D 54 15.25 -19.90 7.20
C PHE D 54 13.74 -19.72 7.16
N ALA D 55 13.07 -20.43 6.27
CA ALA D 55 11.62 -20.36 6.18
C ALA D 55 10.99 -20.89 7.46
N GLN D 56 9.80 -20.37 7.77
CA GLN D 56 9.14 -20.75 9.02
C GLN D 56 8.83 -22.23 9.09
N GLU D 57 8.79 -22.93 7.94
CA GLU D 57 8.45 -24.33 7.91
C GLU D 57 9.68 -25.23 7.95
N ILE D 58 10.65 -24.98 7.07
CA ILE D 58 11.86 -25.79 7.05
C ILE D 58 12.68 -25.59 8.32
N SER D 59 12.56 -24.43 8.96
CA SER D 59 13.38 -24.09 10.11
C SER D 59 12.75 -24.66 11.37
N ILE D 60 13.49 -25.51 12.08
CA ILE D 60 13.00 -26.07 13.33
C ILE D 60 12.90 -25.00 14.40
N GLY D 61 13.85 -24.08 14.42
CA GLY D 61 13.91 -23.07 15.45
C GLY D 61 15.25 -22.36 15.49
N THR D 62 15.87 -22.29 16.67
CA THR D 62 17.16 -21.65 16.80
C THR D 62 18.17 -22.27 15.84
N GLN D 63 19.25 -21.54 15.59
CA GLN D 63 20.26 -21.95 14.65
C GLN D 63 21.34 -22.82 15.27
N ILE D 64 21.27 -23.11 16.57
CA ILE D 64 22.29 -23.90 17.24
C ILE D 64 21.73 -24.38 18.57
N SER D 65 22.12 -25.60 18.94
CA SER D 65 21.75 -26.18 20.23
C SER D 65 22.93 -26.97 20.75
N CYS D 66 23.23 -26.83 22.05
CA CYS D 66 24.46 -27.36 22.62
C CYS D 66 24.25 -28.49 23.62
N PHE D 67 23.01 -28.79 24.01
CA PHE D 67 22.73 -29.91 24.91
C PHE D 67 23.47 -29.76 26.23
N SER D 68 23.09 -28.71 26.96
CA SER D 68 23.62 -28.52 28.29
C SER D 68 23.06 -29.59 29.23
N PRO D 69 23.76 -29.89 30.33
CA PRO D 69 23.28 -30.91 31.25
C PRO D 69 21.86 -30.64 31.73
N SER D 70 21.23 -31.67 32.28
CA SER D 70 19.87 -31.53 32.78
C SER D 70 19.80 -30.54 33.92
N SER D 71 20.84 -30.48 34.75
CA SER D 71 20.83 -29.57 35.89
C SER D 71 20.76 -28.12 35.45
N PHE D 72 21.23 -27.81 34.24
CA PHE D 72 21.23 -26.44 33.75
C PHE D 72 19.80 -25.94 33.55
N SER D 73 19.57 -24.68 33.89
CA SER D 73 18.28 -24.05 33.65
C SER D 73 18.15 -23.73 32.15
N TRP D 74 16.96 -23.33 31.74
CA TRP D 74 16.76 -22.96 30.35
C TRP D 74 17.57 -21.73 29.99
N ARG D 75 17.70 -20.78 30.92
CA ARG D 75 18.55 -19.62 30.69
C ARG D 75 20.02 -19.97 30.61
N GLN D 76 20.51 -20.89 31.44
CA GLN D 76 21.89 -21.36 31.30
C GLN D 76 22.09 -22.05 29.96
N ALA D 77 21.10 -22.84 29.52
CA ALA D 77 21.19 -23.48 28.21
C ALA D 77 21.25 -22.45 27.10
N ALA D 78 20.43 -21.40 27.20
CA ALA D 78 20.47 -20.33 26.21
C ALA D 78 21.84 -19.64 26.23
N PHE D 79 22.38 -19.41 27.41
CA PHE D 79 23.71 -18.83 27.51
C PHE D 79 24.73 -19.69 26.80
N VAL D 80 24.71 -21.00 27.04
CA VAL D 80 25.69 -21.88 26.42
C VAL D 80 25.53 -21.86 24.91
N ASP D 81 24.29 -21.98 24.43
CA ASP D 81 24.05 -22.01 22.99
C ASP D 81 24.55 -20.73 22.33
N SER D 82 24.18 -19.58 22.88
CA SER D 82 24.56 -18.31 22.27
C SER D 82 26.05 -18.04 22.41
N TYR D 83 26.64 -18.44 23.54
CA TYR D 83 28.08 -18.29 23.71
C TYR D 83 28.83 -19.07 22.65
N CYS D 84 28.42 -20.31 22.42
CA CYS D 84 29.08 -21.11 21.38
C CYS D 84 28.84 -20.52 20.01
N TRP D 85 27.62 -20.02 19.76
CA TRP D 85 27.33 -19.35 18.51
C TRP D 85 28.30 -18.21 18.25
N ALA D 86 28.54 -17.37 19.26
CA ALA D 86 29.47 -16.26 19.13
C ALA D 86 30.93 -16.70 19.16
N ALA D 87 31.21 -17.88 19.72
CA ALA D 87 32.56 -18.38 19.89
C ALA D 87 33.03 -19.25 18.75
N VAL D 88 32.16 -19.56 17.79
CA VAL D 88 32.62 -20.23 16.58
C VAL D 88 33.82 -19.49 16.01
N GLN D 89 33.80 -18.15 16.10
CA GLN D 89 34.93 -17.36 15.61
C GLN D 89 36.12 -17.45 16.56
N GLN D 90 35.86 -17.41 17.87
CA GLN D 90 36.93 -17.53 18.87
C GLN D 90 37.49 -18.94 18.81
N LYS D 91 38.72 -19.06 18.31
CA LYS D 91 39.28 -20.38 18.01
C LYS D 91 39.51 -21.20 19.27
N ASN D 92 40.05 -20.57 20.32
CA ASN D 92 40.40 -21.31 21.52
C ASN D 92 39.16 -21.90 22.19
N SER D 93 38.02 -21.22 22.05
CA SER D 93 36.82 -21.67 22.75
C SER D 93 36.38 -23.05 22.28
N LEU D 94 36.42 -23.30 20.98
CA LEU D 94 35.93 -24.55 20.41
C LEU D 94 37.08 -25.38 19.86
N GLN D 95 36.87 -26.70 19.82
CA GLN D 95 37.81 -27.65 19.25
C GLN D 95 37.01 -28.65 18.40
N SER D 96 37.05 -28.46 17.09
CA SER D 96 36.33 -29.31 16.14
C SER D 96 37.31 -29.97 15.19
N GLU D 97 36.99 -31.20 14.78
CA GLU D 97 37.87 -31.94 13.88
C GLU D 97 38.01 -31.22 12.54
N SER D 98 36.90 -30.72 12.00
CA SER D 98 36.93 -30.04 10.70
C SER D 98 37.62 -28.69 10.76
N GLY D 99 37.88 -28.16 11.95
CA GLY D 99 38.51 -26.87 12.12
C GLY D 99 37.53 -25.79 12.52
N ASN D 100 37.87 -24.56 12.15
CA ASN D 100 37.05 -23.41 12.46
C ASN D 100 36.48 -22.73 11.22
N LEU D 101 37.14 -22.85 10.07
CA LEU D 101 36.57 -22.32 8.84
C LEU D 101 35.22 -22.95 8.51
N PRO D 102 35.01 -24.25 8.67
CA PRO D 102 33.66 -24.79 8.45
C PRO D 102 32.61 -24.13 9.33
N LEU D 103 32.94 -23.84 10.58
CA LEU D 103 31.98 -23.18 11.47
C LEU D 103 31.74 -21.74 11.04
N TRP D 104 32.80 -21.01 10.69
CA TRP D 104 32.64 -19.68 10.13
C TRP D 104 31.67 -19.71 8.95
N LEU D 105 31.90 -20.63 8.02
CA LEU D 105 31.06 -20.71 6.81
C LEU D 105 29.63 -21.07 7.16
N HIS D 106 29.44 -22.02 8.08
CA HIS D 106 28.08 -22.41 8.44
C HIS D 106 27.34 -21.24 9.07
N LYS D 107 28.02 -20.44 9.88
CA LYS D 107 27.36 -19.31 10.53
C LYS D 107 27.09 -18.18 9.55
N PHE D 108 27.97 -17.96 8.58
CA PHE D 108 27.90 -16.78 7.73
C PHE D 108 27.51 -17.10 6.29
N PHE D 109 26.97 -18.29 6.03
CA PHE D 109 26.53 -18.65 4.68
C PHE D 109 25.55 -17.65 4.08
N PRO D 110 24.52 -17.19 4.80
CA PRO D 110 23.64 -16.16 4.21
C PRO D 110 24.40 -14.91 3.82
N TYR D 111 25.36 -14.49 4.63
CA TYR D 111 26.16 -13.31 4.30
C TYR D 111 26.95 -13.54 3.03
N ILE D 112 27.52 -14.73 2.85
CA ILE D 112 28.33 -15.00 1.66
C ILE D 112 27.44 -15.05 0.42
N LEU D 113 26.27 -15.66 0.53
CA LEU D 113 25.34 -15.65 -0.61
C LEU D 113 24.93 -14.23 -0.97
N LEU D 114 24.64 -13.41 0.04
CA LEU D 114 24.28 -12.02 -0.23
C LEU D 114 25.45 -11.27 -0.86
N LEU D 115 26.67 -11.54 -0.42
CA LEU D 115 27.84 -10.92 -1.00
C LEU D 115 27.97 -11.29 -2.47
N PHE D 116 27.78 -12.58 -2.80
CA PHE D 116 27.83 -12.99 -4.19
C PHE D 116 26.76 -12.31 -5.01
N ALA D 117 25.54 -12.21 -4.46
CA ALA D 117 24.46 -11.54 -5.17
C ALA D 117 24.81 -10.08 -5.45
N ILE D 118 25.34 -9.39 -4.45
CA ILE D 118 25.70 -7.98 -4.60
C ILE D 118 26.81 -7.82 -5.63
N LEU D 119 27.82 -8.68 -5.57
CA LEU D 119 28.94 -8.58 -6.50
C LEU D 119 28.50 -8.90 -7.92
N LEU D 120 27.50 -9.76 -8.09
CA LEU D 120 26.98 -10.04 -9.42
C LEU D 120 26.06 -8.92 -9.93
N TYR D 121 25.36 -8.24 -9.01
CA TYR D 121 24.52 -7.11 -9.39
C TYR D 121 25.32 -5.85 -9.65
N LEU D 122 26.55 -5.78 -9.12
CA LEU D 122 27.35 -4.57 -9.30
C LEU D 122 27.67 -4.27 -10.76
N PRO D 123 28.14 -5.21 -11.57
CA PRO D 123 28.50 -4.88 -12.96
C PRO D 123 27.29 -4.43 -13.76
N PRO D 124 26.14 -5.10 -13.61
CA PRO D 124 24.93 -4.58 -14.27
C PRO D 124 24.60 -3.16 -13.87
N LEU D 125 24.76 -2.82 -12.59
CA LEU D 125 24.46 -1.47 -12.14
C LEU D 125 25.45 -0.47 -12.72
N PHE D 126 26.72 -0.83 -12.78
CA PHE D 126 27.71 0.02 -13.41
C PHE D 126 27.36 0.26 -14.87
N TRP D 127 26.99 -0.81 -15.58
CA TRP D 127 26.52 -0.65 -16.95
C TRP D 127 25.37 0.33 -17.03
N ARG D 128 24.33 0.10 -16.22
CA ARG D 128 23.15 0.96 -16.23
C ARG D 128 23.49 2.42 -15.98
N PHE D 129 24.39 2.71 -15.05
CA PHE D 129 24.65 4.10 -14.65
C PHE D 129 25.83 4.73 -15.38
N ALA D 130 26.53 3.99 -16.24
CA ALA D 130 27.65 4.55 -16.99
C ALA D 130 27.40 4.50 -18.50
N ALA D 131 27.07 3.34 -19.05
CA ALA D 131 27.03 3.14 -20.48
C ALA D 131 25.61 3.08 -21.05
N ALA D 132 24.60 3.02 -20.20
CA ALA D 132 23.23 2.86 -20.68
C ALA D 132 22.68 4.17 -21.25
N PRO D 133 22.89 5.32 -20.58
CA PRO D 133 22.37 6.57 -21.16
C PRO D 133 22.93 6.88 -22.54
N HIS D 134 24.24 6.67 -22.73
CA HIS D 134 24.87 6.98 -24.02
C HIS D 134 24.32 6.09 -25.12
N ILE D 135 24.28 4.78 -24.88
CA ILE D 135 23.77 3.87 -25.90
C ILE D 135 22.29 4.14 -26.15
N CYS D 136 21.54 4.49 -25.11
CA CYS D 136 20.12 4.78 -25.29
C CYS D 136 19.92 6.00 -26.18
N SER D 137 20.68 7.07 -25.92
CA SER D 137 20.57 8.26 -26.75
C SER D 137 20.95 7.96 -28.19
N ASP D 138 22.05 7.23 -28.39
CA ASP D 138 22.49 6.91 -29.74
C ASP D 138 21.46 6.06 -30.46
N LEU D 139 20.85 5.09 -29.76
CA LEU D 139 19.87 4.22 -30.38
C LEU D 139 18.58 4.98 -30.69
N LYS D 140 18.20 5.93 -29.83
CA LYS D 140 17.05 6.77 -30.15
C LYS D 140 17.32 7.62 -31.37
N PHE D 141 18.53 8.16 -31.49
CA PHE D 141 18.89 8.88 -32.71
C PHE D 141 18.79 7.99 -33.93
N ILE D 142 19.30 6.76 -33.83
CA ILE D 142 19.27 5.84 -34.96
C ILE D 142 17.83 5.53 -35.35
N MET D 143 16.97 5.26 -34.36
CA MET D 143 15.57 4.97 -34.64
C MET D 143 14.90 6.17 -35.30
N GLU D 144 15.15 7.38 -34.79
CA GLU D 144 14.55 8.56 -35.40
C GLU D 144 15.01 8.72 -36.84
N GLU D 145 16.31 8.50 -37.09
CA GLU D 145 16.82 8.63 -38.45
C GLU D 145 16.18 7.60 -39.37
N LEU D 146 16.05 6.36 -38.90
CA LEU D 146 15.43 5.32 -39.72
C LEU D 146 13.97 5.66 -40.03
N ASP D 147 13.23 6.12 -39.03
CA ASP D 147 11.84 6.49 -39.27
C ASP D 147 11.73 7.65 -40.26
N LYS D 148 12.60 8.65 -40.10
CA LYS D 148 12.57 9.80 -41.01
C LYS D 148 12.89 9.37 -42.44
N VAL D 149 13.91 8.52 -42.62
CA VAL D 149 14.28 8.12 -43.98
C VAL D 149 13.18 7.25 -44.60
N TYR D 150 12.56 6.40 -43.79
CA TYR D 150 11.43 5.60 -44.31
C TYR D 150 10.29 6.51 -44.74
N ASN D 151 9.97 7.52 -43.92
CA ASN D 151 8.91 8.45 -44.28
C ASN D 151 9.25 9.20 -45.57
N ARG D 152 10.49 9.66 -45.69
CA ARG D 152 10.89 10.36 -46.91
C ARG D 152 10.80 9.45 -48.13
N ALA D 153 11.22 8.19 -47.98
CA ALA D 153 11.17 7.26 -49.10
C ALA D 153 9.73 7.01 -49.54
N ILE D 154 8.82 6.79 -48.58
CA ILE D 154 7.43 6.53 -48.96
C ILE D 154 6.81 7.78 -49.57
N LYS D 155 7.16 8.96 -49.05
CA LYS D 155 6.65 10.19 -49.64
C LYS D 155 7.14 10.36 -51.08
N ALA D 156 8.42 10.06 -51.32
CA ALA D 156 8.96 10.16 -52.68
C ALA D 156 8.27 9.16 -53.60
N ALA D 157 8.04 7.94 -53.12
CA ALA D 157 7.33 6.95 -53.93
C ALA D 157 5.92 7.41 -54.27
N LYS D 158 5.22 7.96 -53.28
CA LYS D 158 3.87 8.47 -53.54
C LYS D 158 3.88 9.61 -54.54
N SER D 159 4.85 10.53 -54.42
CA SER D 159 4.95 11.63 -55.36
C SER D 159 5.23 11.12 -56.77
N ALA D 160 6.13 10.15 -56.90
CA ALA D 160 6.42 9.57 -58.22
C ALA D 160 5.18 8.90 -58.80
N ARG D 161 4.45 8.15 -57.99
CA ARG D 161 3.25 7.48 -58.48
C ARG D 161 2.20 8.49 -58.92
N ASP D 162 2.00 9.55 -58.14
CA ASP D 162 1.01 10.57 -58.47
C ASP D 162 1.57 11.55 -59.50
N PHE D 191 19.13 17.09 -49.55
CA PHE D 191 20.08 16.44 -48.66
C PHE D 191 20.35 15.01 -49.11
N LYS D 192 19.48 14.09 -48.73
CA LYS D 192 19.61 12.68 -49.09
C LYS D 192 20.99 12.14 -48.69
N TYR D 193 21.45 12.55 -47.50
CA TYR D 193 22.75 12.11 -47.00
C TYR D 193 22.60 10.92 -46.06
N PRO D 194 23.49 9.93 -46.14
CA PRO D 194 23.38 8.76 -45.23
C PRO D 194 23.95 9.07 -43.84
N ILE D 195 23.23 9.90 -43.09
CA ILE D 195 23.70 10.34 -41.79
C ILE D 195 23.82 9.16 -40.84
N VAL D 196 22.81 8.29 -40.82
CA VAL D 196 22.81 7.17 -39.88
C VAL D 196 23.92 6.19 -40.22
N GLU D 197 24.12 5.92 -41.52
CA GLU D 197 25.20 5.01 -41.92
C GLU D 197 26.56 5.59 -41.57
N GLN D 198 26.74 6.91 -41.76
CA GLN D 198 27.99 7.53 -41.37
C GLN D 198 28.21 7.45 -39.87
N TYR D 199 27.13 7.63 -39.09
CA TYR D 199 27.26 7.52 -37.64
C TYR D 199 27.66 6.11 -37.23
N LEU D 200 27.05 5.10 -37.85
CA LEU D 200 27.44 3.72 -37.56
C LEU D 200 28.89 3.46 -37.95
N LYS D 201 29.31 3.96 -39.12
CA LYS D 201 30.69 3.78 -39.54
C LYS D 201 31.65 4.41 -38.55
N THR D 202 31.33 5.61 -38.06
CA THR D 202 32.16 6.24 -37.04
C THR D 202 32.19 5.40 -35.77
N LYS D 203 31.04 4.86 -35.38
CA LYS D 203 30.98 4.00 -34.20
C LYS D 203 31.83 2.75 -34.39
N LYS D 204 32.05 2.34 -35.64
CA LYS D 204 32.86 1.16 -35.91
C LYS D 204 34.25 1.27 -35.29
N ASN D 205 34.80 2.48 -35.23
CA ASN D 205 36.15 2.66 -34.70
C ASN D 205 36.14 2.65 -33.17
N SER D 206 35.32 3.52 -32.56
CA SER D 206 35.29 3.62 -31.11
C SER D 206 34.87 2.29 -30.50
N ASN D 207 35.50 1.95 -29.36
CA ASN D 207 35.27 0.65 -28.74
C ASN D 207 35.14 0.75 -27.22
N ASN D 208 34.96 1.94 -26.67
CA ASN D 208 34.83 2.06 -25.22
C ASN D 208 33.60 1.31 -24.70
N LEU D 209 32.49 1.40 -25.43
CA LEU D 209 31.27 0.73 -25.00
C LEU D 209 31.45 -0.78 -24.99
N ILE D 210 32.02 -1.34 -26.05
CA ILE D 210 32.22 -2.78 -26.10
C ILE D 210 33.22 -3.22 -25.04
N ILE D 211 34.25 -2.40 -24.79
CA ILE D 211 35.22 -2.74 -23.76
C ILE D 211 34.54 -2.79 -22.40
N LYS D 212 33.68 -1.81 -22.10
CA LYS D 212 32.96 -1.82 -20.83
C LYS D 212 32.05 -3.04 -20.73
N TYR D 213 31.34 -3.36 -21.81
CA TYR D 213 30.45 -4.52 -21.80
C TYR D 213 31.24 -5.80 -21.54
N ILE D 214 32.36 -5.98 -22.23
CA ILE D 214 33.18 -7.17 -22.07
C ILE D 214 33.75 -7.25 -20.67
N SER D 215 34.20 -6.11 -20.12
CA SER D 215 34.74 -6.11 -18.77
C SER D 215 33.67 -6.50 -17.75
N CYS D 216 32.46 -5.97 -17.90
CA CYS D 216 31.38 -6.33 -16.99
C CYS D 216 31.05 -7.81 -17.09
N ARG D 217 30.96 -8.34 -18.31
CA ARG D 217 30.66 -9.76 -18.48
C ARG D 217 31.77 -10.62 -17.88
N LEU D 218 33.03 -10.22 -18.09
CA LEU D 218 34.15 -11.01 -17.56
C LEU D 218 34.16 -10.98 -16.04
N LEU D 219 33.87 -9.82 -15.44
CA LEU D 219 33.80 -9.76 -13.98
C LEU D 219 32.65 -10.62 -13.45
N THR D 220 31.51 -10.60 -14.15
CA THR D 220 30.42 -11.46 -13.74
C THR D 220 30.82 -12.93 -13.81
N LEU D 221 31.51 -13.31 -14.87
CA LEU D 221 31.97 -14.69 -15.01
C LEU D 221 32.94 -15.06 -13.90
N ILE D 222 33.87 -14.16 -13.57
CA ILE D 222 34.83 -14.43 -12.52
C ILE D 222 34.13 -14.60 -11.18
N ILE D 223 33.16 -13.71 -10.89
CA ILE D 223 32.41 -13.83 -9.64
C ILE D 223 31.64 -15.14 -9.60
N ILE D 224 31.06 -15.53 -10.73
CA ILE D 224 30.30 -16.78 -10.77
C ILE D 224 31.23 -17.97 -10.52
N LEU D 225 32.42 -17.96 -11.13
CA LEU D 225 33.35 -19.06 -10.91
C LEU D 225 33.81 -19.11 -9.46
N LEU D 226 34.10 -17.96 -8.86
CA LEU D 226 34.49 -17.93 -7.45
C LEU D 226 33.36 -18.46 -6.57
N ALA D 227 32.12 -18.08 -6.88
CA ALA D 227 30.98 -18.60 -6.14
C ALA D 227 30.86 -20.10 -6.30
N CYS D 228 31.10 -20.61 -7.51
CA CYS D 228 31.06 -22.05 -7.72
C CYS D 228 32.13 -22.75 -6.88
N ILE D 229 33.34 -22.19 -6.84
CA ILE D 229 34.40 -22.79 -6.04
C ILE D 229 33.98 -22.82 -4.56
N TYR D 230 33.46 -21.70 -4.07
CA TYR D 230 33.07 -21.65 -2.66
C TYR D 230 31.94 -22.63 -2.36
N LEU D 231 30.95 -22.70 -3.23
CA LEU D 231 29.82 -23.59 -3.00
C LEU D 231 30.25 -25.05 -3.06
N GLY D 232 31.17 -25.38 -3.98
CA GLY D 232 31.70 -26.74 -4.01
C GLY D 232 32.45 -27.08 -2.75
N TYR D 233 33.26 -26.15 -2.25
CA TYR D 233 33.96 -26.38 -0.99
C TYR D 233 32.96 -26.57 0.16
N TYR D 234 31.90 -25.77 0.18
CA TYR D 234 30.91 -25.87 1.24
C TYR D 234 30.17 -27.21 1.18
N PHE D 235 29.82 -27.65 -0.03
CA PHE D 235 29.09 -28.90 -0.20
C PHE D 235 29.97 -30.13 -0.07
N SER D 236 31.29 -29.98 -0.19
CA SER D 236 32.19 -31.11 -0.05
C SER D 236 32.53 -31.43 1.40
N LEU D 237 32.04 -30.64 2.34
CA LEU D 237 32.33 -30.89 3.75
C LEU D 237 31.73 -32.21 4.20
N SER D 238 32.26 -32.75 5.29
CA SER D 238 31.87 -34.07 5.77
C SER D 238 30.44 -34.13 6.26
N SER D 239 29.77 -32.99 6.44
CA SER D 239 28.43 -32.85 6.99
C SER D 239 28.42 -33.05 8.50
N LEU D 240 29.54 -33.43 9.11
CA LEU D 240 29.67 -33.50 10.56
C LEU D 240 30.46 -32.32 11.11
N SER D 241 30.95 -31.43 10.25
CA SER D 241 31.66 -30.25 10.71
C SER D 241 30.73 -29.28 11.42
N ASP D 242 29.43 -29.35 11.17
CA ASP D 242 28.47 -28.54 11.92
C ASP D 242 28.54 -28.82 13.41
N GLU D 243 28.88 -30.05 13.80
CA GLU D 243 29.04 -30.40 15.20
C GLU D 243 30.44 -30.00 15.66
N PHE D 244 30.50 -29.14 16.67
CA PHE D 244 31.77 -28.70 17.25
C PHE D 244 31.67 -28.74 18.77
N VAL D 245 32.82 -28.92 19.40
CA VAL D 245 32.91 -28.96 20.85
C VAL D 245 33.12 -27.53 21.35
N CYS D 246 32.34 -27.14 22.35
CA CYS D 246 32.32 -25.77 22.86
C CYS D 246 32.67 -25.76 24.33
N SER D 247 33.45 -24.76 24.76
CA SER D 247 33.97 -24.69 26.11
C SER D 247 33.71 -23.29 26.68
N ILE D 248 32.76 -23.20 27.60
CA ILE D 248 32.56 -21.94 28.35
C ILE D 248 33.44 -22.05 29.59
N LYS D 249 34.72 -21.74 29.41
CA LYS D 249 35.70 -21.88 30.48
C LYS D 249 36.72 -20.74 30.46
N SER D 250 36.30 -19.56 30.01
CA SER D 250 37.15 -18.39 29.99
C SER D 250 36.59 -17.34 30.94
N GLY D 251 37.44 -16.86 31.84
CA GLY D 251 37.04 -15.88 32.83
C GLY D 251 36.85 -16.51 34.19
N ILE D 252 35.81 -16.11 34.91
CA ILE D 252 35.55 -16.66 36.24
C ILE D 252 35.08 -18.10 36.16
N LEU D 253 34.56 -18.54 35.01
CA LEU D 253 34.08 -19.90 34.84
C LEU D 253 35.19 -20.86 34.45
N ARG D 254 36.43 -20.38 34.31
CA ARG D 254 37.52 -21.25 33.87
C ARG D 254 37.74 -22.39 34.85
N ASN D 255 37.75 -22.09 36.15
CA ASN D 255 38.02 -23.07 37.19
C ASN D 255 36.76 -23.57 37.88
N ASP D 256 35.59 -23.18 37.39
CA ASP D 256 34.34 -23.64 37.98
C ASP D 256 34.17 -25.14 37.75
N SER D 257 33.60 -25.81 38.75
CA SER D 257 33.49 -27.26 38.77
C SER D 257 32.15 -27.77 38.26
N THR D 258 31.04 -27.15 38.68
CA THR D 258 29.72 -27.65 38.30
C THR D 258 29.53 -27.62 36.78
N VAL D 259 30.18 -26.70 36.10
CA VAL D 259 30.04 -26.59 34.64
C VAL D 259 30.93 -27.65 33.99
N PRO D 260 30.40 -28.45 33.06
CA PRO D 260 31.24 -29.43 32.38
C PRO D 260 32.32 -28.77 31.54
N ASP D 261 33.43 -29.49 31.37
CA ASP D 261 34.57 -28.92 30.67
C ASP D 261 34.22 -28.53 29.24
N GLN D 262 33.21 -29.16 28.65
CA GLN D 262 32.87 -28.87 27.26
C GLN D 262 31.44 -29.36 26.99
N PHE D 263 30.93 -28.95 25.83
CA PHE D 263 29.56 -29.21 25.42
C PHE D 263 29.56 -29.71 23.99
N GLN D 264 28.45 -30.34 23.61
CA GLN D 264 28.26 -30.86 22.26
C GLN D 264 27.27 -29.95 21.54
N CYS D 265 27.78 -29.10 20.67
CA CYS D 265 26.97 -28.16 19.91
C CYS D 265 26.88 -28.59 18.45
N LYS D 266 25.74 -28.32 17.84
CA LYS D 266 25.51 -28.63 16.44
C LYS D 266 24.94 -27.39 15.76
N LEU D 267 25.49 -27.03 14.61
CA LEU D 267 25.01 -25.91 13.82
C LEU D 267 23.88 -26.39 12.94
N ILE D 268 22.68 -25.88 13.21
CA ILE D 268 21.49 -26.34 12.49
C ILE D 268 21.39 -25.62 11.15
N ALA D 269 20.68 -26.26 10.22
CA ALA D 269 20.48 -25.77 8.86
C ALA D 269 21.74 -25.87 8.01
N VAL D 270 22.78 -26.55 8.50
CA VAL D 270 23.99 -26.72 7.69
C VAL D 270 23.71 -27.64 6.52
N GLY D 271 22.93 -28.70 6.73
CA GLY D 271 22.56 -29.56 5.63
C GLY D 271 21.73 -28.83 4.59
N ILE D 272 20.80 -27.98 5.04
CA ILE D 272 19.99 -27.19 4.12
C ILE D 272 20.87 -26.22 3.35
N PHE D 273 21.84 -25.60 4.04
CA PHE D 273 22.79 -24.73 3.36
C PHE D 273 23.55 -25.51 2.29
N GLN D 274 23.98 -26.73 2.60
CA GLN D 274 24.72 -27.53 1.63
C GLN D 274 23.85 -27.87 0.42
N LEU D 275 22.60 -28.25 0.67
CA LEU D 275 21.67 -28.56 -0.43
C LEU D 275 21.48 -27.34 -1.32
N LEU D 276 21.18 -26.19 -0.71
CA LEU D 276 20.98 -24.98 -1.49
C LEU D 276 22.26 -24.55 -2.20
N SER D 277 23.42 -24.79 -1.59
CA SER D 277 24.68 -24.43 -2.21
C SER D 277 24.96 -25.28 -3.43
N VAL D 278 24.68 -26.58 -3.35
CA VAL D 278 24.87 -27.41 -4.54
C VAL D 278 23.87 -27.03 -5.62
N ILE D 279 22.65 -26.66 -5.25
CA ILE D 279 21.68 -26.19 -6.24
C ILE D 279 22.21 -24.95 -6.94
N ASN D 280 22.70 -23.98 -6.16
CA ASN D 280 23.25 -22.76 -6.74
C ASN D 280 24.46 -23.06 -7.60
N LEU D 281 25.29 -24.03 -7.18
CA LEU D 281 26.43 -24.42 -7.97
C LEU D 281 26.01 -24.98 -9.32
N VAL D 282 24.98 -25.83 -9.34
CA VAL D 282 24.47 -26.37 -10.60
C VAL D 282 23.98 -25.23 -11.48
N VAL D 283 23.21 -24.31 -10.91
CA VAL D 283 22.67 -23.21 -11.70
C VAL D 283 23.81 -22.37 -12.28
N TYR D 284 24.82 -22.07 -11.47
CA TYR D 284 25.90 -21.21 -11.92
C TYR D 284 26.76 -21.89 -12.98
N VAL D 285 27.01 -23.20 -12.83
CA VAL D 285 27.79 -23.88 -13.86
C VAL D 285 27.00 -23.96 -15.16
N LEU D 286 25.67 -24.13 -15.08
CA LEU D 286 24.88 -24.06 -16.30
C LEU D 286 24.89 -22.66 -16.89
N LEU D 287 24.96 -21.64 -16.05
CA LEU D 287 24.88 -20.25 -16.52
C LEU D 287 26.19 -19.76 -17.13
N ALA D 288 27.33 -20.23 -16.63
CA ALA D 288 28.61 -19.72 -17.10
C ALA D 288 28.79 -19.86 -18.61
N PRO D 289 28.41 -20.97 -19.24
CA PRO D 289 28.48 -21.01 -20.71
C PRO D 289 27.69 -19.89 -21.37
N VAL D 290 26.54 -19.52 -20.80
CA VAL D 290 25.80 -18.38 -21.32
C VAL D 290 26.63 -17.12 -21.21
N VAL D 291 27.38 -16.98 -20.11
CA VAL D 291 28.20 -15.79 -19.91
C VAL D 291 29.31 -15.73 -20.94
N VAL D 292 29.98 -16.85 -21.22
CA VAL D 292 31.05 -16.82 -22.20
C VAL D 292 30.49 -16.58 -23.60
N TYR D 293 29.30 -17.12 -23.88
CA TYR D 293 28.65 -16.84 -25.15
C TYR D 293 28.35 -15.35 -25.31
N THR D 294 27.83 -14.72 -24.24
CA THR D 294 27.58 -13.28 -24.28
C THR D 294 28.90 -12.52 -24.45
N LEU D 295 29.97 -13.00 -23.83
CA LEU D 295 31.27 -12.37 -23.99
C LEU D 295 31.72 -12.40 -25.44
N PHE D 296 31.55 -13.54 -26.11
CA PHE D 296 31.85 -13.66 -27.54
C PHE D 296 30.75 -12.96 -28.34
N VAL D 297 30.87 -11.63 -28.42
CA VAL D 297 29.82 -10.83 -29.06
C VAL D 297 29.86 -10.93 -30.58
N PRO D 298 31.00 -10.92 -31.26
CA PRO D 298 30.94 -10.90 -32.74
C PRO D 298 30.20 -12.07 -33.32
N PHE D 299 30.35 -13.26 -32.72
CA PHE D 299 29.59 -14.41 -33.21
C PHE D 299 28.09 -14.19 -33.03
N ARG D 300 27.70 -13.54 -31.92
CA ARG D 300 26.31 -13.17 -31.75
C ARG D 300 25.87 -12.17 -32.82
N GLN D 301 26.79 -11.35 -33.31
CA GLN D 301 26.45 -10.34 -34.30
C GLN D 301 26.13 -11.00 -35.63
N LYS D 302 24.85 -11.29 -35.86
CA LYS D 302 24.40 -11.93 -37.09
C LYS D 302 22.96 -11.54 -37.34
N THR D 303 22.40 -12.02 -38.45
CA THR D 303 21.04 -11.68 -38.86
C THR D 303 20.90 -10.16 -38.98
N ASP D 304 21.64 -9.61 -39.95
CA ASP D 304 21.75 -8.16 -40.10
C ASP D 304 20.38 -7.49 -40.04
N VAL D 305 20.18 -6.66 -39.01
CA VAL D 305 18.94 -5.93 -38.88
C VAL D 305 18.83 -4.88 -39.98
N LEU D 306 19.96 -4.26 -40.34
CA LEU D 306 19.95 -3.20 -41.35
C LEU D 306 19.83 -3.73 -42.78
N LYS D 307 20.00 -5.03 -42.98
CA LYS D 307 19.86 -5.59 -44.32
C LYS D 307 18.46 -5.36 -44.87
N VAL D 308 17.47 -5.24 -43.99
CA VAL D 308 16.09 -5.02 -44.44
C VAL D 308 15.93 -3.64 -45.06
N TYR D 309 16.61 -2.63 -44.50
CA TYR D 309 16.48 -1.26 -44.99
C TYR D 309 17.19 -1.01 -46.31
N GLU D 310 17.98 -1.98 -46.80
CA GLU D 310 18.80 -1.76 -47.98
C GLU D 310 17.99 -1.62 -49.26
N ILE D 311 16.68 -1.93 -49.23
CA ILE D 311 15.85 -1.82 -50.42
C ILE D 311 15.27 -0.42 -50.60
N LEU D 312 15.36 0.43 -49.59
CA LEU D 312 14.80 1.77 -49.71
C LEU D 312 15.65 2.62 -50.64
N PRO D 313 15.05 3.30 -51.63
CA PRO D 313 15.86 4.17 -52.49
C PRO D 313 16.61 5.25 -51.73
N THR D 314 16.03 5.79 -50.66
CA THR D 314 16.66 6.86 -49.90
C THR D 314 17.75 6.37 -48.95
N PHE D 315 17.90 5.05 -48.80
CA PHE D 315 18.90 4.47 -47.91
C PHE D 315 19.98 3.79 -48.73
N ASP D 316 21.23 4.13 -48.45
CA ASP D 316 22.35 3.55 -49.19
C ASP D 316 22.42 2.05 -48.95
N VAL D 317 22.79 1.31 -50.00
CA VAL D 317 22.86 -0.15 -49.92
C VAL D 317 24.25 -0.50 -49.42
N LEU D 318 24.41 -0.49 -48.10
CA LEU D 318 25.67 -0.88 -47.48
C LEU D 318 25.42 -1.14 -46.01
N HIS D 319 25.60 -2.38 -45.57
CA HIS D 319 25.50 -2.71 -44.15
C HIS D 319 26.79 -2.37 -43.42
N PHE D 320 27.90 -3.01 -43.82
CA PHE D 320 29.22 -2.72 -43.28
C PHE D 320 29.23 -2.78 -41.75
N LYS D 321 28.73 -3.89 -41.22
CA LYS D 321 28.72 -4.11 -39.77
C LYS D 321 28.85 -5.61 -39.52
N SER D 322 30.08 -6.05 -39.30
CA SER D 322 30.34 -7.45 -38.97
C SER D 322 31.84 -7.63 -38.75
N GLU D 323 32.19 -8.69 -38.02
CA GLU D 323 33.59 -9.09 -37.83
C GLU D 323 34.41 -7.95 -37.22
N GLY D 324 34.05 -7.57 -36.01
CA GLY D 324 34.77 -6.53 -35.30
C GLY D 324 34.51 -6.51 -33.80
N TYR D 325 35.58 -6.44 -33.01
CA TYR D 325 35.47 -6.25 -31.56
C TYR D 325 35.32 -4.76 -31.25
N ASN D 326 34.22 -4.19 -31.76
CA ASN D 326 33.95 -2.76 -31.66
C ASN D 326 32.52 -2.55 -31.21
N ASP D 327 32.20 -1.29 -30.88
CA ASP D 327 30.87 -0.95 -30.43
C ASP D 327 29.82 -1.15 -31.51
N LEU D 328 30.24 -1.28 -32.77
CA LEU D 328 29.27 -1.46 -33.84
C LEU D 328 28.51 -2.77 -33.69
N SER D 329 29.21 -3.85 -33.35
CA SER D 329 28.55 -5.14 -33.14
C SER D 329 27.58 -5.06 -31.96
N LEU D 330 27.98 -4.39 -30.88
CA LEU D 330 27.09 -4.24 -29.73
C LEU D 330 25.84 -3.45 -30.12
N TYR D 331 26.01 -2.40 -30.91
CA TYR D 331 24.86 -1.64 -31.38
C TYR D 331 23.97 -2.49 -32.27
N ASN D 332 24.56 -3.34 -33.09
CA ASN D 332 23.77 -4.24 -33.93
C ASN D 332 22.95 -5.19 -33.07
N LEU D 333 23.56 -5.73 -32.01
CA LEU D 333 22.82 -6.61 -31.10
C LEU D 333 21.68 -5.86 -30.42
N PHE D 334 21.96 -4.64 -29.96
CA PHE D 334 20.92 -3.86 -29.30
C PHE D 334 19.77 -3.55 -30.25
N LEU D 335 20.10 -3.25 -31.52
CA LEU D 335 19.04 -3.05 -32.51
C LEU D 335 18.23 -4.31 -32.69
N GLU D 336 18.90 -5.44 -32.92
CA GLU D 336 18.18 -6.70 -33.07
C GLU D 336 17.32 -7.01 -31.85
N GLU D 337 17.70 -6.49 -30.69
CA GLU D 337 16.94 -6.75 -29.47
C GLU D 337 15.72 -5.85 -29.35
N ASN D 338 15.88 -4.56 -29.64
CA ASN D 338 14.85 -3.56 -29.41
C ASN D 338 14.47 -2.78 -30.67
N ILE D 339 14.36 -3.47 -31.80
CA ILE D 339 13.92 -2.84 -33.04
C ILE D 339 12.50 -3.25 -33.43
N SER D 340 11.94 -4.29 -32.80
CA SER D 340 10.59 -4.72 -33.14
C SER D 340 9.56 -3.64 -32.87
N GLU D 341 9.88 -2.65 -32.05
CA GLU D 341 8.95 -1.58 -31.72
C GLU D 341 8.86 -0.52 -32.82
N VAL D 342 9.69 -0.62 -33.86
CA VAL D 342 9.72 0.38 -34.92
C VAL D 342 8.80 -0.08 -36.06
N LYS D 343 7.78 0.73 -36.35
CA LYS D 343 6.80 0.36 -37.37
C LYS D 343 7.45 0.29 -38.75
N SER D 344 8.37 1.21 -39.05
CA SER D 344 9.05 1.18 -40.34
C SER D 344 9.86 -0.10 -40.49
N TYR D 345 10.58 -0.50 -39.44
CA TYR D 345 11.33 -1.75 -39.50
C TYR D 345 10.41 -2.94 -39.68
N LYS D 346 9.28 -2.95 -38.96
CA LYS D 346 8.33 -4.04 -39.10
C LYS D 346 7.80 -4.12 -40.53
N CYS D 347 7.46 -2.98 -41.12
CA CYS D 347 6.96 -2.96 -42.49
C CYS D 347 8.02 -3.47 -43.45
N LEU D 348 9.26 -3.02 -43.29
CA LEU D 348 10.34 -3.48 -44.16
C LEU D 348 10.55 -4.98 -44.01
N LYS D 349 10.47 -5.49 -42.77
CA LYS D 349 10.66 -6.91 -42.54
C LYS D 349 9.58 -7.72 -43.23
N VAL D 350 8.32 -7.28 -43.14
CA VAL D 350 7.26 -8.02 -43.81
C VAL D 350 7.42 -7.92 -45.33
N LEU D 351 7.88 -6.76 -45.83
CA LEU D 351 8.11 -6.64 -47.26
C LEU D 351 9.16 -7.63 -47.72
N GLU D 352 10.27 -7.75 -46.98
CA GLU D 352 11.31 -8.69 -47.35
C GLU D 352 10.80 -10.14 -47.24
N ASN D 353 9.99 -10.41 -46.22
CA ASN D 353 9.42 -11.75 -46.08
C ASN D 353 8.57 -12.11 -47.29
N ILE D 354 7.73 -11.16 -47.74
CA ILE D 354 6.92 -11.40 -48.94
C ILE D 354 7.82 -11.54 -50.16
N LYS D 355 8.95 -10.82 -50.18
CA LYS D 355 9.88 -10.93 -51.30
C LYS D 355 10.46 -12.33 -51.43
N SER D 356 10.35 -13.16 -50.39
CA SER D 356 10.83 -14.53 -50.50
C SER D 356 10.15 -15.26 -51.64
N SER D 357 8.83 -15.08 -51.79
CA SER D 357 8.13 -15.67 -52.92
C SER D 357 8.46 -14.93 -54.20
N GLY D 358 8.60 -13.61 -54.14
CA GLY D 358 8.92 -12.81 -55.31
C GLY D 358 7.75 -12.53 -56.22
N GLN D 359 6.52 -12.78 -55.78
CA GLN D 359 5.37 -12.57 -56.65
C GLN D 359 5.21 -11.09 -57.02
N GLY D 360 5.38 -10.20 -56.05
CA GLY D 360 5.18 -8.79 -56.25
C GLY D 360 6.47 -8.02 -56.44
N ILE D 361 6.42 -6.73 -56.11
CA ILE D 361 7.56 -5.83 -56.24
C ILE D 361 7.73 -5.08 -54.93
N ASP D 362 8.98 -4.86 -54.53
CA ASP D 362 9.25 -4.17 -53.27
C ASP D 362 8.70 -2.75 -53.27
N PRO D 363 8.97 -1.90 -54.26
CA PRO D 363 8.39 -0.54 -54.23
C PRO D 363 6.88 -0.55 -54.29
N MET D 364 6.28 -1.46 -55.05
CA MET D 364 4.82 -1.54 -55.10
C MET D 364 4.24 -1.90 -53.74
N LEU D 365 4.86 -2.88 -53.06
CA LEU D 365 4.39 -3.25 -51.72
C LEU D 365 4.57 -2.09 -50.74
N LEU D 366 5.69 -1.37 -50.84
CA LEU D 366 5.91 -0.24 -49.95
C LEU D 366 4.86 0.84 -50.17
N LEU D 367 4.55 1.14 -51.43
CA LEU D 367 3.51 2.12 -51.72
C LEU D 367 2.16 1.66 -51.21
N THR D 368 1.83 0.38 -51.40
CA THR D 368 0.53 -0.13 -50.98
C THR D 368 0.39 -0.14 -49.46
N ASN D 369 1.49 -0.37 -48.74
CA ASN D 369 1.40 -0.50 -47.29
C ASN D 369 0.86 0.77 -46.65
N LEU D 370 1.36 1.93 -47.06
CA LEU D 370 0.96 3.22 -46.49
C LEU D 370 1.05 3.19 -44.97
N GLY D 371 2.27 2.94 -44.49
CA GLY D 371 2.52 2.79 -43.07
C GLY D 371 3.44 3.86 -42.52
N MET D 372 3.23 5.11 -42.92
CA MET D 372 4.08 6.20 -42.46
C MET D 372 4.04 6.31 -40.93
N ILE D 373 2.85 6.24 -40.35
CA ILE D 373 2.69 6.34 -38.91
C ILE D 373 1.29 5.93 -38.50
N ALA E 2 13.76 -10.00 6.24
CA ALA E 2 14.82 -10.99 6.11
C ALA E 2 16.04 -10.40 5.41
N ILE E 3 17.12 -11.19 5.33
CA ILE E 3 18.34 -10.72 4.69
C ILE E 3 18.04 -10.28 3.26
N ALA E 4 17.28 -11.09 2.52
CA ALA E 4 17.00 -10.77 1.13
C ALA E 4 16.16 -9.51 1.01
N GLN E 5 15.20 -9.32 1.92
CA GLN E 5 14.39 -8.10 1.89
C GLN E 5 15.26 -6.87 2.13
N LEU E 6 16.18 -6.95 3.09
CA LEU E 6 17.09 -5.84 3.34
C LEU E 6 17.94 -5.56 2.11
N ALA E 7 18.46 -6.61 1.47
CA ALA E 7 19.26 -6.42 0.27
C ALA E 7 18.46 -5.74 -0.82
N THR E 8 17.23 -6.20 -1.06
CA THR E 8 16.40 -5.59 -2.09
C THR E 8 16.13 -4.13 -1.77
N GLU E 9 15.93 -3.81 -0.49
CA GLU E 9 15.65 -2.43 -0.12
C GLU E 9 16.86 -1.54 -0.31
N TYR E 10 18.06 -2.04 0.00
CA TYR E 10 19.20 -1.14 0.17
C TYR E 10 20.19 -1.17 -1.00
N VAL E 11 20.24 -2.22 -1.80
CA VAL E 11 21.16 -2.29 -2.94
C VAL E 11 20.42 -2.45 -4.26
N PHE E 12 19.40 -3.31 -4.31
CA PHE E 12 18.72 -3.61 -5.56
C PHE E 12 17.53 -2.70 -5.82
N SER E 13 17.25 -1.75 -4.94
CA SER E 13 16.19 -0.78 -5.14
C SER E 13 16.79 0.62 -5.24
N ASP E 14 15.92 1.60 -5.50
CA ASP E 14 16.33 2.99 -5.66
C ASP E 14 16.42 3.68 -4.31
N PHE E 15 17.33 3.19 -3.48
CA PHE E 15 17.58 3.77 -2.17
C PHE E 15 18.48 4.99 -2.34
N LEU E 16 17.93 6.17 -2.06
CA LEU E 16 18.59 7.46 -2.25
C LEU E 16 18.85 7.77 -3.72
N LEU E 17 18.38 6.93 -4.63
CA LEU E 17 18.50 7.16 -6.06
C LEU E 17 17.26 7.79 -6.68
N LYS E 18 16.26 8.10 -5.86
CA LYS E 18 15.04 8.71 -6.39
C LYS E 18 15.32 10.10 -6.91
N GLU E 19 14.81 10.39 -8.11
CA GLU E 19 14.92 11.73 -8.66
C GLU E 19 14.01 12.69 -7.89
N PRO E 20 14.30 14.00 -7.93
CA PRO E 20 13.47 14.95 -7.18
C PRO E 20 11.99 14.81 -7.49
N THR E 21 11.17 14.73 -6.44
CA THR E 21 9.72 14.59 -6.60
C THR E 21 9.10 15.98 -6.66
N GLU E 22 9.37 16.67 -7.77
CA GLU E 22 8.85 18.02 -7.97
C GLU E 22 9.01 18.43 -9.43
N PRO E 23 8.07 19.20 -9.98
CA PRO E 23 8.20 19.62 -11.39
C PRO E 23 9.38 20.54 -11.64
N LYS E 24 9.96 21.16 -10.60
CA LYS E 24 11.06 22.09 -10.82
C LYS E 24 12.24 21.40 -11.47
N PHE E 25 12.56 20.19 -11.06
CA PHE E 25 13.67 19.41 -11.59
C PHE E 25 13.09 18.21 -12.34
N LYS E 26 12.84 18.39 -13.64
CA LYS E 26 12.29 17.34 -14.50
C LYS E 26 13.42 16.83 -15.39
N GLY E 27 13.91 15.63 -15.08
CA GLY E 27 15.00 15.04 -15.83
C GLY E 27 16.38 15.52 -15.45
N LEU E 28 16.49 16.38 -14.45
CA LEU E 28 17.78 16.92 -14.01
C LEU E 28 18.26 16.13 -12.80
N ARG E 29 19.47 15.59 -12.88
CA ARG E 29 20.01 14.79 -11.79
C ARG E 29 20.30 15.64 -10.56
N LEU E 30 20.85 16.84 -10.76
CA LEU E 30 21.21 17.74 -9.66
C LEU E 30 22.38 17.19 -8.86
N GLU E 31 22.93 16.05 -9.26
CA GLU E 31 24.00 15.41 -8.52
C GLU E 31 24.80 14.55 -9.48
N LEU E 32 26.12 14.64 -9.39
CA LEU E 32 26.98 13.84 -10.26
C LEU E 32 26.79 12.36 -9.95
N ALA E 33 26.99 11.53 -10.97
CA ALA E 33 26.81 10.09 -10.78
C ALA E 33 27.78 9.53 -9.75
N VAL E 34 29.04 9.97 -9.80
CA VAL E 34 30.03 9.48 -8.86
C VAL E 34 29.68 9.90 -7.44
N ASP E 35 29.25 11.15 -7.26
CA ASP E 35 28.87 11.62 -5.93
C ASP E 35 27.65 10.88 -5.41
N LYS E 36 26.68 10.64 -6.29
CA LYS E 36 25.49 9.88 -5.88
C LYS E 36 25.87 8.47 -5.45
N MET E 37 26.75 7.82 -6.22
CA MET E 37 27.23 6.49 -5.83
C MET E 37 27.93 6.54 -4.48
N VAL E 38 28.80 7.52 -4.28
CA VAL E 38 29.55 7.60 -3.03
C VAL E 38 28.60 7.79 -1.86
N THR E 39 27.64 8.71 -1.99
CA THR E 39 26.69 8.94 -0.91
C THR E 39 25.84 7.70 -0.65
N CYS E 40 25.34 7.08 -1.71
CA CYS E 40 24.49 5.90 -1.53
C CYS E 40 25.24 4.80 -0.81
N ILE E 41 26.48 4.54 -1.22
CA ILE E 41 27.28 3.51 -0.55
C ILE E 41 27.50 3.89 0.90
N ALA E 42 28.06 5.08 1.13
CA ALA E 42 28.45 5.47 2.48
C ALA E 42 27.27 5.55 3.43
N VAL E 43 26.06 5.72 2.91
CA VAL E 43 24.89 5.82 3.77
C VAL E 43 24.21 4.45 3.95
N GLY E 44 23.92 3.77 2.85
CA GLY E 44 23.21 2.51 2.92
C GLY E 44 24.04 1.29 3.24
N LEU E 45 25.36 1.43 3.33
CA LEU E 45 26.17 0.29 3.75
C LEU E 45 26.05 0.10 5.26
N PRO E 46 26.32 1.12 6.08
CA PRO E 46 26.17 0.93 7.54
C PRO E 46 24.76 0.54 7.94
N LEU E 47 23.74 1.08 7.28
CA LEU E 47 22.38 0.66 7.57
C LEU E 47 22.18 -0.81 7.23
N LEU E 48 22.70 -1.24 6.08
CA LEU E 48 22.61 -2.64 5.70
C LEU E 48 23.29 -3.54 6.72
N LEU E 49 24.46 -3.12 7.21
CA LEU E 49 25.18 -3.93 8.19
C LEU E 49 24.43 -3.98 9.51
N ILE E 50 23.85 -2.86 9.95
CA ILE E 50 23.02 -2.88 11.14
C ILE E 50 21.89 -3.88 10.98
N SER E 51 21.19 -3.82 9.85
CA SER E 51 20.06 -4.72 9.65
C SER E 51 20.51 -6.17 9.61
N LEU E 52 21.64 -6.44 8.96
CA LEU E 52 22.14 -7.81 8.87
C LEU E 52 22.53 -8.36 10.24
N ALA E 53 23.21 -7.54 11.05
CA ALA E 53 23.75 -8.04 12.31
C ALA E 53 22.66 -8.55 13.25
N PHE E 54 21.44 -8.04 13.13
CA PHE E 54 20.34 -8.46 13.98
C PHE E 54 19.25 -9.18 13.18
N ALA E 55 19.64 -9.78 12.07
CA ALA E 55 18.69 -10.54 11.26
C ALA E 55 18.16 -11.73 12.04
N GLN E 56 16.94 -12.14 11.71
CA GLN E 56 16.29 -13.21 12.46
C GLN E 56 17.06 -14.52 12.36
N GLU E 57 17.93 -14.66 11.36
CA GLU E 57 18.66 -15.91 11.16
C GLU E 57 20.04 -15.88 11.82
N ILE E 58 20.82 -14.84 11.54
CA ILE E 58 22.14 -14.74 12.15
C ILE E 58 22.05 -14.54 13.65
N SER E 59 20.96 -13.96 14.14
CA SER E 59 20.83 -13.63 15.56
C SER E 59 20.33 -14.84 16.32
N ILE E 60 21.10 -15.28 17.30
CA ILE E 60 20.70 -16.41 18.13
C ILE E 60 19.50 -16.03 19.01
N GLY E 61 19.49 -14.80 19.50
CA GLY E 61 18.46 -14.37 20.42
C GLY E 61 18.83 -13.08 21.13
N THR E 62 18.73 -13.07 22.46
CA THR E 62 19.09 -11.89 23.24
C THR E 62 20.51 -11.45 22.92
N GLN E 63 20.80 -10.20 23.25
CA GLN E 63 22.10 -9.60 22.94
C GLN E 63 23.13 -9.84 24.04
N ILE E 64 22.77 -10.53 25.12
CA ILE E 64 23.71 -10.76 26.21
C ILE E 64 23.17 -11.89 27.07
N SER E 65 24.09 -12.70 27.60
CA SER E 65 23.75 -13.78 28.52
C SER E 65 24.84 -13.86 29.57
N CYS E 66 24.44 -14.02 30.84
CA CYS E 66 25.37 -13.90 31.95
C CYS E 66 25.61 -15.20 32.71
N PHE E 67 24.88 -16.27 32.42
CA PHE E 67 25.10 -17.57 33.05
C PHE E 67 24.97 -17.47 34.57
N SER E 68 23.75 -17.17 35.01
CA SER E 68 23.46 -17.17 36.43
C SER E 68 23.45 -18.60 36.95
N PRO E 69 23.69 -18.79 38.24
CA PRO E 69 23.71 -20.14 38.80
C PRO E 69 22.44 -20.91 38.49
N SER E 70 22.53 -22.23 38.66
CA SER E 70 21.37 -23.08 38.39
C SER E 70 20.22 -22.76 39.34
N SER E 71 20.54 -22.41 40.59
CA SER E 71 19.49 -22.11 41.56
C SER E 71 18.64 -20.92 41.13
N PHE E 72 19.19 -20.02 40.33
CA PHE E 72 18.46 -18.84 39.91
C PHE E 72 17.29 -19.22 39.01
N SER E 73 16.18 -18.53 39.19
CA SER E 73 15.02 -18.72 38.31
C SER E 73 15.29 -18.04 36.97
N TRP E 74 14.41 -18.31 36.00
CA TRP E 74 14.58 -17.67 34.70
C TRP E 74 14.41 -16.16 34.79
N ARG E 75 13.50 -15.70 35.67
CA ARG E 75 13.36 -14.27 35.90
C ARG E 75 14.57 -13.65 36.58
N GLN E 76 15.18 -14.34 37.54
CA GLN E 76 16.43 -13.85 38.12
C GLN E 76 17.53 -13.79 37.07
N ALA E 77 17.58 -14.80 36.20
CA ALA E 77 18.57 -14.79 35.12
C ALA E 77 18.34 -13.60 34.19
N ALA E 78 17.08 -13.34 33.85
CA ALA E 78 16.77 -12.17 33.02
C ALA E 78 17.17 -10.89 33.72
N PHE E 79 16.91 -10.80 35.02
CA PHE E 79 17.33 -9.63 35.78
C PHE E 79 18.84 -9.45 35.68
N VAL E 80 19.60 -10.52 35.88
CA VAL E 80 21.06 -10.41 35.84
C VAL E 80 21.52 -9.97 34.46
N ASP E 81 20.98 -10.60 33.42
CA ASP E 81 21.40 -10.28 32.06
C ASP E 81 21.11 -8.81 31.74
N SER E 82 19.90 -8.35 32.03
CA SER E 82 19.53 -6.98 31.68
C SER E 82 20.25 -5.98 32.57
N TYR E 83 20.46 -6.31 33.84
CA TYR E 83 21.21 -5.43 34.72
C TYR E 83 22.63 -5.22 34.19
N CYS E 84 23.28 -6.30 33.78
CA CYS E 84 24.62 -6.17 33.23
C CYS E 84 24.60 -5.41 31.91
N TRP E 85 23.58 -5.65 31.09
CA TRP E 85 23.41 -4.89 29.85
C TRP E 85 23.37 -3.40 30.13
N ALA E 86 22.59 -2.98 31.12
CA ALA E 86 22.50 -1.57 31.47
C ALA E 86 23.72 -1.08 32.24
N ALA E 87 24.46 -1.98 32.86
CA ALA E 87 25.59 -1.62 33.70
C ALA E 87 26.92 -1.63 32.95
N VAL E 88 26.93 -2.04 31.68
CA VAL E 88 28.13 -1.85 30.88
C VAL E 88 28.62 -0.42 30.99
N GLN E 89 27.69 0.54 31.06
CA GLN E 89 28.06 1.94 31.22
C GLN E 89 28.52 2.23 32.63
N GLN E 90 27.83 1.68 33.63
CA GLN E 90 28.22 1.87 35.03
C GLN E 90 29.55 1.16 35.26
N LYS E 91 30.60 1.94 35.46
CA LYS E 91 31.95 1.38 35.49
C LYS E 91 32.17 0.49 36.70
N ASN E 92 31.70 0.91 37.87
CA ASN E 92 31.97 0.15 39.09
C ASN E 92 31.31 -1.22 39.04
N SER E 93 30.18 -1.33 38.34
CA SER E 93 29.44 -2.59 38.33
C SER E 93 30.26 -3.72 37.71
N LEU E 94 30.96 -3.44 36.60
CA LEU E 94 31.68 -4.45 35.87
C LEU E 94 33.19 -4.24 35.98
N GLN E 95 33.94 -5.32 35.83
CA GLN E 95 35.40 -5.29 35.83
C GLN E 95 35.87 -6.20 34.70
N SER E 96 36.27 -5.60 33.58
CA SER E 96 36.73 -6.32 32.41
C SER E 96 38.17 -5.94 32.08
N GLU E 97 38.93 -6.90 31.57
CA GLU E 97 40.33 -6.63 31.24
C GLU E 97 40.45 -5.57 30.15
N SER E 98 39.61 -5.65 29.12
CA SER E 98 39.67 -4.70 28.02
C SER E 98 39.19 -3.31 28.42
N GLY E 99 38.55 -3.17 29.58
CA GLY E 99 38.04 -1.90 30.03
C GLY E 99 36.54 -1.80 29.89
N ASN E 100 36.07 -0.56 29.74
CA ASN E 100 34.64 -0.27 29.58
C ASN E 100 34.30 0.32 28.22
N LEU E 101 35.25 0.99 27.57
CA LEU E 101 34.99 1.48 26.22
C LEU E 101 34.66 0.35 25.25
N PRO E 102 35.34 -0.80 25.28
CA PRO E 102 34.92 -1.90 24.41
C PRO E 102 33.47 -2.31 24.63
N LEU E 103 33.02 -2.33 25.88
CA LEU E 103 31.62 -2.70 26.16
C LEU E 103 30.67 -1.62 25.65
N TRP E 104 31.00 -0.35 25.89
CA TRP E 104 30.22 0.74 25.32
C TRP E 104 30.06 0.56 23.82
N LEU E 105 31.18 0.31 23.13
CA LEU E 105 31.15 0.19 21.68
C LEU E 105 30.34 -1.03 21.25
N HIS E 106 30.51 -2.15 21.93
CA HIS E 106 29.76 -3.35 21.57
C HIS E 106 28.26 -3.12 21.73
N LYS E 107 27.86 -2.39 22.78
CA LYS E 107 26.45 -2.16 23.00
C LYS E 107 25.88 -1.15 22.01
N PHE E 108 26.67 -0.14 21.62
CA PHE E 108 26.15 0.98 20.84
C PHE E 108 26.66 1.01 19.40
N PHE E 109 27.21 -0.10 18.91
CA PHE E 109 27.68 -0.16 17.53
C PHE E 109 26.61 0.22 16.53
N PRO E 110 25.37 -0.28 16.62
CA PRO E 110 24.34 0.18 15.66
C PRO E 110 24.15 1.67 15.70
N TYR E 111 24.18 2.27 16.89
CA TYR E 111 24.03 3.71 17.01
C TYR E 111 25.17 4.44 16.30
N ILE E 112 26.39 3.94 16.45
CA ILE E 112 27.53 4.60 15.84
C ILE E 112 27.48 4.47 14.32
N LEU E 113 27.09 3.30 13.81
CA LEU E 113 26.93 3.16 12.37
C LEU E 113 25.85 4.10 11.84
N LEU E 114 24.73 4.21 12.56
CA LEU E 114 23.67 5.12 12.15
C LEU E 114 24.15 6.57 12.19
N LEU E 115 24.95 6.91 13.20
CA LEU E 115 25.52 8.26 13.29
C LEU E 115 26.40 8.55 12.09
N PHE E 116 27.26 7.59 11.71
CA PHE E 116 28.10 7.79 10.54
C PHE E 116 27.26 7.95 9.28
N ALA E 117 26.21 7.13 9.14
CA ALA E 117 25.34 7.26 7.98
C ALA E 117 24.69 8.63 7.91
N ILE E 118 24.20 9.12 9.05
CA ILE E 118 23.54 10.42 9.09
C ILE E 118 24.54 11.53 8.77
N LEU E 119 25.74 11.46 9.34
CA LEU E 119 26.74 12.49 9.09
C LEU E 119 27.20 12.48 7.65
N LEU E 120 27.20 11.32 7.00
CA LEU E 120 27.55 11.26 5.58
C LEU E 120 26.42 11.73 4.69
N TYR E 121 25.16 11.51 5.12
CA TYR E 121 24.01 12.00 4.37
C TYR E 121 23.79 13.50 4.55
N LEU E 122 24.32 14.09 5.62
CA LEU E 122 24.10 15.51 5.87
C LEU E 122 24.65 16.40 4.78
N PRO E 123 25.89 16.25 4.32
CA PRO E 123 26.43 17.17 3.31
C PRO E 123 25.66 17.08 1.99
N PRO E 124 25.32 15.87 1.54
CA PRO E 124 24.45 15.78 0.36
C PRO E 124 23.12 16.50 0.53
N LEU E 125 22.53 16.42 1.72
CA LEU E 125 21.26 17.10 1.95
C LEU E 125 21.44 18.61 1.95
N PHE E 126 22.53 19.10 2.55
CA PHE E 126 22.82 20.52 2.51
C PHE E 126 23.00 20.99 1.07
N TRP E 127 23.73 20.21 0.27
CA TRP E 127 23.86 20.53 -1.15
C TRP E 127 22.49 20.62 -1.80
N ARG E 128 21.67 19.59 -1.63
CA ARG E 128 20.34 19.54 -2.23
C ARG E 128 19.49 20.74 -1.86
N PHE E 129 19.51 21.16 -0.59
CA PHE E 129 18.61 22.20 -0.12
C PHE E 129 19.22 23.61 -0.15
N ALA E 130 20.49 23.75 -0.53
CA ALA E 130 21.12 25.06 -0.63
C ALA E 130 21.55 25.40 -2.05
N ALA E 131 22.34 24.52 -2.68
CA ALA E 131 22.99 24.83 -3.94
C ALA E 131 22.34 24.16 -5.15
N ALA E 132 21.40 23.24 -4.93
CA ALA E 132 20.81 22.51 -6.04
C ALA E 132 19.80 23.36 -6.80
N PRO E 133 18.92 24.10 -6.13
CA PRO E 133 17.97 24.94 -6.89
C PRO E 133 18.65 25.96 -7.79
N HIS E 134 19.69 26.62 -7.30
CA HIS E 134 20.37 27.64 -8.09
C HIS E 134 21.03 27.04 -9.32
N ILE E 135 21.80 25.96 -9.13
CA ILE E 135 22.45 25.32 -10.26
C ILE E 135 21.43 24.76 -11.23
N CYS E 136 20.32 24.23 -10.71
CA CYS E 136 19.28 23.69 -11.59
C CYS E 136 18.68 24.79 -12.46
N SER E 137 18.35 25.93 -11.85
CA SER E 137 17.80 27.05 -12.62
C SER E 137 18.80 27.53 -13.68
N ASP E 138 20.06 27.68 -13.28
CA ASP E 138 21.07 28.15 -14.22
C ASP E 138 21.25 27.17 -15.37
N LEU E 139 21.24 25.86 -15.07
CA LEU E 139 21.43 24.86 -16.11
C LEU E 139 20.21 24.79 -17.03
N LYS E 140 19.01 24.98 -16.48
CA LYS E 140 17.83 25.05 -17.33
C LYS E 140 17.90 26.26 -18.26
N PHE E 141 18.36 27.40 -17.75
CA PHE E 141 18.56 28.55 -18.62
C PHE E 141 19.57 28.23 -19.72
N ILE E 142 20.67 27.58 -19.37
CA ILE E 142 21.69 27.26 -20.36
C ILE E 142 21.12 26.32 -21.42
N MET E 143 20.39 25.29 -21.00
CA MET E 143 19.77 24.38 -21.95
C MET E 143 18.80 25.10 -22.87
N GLU E 144 17.96 25.98 -22.31
CA GLU E 144 17.02 26.71 -23.14
C GLU E 144 17.75 27.59 -24.13
N GLU E 145 18.82 28.25 -23.70
CA GLU E 145 19.59 29.10 -24.61
C GLU E 145 20.21 28.28 -25.73
N LEU E 146 20.78 27.12 -25.39
CA LEU E 146 21.38 26.27 -26.41
C LEU E 146 20.34 25.79 -27.41
N ASP E 147 19.18 25.36 -26.92
CA ASP E 147 18.13 24.91 -27.84
C ASP E 147 17.67 26.05 -28.74
N LYS E 148 17.49 27.25 -28.18
CA LYS E 148 17.06 28.39 -28.97
C LYS E 148 18.09 28.74 -30.04
N VAL E 149 19.37 28.76 -29.68
CA VAL E 149 20.39 29.13 -30.67
C VAL E 149 20.50 28.06 -31.74
N TYR E 150 20.36 26.78 -31.37
CA TYR E 150 20.37 25.73 -32.39
C TYR E 150 19.20 25.89 -33.34
N ASN E 151 18.01 26.18 -32.80
CA ASN E 151 16.84 26.38 -33.65
C ASN E 151 17.05 27.56 -34.59
N ARG E 152 17.58 28.67 -34.07
CA ARG E 152 17.83 29.83 -34.92
C ARG E 152 18.84 29.52 -36.00
N ALA E 153 19.90 28.77 -35.67
CA ALA E 153 20.91 28.42 -36.65
C ALA E 153 20.33 27.56 -37.76
N ILE E 154 19.53 26.55 -37.40
CA ILE E 154 18.94 25.68 -38.43
C ILE E 154 17.95 26.46 -39.28
N LYS E 155 17.18 27.36 -38.65
CA LYS E 155 16.26 28.19 -39.42
C LYS E 155 17.01 29.08 -40.41
N ALA E 156 18.12 29.68 -39.97
CA ALA E 156 18.91 30.51 -40.86
C ALA E 156 19.49 29.68 -42.01
N ALA E 157 19.97 28.48 -41.71
CA ALA E 157 20.49 27.62 -42.77
C ALA E 157 19.41 27.26 -43.77
N LYS E 158 18.20 26.93 -43.28
CA LYS E 158 17.11 26.61 -44.18
C LYS E 158 16.74 27.82 -45.05
N SER E 159 16.70 29.01 -44.45
CA SER E 159 16.38 30.21 -45.22
C SER E 159 17.43 30.46 -46.29
N ALA E 160 18.71 30.30 -45.95
CA ALA E 160 19.77 30.49 -46.93
C ALA E 160 19.66 29.47 -48.06
N ARG E 161 19.38 28.22 -47.72
CA ARG E 161 19.24 27.19 -48.76
C ARG E 161 18.06 27.49 -49.67
N ASP E 162 16.93 27.90 -49.10
CA ASP E 162 15.74 28.21 -49.88
C ASP E 162 15.84 29.59 -50.50
N PHE E 191 19.63 40.48 -33.03
CA PHE E 191 20.33 40.24 -31.77
C PHE E 191 21.63 39.49 -32.01
N LYS E 192 21.54 38.17 -32.13
CA LYS E 192 22.71 37.32 -32.37
C LYS E 192 23.79 37.58 -31.32
N TYR E 193 23.36 37.74 -30.07
CA TYR E 193 24.30 38.00 -28.99
C TYR E 193 24.64 36.71 -28.26
N PRO E 194 25.91 36.50 -27.85
CA PRO E 194 26.27 35.27 -27.12
C PRO E 194 25.91 35.36 -25.64
N ILE E 195 24.60 35.31 -25.37
CA ILE E 195 24.12 35.47 -24.00
C ILE E 195 24.61 34.34 -23.11
N VAL E 196 24.54 33.10 -23.61
CA VAL E 196 24.94 31.95 -22.80
C VAL E 196 26.43 31.98 -22.53
N GLU E 197 27.24 32.32 -23.55
CA GLU E 197 28.68 32.41 -23.35
C GLU E 197 29.03 33.50 -22.36
N GLN E 198 28.34 34.64 -22.43
CA GLN E 198 28.58 35.71 -21.46
C GLN E 198 28.20 35.26 -20.06
N TYR E 199 27.11 34.52 -19.92
CA TYR E 199 26.70 34.01 -18.62
C TYR E 199 27.75 33.06 -18.06
N LEU E 200 28.27 32.16 -18.90
CA LEU E 200 29.33 31.26 -18.46
C LEU E 200 30.58 32.03 -18.05
N LYS E 201 30.95 33.04 -18.84
CA LYS E 201 32.12 33.85 -18.52
C LYS E 201 31.94 34.54 -17.16
N THR E 202 30.75 35.08 -16.91
CA THR E 202 30.47 35.69 -15.61
C THR E 202 30.57 34.65 -14.50
N LYS E 203 30.05 33.44 -14.74
CA LYS E 203 30.14 32.37 -13.76
C LYS E 203 31.59 32.00 -13.48
N LYS E 204 32.48 32.25 -14.46
CA LYS E 204 33.89 31.93 -14.28
C LYS E 204 34.47 32.60 -13.03
N ASN E 205 33.99 33.81 -12.71
CA ASN E 205 34.53 34.53 -11.56
C ASN E 205 33.96 34.00 -10.24
N SER E 206 32.63 33.97 -10.13
CA SER E 206 31.99 33.53 -8.91
C SER E 206 32.37 32.10 -8.59
N ASN E 207 32.58 31.82 -7.29
CA ASN E 207 33.05 30.51 -6.87
C ASN E 207 32.34 30.00 -5.62
N ASN E 208 31.21 30.59 -5.24
CA ASN E 208 30.50 30.12 -4.06
C ASN E 208 30.02 28.68 -4.24
N LEU E 209 29.52 28.36 -5.43
CA LEU E 209 29.02 27.01 -5.68
C LEU E 209 30.14 25.97 -5.57
N ILE E 210 31.29 26.25 -6.20
CA ILE E 210 32.40 25.31 -6.14
C ILE E 210 32.93 25.21 -4.72
N ILE E 211 32.94 26.32 -3.98
CA ILE E 211 33.40 26.28 -2.60
C ILE E 211 32.48 25.39 -1.76
N LYS E 212 31.16 25.52 -1.94
CA LYS E 212 30.23 24.67 -1.22
C LYS E 212 30.42 23.21 -1.58
N TYR E 213 30.59 22.92 -2.88
CA TYR E 213 30.80 21.55 -3.32
C TYR E 213 32.06 20.96 -2.70
N ILE E 214 33.15 21.71 -2.73
CA ILE E 214 34.41 21.23 -2.17
C ILE E 214 34.30 21.04 -0.67
N SER E 215 33.62 21.96 0.02
CA SER E 215 33.46 21.81 1.47
C SER E 215 32.64 20.56 1.80
N CYS E 216 31.57 20.32 1.05
CA CYS E 216 30.77 19.11 1.30
C CYS E 216 31.59 17.85 1.05
N ARG E 217 32.35 17.82 -0.06
CA ARG E 217 33.17 16.64 -0.34
C ARG E 217 34.23 16.44 0.74
N LEU E 218 34.85 17.53 1.20
CA LEU E 218 35.88 17.41 2.22
C LEU E 218 35.30 16.93 3.54
N LEU E 219 34.11 17.42 3.91
CA LEU E 219 33.47 16.94 5.13
C LEU E 219 33.11 15.46 5.00
N THR E 220 32.62 15.05 3.83
CA THR E 220 32.35 13.64 3.61
C THR E 220 33.61 12.80 3.76
N LEU E 221 34.72 13.28 3.20
CA LEU E 221 35.98 12.55 3.32
C LEU E 221 36.43 12.46 4.77
N ILE E 222 36.29 13.56 5.51
CA ILE E 222 36.70 13.56 6.92
C ILE E 222 35.85 12.58 7.71
N ILE E 223 34.54 12.58 7.47
CA ILE E 223 33.65 11.65 8.17
C ILE E 223 34.03 10.21 7.82
N ILE E 224 34.34 9.96 6.54
CA ILE E 224 34.71 8.60 6.13
C ILE E 224 36.00 8.18 6.82
N LEU E 225 36.98 9.06 6.90
CA LEU E 225 38.23 8.71 7.55
C LEU E 225 38.01 8.45 9.05
N LEU E 226 37.19 9.28 9.70
CA LEU E 226 36.90 9.04 11.10
C LEU E 226 36.20 7.70 11.29
N ALA E 227 35.26 7.38 10.41
CA ALA E 227 34.59 6.08 10.46
C ALA E 227 35.58 4.95 10.28
N CYS E 228 36.53 5.12 9.36
CA CYS E 228 37.56 4.09 9.16
C CYS E 228 38.39 3.91 10.41
N ILE E 229 38.76 5.00 11.07
CA ILE E 229 39.54 4.89 12.30
C ILE E 229 38.75 4.14 13.36
N TYR E 230 37.47 4.50 13.52
CA TYR E 230 36.65 3.84 14.53
C TYR E 230 36.47 2.37 14.22
N LEU E 231 36.21 2.03 12.96
CA LEU E 231 36.00 0.64 12.59
C LEU E 231 37.28 -0.17 12.76
N GLY E 232 38.42 0.40 12.43
CA GLY E 232 39.68 -0.28 12.68
C GLY E 232 39.92 -0.53 14.15
N TYR E 233 39.62 0.46 14.99
CA TYR E 233 39.75 0.26 16.43
C TYR E 233 38.81 -0.83 16.92
N TYR E 234 37.58 -0.86 16.39
CA TYR E 234 36.62 -1.87 16.80
C TYR E 234 37.06 -3.26 16.38
N PHE E 235 37.58 -3.39 15.16
CA PHE E 235 38.01 -4.69 14.65
C PHE E 235 39.35 -5.14 15.21
N SER E 236 40.14 -4.23 15.77
CA SER E 236 41.43 -4.59 16.35
C SER E 236 41.30 -5.12 17.78
N LEU E 237 40.10 -5.14 18.34
CA LEU E 237 39.92 -5.62 19.69
C LEU E 237 40.25 -7.11 19.77
N SER E 238 40.52 -7.57 21.00
CA SER E 238 40.99 -8.93 21.21
C SER E 238 39.92 -9.98 20.91
N SER E 239 38.67 -9.58 20.73
CA SER E 239 37.50 -10.42 20.52
C SER E 239 37.06 -11.09 21.81
N LEU E 240 37.80 -10.94 22.91
CA LEU E 240 37.38 -11.40 24.22
C LEU E 240 36.88 -10.26 25.10
N SER E 241 36.94 -9.02 24.60
CA SER E 241 36.42 -7.89 25.34
C SER E 241 34.91 -7.94 25.50
N ASP E 242 34.22 -8.66 24.62
CA ASP E 242 32.78 -8.86 24.78
C ASP E 242 32.45 -9.54 26.09
N GLU E 243 33.33 -10.38 26.60
CA GLU E 243 33.15 -11.02 27.90
C GLU E 243 33.60 -10.07 29.00
N PHE E 244 32.69 -9.74 29.91
CA PHE E 244 32.98 -8.89 31.04
C PHE E 244 32.38 -9.47 32.30
N VAL E 245 32.99 -9.17 33.43
CA VAL E 245 32.52 -9.62 34.73
C VAL E 245 31.52 -8.61 35.26
N CYS E 246 30.38 -9.11 35.73
CA CYS E 246 29.25 -8.26 36.15
C CYS E 246 28.92 -8.56 37.60
N SER E 247 28.58 -7.50 38.35
CA SER E 247 28.35 -7.62 39.79
C SER E 247 27.05 -6.92 40.14
N ILE E 248 26.02 -7.69 40.45
CA ILE E 248 24.77 -7.14 41.00
C ILE E 248 24.94 -7.13 42.52
N LYS E 249 25.62 -6.10 43.00
CA LYS E 249 25.94 -6.00 44.42
C LYS E 249 25.84 -4.57 44.92
N SER E 250 24.95 -3.77 44.32
CA SER E 250 24.72 -2.40 44.72
C SER E 250 23.31 -2.26 45.27
N GLY E 251 23.19 -1.71 46.47
CA GLY E 251 21.90 -1.56 47.11
C GLY E 251 21.69 -2.59 48.21
N ILE E 252 20.48 -3.14 48.28
CA ILE E 252 20.17 -4.14 49.29
C ILE E 252 20.87 -5.46 49.00
N LEU E 253 21.25 -5.70 47.74
CA LEU E 253 21.92 -6.93 47.36
C LEU E 253 23.43 -6.87 47.58
N ARG E 254 23.95 -5.77 48.09
CA ARG E 254 25.40 -5.64 48.27
C ARG E 254 25.93 -6.68 49.23
N ASN E 255 25.24 -6.89 50.35
CA ASN E 255 25.69 -7.81 51.38
C ASN E 255 24.93 -9.14 51.34
N ASP E 256 24.11 -9.36 50.32
CA ASP E 256 23.40 -10.63 50.19
C ASP E 256 24.37 -11.76 49.93
N SER E 257 24.08 -12.93 50.49
CA SER E 257 24.98 -14.08 50.45
C SER E 257 24.64 -15.06 49.34
N THR E 258 23.36 -15.37 49.14
CA THR E 258 23.00 -16.38 48.14
C THR E 258 23.43 -15.96 46.74
N VAL E 259 23.49 -14.66 46.47
CA VAL E 259 23.88 -14.18 45.15
C VAL E 259 25.40 -14.23 45.02
N PRO E 260 25.95 -14.82 43.97
CA PRO E 260 27.41 -14.84 43.81
C PRO E 260 27.97 -13.44 43.64
N ASP E 261 29.23 -13.27 44.05
CA ASP E 261 29.84 -11.95 44.03
C ASP E 261 29.91 -11.38 42.62
N GLN E 262 29.90 -12.24 41.60
CA GLN E 262 30.01 -11.76 40.23
C GLN E 262 29.52 -12.84 39.27
N PHE E 263 29.37 -12.44 38.02
CA PHE E 263 28.81 -13.28 36.96
C PHE E 263 29.68 -13.18 35.72
N GLN E 264 29.54 -14.16 34.85
CA GLN E 264 30.27 -14.20 33.58
C GLN E 264 29.31 -13.84 32.46
N CYS E 265 29.40 -12.62 31.96
CA CYS E 265 28.53 -12.13 30.89
C CYS E 265 29.32 -12.02 29.61
N LYS E 266 28.65 -12.27 28.49
CA LYS E 266 29.23 -12.15 27.16
C LYS E 266 28.29 -11.33 26.29
N LEU E 267 28.85 -10.36 25.58
CA LEU E 267 28.08 -9.53 24.66
C LEU E 267 28.02 -10.25 23.32
N ILE E 268 26.81 -10.66 22.94
CA ILE E 268 26.62 -11.43 21.73
C ILE E 268 26.59 -10.50 20.52
N ALA E 269 26.91 -11.07 19.35
CA ALA E 269 26.98 -10.37 18.07
C ALA E 269 28.17 -9.44 17.99
N VAL E 270 29.10 -9.50 18.93
CA VAL E 270 30.29 -8.66 18.85
C VAL E 270 31.18 -9.10 17.71
N GLY E 271 31.30 -10.41 17.49
CA GLY E 271 32.06 -10.90 16.35
C GLY E 271 31.43 -10.48 15.03
N ILE E 272 30.10 -10.54 14.96
CA ILE E 272 29.40 -10.10 13.75
C ILE E 272 29.60 -8.61 13.54
N PHE E 273 29.56 -7.84 14.62
CA PHE E 273 29.85 -6.41 14.51
C PHE E 273 31.26 -6.18 13.97
N GLN E 274 32.23 -6.95 14.47
CA GLN E 274 33.60 -6.80 14.00
C GLN E 274 33.73 -7.15 12.52
N LEU E 275 33.09 -8.23 12.09
CA LEU E 275 33.11 -8.61 10.68
C LEU E 275 32.52 -7.52 9.81
N LEU E 276 31.33 -7.04 10.18
CA LEU E 276 30.69 -5.99 9.41
C LEU E 276 31.49 -4.70 9.45
N SER E 277 32.15 -4.42 10.56
CA SER E 277 32.96 -3.21 10.67
C SER E 277 34.17 -3.27 9.75
N VAL E 278 34.83 -4.43 9.68
CA VAL E 278 35.96 -4.54 8.77
C VAL E 278 35.48 -4.47 7.32
N ILE E 279 34.30 -5.02 7.03
CA ILE E 279 33.75 -4.89 5.67
C ILE E 279 33.51 -3.43 5.33
N ASN E 280 32.90 -2.68 6.25
CA ASN E 280 32.65 -1.27 6.04
C ASN E 280 33.95 -0.50 5.91
N LEU E 281 34.96 -0.88 6.69
CA LEU E 281 36.27 -0.25 6.60
C LEU E 281 36.88 -0.46 5.21
N VAL E 282 36.79 -1.67 4.68
CA VAL E 282 37.30 -1.95 3.34
C VAL E 282 36.56 -1.08 2.32
N VAL E 283 35.24 -1.04 2.42
CA VAL E 283 34.46 -0.26 1.46
C VAL E 283 34.84 1.21 1.54
N TYR E 284 34.98 1.75 2.76
CA TYR E 284 35.27 3.17 2.91
C TYR E 284 36.69 3.51 2.44
N VAL E 285 37.66 2.63 2.69
CA VAL E 285 39.00 2.92 2.20
C VAL E 285 39.04 2.85 0.68
N LEU E 286 38.28 1.93 0.08
CA LEU E 286 38.18 1.93 -1.37
C LEU E 286 37.48 3.18 -1.89
N LEU E 287 36.52 3.71 -1.12
CA LEU E 287 35.73 4.84 -1.57
C LEU E 287 36.47 6.17 -1.44
N ALA E 288 37.31 6.30 -0.43
CA ALA E 288 37.98 7.59 -0.18
C ALA E 288 38.75 8.09 -1.39
N PRO E 289 39.50 7.26 -2.13
CA PRO E 289 40.12 7.77 -3.36
C PRO E 289 39.12 8.37 -4.33
N VAL E 290 37.92 7.79 -4.42
CA VAL E 290 36.88 8.39 -5.25
C VAL E 290 36.53 9.77 -4.72
N VAL E 291 36.50 9.92 -3.40
CA VAL E 291 36.16 11.22 -2.81
C VAL E 291 37.21 12.26 -3.14
N VAL E 292 38.49 11.89 -3.03
CA VAL E 292 39.54 12.87 -3.34
C VAL E 292 39.54 13.20 -4.82
N TYR E 293 39.24 12.20 -5.68
CA TYR E 293 39.13 12.47 -7.11
C TYR E 293 38.00 13.45 -7.39
N THR E 294 36.86 13.26 -6.73
CA THR E 294 35.75 14.20 -6.89
C THR E 294 36.14 15.59 -6.38
N LEU E 295 36.92 15.64 -5.30
CA LEU E 295 37.38 16.92 -4.79
C LEU E 295 38.24 17.64 -5.81
N PHE E 296 39.15 16.92 -6.46
CA PHE E 296 39.96 17.49 -7.55
C PHE E 296 39.09 17.64 -8.80
N VAL E 297 38.31 18.72 -8.80
CA VAL E 297 37.36 18.94 -9.89
C VAL E 297 38.01 19.39 -11.19
N PRO E 298 39.00 20.29 -11.19
CA PRO E 298 39.51 20.78 -12.49
C PRO E 298 40.04 19.67 -13.37
N PHE E 299 40.70 18.67 -12.78
CA PHE E 299 41.17 17.53 -13.56
C PHE E 299 39.99 16.79 -14.18
N ARG E 300 38.89 16.66 -13.42
CA ARG E 300 37.68 16.08 -13.98
C ARG E 300 37.14 16.92 -15.13
N GLN E 301 37.37 18.23 -15.09
CA GLN E 301 36.85 19.12 -16.12
C GLN E 301 37.58 18.89 -17.42
N LYS E 302 37.05 18.03 -18.27
CA LYS E 302 37.66 17.70 -19.56
C LYS E 302 36.56 17.24 -20.50
N THR E 303 36.95 16.95 -21.74
CA THR E 303 36.00 16.55 -22.78
C THR E 303 34.94 17.64 -22.96
N ASP E 304 35.41 18.80 -23.43
CA ASP E 304 34.57 20.00 -23.49
C ASP E 304 33.24 19.69 -24.15
N VAL E 305 32.17 19.84 -23.36
CA VAL E 305 30.83 19.64 -23.88
C VAL E 305 30.47 20.72 -24.89
N LEU E 306 30.92 21.95 -24.64
CA LEU E 306 30.59 23.08 -25.49
C LEU E 306 31.41 23.10 -26.78
N LYS E 307 32.46 22.29 -26.87
CA LYS E 307 33.25 22.25 -28.10
C LYS E 307 32.40 21.80 -29.29
N VAL E 308 31.35 21.02 -29.04
CA VAL E 308 30.50 20.54 -30.12
C VAL E 308 29.70 21.69 -30.73
N TYR E 309 29.25 22.65 -29.91
CA TYR E 309 28.44 23.76 -30.40
C TYR E 309 29.24 24.79 -31.17
N GLU E 310 30.57 24.69 -31.20
CA GLU E 310 31.39 25.73 -31.80
C GLU E 310 31.26 25.79 -33.32
N ILE E 311 30.64 24.79 -33.95
CA ILE E 311 30.47 24.80 -35.41
C ILE E 311 29.24 25.56 -35.85
N LEU E 312 28.34 25.92 -34.94
CA LEU E 312 27.13 26.63 -35.32
C LEU E 312 27.47 28.07 -35.70
N PRO E 313 27.00 28.56 -36.85
CA PRO E 313 27.26 29.97 -37.19
C PRO E 313 26.74 30.95 -36.16
N THR E 314 25.60 30.65 -35.52
CA THR E 314 25.01 31.56 -34.55
C THR E 314 25.67 31.49 -33.18
N PHE E 315 26.59 30.55 -32.97
CA PHE E 315 27.27 30.39 -31.69
C PHE E 315 28.74 30.80 -31.86
N ASP E 316 29.21 31.68 -30.99
CA ASP E 316 30.59 32.13 -31.05
C ASP E 316 31.55 30.98 -30.80
N VAL E 317 32.67 30.99 -31.51
CA VAL E 317 33.67 29.91 -31.42
C VAL E 317 34.60 30.29 -30.28
N LEU E 318 34.20 29.94 -29.07
CA LEU E 318 35.02 30.16 -27.88
C LEU E 318 34.48 29.33 -26.74
N HIS E 319 35.27 28.37 -26.27
CA HIS E 319 34.88 27.59 -25.10
C HIS E 319 35.21 28.34 -23.82
N PHE E 320 36.49 28.63 -23.60
CA PHE E 320 36.94 29.43 -22.46
C PHE E 320 36.41 28.87 -21.15
N LYS E 321 36.63 27.57 -20.93
CA LYS E 321 36.21 26.92 -19.69
C LYS E 321 37.20 25.78 -19.40
N SER E 322 38.21 26.10 -18.59
CA SER E 322 39.18 25.10 -18.16
C SER E 322 40.18 25.76 -17.21
N GLU E 323 40.84 24.92 -16.42
CA GLU E 323 41.93 25.36 -15.53
C GLU E 323 41.47 26.47 -14.60
N GLY E 324 40.52 26.13 -13.74
CA GLY E 324 40.02 27.09 -12.76
C GLY E 324 39.27 26.45 -11.61
N TYR E 325 39.60 26.85 -10.38
CA TYR E 325 38.87 26.45 -9.19
C TYR E 325 37.64 27.36 -9.01
N ASN E 326 36.76 27.33 -10.00
CA ASN E 326 35.60 28.19 -10.05
C ASN E 326 34.36 27.38 -10.38
N ASP E 327 33.20 28.03 -10.26
CA ASP E 327 31.94 27.36 -10.55
C ASP E 327 31.81 26.97 -12.02
N LEU E 328 32.65 27.54 -12.90
CA LEU E 328 32.55 27.21 -14.31
C LEU E 328 32.89 25.74 -14.56
N SER E 329 33.92 25.23 -13.90
CA SER E 329 34.28 23.82 -14.05
C SER E 329 33.17 22.92 -13.54
N LEU E 330 32.55 23.29 -12.40
CA LEU E 330 31.46 22.50 -11.87
C LEU E 330 30.28 22.50 -12.83
N TYR E 331 29.97 23.65 -13.43
CA TYR E 331 28.90 23.71 -14.42
C TYR E 331 29.25 22.86 -15.63
N ASN E 332 30.51 22.85 -16.04
CA ASN E 332 30.92 22.00 -17.16
C ASN E 332 30.70 20.52 -16.83
N LEU E 333 31.05 20.12 -15.62
CA LEU E 333 30.82 18.74 -15.21
C LEU E 333 29.34 18.41 -15.20
N PHE E 334 28.52 19.32 -14.66
CA PHE E 334 27.08 19.08 -14.62
C PHE E 334 26.50 18.98 -16.03
N LEU E 335 26.98 19.80 -16.95
CA LEU E 335 26.55 19.69 -18.34
C LEU E 335 26.95 18.33 -18.92
N GLU E 336 28.22 17.96 -18.77
CA GLU E 336 28.66 16.66 -19.26
C GLU E 336 27.84 15.53 -18.64
N GLU E 337 27.30 15.73 -17.44
CA GLU E 337 26.53 14.70 -16.78
C GLU E 337 25.10 14.62 -17.30
N ASN E 338 24.45 15.78 -17.47
CA ASN E 338 23.03 15.84 -17.80
C ASN E 338 22.75 16.63 -19.08
N ILE E 339 23.57 16.44 -20.11
CA ILE E 339 23.34 17.07 -21.41
C ILE E 339 22.84 16.08 -22.46
N SER E 340 22.94 14.77 -22.20
CA SER E 340 22.49 13.78 -23.17
C SER E 340 21.00 13.90 -23.47
N GLU E 341 20.23 14.54 -22.58
CA GLU E 341 18.80 14.71 -22.79
C GLU E 341 18.46 15.81 -23.78
N VAL E 342 19.44 16.56 -24.26
CA VAL E 342 19.20 17.68 -25.17
C VAL E 342 19.34 17.19 -26.59
N LYS E 343 18.27 17.30 -27.37
CA LYS E 343 18.28 16.81 -28.75
C LYS E 343 19.26 17.60 -29.61
N SER E 344 19.34 18.91 -29.40
CA SER E 344 20.29 19.71 -30.17
C SER E 344 21.73 19.29 -29.89
N TYR E 345 22.06 19.05 -28.62
CA TYR E 345 23.40 18.58 -28.28
C TYR E 345 23.66 17.21 -28.90
N LYS E 346 22.67 16.31 -28.86
CA LYS E 346 22.85 15.00 -29.47
C LYS E 346 23.10 15.11 -30.96
N CYS E 347 22.34 15.97 -31.64
CA CYS E 347 22.53 16.16 -33.08
C CYS E 347 23.92 16.72 -33.37
N LEU E 348 24.35 17.72 -32.60
CA LEU E 348 25.68 18.28 -32.80
C LEU E 348 26.76 17.24 -32.56
N LYS E 349 26.57 16.40 -31.53
CA LYS E 349 27.56 15.37 -31.24
C LYS E 349 27.67 14.37 -32.38
N VAL E 350 26.53 13.94 -32.93
CA VAL E 350 26.61 13.01 -34.06
C VAL E 350 27.21 13.69 -35.28
N LEU E 351 26.92 14.98 -35.48
CA LEU E 351 27.54 15.69 -36.59
C LEU E 351 29.05 15.72 -36.45
N GLU E 352 29.55 16.02 -35.26
CA GLU E 352 30.99 16.03 -35.04
C GLU E 352 31.58 14.63 -35.21
N ASN E 353 30.86 13.61 -34.74
CA ASN E 353 31.34 12.24 -34.91
C ASN E 353 31.48 11.90 -36.38
N ILE E 354 30.49 12.26 -37.20
CA ILE E 354 30.59 12.02 -38.63
C ILE E 354 31.71 12.85 -39.23
N LYS E 355 31.97 14.04 -38.67
CA LYS E 355 33.06 14.88 -39.18
C LYS E 355 34.42 14.22 -38.98
N SER E 356 34.51 13.18 -38.15
CA SER E 356 35.77 12.47 -37.99
C SER E 356 36.26 11.92 -39.32
N SER E 357 35.34 11.34 -40.11
CA SER E 357 35.71 10.89 -41.44
C SER E 357 35.93 12.06 -42.40
N GLY E 358 35.10 13.11 -42.26
CA GLY E 358 35.22 14.27 -43.11
C GLY E 358 34.63 14.13 -44.48
N GLN E 359 33.84 13.08 -44.73
CA GLN E 359 33.29 12.87 -46.06
C GLN E 359 32.35 14.00 -46.47
N GLY E 360 31.50 14.43 -45.55
CA GLY E 360 30.49 15.44 -45.83
C GLY E 360 30.87 16.81 -45.33
N ILE E 361 29.86 17.64 -45.07
CA ILE E 361 30.05 19.01 -44.61
C ILE E 361 29.16 19.23 -43.40
N ASP E 362 29.66 19.97 -42.42
CA ASP E 362 28.88 20.22 -41.20
C ASP E 362 27.59 20.96 -41.48
N PRO E 363 27.58 22.08 -42.20
CA PRO E 363 26.29 22.74 -42.48
C PRO E 363 25.34 21.88 -43.28
N MET E 364 25.86 21.12 -44.24
CA MET E 364 24.99 20.24 -45.03
C MET E 364 24.35 19.18 -44.15
N LEU E 365 25.13 18.57 -43.24
CA LEU E 365 24.58 17.59 -42.33
C LEU E 365 23.55 18.21 -41.40
N LEU E 366 23.82 19.42 -40.92
CA LEU E 366 22.87 20.10 -40.04
C LEU E 366 21.56 20.37 -40.77
N LEU E 367 21.64 20.84 -42.01
CA LEU E 367 20.43 21.07 -42.79
C LEU E 367 19.67 19.76 -43.04
N THR E 368 20.39 18.70 -43.36
CA THR E 368 19.74 17.42 -43.66
C THR E 368 19.08 16.83 -42.42
N ASN E 369 19.67 17.04 -41.24
CA ASN E 369 19.14 16.41 -40.03
C ASN E 369 17.70 16.83 -39.76
N LEU E 370 17.41 18.12 -39.87
CA LEU E 370 16.08 18.65 -39.58
C LEU E 370 15.58 18.17 -38.22
N GLY E 371 16.35 18.53 -37.19
CA GLY E 371 16.06 18.08 -35.84
C GLY E 371 15.73 19.21 -34.89
N MET E 372 14.91 20.16 -35.36
CA MET E 372 14.56 21.31 -34.53
C MET E 372 13.88 20.86 -33.23
N ILE E 373 12.95 19.92 -33.33
CA ILE E 373 12.23 19.43 -32.17
C ILE E 373 11.45 18.17 -32.53
N ALA F 2 13.14 -1.61 12.37
CA ALA F 2 14.53 -1.70 12.80
C ALA F 2 15.18 -0.32 12.81
N ILE F 3 16.42 -0.26 13.29
CA ILE F 3 17.13 1.01 13.34
C ILE F 3 17.19 1.66 11.97
N ALA F 4 17.52 0.85 10.96
CA ALA F 4 17.66 1.40 9.61
C ALA F 4 16.33 1.90 9.07
N GLN F 5 15.23 1.18 9.37
CA GLN F 5 13.92 1.64 8.93
C GLN F 5 13.56 2.97 9.57
N LEU F 6 13.85 3.11 10.87
CA LEU F 6 13.59 4.39 11.54
C LEU F 6 14.41 5.50 10.92
N ALA F 7 15.68 5.23 10.63
CA ALA F 7 16.53 6.24 10.01
C ALA F 7 15.96 6.65 8.65
N THR F 8 15.60 5.68 7.83
CA THR F 8 15.04 6.00 6.52
C THR F 8 13.77 6.82 6.65
N GLU F 9 12.94 6.51 7.65
CA GLU F 9 11.70 7.25 7.83
C GLU F 9 11.95 8.69 8.27
N TYR F 10 12.93 8.90 9.16
CA TYR F 10 13.01 10.17 9.87
C TYR F 10 14.10 11.12 9.37
N VAL F 11 15.15 10.63 8.70
CA VAL F 11 16.21 11.48 8.20
C VAL F 11 16.34 11.38 6.68
N PHE F 12 16.28 10.17 6.12
CA PHE F 12 16.51 9.98 4.71
C PHE F 12 15.25 10.06 3.86
N SER F 13 14.10 10.31 4.48
CA SER F 13 12.84 10.50 3.76
C SER F 13 12.33 11.91 3.98
N ASP F 14 11.22 12.23 3.31
CA ASP F 14 10.62 13.56 3.37
C ASP F 14 9.69 13.67 4.60
N PHE F 15 10.30 13.54 5.78
CA PHE F 15 9.58 13.68 7.03
C PHE F 15 9.40 15.16 7.33
N LEU F 16 8.16 15.62 7.29
CA LEU F 16 7.79 17.02 7.46
C LEU F 16 8.30 17.91 6.32
N LEU F 17 8.90 17.32 5.30
CA LEU F 17 9.38 18.05 4.13
C LEU F 17 8.39 18.01 2.98
N LYS F 18 7.23 17.39 3.16
CA LYS F 18 6.25 17.30 2.09
C LYS F 18 5.69 18.69 1.77
N GLU F 19 5.63 19.01 0.49
CA GLU F 19 5.00 20.26 0.07
C GLU F 19 3.50 20.18 0.27
N PRO F 20 2.83 21.34 0.37
CA PRO F 20 1.38 21.32 0.61
C PRO F 20 0.63 20.47 -0.41
N THR F 21 -0.23 19.57 0.06
CA THR F 21 -1.01 18.69 -0.81
C THR F 21 -2.31 19.40 -1.17
N GLU F 22 -2.18 20.44 -1.99
CA GLU F 22 -3.34 21.20 -2.43
C GLU F 22 -2.96 22.10 -3.60
N PRO F 23 -3.86 22.32 -4.57
CA PRO F 23 -3.53 23.18 -5.70
C PRO F 23 -3.29 24.64 -5.34
N LYS F 24 -3.73 25.07 -4.15
CA LYS F 24 -3.56 26.48 -3.77
C LYS F 24 -2.09 26.87 -3.74
N PHE F 25 -1.24 26.00 -3.21
CA PHE F 25 0.20 26.24 -3.12
C PHE F 25 0.91 25.27 -4.05
N LYS F 26 1.12 25.70 -5.29
CA LYS F 26 1.80 24.89 -6.31
C LYS F 26 3.20 25.46 -6.51
N GLY F 27 4.19 24.75 -5.99
CA GLY F 27 5.57 25.18 -6.08
C GLY F 27 5.99 26.21 -5.06
N LEU F 28 5.10 26.59 -4.13
CA LEU F 28 5.41 27.56 -3.10
C LEU F 28 5.78 26.85 -1.81
N ARG F 29 6.96 27.18 -1.27
CA ARG F 29 7.41 26.52 -0.05
C ARG F 29 6.56 26.91 1.15
N LEU F 30 6.20 28.19 1.25
CA LEU F 30 5.41 28.69 2.37
C LEU F 30 6.22 28.69 3.68
N GLU F 31 7.48 28.29 3.59
CA GLU F 31 8.33 28.18 4.79
C GLU F 31 9.77 28.33 4.36
N LEU F 32 10.53 29.13 5.12
CA LEU F 32 11.94 29.31 4.79
C LEU F 32 12.69 28.00 4.97
N ALA F 33 13.76 27.83 4.20
CA ALA F 33 14.53 26.60 4.27
C ALA F 33 15.13 26.41 5.66
N VAL F 34 15.66 27.47 6.25
CA VAL F 34 16.27 27.36 7.58
C VAL F 34 15.23 26.99 8.61
N ASP F 35 14.06 27.62 8.55
CA ASP F 35 12.99 27.30 9.50
C ASP F 35 12.51 25.86 9.32
N LYS F 36 12.38 25.41 8.08
CA LYS F 36 11.97 24.04 7.84
C LYS F 36 12.99 23.05 8.38
N MET F 37 14.28 23.34 8.18
CA MET F 37 15.32 22.50 8.76
C MET F 37 15.23 22.47 10.27
N VAL F 38 15.06 23.64 10.90
CA VAL F 38 15.00 23.72 12.35
C VAL F 38 13.84 22.90 12.88
N THR F 39 12.66 23.08 12.28
CA THR F 39 11.48 22.35 12.73
C THR F 39 11.66 20.85 12.52
N CYS F 40 12.16 20.45 11.35
CA CYS F 40 12.34 19.03 11.08
C CYS F 40 13.28 18.40 12.08
N ILE F 41 14.41 19.06 12.36
CA ILE F 41 15.35 18.53 13.33
C ILE F 41 14.69 18.45 14.70
N ALA F 42 14.17 19.58 15.19
CA ALA F 42 13.64 19.64 16.55
C ALA F 42 12.48 18.70 16.75
N VAL F 43 11.78 18.29 15.70
CA VAL F 43 10.64 17.40 15.85
C VAL F 43 11.05 15.95 15.66
N GLY F 44 11.74 15.63 14.57
CA GLY F 44 12.09 14.26 14.27
C GLY F 44 13.31 13.73 14.97
N LEU F 45 14.04 14.55 15.72
CA LEU F 45 15.16 14.04 16.50
C LEU F 45 14.63 13.32 17.73
N PRO F 46 13.82 13.97 18.58
CA PRO F 46 13.30 13.24 19.75
C PRO F 46 12.51 12.00 19.39
N LEU F 47 11.74 12.03 18.31
CA LEU F 47 11.03 10.84 17.86
C LEU F 47 12.02 9.74 17.48
N LEU F 48 13.08 10.12 16.76
CA LEU F 48 14.09 9.14 16.38
C LEU F 48 14.74 8.53 17.60
N LEU F 49 15.03 9.35 18.61
CA LEU F 49 15.66 8.84 19.82
C LEU F 49 14.72 7.91 20.59
N ILE F 50 13.43 8.27 20.66
CA ILE F 50 12.45 7.38 21.27
C ILE F 50 12.46 6.03 20.57
N SER F 51 12.40 6.05 19.23
CA SER F 51 12.35 4.80 18.48
C SER F 51 13.62 3.99 18.69
N LEU F 52 14.77 4.66 18.70
CA LEU F 52 16.04 3.96 18.87
C LEU F 52 16.14 3.32 20.25
N ALA F 53 15.73 4.04 21.29
CA ALA F 53 15.92 3.56 22.66
C ALA F 53 15.22 2.23 22.92
N PHE F 54 14.13 1.95 22.19
CA PHE F 54 13.37 0.71 22.37
C PHE F 54 13.46 -0.17 21.14
N ALA F 55 14.55 -0.04 20.38
CA ALA F 55 14.75 -0.87 19.20
C ALA F 55 14.91 -2.32 19.60
N GLN F 56 14.52 -3.22 18.69
CA GLN F 56 14.55 -4.65 19.00
C GLN F 56 15.95 -5.14 19.33
N GLU F 57 16.98 -4.42 18.90
CA GLU F 57 18.36 -4.85 19.10
C GLU F 57 18.97 -4.26 20.36
N ILE F 58 18.87 -2.93 20.53
CA ILE F 58 19.43 -2.30 21.72
C ILE F 58 18.68 -2.72 22.97
N SER F 59 17.40 -3.08 22.84
CA SER F 59 16.56 -3.38 23.99
C SER F 59 16.75 -4.84 24.39
N ILE F 60 17.17 -5.05 25.64
CA ILE F 60 17.35 -6.40 26.15
C ILE F 60 16.00 -7.10 26.29
N GLY F 61 14.98 -6.35 26.72
CA GLY F 61 13.68 -6.93 26.98
C GLY F 61 12.79 -6.00 27.77
N THR F 62 12.23 -6.50 28.87
CA THR F 62 11.37 -5.69 29.71
C THR F 62 12.10 -4.43 30.16
N GLN F 63 11.34 -3.45 30.60
CA GLN F 63 11.88 -2.15 30.99
C GLN F 63 12.28 -2.09 32.46
N ILE F 64 12.12 -3.18 33.21
CA ILE F 64 12.44 -3.18 34.63
C ILE F 64 12.53 -4.62 35.10
N SER F 65 13.46 -4.88 36.01
CA SER F 65 13.62 -6.18 36.64
C SER F 65 13.97 -5.97 38.10
N CYS F 66 13.35 -6.75 38.99
CA CYS F 66 13.43 -6.51 40.42
C CYS F 66 14.16 -7.59 41.20
N PHE F 67 14.52 -8.70 40.58
CA PHE F 67 15.29 -9.76 41.24
C PHE F 67 14.57 -10.27 42.49
N SER F 68 13.42 -10.89 42.25
CA SER F 68 12.70 -11.54 43.31
C SER F 68 13.45 -12.79 43.77
N PRO F 69 13.23 -13.23 45.01
CA PRO F 69 13.94 -14.41 45.49
C PRO F 69 13.75 -15.61 44.59
N SER F 70 14.63 -16.60 44.77
CA SER F 70 14.56 -17.81 43.96
C SER F 70 13.25 -18.56 44.19
N SER F 71 12.74 -18.52 45.43
CA SER F 71 11.51 -19.24 45.73
C SER F 71 10.33 -18.70 44.94
N PHE F 72 10.38 -17.44 44.53
CA PHE F 72 9.29 -16.85 43.79
C PHE F 72 9.14 -17.50 42.43
N SER F 73 7.90 -17.68 42.00
CA SER F 73 7.61 -18.19 40.67
C SER F 73 7.84 -17.09 39.65
N TRP F 74 7.81 -17.46 38.36
CA TRP F 74 7.99 -16.46 37.32
C TRP F 74 6.84 -15.46 37.32
N ARG F 75 5.62 -15.92 37.61
CA ARG F 75 4.48 -15.03 37.74
C ARG F 75 4.59 -14.10 38.93
N GLN F 76 5.08 -14.58 40.06
CA GLN F 76 5.33 -13.70 41.20
C GLN F 76 6.40 -12.67 40.86
N ALA F 77 7.43 -13.08 40.14
CA ALA F 77 8.46 -12.15 39.71
C ALA F 77 7.88 -11.08 38.78
N ALA F 78 7.03 -11.50 37.84
CA ALA F 78 6.36 -10.53 36.98
C ALA F 78 5.50 -9.58 37.77
N PHE F 79 4.78 -10.10 38.77
CA PHE F 79 3.98 -9.24 39.63
C PHE F 79 4.86 -8.20 40.32
N VAL F 80 5.99 -8.63 40.87
CA VAL F 80 6.86 -7.69 41.58
C VAL F 80 7.38 -6.64 40.62
N ASP F 81 7.86 -7.07 39.45
CA ASP F 81 8.42 -6.12 38.49
C ASP F 81 7.39 -5.09 38.08
N SER F 82 6.20 -5.55 37.69
CA SER F 82 5.17 -4.63 37.21
C SER F 82 4.63 -3.75 38.34
N TYR F 83 4.51 -4.31 39.54
CA TYR F 83 4.07 -3.52 40.68
C TYR F 83 5.04 -2.38 40.94
N CYS F 84 6.34 -2.67 40.92
CA CYS F 84 7.31 -1.61 41.13
C CYS F 84 7.29 -0.61 39.97
N TRP F 85 7.10 -1.10 38.75
CA TRP F 85 6.96 -0.21 37.60
C TRP F 85 5.84 0.78 37.81
N ALA F 86 4.68 0.31 38.26
CA ALA F 86 3.54 1.19 38.53
C ALA F 86 3.71 2.00 39.81
N ALA F 87 4.55 1.54 40.72
CA ALA F 87 4.73 2.18 42.02
C ALA F 87 5.85 3.18 42.05
N VAL F 88 6.61 3.32 40.95
CA VAL F 88 7.57 4.43 40.87
C VAL F 88 6.88 5.74 41.21
N GLN F 89 5.62 5.88 40.80
CA GLN F 89 4.86 7.09 41.11
C GLN F 89 4.42 7.10 42.57
N GLN F 90 3.98 5.95 43.08
CA GLN F 90 3.57 5.84 44.49
C GLN F 90 4.80 6.00 45.37
N LYS F 91 4.88 7.13 46.07
CA LYS F 91 6.11 7.48 46.78
C LYS F 91 6.39 6.53 47.93
N ASN F 92 5.35 6.18 48.70
CA ASN F 92 5.58 5.36 49.89
C ASN F 92 6.08 3.98 49.51
N SER F 93 5.71 3.48 48.34
CA SER F 93 6.07 2.12 47.96
C SER F 93 7.59 1.97 47.84
N LEU F 94 8.27 2.94 47.24
CA LEU F 94 9.69 2.85 46.99
C LEU F 94 10.46 3.85 47.84
N GLN F 95 11.72 3.51 48.10
CA GLN F 95 12.65 4.37 48.83
C GLN F 95 13.99 4.36 48.10
N SER F 96 14.26 5.41 47.34
CA SER F 96 15.49 5.53 46.56
C SER F 96 16.27 6.76 47.01
N GLU F 97 17.60 6.66 46.95
CA GLU F 97 18.44 7.77 47.38
C GLU F 97 18.21 9.00 46.50
N SER F 98 18.13 8.81 45.19
CA SER F 98 17.94 9.91 44.27
C SER F 98 16.56 10.54 44.36
N GLY F 99 15.62 9.89 45.03
CA GLY F 99 14.27 10.38 45.17
C GLY F 99 13.29 9.64 44.28
N ASN F 100 12.22 10.35 43.91
CA ASN F 100 11.18 9.79 43.05
C ASN F 100 11.08 10.49 41.71
N LEU F 101 11.49 11.75 41.62
CA LEU F 101 11.51 12.42 40.33
C LEU F 101 12.42 11.72 39.33
N PRO F 102 13.61 11.25 39.70
CA PRO F 102 14.40 10.47 38.74
C PRO F 102 13.66 9.26 38.20
N LEU F 103 12.90 8.56 39.04
CA LEU F 103 12.16 7.41 38.58
C LEU F 103 11.02 7.82 37.66
N TRP F 104 10.29 8.87 38.03
CA TRP F 104 9.27 9.42 37.13
C TRP F 104 9.87 9.72 35.76
N LEU F 105 11.00 10.40 35.75
CA LEU F 105 11.63 10.78 34.48
C LEU F 105 12.08 9.56 33.69
N HIS F 106 12.67 8.58 34.37
CA HIS F 106 13.13 7.39 33.68
C HIS F 106 11.97 6.64 33.05
N LYS F 107 10.83 6.60 33.75
CA LYS F 107 9.67 5.88 33.22
C LYS F 107 9.01 6.65 32.08
N PHE F 108 8.99 7.98 32.14
CA PHE F 108 8.20 8.78 31.22
C PHE F 108 9.06 9.57 30.23
N PHE F 109 10.35 9.23 30.09
CA PHE F 109 11.21 9.92 29.14
C PHE F 109 10.65 9.93 27.72
N PRO F 110 10.16 8.81 27.17
CA PRO F 110 9.56 8.88 25.83
C PRO F 110 8.40 9.87 25.76
N TYR F 111 7.58 9.93 26.80
CA TYR F 111 6.48 10.88 26.82
C TYR F 111 6.99 12.31 26.80
N ILE F 112 8.06 12.59 27.54
CA ILE F 112 8.57 13.96 27.59
C ILE F 112 9.20 14.35 26.26
N LEU F 113 9.92 13.41 25.62
CA LEU F 113 10.46 13.71 24.30
C LEU F 113 9.34 13.96 23.30
N LEU F 114 8.28 13.14 23.35
CA LEU F 114 7.15 13.37 22.45
C LEU F 114 6.48 14.70 22.73
N LEU F 115 6.38 15.08 24.00
CA LEU F 115 5.81 16.37 24.35
C LEU F 115 6.63 17.51 23.77
N PHE F 116 7.96 17.41 23.89
CA PHE F 116 8.82 18.44 23.31
C PHE F 116 8.64 18.50 21.79
N ALA F 117 8.57 17.34 21.14
CA ALA F 117 8.38 17.32 19.70
C ALA F 117 7.06 17.99 19.32
N ILE F 118 5.99 17.68 20.04
CA ILE F 118 4.68 18.27 19.73
C ILE F 118 4.70 19.76 19.96
N LEU F 119 5.30 20.21 21.06
CA LEU F 119 5.35 21.64 21.36
C LEU F 119 6.20 22.40 20.35
N LEU F 120 7.22 21.74 19.79
CA LEU F 120 8.03 22.37 18.75
C LEU F 120 7.32 22.38 17.40
N TYR F 121 6.50 21.36 17.14
CA TYR F 121 5.72 21.31 15.90
C TYR F 121 4.50 22.24 15.95
N LEU F 122 4.06 22.61 17.14
CA LEU F 122 2.86 23.46 17.25
C LEU F 122 3.03 24.81 16.57
N PRO F 123 4.11 25.57 16.81
CA PRO F 123 4.22 26.91 16.21
C PRO F 123 4.29 26.83 14.69
N PRO F 124 5.05 25.89 14.13
CA PRO F 124 5.00 25.72 12.66
C PRO F 124 3.60 25.44 12.14
N LEU F 125 2.82 24.63 12.86
CA LEU F 125 1.46 24.32 12.42
C LEU F 125 0.57 25.56 12.51
N PHE F 126 0.72 26.35 13.57
CA PHE F 126 -0.03 27.59 13.68
C PHE F 126 0.32 28.52 12.53
N TRP F 127 1.62 28.65 12.21
CA TRP F 127 2.02 29.42 11.06
C TRP F 127 1.33 28.93 9.80
N ARG F 128 1.43 27.62 9.53
CA ARG F 128 0.84 27.03 8.33
C ARG F 128 -0.66 27.30 8.23
N PHE F 129 -1.39 27.21 9.33
CA PHE F 129 -2.85 27.30 9.27
C PHE F 129 -3.38 28.70 9.55
N ALA F 130 -2.52 29.67 9.87
CA ALA F 130 -2.96 31.03 10.11
C ALA F 130 -2.36 32.02 9.10
N ALA F 131 -1.04 32.04 8.95
CA ALA F 131 -0.36 33.07 8.19
C ALA F 131 0.13 32.60 6.83
N ALA F 132 0.06 31.30 6.54
CA ALA F 132 0.60 30.79 5.29
C ALA F 132 -0.32 31.10 4.11
N PRO F 133 -1.64 30.93 4.24
CA PRO F 133 -2.52 31.24 3.11
C PRO F 133 -2.42 32.69 2.67
N HIS F 134 -2.38 33.62 3.63
CA HIS F 134 -2.33 35.05 3.29
C HIS F 134 -1.05 35.40 2.57
N ILE F 135 0.09 34.97 3.12
CA ILE F 135 1.38 35.25 2.48
C ILE F 135 1.45 34.58 1.12
N CYS F 136 0.90 33.36 1.01
CA CYS F 136 0.93 32.66 -0.28
C CYS F 136 0.14 33.42 -1.33
N SER F 137 -1.06 33.89 -0.98
CA SER F 137 -1.86 34.65 -1.92
C SER F 137 -1.15 35.94 -2.32
N ASP F 138 -0.59 36.65 -1.34
CA ASP F 138 0.10 37.90 -1.65
C ASP F 138 1.31 37.65 -2.55
N LEU F 139 2.05 36.59 -2.28
CA LEU F 139 3.23 36.29 -3.07
C LEU F 139 2.86 35.85 -4.48
N LYS F 140 1.75 35.12 -4.63
CA LYS F 140 1.26 34.77 -5.96
C LYS F 140 0.87 36.02 -6.73
N PHE F 141 0.20 36.97 -6.05
CA PHE F 141 -0.11 38.24 -6.70
C PHE F 141 1.16 38.96 -7.14
N ILE F 142 2.17 38.98 -6.28
CA ILE F 142 3.42 39.67 -6.62
C ILE F 142 4.09 39.00 -7.82
N MET F 143 4.14 37.67 -7.83
CA MET F 143 4.72 36.95 -8.95
C MET F 143 3.96 37.24 -10.24
N GLU F 144 2.63 37.22 -10.18
CA GLU F 144 1.84 37.50 -11.38
C GLU F 144 2.10 38.92 -11.87
N GLU F 145 2.18 39.88 -10.96
CA GLU F 145 2.45 41.26 -11.35
C GLU F 145 3.82 41.38 -12.00
N LEU F 146 4.83 40.73 -11.42
CA LEU F 146 6.18 40.78 -11.98
C LEU F 146 6.21 40.17 -13.37
N ASP F 147 5.56 39.02 -13.55
CA ASP F 147 5.54 38.40 -14.87
C ASP F 147 4.83 39.28 -15.88
N LYS F 148 3.70 39.87 -15.48
CA LYS F 148 2.95 40.74 -16.40
C LYS F 148 3.79 41.96 -16.80
N VAL F 149 4.47 42.58 -15.83
CA VAL F 149 5.24 43.79 -16.17
C VAL F 149 6.44 43.42 -17.04
N TYR F 150 7.06 42.26 -16.78
CA TYR F 150 8.15 41.82 -17.65
C TYR F 150 7.65 41.58 -19.06
N ASN F 151 6.49 40.94 -19.21
CA ASN F 151 5.93 40.70 -20.53
C ASN F 151 5.63 42.01 -21.24
N ARG F 152 5.04 42.97 -20.52
CA ARG F 152 4.74 44.27 -21.12
C ARG F 152 6.01 44.98 -21.54
N ALA F 153 7.06 44.91 -20.72
CA ALA F 153 8.31 45.58 -21.06
C ALA F 153 8.94 44.96 -22.30
N ILE F 154 8.96 43.63 -22.39
CA ILE F 154 9.56 43.00 -23.57
C ILE F 154 8.72 43.29 -24.81
N LYS F 155 7.40 43.32 -24.67
CA LYS F 155 6.54 43.66 -25.81
C LYS F 155 6.80 45.09 -26.27
N ALA F 156 6.94 46.02 -25.33
CA ALA F 156 7.24 47.40 -25.70
C ALA F 156 8.58 47.50 -26.40
N ALA F 157 9.59 46.79 -25.89
CA ALA F 157 10.90 46.80 -26.53
C ALA F 157 10.82 46.24 -27.95
N LYS F 158 10.09 45.15 -28.14
CA LYS F 158 9.94 44.58 -29.48
C LYS F 158 9.23 45.55 -30.40
N SER F 159 8.18 46.21 -29.91
CA SER F 159 7.47 47.18 -30.74
C SER F 159 8.37 48.34 -31.13
N ALA F 160 9.17 48.84 -30.18
CA ALA F 160 10.10 49.93 -30.50
C ALA F 160 11.12 49.49 -31.53
N ARG F 161 11.67 48.27 -31.37
CA ARG F 161 12.66 47.77 -32.33
C ARG F 161 12.04 47.64 -33.72
N ASP F 162 10.83 47.09 -33.81
CA ASP F 162 10.16 46.90 -35.08
C ASP F 162 9.53 48.20 -35.57
N PHE F 191 -1.93 52.58 -18.61
CA PHE F 191 -1.80 52.39 -17.18
C PHE F 191 -0.37 52.67 -16.72
N LYS F 192 0.50 51.67 -16.86
CA LYS F 192 1.90 51.79 -16.48
C LYS F 192 2.02 52.25 -15.02
N TYR F 193 1.17 51.71 -14.16
CA TYR F 193 1.18 52.08 -12.75
C TYR F 193 1.99 51.06 -11.94
N PRO F 194 2.79 51.50 -10.96
CA PRO F 194 3.56 50.55 -10.14
C PRO F 194 2.72 49.91 -9.05
N ILE F 195 1.81 49.02 -9.47
CA ILE F 195 0.86 48.41 -8.54
C ILE F 195 1.61 47.55 -7.52
N VAL F 196 2.58 46.75 -7.99
CA VAL F 196 3.30 45.85 -7.08
C VAL F 196 4.14 46.64 -6.09
N GLU F 197 4.79 47.70 -6.57
CA GLU F 197 5.59 48.52 -5.65
C GLU F 197 4.70 49.22 -4.62
N GLN F 198 3.53 49.70 -5.04
CA GLN F 198 2.61 50.29 -4.08
C GLN F 198 2.14 49.27 -3.06
N TYR F 199 1.88 48.04 -3.52
CA TYR F 199 1.46 47.00 -2.59
C TYR F 199 2.56 46.69 -1.57
N LEU F 200 3.81 46.61 -2.02
CA LEU F 200 4.92 46.40 -1.10
C LEU F 200 5.05 47.56 -0.13
N LYS F 201 4.91 48.79 -0.63
CA LYS F 201 5.00 49.96 0.25
C LYS F 201 3.91 49.92 1.32
N THR F 202 2.70 49.55 0.93
CA THR F 202 1.62 49.39 1.92
C THR F 202 1.96 48.31 2.92
N LYS F 203 2.52 47.19 2.44
CA LYS F 203 2.92 46.12 3.35
C LYS F 203 4.00 46.59 4.32
N LYS F 204 4.76 47.61 3.93
CA LYS F 204 5.81 48.11 4.80
C LYS F 204 5.26 48.53 6.16
N ASN F 205 4.04 49.05 6.21
CA ASN F 205 3.46 49.51 7.47
C ASN F 205 2.94 48.34 8.30
N SER F 206 2.07 47.52 7.72
CA SER F 206 1.49 46.41 8.47
C SER F 206 2.57 45.45 8.95
N ASN F 207 2.40 44.93 10.16
CA ASN F 207 3.42 44.08 10.77
C ASN F 207 2.83 42.87 11.48
N ASN F 208 1.56 42.53 11.24
CA ASN F 208 0.98 41.37 11.90
C ASN F 208 1.70 40.10 11.50
N LEU F 209 2.04 39.96 10.22
CA LEU F 209 2.72 38.76 9.76
C LEU F 209 4.08 38.59 10.41
N ILE F 210 4.87 39.67 10.45
CA ILE F 210 6.19 39.59 11.07
C ILE F 210 6.05 39.33 12.57
N ILE F 211 5.04 39.92 13.21
CA ILE F 211 4.85 39.69 14.64
C ILE F 211 4.54 38.22 14.89
N LYS F 212 3.66 37.63 14.07
CA LYS F 212 3.36 36.21 14.22
C LYS F 212 4.60 35.35 14.00
N TYR F 213 5.39 35.67 12.97
CA TYR F 213 6.60 34.91 12.70
C TYR F 213 7.58 34.99 13.88
N ILE F 214 7.78 36.19 14.41
CA ILE F 214 8.70 36.37 15.52
C ILE F 214 8.18 35.65 16.76
N SER F 215 6.88 35.71 17.01
CA SER F 215 6.32 35.02 18.17
C SER F 215 6.51 33.52 18.05
N CYS F 216 6.27 32.96 16.86
CA CYS F 216 6.47 31.53 16.67
C CYS F 216 7.93 31.15 16.87
N ARG F 217 8.86 31.93 16.31
CA ARG F 217 10.27 31.62 16.48
C ARG F 217 10.68 31.72 17.94
N LEU F 218 10.18 32.73 18.65
CA LEU F 218 10.53 32.90 20.06
C LEU F 218 9.98 31.75 20.90
N LEU F 219 8.75 31.31 20.62
CA LEU F 219 8.20 30.18 21.35
C LEU F 219 9.00 28.91 21.06
N THR F 220 9.42 28.73 19.80
CA THR F 220 10.26 27.58 19.48
C THR F 220 11.56 27.64 20.25
N LEU F 221 12.17 28.82 20.33
CA LEU F 221 13.43 28.97 21.06
C LEU F 221 13.22 28.67 22.54
N ILE F 222 12.12 29.16 23.12
CA ILE F 222 11.84 28.91 24.53
C ILE F 222 11.66 27.42 24.79
N ILE F 223 10.91 26.75 23.91
CA ILE F 223 10.70 25.31 24.07
C ILE F 223 12.03 24.58 23.96
N ILE F 224 12.87 24.99 23.02
CA ILE F 224 14.18 24.35 22.85
C ILE F 224 15.03 24.53 24.10
N LEU F 225 15.03 25.74 24.67
CA LEU F 225 15.82 25.97 25.88
C LEU F 225 15.29 25.15 27.05
N LEU F 226 13.97 25.07 27.19
CA LEU F 226 13.40 24.25 28.26
C LEU F 226 13.77 22.78 28.07
N ALA F 227 13.73 22.31 26.82
CA ALA F 227 14.14 20.94 26.54
C ALA F 227 15.60 20.73 26.88
N CYS F 228 16.46 21.72 26.57
CA CYS F 228 17.87 21.61 26.92
C CYS F 228 18.05 21.51 28.43
N ILE F 229 17.32 22.33 29.18
CA ILE F 229 17.42 22.29 30.64
C ILE F 229 17.01 20.91 31.14
N TYR F 230 15.89 20.39 30.63
CA TYR F 230 15.41 19.08 31.09
C TYR F 230 16.41 17.98 30.74
N LEU F 231 16.94 18.01 29.52
CA LEU F 231 17.88 16.98 29.10
C LEU F 231 19.18 17.05 29.89
N GLY F 232 19.64 18.26 30.19
CA GLY F 232 20.81 18.39 31.04
C GLY F 232 20.58 17.84 32.43
N TYR F 233 19.41 18.13 33.00
CA TYR F 233 19.07 17.56 34.31
C TYR F 233 19.02 16.04 34.25
N TYR F 234 18.44 15.50 33.18
CA TYR F 234 18.35 14.04 33.04
C TYR F 234 19.72 13.41 32.91
N PHE F 235 20.60 14.03 32.13
CA PHE F 235 21.93 13.48 31.90
C PHE F 235 22.89 13.73 33.07
N SER F 236 22.57 14.67 33.95
CA SER F 236 23.41 14.95 35.10
C SER F 236 23.15 13.99 36.26
N LEU F 237 22.18 13.11 36.14
CA LEU F 237 21.87 12.18 37.22
C LEU F 237 23.05 11.24 37.45
N SER F 238 23.07 10.64 38.65
CA SER F 238 24.20 9.81 39.07
C SER F 238 24.33 8.53 38.28
N SER F 239 23.32 8.17 37.48
CA SER F 239 23.22 6.93 36.71
C SER F 239 22.89 5.74 37.60
N LEU F 240 22.85 5.92 38.92
CA LEU F 240 22.38 4.89 39.84
C LEU F 240 20.98 5.16 40.35
N SER F 241 20.37 6.28 39.94
CA SER F 241 19.01 6.57 40.32
C SER F 241 18.01 5.61 39.69
N ASP F 242 18.38 4.97 38.59
CA ASP F 242 17.53 3.95 37.99
C ASP F 242 17.27 2.81 38.95
N GLU F 243 18.22 2.51 39.84
CA GLU F 243 18.03 1.49 40.87
C GLU F 243 17.27 2.09 42.05
N PHE F 244 16.13 1.51 42.36
CA PHE F 244 15.31 1.94 43.49
C PHE F 244 14.84 0.72 44.27
N VAL F 245 14.60 0.93 45.55
CA VAL F 245 14.11 -0.13 46.43
C VAL F 245 12.58 -0.14 46.38
N CYS F 246 12.01 -1.32 46.20
CA CYS F 246 10.58 -1.48 46.00
C CYS F 246 10.00 -2.39 47.08
N SER F 247 8.81 -2.05 47.55
CA SER F 247 8.18 -2.74 48.67
C SER F 247 6.75 -3.09 48.31
N ILE F 248 6.49 -4.37 48.07
CA ILE F 248 5.11 -4.86 47.90
C ILE F 248 4.64 -5.27 49.30
N LYS F 249 4.20 -4.27 50.07
CA LYS F 249 3.79 -4.50 51.45
C LYS F 249 2.59 -3.65 51.81
N SER F 250 1.71 -3.38 50.84
CA SER F 250 0.49 -2.62 51.07
C SER F 250 -0.71 -3.52 50.82
N GLY F 251 -1.61 -3.57 51.80
CA GLY F 251 -2.77 -4.43 51.71
C GLY F 251 -2.63 -5.68 52.54
N ILE F 252 -3.08 -6.82 51.99
CA ILE F 252 -2.98 -8.07 52.72
C ILE F 252 -1.54 -8.56 52.80
N LEU F 253 -0.66 -8.09 51.93
CA LEU F 253 0.74 -8.49 51.93
C LEU F 253 1.58 -7.66 52.90
N ARG F 254 0.98 -6.70 53.60
CA ARG F 254 1.75 -5.84 54.48
C ARG F 254 2.43 -6.63 55.59
N ASN F 255 1.70 -7.56 56.20
CA ASN F 255 2.21 -8.34 57.32
C ASN F 255 2.64 -9.75 56.91
N ASP F 256 2.63 -10.04 55.60
CA ASP F 256 3.07 -11.36 55.14
C ASP F 256 4.56 -11.55 55.40
N SER F 257 4.93 -12.78 55.75
CA SER F 257 6.29 -13.10 56.17
C SER F 257 7.16 -13.64 55.05
N THR F 258 6.62 -14.54 54.21
CA THR F 258 7.43 -15.16 53.17
C THR F 258 7.96 -14.13 52.18
N VAL F 259 7.24 -13.04 51.98
CA VAL F 259 7.66 -12.01 51.04
C VAL F 259 8.72 -11.14 51.71
N PRO F 260 9.86 -10.90 51.07
CA PRO F 260 10.87 -10.03 51.68
C PRO F 260 10.36 -8.60 51.81
N ASP F 261 10.91 -7.89 52.80
CA ASP F 261 10.42 -6.55 53.09
C ASP F 261 10.61 -5.61 51.91
N GLN F 262 11.57 -5.90 51.03
CA GLN F 262 11.84 -5.02 49.91
C GLN F 262 12.61 -5.79 48.83
N PHE F 263 12.72 -5.15 47.67
CA PHE F 263 13.33 -5.75 46.49
C PHE F 263 14.29 -4.75 45.86
N GLN F 264 15.19 -5.26 45.03
CA GLN F 264 16.16 -4.44 44.32
C GLN F 264 15.74 -4.36 42.85
N CYS F 265 15.16 -3.23 42.47
CA CYS F 265 14.68 -3.00 41.12
C CYS F 265 15.60 -2.02 40.40
N LYS F 266 15.76 -2.23 39.09
CA LYS F 266 16.55 -1.35 38.24
C LYS F 266 15.74 -0.99 37.02
N LEU F 267 15.72 0.30 36.69
CA LEU F 267 15.02 0.79 35.50
C LEU F 267 15.96 0.66 34.32
N ILE F 268 15.60 -0.22 33.38
CA ILE F 268 16.46 -0.49 32.24
C ILE F 268 16.28 0.59 31.18
N ALA F 269 17.30 0.74 30.35
CA ALA F 269 17.37 1.73 29.27
C ALA F 269 17.53 3.15 29.80
N VAL F 270 17.82 3.32 31.09
CA VAL F 270 18.05 4.66 31.61
C VAL F 270 19.35 5.22 31.09
N GLY F 271 20.39 4.38 30.96
CA GLY F 271 21.62 4.86 30.36
C GLY F 271 21.45 5.24 28.91
N ILE F 272 20.67 4.47 28.17
CA ILE F 272 20.38 4.79 26.78
C ILE F 272 19.60 6.09 26.69
N PHE F 273 18.63 6.28 27.59
CA PHE F 273 17.92 7.54 27.64
C PHE F 273 18.86 8.70 27.90
N GLN F 274 19.81 8.53 28.82
CA GLN F 274 20.77 9.58 29.11
C GLN F 274 21.65 9.90 27.90
N LEU F 275 22.12 8.87 27.22
CA LEU F 275 22.93 9.07 26.01
C LEU F 275 22.14 9.84 24.95
N LEU F 276 20.92 9.39 24.67
CA LEU F 276 20.10 10.05 23.67
C LEU F 276 19.74 11.47 24.11
N SER F 277 19.56 11.68 25.41
CA SER F 277 19.22 13.01 25.91
C SER F 277 20.39 13.97 25.74
N VAL F 278 21.61 13.51 26.01
CA VAL F 278 22.76 14.39 25.79
C VAL F 278 22.95 14.66 24.30
N ILE F 279 22.67 13.66 23.45
CA ILE F 279 22.75 13.90 22.01
C ILE F 279 21.74 14.98 21.59
N ASN F 280 20.50 14.85 22.07
CA ASN F 280 19.48 15.83 21.75
C ASN F 280 19.85 17.20 22.30
N LEU F 281 20.47 17.23 23.49
CA LEU F 281 20.91 18.49 24.07
C LEU F 281 21.96 19.16 23.18
N VAL F 282 22.92 18.37 22.69
CA VAL F 282 23.94 18.93 21.79
C VAL F 282 23.28 19.48 20.54
N VAL F 283 22.35 18.72 19.96
CA VAL F 283 21.70 19.18 18.73
C VAL F 283 20.93 20.47 18.98
N TYR F 284 20.21 20.54 20.11
CA TYR F 284 19.39 21.71 20.38
C TYR F 284 20.24 22.93 20.68
N VAL F 285 21.35 22.76 21.40
CA VAL F 285 22.21 23.91 21.67
C VAL F 285 22.86 24.39 20.38
N LEU F 286 23.22 23.47 19.47
CA LEU F 286 23.70 23.90 18.16
C LEU F 286 22.61 24.61 17.37
N LEU F 287 21.36 24.19 17.54
CA LEU F 287 20.26 24.72 16.74
C LEU F 287 19.79 26.09 17.24
N ALA F 288 19.87 26.34 18.54
CA ALA F 288 19.34 27.59 19.09
C ALA F 288 19.96 28.83 18.43
N PRO F 289 21.27 28.89 18.18
CA PRO F 289 21.81 30.04 17.43
C PRO F 289 21.12 30.23 16.09
N VAL F 290 20.78 29.15 15.40
CA VAL F 290 20.03 29.27 14.16
C VAL F 290 18.68 29.92 14.42
N VAL F 291 18.06 29.57 15.55
CA VAL F 291 16.75 30.14 15.87
C VAL F 291 16.85 31.64 16.14
N VAL F 292 17.88 32.07 16.87
CA VAL F 292 18.01 33.50 17.14
C VAL F 292 18.36 34.25 15.86
N TYR F 293 19.16 33.62 14.98
CA TYR F 293 19.44 34.24 13.68
C TYR F 293 18.17 34.41 12.87
N THR F 294 17.32 33.38 12.84
CA THR F 294 16.05 33.51 12.14
C THR F 294 15.17 34.59 12.78
N LEU F 295 15.23 34.70 14.11
CA LEU F 295 14.48 35.76 14.79
C LEU F 295 14.93 37.14 14.35
N PHE F 296 16.24 37.35 14.23
CA PHE F 296 16.79 38.60 13.72
C PHE F 296 16.61 38.63 12.20
N VAL F 297 15.39 38.99 11.79
CA VAL F 297 15.04 38.97 10.37
C VAL F 297 15.65 40.11 9.59
N PRO F 298 15.68 41.36 10.09
CA PRO F 298 16.17 42.44 9.22
C PRO F 298 17.59 42.23 8.74
N PHE F 299 18.46 41.66 9.58
CA PHE F 299 19.82 41.35 9.14
C PHE F 299 19.80 40.32 8.02
N ARG F 300 18.89 39.35 8.11
CA ARG F 300 18.71 38.40 7.01
C ARG F 300 18.24 39.11 5.75
N GLN F 301 17.49 40.20 5.90
CA GLN F 301 16.95 40.91 4.75
C GLN F 301 18.08 41.61 4.00
N LYS F 302 18.64 40.94 3.00
CA LYS F 302 19.72 41.48 2.20
C LYS F 302 19.68 40.82 0.83
N THR F 303 20.60 41.24 -0.04
CA THR F 303 20.65 40.76 -1.42
C THR F 303 19.31 41.02 -2.11
N ASP F 304 19.01 42.31 -2.27
CA ASP F 304 17.71 42.74 -2.77
C ASP F 304 17.31 41.96 -4.01
N VAL F 305 16.22 41.19 -3.87
CA VAL F 305 15.69 40.44 -5.01
C VAL F 305 15.12 41.39 -6.05
N LEU F 306 14.49 42.48 -5.61
CA LEU F 306 13.86 43.42 -6.52
C LEU F 306 14.85 44.32 -7.22
N LYS F 307 16.11 44.37 -6.76
CA LYS F 307 17.10 45.21 -7.42
C LYS F 307 17.31 44.78 -8.87
N VAL F 308 17.06 43.52 -9.17
CA VAL F 308 17.24 43.02 -10.54
C VAL F 308 16.21 43.64 -11.48
N TYR F 309 14.97 43.81 -11.00
CA TYR F 309 13.89 44.33 -11.83
C TYR F 309 14.00 45.83 -12.10
N GLU F 310 14.93 46.52 -11.45
CA GLU F 310 14.99 47.97 -11.55
C GLU F 310 15.44 48.46 -12.93
N ILE F 311 15.94 47.57 -13.79
CA ILE F 311 16.39 47.97 -15.12
C ILE F 311 15.25 47.98 -16.13
N LEU F 312 14.10 47.41 -15.80
CA LEU F 312 12.98 47.38 -16.75
C LEU F 312 12.39 48.77 -16.90
N PRO F 313 12.19 49.26 -18.14
CA PRO F 313 11.56 50.57 -18.30
C PRO F 313 10.17 50.65 -17.67
N THR F 314 9.41 49.56 -17.71
CA THR F 314 8.05 49.56 -17.18
C THR F 314 8.00 49.43 -15.66
N PHE F 315 9.13 49.20 -15.01
CA PHE F 315 9.19 49.04 -13.56
C PHE F 315 9.93 50.23 -12.96
N ASP F 316 9.31 50.87 -11.96
CA ASP F 316 9.91 52.03 -11.33
C ASP F 316 11.21 51.63 -10.63
N VAL F 317 12.18 52.54 -10.67
CA VAL F 317 13.51 52.27 -10.09
C VAL F 317 13.43 52.71 -8.63
N LEU F 318 12.94 51.79 -7.78
CA LEU F 318 12.86 52.05 -6.34
C LEU F 318 12.64 50.73 -5.63
N HIS F 319 13.62 50.31 -4.82
CA HIS F 319 13.44 49.10 -4.01
C HIS F 319 12.67 49.42 -2.73
N PHE F 320 13.22 50.30 -1.90
CA PHE F 320 12.54 50.78 -0.69
C PHE F 320 12.07 49.61 0.17
N LYS F 321 13.00 48.70 0.47
CA LYS F 321 12.70 47.55 1.33
C LYS F 321 13.97 47.18 2.08
N SER F 322 14.11 47.72 3.29
CA SER F 322 15.24 47.40 4.15
C SER F 322 15.07 48.13 5.48
N GLU F 323 15.75 47.63 6.51
CA GLU F 323 15.83 48.29 7.81
C GLU F 323 14.43 48.54 8.39
N GLY F 324 13.71 47.44 8.64
CA GLY F 324 12.40 47.54 9.23
C GLY F 324 11.90 46.24 9.85
N TYR F 325 11.39 46.32 11.07
CA TYR F 325 10.73 45.19 11.73
C TYR F 325 9.27 45.10 11.27
N ASN F 326 9.10 44.90 9.96
CA ASN F 326 7.80 44.90 9.32
C ASN F 326 7.68 43.69 8.40
N ASP F 327 6.46 43.47 7.92
CA ASP F 327 6.21 42.33 7.04
C ASP F 327 6.94 42.47 5.71
N LEU F 328 7.42 43.67 5.38
CA LEU F 328 8.12 43.84 4.11
C LEU F 328 9.40 43.03 4.06
N SER F 329 10.17 43.03 5.16
CA SER F 329 11.39 42.23 5.21
C SER F 329 11.08 40.74 5.10
N LEU F 330 10.02 40.29 5.76
CA LEU F 330 9.63 38.88 5.67
C LEU F 330 9.24 38.52 4.24
N TYR F 331 8.51 39.41 3.57
CA TYR F 331 8.16 39.17 2.17
C TYR F 331 9.41 39.14 1.29
N ASN F 332 10.38 40.00 1.59
CA ASN F 332 11.63 39.99 0.83
C ASN F 332 12.35 38.65 1.00
N LEU F 333 12.38 38.14 2.24
CA LEU F 333 13.01 36.84 2.48
C LEU F 333 12.26 35.74 1.73
N PHE F 334 10.93 35.76 1.78
CA PHE F 334 10.16 34.75 1.08
C PHE F 334 10.39 34.81 -0.43
N LEU F 335 10.49 36.02 -0.98
CA LEU F 335 10.82 36.15 -2.39
C LEU F 335 12.20 35.56 -2.69
N GLU F 336 13.21 35.96 -1.91
CA GLU F 336 14.54 35.41 -2.11
C GLU F 336 14.55 33.89 -1.99
N GLU F 337 13.60 33.34 -1.24
CA GLU F 337 13.55 31.89 -1.05
C GLU F 337 12.88 31.19 -2.22
N ASN F 338 11.76 31.73 -2.70
CA ASN F 338 10.93 31.07 -3.70
C ASN F 338 10.71 31.93 -4.95
N ILE F 339 11.75 32.61 -5.43
CA ILE F 339 11.67 33.39 -6.67
C ILE F 339 12.42 32.72 -7.81
N SER F 340 13.25 31.71 -7.54
CA SER F 340 13.99 31.05 -8.60
C SER F 340 13.08 30.38 -9.61
N GLU F 341 11.81 30.12 -9.24
CA GLU F 341 10.87 29.47 -10.15
C GLU F 341 10.28 30.43 -11.17
N VAL F 342 10.60 31.72 -11.10
CA VAL F 342 10.04 32.71 -12.00
C VAL F 342 11.00 32.92 -13.16
N LYS F 343 10.53 32.64 -14.38
CA LYS F 343 11.38 32.75 -15.55
C LYS F 343 11.81 34.19 -15.80
N SER F 344 10.91 35.15 -15.57
CA SER F 344 11.27 36.54 -15.76
C SER F 344 12.37 36.96 -14.79
N TYR F 345 12.26 36.55 -13.52
CA TYR F 345 13.31 36.86 -12.57
C TYR F 345 14.62 36.20 -12.95
N LYS F 346 14.57 34.95 -13.42
CA LYS F 346 15.80 34.27 -13.85
C LYS F 346 16.45 35.02 -15.00
N CYS F 347 15.65 35.43 -15.98
CA CYS F 347 16.19 36.17 -17.12
C CYS F 347 16.81 37.49 -16.68
N LEU F 348 16.13 38.22 -15.80
CA LEU F 348 16.68 39.47 -15.30
C LEU F 348 17.97 39.24 -14.54
N LYS F 349 18.03 38.16 -13.75
CA LYS F 349 19.23 37.86 -12.98
C LYS F 349 20.40 37.57 -13.92
N VAL F 350 20.18 36.79 -14.97
CA VAL F 350 21.26 36.51 -15.90
C VAL F 350 21.67 37.77 -16.64
N LEU F 351 20.70 38.63 -16.96
CA LEU F 351 21.04 39.90 -17.62
C LEU F 351 21.94 40.74 -16.72
N GLU F 352 21.60 40.85 -15.44
CA GLU F 352 22.44 41.62 -14.52
C GLU F 352 23.81 40.97 -14.37
N ASN F 353 23.86 39.64 -14.33
CA ASN F 353 25.14 38.95 -14.22
C ASN F 353 26.02 39.27 -15.43
N ILE F 354 25.45 39.25 -16.63
CA ILE F 354 26.21 39.61 -17.81
C ILE F 354 26.61 41.08 -17.76
N LYS F 355 25.77 41.92 -17.16
CA LYS F 355 26.10 43.34 -17.04
C LYS F 355 27.33 43.57 -16.19
N SER F 356 27.76 42.56 -15.41
CA SER F 356 28.99 42.72 -14.64
C SER F 356 30.18 43.04 -15.54
N SER F 357 30.28 42.34 -16.67
CA SER F 357 31.32 42.67 -17.64
C SER F 357 31.03 43.98 -18.35
N GLY F 358 29.76 44.25 -18.66
CA GLY F 358 29.37 45.47 -19.33
C GLY F 358 29.61 45.49 -20.82
N GLN F 359 29.90 44.33 -21.43
CA GLN F 359 30.19 44.31 -22.86
C GLN F 359 28.99 44.74 -23.68
N GLY F 360 27.80 44.27 -23.32
CA GLY F 360 26.59 44.52 -24.07
C GLY F 360 25.73 45.60 -23.46
N ILE F 361 24.44 45.55 -23.75
CA ILE F 361 23.47 46.52 -23.27
C ILE F 361 22.29 45.75 -22.67
N ASP F 362 21.75 46.26 -21.56
CA ASP F 362 20.63 45.60 -20.92
C ASP F 362 19.41 45.49 -21.81
N PRO F 363 18.92 46.57 -22.44
CA PRO F 363 17.75 46.41 -23.34
C PRO F 363 18.03 45.50 -24.51
N MET F 364 19.24 45.55 -25.08
CA MET F 364 19.56 44.66 -26.19
C MET F 364 19.52 43.20 -25.74
N LEU F 365 20.09 42.90 -24.58
CA LEU F 365 20.05 41.53 -24.07
C LEU F 365 18.61 41.11 -23.79
N LEU F 366 17.80 42.00 -23.23
CA LEU F 366 16.41 41.66 -22.96
C LEU F 366 15.66 41.34 -24.26
N LEU F 367 15.87 42.16 -25.29
CA LEU F 367 15.23 41.89 -26.58
C LEU F 367 15.72 40.57 -27.17
N THR F 368 17.02 40.30 -27.09
CA THR F 368 17.56 39.08 -27.66
C THR F 368 17.07 37.84 -26.93
N ASN F 369 16.85 37.93 -25.61
CA ASN F 369 16.49 36.75 -24.84
C ASN F 369 15.17 36.14 -25.33
N LEU F 370 14.17 36.97 -25.57
CA LEU F 370 12.85 36.51 -26.01
C LEU F 370 12.34 35.41 -25.09
N GLY F 371 12.20 35.76 -23.81
CA GLY F 371 11.81 34.81 -22.79
C GLY F 371 10.47 35.14 -22.15
N MET F 372 9.50 35.53 -22.97
CA MET F 372 8.18 35.90 -22.42
C MET F 372 7.56 34.75 -21.66
N ILE F 373 7.63 33.54 -22.22
CA ILE F 373 7.06 32.36 -21.57
C ILE F 373 7.53 31.10 -22.29
N ALA G 2 4.82 2.19 17.33
CA ALA G 2 5.60 2.78 18.41
C ALA G 2 5.09 4.18 18.75
N ILE G 3 5.67 4.77 19.79
CA ILE G 3 5.26 6.12 20.21
C ILE G 3 5.38 7.09 19.04
N ALA G 4 6.52 7.03 18.33
CA ALA G 4 6.75 7.96 17.24
C ALA G 4 5.76 7.75 16.11
N GLN G 5 5.43 6.48 15.81
CA GLN G 5 4.45 6.22 14.77
C GLN G 5 3.09 6.78 15.14
N LEU G 6 2.68 6.61 16.39
CA LEU G 6 1.41 7.19 16.84
C LEU G 6 1.43 8.70 16.72
N ALA G 7 2.54 9.33 17.12
CA ALA G 7 2.64 10.78 17.01
C ALA G 7 2.52 11.22 15.56
N THR G 8 3.24 10.56 14.66
CA THR G 8 3.16 10.93 13.25
C THR G 8 1.75 10.76 12.71
N GLU G 9 1.05 9.71 13.16
CA GLU G 9 -0.31 9.49 12.67
C GLU G 9 -1.26 10.56 13.19
N TYR G 10 -1.12 10.98 14.44
CA TYR G 10 -2.19 11.72 15.10
C TYR G 10 -1.93 13.22 15.22
N VAL G 11 -0.69 13.69 15.18
CA VAL G 11 -0.38 15.11 15.26
C VAL G 11 0.34 15.63 14.03
N PHE G 12 1.33 14.88 13.52
CA PHE G 12 2.15 15.35 12.42
C PHE G 12 1.60 14.96 11.05
N SER G 13 0.46 14.27 11.00
CA SER G 13 -0.20 13.93 9.75
C SER G 13 -1.56 14.62 9.68
N ASP G 14 -2.22 14.44 8.53
CA ASP G 14 -3.52 15.05 8.28
C ASP G 14 -4.64 14.20 8.86
N PHE G 15 -4.62 14.06 10.18
CA PHE G 15 -5.66 13.32 10.90
C PHE G 15 -6.87 14.22 11.06
N LEU G 16 -7.97 13.86 10.39
CA LEU G 16 -9.20 14.64 10.36
C LEU G 16 -9.02 15.97 9.63
N LEU G 17 -7.85 16.23 9.06
CA LEU G 17 -7.59 17.43 8.29
C LEU G 17 -7.77 17.23 6.79
N LYS G 18 -8.17 16.03 6.36
CA LYS G 18 -8.34 15.77 4.94
C LYS G 18 -9.50 16.57 4.38
N GLU G 19 -9.27 17.22 3.25
CA GLU G 19 -10.33 17.93 2.57
C GLU G 19 -11.33 16.94 1.97
N PRO G 20 -12.57 17.38 1.72
CA PRO G 20 -13.58 16.45 1.18
C PRO G 20 -13.09 15.74 -0.07
N THR G 21 -13.24 14.41 -0.10
CA THR G 21 -12.81 13.59 -1.24
C THR G 21 -13.98 13.49 -2.21
N GLU G 22 -14.28 14.62 -2.86
CA GLU G 22 -15.37 14.67 -3.83
C GLU G 22 -15.28 15.95 -4.65
N PRO G 23 -15.64 15.92 -5.93
CA PRO G 23 -15.57 17.15 -6.75
C PRO G 23 -16.52 18.23 -6.31
N LYS G 24 -17.55 17.91 -5.51
CA LYS G 24 -18.52 18.92 -5.11
C LYS G 24 -17.86 20.04 -4.33
N PHE G 25 -16.92 19.71 -3.45
CA PHE G 25 -16.21 20.69 -2.63
C PHE G 25 -14.75 20.69 -3.08
N LYS G 26 -14.43 21.55 -4.04
CA LYS G 26 -13.08 21.68 -4.57
C LYS G 26 -12.48 22.97 -4.03
N GLY G 27 -11.56 22.85 -3.07
CA GLY G 27 -10.93 24.00 -2.46
C GLY G 27 -11.74 24.65 -1.36
N LEU G 28 -12.91 24.11 -1.02
CA LEU G 28 -13.76 24.68 0.02
C LEU G 28 -13.53 23.92 1.33
N ARG G 29 -13.21 24.66 2.38
CA ARG G 29 -12.93 24.03 3.67
C ARG G 29 -14.18 23.42 4.27
N LEU G 30 -15.32 24.12 4.17
CA LEU G 30 -16.58 23.66 4.74
C LEU G 30 -16.56 23.69 6.26
N GLU G 31 -15.45 24.15 6.85
CA GLU G 31 -15.30 24.14 8.29
C GLU G 31 -14.30 25.24 8.67
N LEU G 32 -14.64 26.01 9.69
CA LEU G 32 -13.73 27.07 10.13
C LEU G 32 -12.45 26.47 10.67
N ALA G 33 -11.36 27.22 10.55
CA ALA G 33 -10.07 26.73 11.00
C ALA G 33 -10.08 26.45 12.51
N VAL G 34 -10.67 27.36 13.29
CA VAL G 34 -10.71 27.18 14.73
C VAL G 34 -11.52 25.95 15.10
N ASP G 35 -12.67 25.76 14.45
CA ASP G 35 -13.50 24.59 14.73
C ASP G 35 -12.78 23.31 14.34
N LYS G 36 -12.09 23.32 13.19
CA LYS G 36 -11.35 22.14 12.78
C LYS G 36 -10.24 21.81 13.78
N MET G 37 -9.53 22.83 14.26
CA MET G 37 -8.51 22.61 15.28
C MET G 37 -9.14 22.03 16.54
N VAL G 38 -10.26 22.59 16.99
CA VAL G 38 -10.89 22.12 18.21
C VAL G 38 -11.30 20.66 18.07
N THR G 39 -11.96 20.33 16.96
CA THR G 39 -12.38 18.95 16.74
C THR G 39 -11.20 18.00 16.67
N CYS G 40 -10.15 18.39 15.92
CA CYS G 40 -8.99 17.52 15.77
C CYS G 40 -8.35 17.26 17.12
N ILE G 41 -8.17 18.30 17.93
CA ILE G 41 -7.58 18.12 19.25
C ILE G 41 -8.47 17.22 20.09
N ALA G 42 -9.75 17.60 20.24
CA ALA G 42 -10.64 16.89 21.14
C ALA G 42 -10.83 15.44 20.74
N VAL G 43 -10.62 15.10 19.47
CA VAL G 43 -10.80 13.72 19.03
C VAL G 43 -9.50 12.94 19.08
N GLY G 44 -8.43 13.47 18.49
CA GLY G 44 -7.17 12.76 18.41
C GLY G 44 -6.30 12.83 19.63
N LEU G 45 -6.67 13.61 20.65
CA LEU G 45 -5.92 13.61 21.88
C LEU G 45 -6.23 12.35 22.68
N PRO G 46 -7.51 12.08 22.99
CA PRO G 46 -7.80 10.84 23.75
C PRO G 46 -7.34 9.58 23.04
N LEU G 47 -7.45 9.54 21.71
CA LEU G 47 -6.93 8.39 20.98
C LEU G 47 -5.42 8.27 21.14
N LEU G 48 -4.72 9.40 21.06
CA LEU G 48 -3.28 9.39 21.25
C LEU G 48 -2.91 8.89 22.64
N LEU G 49 -3.66 9.33 23.65
CA LEU G 49 -3.37 8.89 25.02
C LEU G 49 -3.65 7.41 25.19
N ILE G 50 -4.74 6.91 24.61
CA ILE G 50 -5.00 5.48 24.64
C ILE G 50 -3.83 4.72 24.04
N SER G 51 -3.38 5.15 22.86
CA SER G 51 -2.29 4.44 22.19
C SER G 51 -1.01 4.50 23.01
N LEU G 52 -0.72 5.67 23.61
CA LEU G 52 0.49 5.82 24.41
C LEU G 52 0.46 4.93 25.64
N ALA G 53 -0.68 4.87 26.33
CA ALA G 53 -0.75 4.17 27.61
C ALA G 53 -0.42 2.69 27.47
N PHE G 54 -0.65 2.09 26.30
CA PHE G 54 -0.37 0.68 26.07
C PHE G 54 0.74 0.48 25.05
N ALA G 55 1.63 1.47 24.94
CA ALA G 55 2.76 1.37 24.04
C ALA G 55 3.68 0.24 24.48
N GLN G 56 4.38 -0.35 23.50
CA GLN G 56 5.22 -1.50 23.78
C GLN G 56 6.34 -1.17 24.76
N GLU G 57 6.68 0.11 24.91
CA GLU G 57 7.77 0.51 25.80
C GLU G 57 7.29 0.88 27.19
N ILE G 58 6.28 1.75 27.28
CA ILE G 58 5.77 2.14 28.59
C ILE G 58 5.08 0.98 29.28
N SER G 59 4.56 0.02 28.52
CA SER G 59 3.78 -1.09 29.09
C SER G 59 4.73 -2.19 29.53
N ILE G 60 4.66 -2.52 30.82
CA ILE G 60 5.49 -3.60 31.35
C ILE G 60 5.04 -4.95 30.80
N GLY G 61 3.73 -5.13 30.65
CA GLY G 61 3.19 -6.39 30.22
C GLY G 61 1.69 -6.48 30.45
N THR G 62 1.25 -7.55 31.10
CA THR G 62 -0.17 -7.72 31.40
C THR G 62 -0.71 -6.51 32.15
N GLN G 63 -2.03 -6.37 32.13
CA GLN G 63 -2.69 -5.22 32.75
C GLN G 63 -3.02 -5.44 34.22
N ILE G 64 -2.69 -6.60 34.77
CA ILE G 64 -3.02 -6.89 36.16
C ILE G 64 -2.18 -8.07 36.62
N SER G 65 -1.76 -8.04 37.88
CA SER G 65 -1.02 -9.13 38.50
C SER G 65 -1.49 -9.27 39.94
N CYS G 66 -1.71 -10.50 40.39
CA CYS G 66 -2.36 -10.75 41.67
C CYS G 66 -1.46 -11.41 42.72
N PHE G 67 -0.25 -11.82 42.36
CA PHE G 67 0.70 -12.38 43.32
C PHE G 67 0.10 -13.60 44.03
N SER G 68 -0.13 -14.64 43.24
CA SER G 68 -0.56 -15.91 43.80
C SER G 68 0.58 -16.55 44.58
N PRO G 69 0.27 -17.42 45.53
CA PRO G 69 1.32 -18.06 46.32
C PRO G 69 2.36 -18.75 45.44
N SER G 70 3.50 -19.05 46.05
CA SER G 70 4.57 -19.71 45.31
C SER G 70 4.14 -21.10 44.85
N SER G 71 3.33 -21.79 45.66
CA SER G 71 2.90 -23.13 45.30
C SER G 71 2.09 -23.14 44.01
N PHE G 72 1.44 -22.03 43.68
CA PHE G 72 0.62 -21.97 42.49
C PHE G 72 1.47 -22.08 41.24
N SER G 73 0.95 -22.81 40.25
CA SER G 73 1.62 -22.89 38.95
C SER G 73 1.43 -21.59 38.19
N TRP G 74 2.14 -21.45 37.07
CA TRP G 74 1.98 -20.25 36.26
C TRP G 74 0.58 -20.17 35.66
N ARG G 75 0.00 -21.32 35.30
CA ARG G 75 -1.38 -21.34 34.83
C ARG G 75 -2.39 -21.00 35.91
N GLN G 76 -2.17 -21.46 37.15
CA GLN G 76 -3.04 -21.04 38.24
C GLN G 76 -2.91 -19.54 38.49
N ALA G 77 -1.69 -19.01 38.40
CA ALA G 77 -1.51 -17.57 38.54
C ALA G 77 -2.24 -16.81 37.45
N ALA G 78 -2.16 -17.29 36.21
CA ALA G 78 -2.89 -16.66 35.11
C ALA G 78 -4.39 -16.73 35.37
N PHE G 79 -4.87 -17.86 35.86
CA PHE G 79 -6.29 -17.97 36.20
C PHE G 79 -6.68 -16.92 37.23
N VAL G 80 -5.88 -16.78 38.29
CA VAL G 80 -6.21 -15.81 39.34
C VAL G 80 -6.22 -14.40 38.78
N ASP G 81 -5.18 -14.05 38.01
CA ASP G 81 -5.08 -12.71 37.47
C ASP G 81 -6.28 -12.39 36.57
N SER G 82 -6.60 -13.29 35.65
CA SER G 82 -7.68 -13.03 34.70
C SER G 82 -9.05 -13.08 35.40
N TYR G 83 -9.21 -13.97 36.37
CA TYR G 83 -10.45 -14.02 37.14
C TYR G 83 -10.70 -12.70 37.84
N CYS G 84 -9.67 -12.16 38.49
CA CYS G 84 -9.81 -10.87 39.16
C CYS G 84 -10.06 -9.76 38.16
N TRP G 85 -9.39 -9.82 37.00
CA TRP G 85 -9.63 -8.84 35.94
C TRP G 85 -11.11 -8.83 35.55
N ALA G 86 -11.70 -10.00 35.36
CA ALA G 86 -13.11 -10.08 35.00
C ALA G 86 -14.03 -9.82 36.18
N ALA G 87 -13.54 -9.98 37.40
CA ALA G 87 -14.34 -9.85 38.60
C ALA G 87 -14.31 -8.45 39.20
N VAL G 88 -13.50 -7.55 38.65
CA VAL G 88 -13.59 -6.15 39.06
C VAL G 88 -15.03 -5.69 39.00
N GLN G 89 -15.78 -6.16 38.00
CA GLN G 89 -17.19 -5.81 37.88
C GLN G 89 -18.03 -6.55 38.91
N GLN G 90 -17.74 -7.83 39.14
CA GLN G 90 -18.46 -8.62 40.13
C GLN G 90 -18.11 -8.09 41.53
N LYS G 91 -19.09 -7.44 42.16
CA LYS G 91 -18.80 -6.71 43.40
C LYS G 91 -18.42 -7.64 44.54
N ASN G 92 -19.15 -8.77 44.68
CA ASN G 92 -18.90 -9.65 45.81
C ASN G 92 -17.51 -10.26 45.75
N SER G 93 -16.98 -10.44 44.54
CA SER G 93 -15.68 -11.12 44.41
C SER G 93 -14.57 -10.33 45.07
N LEU G 94 -14.56 -9.01 44.89
CA LEU G 94 -13.49 -8.16 45.40
C LEU G 94 -13.99 -7.27 46.53
N GLN G 95 -13.06 -6.87 47.39
CA GLN G 95 -13.32 -5.94 48.49
C GLN G 95 -12.16 -4.94 48.54
N SER G 96 -12.40 -3.74 48.01
CA SER G 96 -11.41 -2.68 47.97
C SER G 96 -11.90 -1.47 48.75
N GLU G 97 -10.96 -0.76 49.38
CA GLU G 97 -11.33 0.41 50.18
C GLU G 97 -11.96 1.49 49.31
N SER G 98 -11.38 1.74 48.13
CA SER G 98 -11.90 2.77 47.23
C SER G 98 -13.23 2.40 46.61
N GLY G 99 -13.66 1.14 46.72
CA GLY G 99 -14.90 0.69 46.15
C GLY G 99 -14.69 -0.12 44.88
N ASN G 100 -15.72 -0.09 44.03
CA ASN G 100 -15.68 -0.81 42.75
C ASN G 100 -15.71 0.10 41.55
N LEU G 101 -16.25 1.31 41.67
CA LEU G 101 -16.20 2.26 40.57
C LEU G 101 -14.77 2.60 40.17
N PRO G 102 -13.83 2.80 41.10
CA PRO G 102 -12.44 3.01 40.67
C PRO G 102 -11.90 1.87 39.83
N LEU G 103 -12.24 0.63 40.18
CA LEU G 103 -11.76 -0.51 39.41
C LEU G 103 -12.42 -0.56 38.03
N TRP G 104 -13.73 -0.31 37.97
CA TRP G 104 -14.42 -0.18 36.70
C TRP G 104 -13.71 0.84 35.81
N LEU G 105 -13.43 2.01 36.36
CA LEU G 105 -12.81 3.09 35.59
C LEU G 105 -11.40 2.70 35.15
N HIS G 106 -10.63 2.08 36.04
CA HIS G 106 -9.28 1.69 35.68
C HIS G 106 -9.29 0.67 34.54
N LYS G 107 -10.25 -0.25 34.57
CA LYS G 107 -10.32 -1.27 33.53
C LYS G 107 -10.81 -0.70 32.21
N PHE G 108 -11.74 0.25 32.25
CA PHE G 108 -12.43 0.72 31.05
C PHE G 108 -12.03 2.14 30.63
N PHE G 109 -10.93 2.67 31.17
CA PHE G 109 -10.48 3.99 30.78
C PHE G 109 -10.30 4.16 29.28
N PRO G 110 -9.67 3.23 28.56
CA PRO G 110 -9.59 3.39 27.09
C PRO G 110 -10.96 3.49 26.45
N TYR G 111 -11.92 2.70 26.93
CA TYR G 111 -13.27 2.77 26.38
C TYR G 111 -13.89 4.14 26.61
N ILE G 112 -13.68 4.71 27.80
CA ILE G 112 -14.27 6.01 28.11
C ILE G 112 -13.63 7.10 27.27
N LEU G 113 -12.30 7.05 27.09
CA LEU G 113 -11.65 8.01 26.22
C LEU G 113 -12.15 7.90 24.79
N LEU G 114 -12.32 6.67 24.30
CA LEU G 114 -12.84 6.48 22.96
C LEU G 114 -14.27 6.99 22.85
N LEU G 115 -15.07 6.79 23.89
CA LEU G 115 -16.44 7.30 23.91
C LEU G 115 -16.44 8.83 23.82
N PHE G 116 -15.58 9.48 24.60
CA PHE G 116 -15.49 10.92 24.52
C PHE G 116 -15.07 11.38 23.14
N ALA G 117 -14.09 10.70 22.54
CA ALA G 117 -13.65 11.06 21.20
C ALA G 117 -14.80 10.93 20.19
N ILE G 118 -15.56 9.83 20.27
CA ILE G 118 -16.67 9.62 19.35
C ILE G 118 -17.75 10.68 19.55
N LEU G 119 -18.08 10.98 20.81
CA LEU G 119 -19.11 11.98 21.08
C LEU G 119 -18.69 13.37 20.64
N LEU G 120 -17.39 13.66 20.68
CA LEU G 120 -16.90 14.94 20.19
C LEU G 120 -16.85 14.99 18.67
N TYR G 121 -16.59 13.85 18.03
CA TYR G 121 -16.59 13.78 16.57
C TYR G 121 -17.99 13.75 15.99
N LEU G 122 -18.99 13.37 16.78
CA LEU G 122 -20.35 13.28 16.26
C LEU G 122 -20.90 14.62 15.78
N PRO G 123 -20.81 15.72 16.52
CA PRO G 123 -21.40 16.97 16.06
C PRO G 123 -20.73 17.47 14.78
N PRO G 124 -19.40 17.40 14.68
CA PRO G 124 -18.76 17.75 13.40
C PRO G 124 -19.28 16.90 12.24
N LEU G 125 -19.51 15.61 12.46
CA LEU G 125 -20.01 14.75 11.39
C LEU G 125 -21.43 15.12 11.01
N PHE G 126 -22.27 15.43 12.01
CA PHE G 126 -23.62 15.90 11.73
C PHE G 126 -23.58 17.18 10.91
N TRP G 127 -22.71 18.11 11.29
CA TRP G 127 -22.53 19.32 10.49
C TRP G 127 -22.17 18.98 9.06
N ARG G 128 -21.14 18.15 8.88
CA ARG G 128 -20.67 17.78 7.56
C ARG G 128 -21.76 17.16 6.71
N PHE G 129 -22.59 16.29 7.28
CA PHE G 129 -23.56 15.54 6.49
C PHE G 129 -24.95 16.19 6.46
N ALA G 130 -25.16 17.29 7.17
CA ALA G 130 -26.44 17.98 7.14
C ALA G 130 -26.34 19.39 6.59
N ALA G 131 -25.45 20.22 7.13
CA ALA G 131 -25.40 21.63 6.82
C ALA G 131 -24.27 22.02 5.88
N ALA G 132 -23.34 21.12 5.60
CA ALA G 132 -22.17 21.47 4.80
C ALA G 132 -22.53 21.56 3.33
N PRO G 133 -23.31 20.62 2.77
CA PRO G 133 -23.64 20.75 1.34
C PRO G 133 -24.39 22.03 1.00
N HIS G 134 -25.34 22.42 1.85
CA HIS G 134 -26.14 23.62 1.58
C HIS G 134 -25.27 24.88 1.61
N ILE G 135 -24.46 25.02 2.67
CA ILE G 135 -23.60 26.19 2.77
C ILE G 135 -22.58 26.18 1.64
N CYS G 136 -22.08 25.01 1.26
CA CYS G 136 -21.11 24.93 0.17
C CYS G 136 -21.72 25.40 -1.14
N SER G 137 -22.93 24.93 -1.45
CA SER G 137 -23.59 25.36 -2.67
C SER G 137 -23.84 26.86 -2.65
N ASP G 138 -24.34 27.38 -1.53
CA ASP G 138 -24.61 28.81 -1.44
C ASP G 138 -23.34 29.63 -1.61
N LEU G 139 -22.25 29.17 -0.99
CA LEU G 139 -20.99 29.91 -1.08
C LEU G 139 -20.40 29.83 -2.49
N LYS G 140 -20.56 28.70 -3.17
CA LYS G 140 -20.14 28.62 -4.56
C LYS G 140 -20.94 29.57 -5.42
N PHE G 141 -22.26 29.67 -5.19
CA PHE G 141 -23.06 30.64 -5.90
C PHE G 141 -22.55 32.06 -5.64
N ILE G 142 -22.26 32.37 -4.38
CA ILE G 142 -21.78 33.72 -4.04
C ILE G 142 -20.45 34.01 -4.74
N MET G 143 -19.53 33.05 -4.72
CA MET G 143 -18.25 33.24 -5.39
C MET G 143 -18.44 33.44 -6.89
N GLU G 144 -19.30 32.65 -7.52
CA GLU G 144 -19.54 32.80 -8.94
C GLU G 144 -20.14 34.17 -9.24
N GLU G 145 -21.07 34.63 -8.41
CA GLU G 145 -21.68 35.94 -8.62
C GLU G 145 -20.63 37.04 -8.48
N LEU G 146 -19.77 36.94 -7.47
CA LEU G 146 -18.73 37.95 -7.27
C LEU G 146 -17.77 37.99 -8.45
N ASP G 147 -17.35 36.81 -8.93
CA ASP G 147 -16.45 36.78 -10.07
C ASP G 147 -17.11 37.36 -11.31
N LYS G 148 -18.39 37.03 -11.54
CA LYS G 148 -19.09 37.55 -12.70
C LYS G 148 -19.22 39.07 -12.63
N VAL G 149 -19.57 39.61 -11.46
CA VAL G 149 -19.75 41.05 -11.35
C VAL G 149 -18.40 41.76 -11.50
N TYR G 150 -17.33 41.18 -10.96
CA TYR G 150 -16.02 41.77 -11.15
C TYR G 150 -15.63 41.79 -12.63
N ASN G 151 -15.89 40.68 -13.34
CA ASN G 151 -15.58 40.64 -14.76
C ASN G 151 -16.40 41.67 -15.53
N ARG G 152 -17.68 41.81 -15.21
CA ARG G 152 -18.51 42.80 -15.88
C ARG G 152 -18.02 44.21 -15.60
N ALA G 153 -17.61 44.49 -14.36
CA ALA G 153 -17.12 45.81 -14.01
C ALA G 153 -15.84 46.15 -14.77
N ILE G 154 -14.90 45.20 -14.84
CA ILE G 154 -13.66 45.47 -15.55
C ILE G 154 -13.91 45.61 -17.04
N LYS G 155 -14.84 44.81 -17.59
CA LYS G 155 -15.17 44.97 -19.00
C LYS G 155 -15.79 46.34 -19.28
N ALA G 156 -16.67 46.80 -18.39
CA ALA G 156 -17.27 48.12 -18.57
C ALA G 156 -16.21 49.21 -18.48
N ALA G 157 -15.28 49.08 -17.53
CA ALA G 157 -14.21 50.06 -17.43
C ALA G 157 -13.35 50.09 -18.68
N LYS G 158 -13.01 48.91 -19.21
CA LYS G 158 -12.22 48.85 -20.44
C LYS G 158 -12.98 49.48 -21.61
N SER G 159 -14.28 49.21 -21.72
CA SER G 159 -15.07 49.79 -22.78
C SER G 159 -15.12 51.30 -22.67
N ALA G 160 -15.29 51.82 -21.45
CA ALA G 160 -15.30 53.26 -21.25
C ALA G 160 -13.96 53.87 -21.62
N ARG G 161 -12.86 53.23 -21.21
CA ARG G 161 -11.54 53.76 -21.53
C ARG G 161 -11.31 53.77 -23.04
N ASP G 162 -11.70 52.69 -23.72
CA ASP G 162 -11.51 52.59 -25.16
C ASP G 162 -12.60 53.36 -25.91
N PHE G 191 -29.29 44.30 -17.13
CA PHE G 191 -29.62 43.74 -15.82
C PHE G 191 -29.06 44.62 -14.70
N LYS G 192 -27.78 44.42 -14.38
CA LYS G 192 -27.12 45.19 -13.33
C LYS G 192 -27.89 45.12 -12.02
N TYR G 193 -28.41 43.93 -11.71
CA TYR G 193 -29.18 43.74 -10.50
C TYR G 193 -28.29 43.17 -9.38
N PRO G 194 -28.45 43.63 -8.13
CA PRO G 194 -27.63 43.09 -7.03
C PRO G 194 -28.15 41.75 -6.52
N ILE G 195 -27.98 40.72 -7.35
CA ILE G 195 -28.52 39.40 -7.01
C ILE G 195 -27.86 38.85 -5.76
N VAL G 196 -26.53 38.97 -5.66
CA VAL G 196 -25.82 38.40 -4.53
C VAL G 196 -26.18 39.15 -3.24
N GLU G 197 -26.28 40.47 -3.32
CA GLU G 197 -26.67 41.24 -2.14
C GLU G 197 -28.09 40.90 -1.70
N GLN G 198 -29.00 40.72 -2.65
CA GLN G 198 -30.36 40.31 -2.30
C GLN G 198 -30.37 38.93 -1.66
N TYR G 199 -29.54 38.02 -2.17
CA TYR G 199 -29.46 36.69 -1.58
C TYR G 199 -28.95 36.75 -0.15
N LEU G 200 -27.91 37.56 0.09
CA LEU G 200 -27.41 37.74 1.45
C LEU G 200 -28.47 38.35 2.36
N LYS G 201 -29.20 39.35 1.86
CA LYS G 201 -30.25 39.97 2.65
C LYS G 201 -31.31 38.95 3.03
N THR G 202 -31.71 38.10 2.07
CA THR G 202 -32.67 37.05 2.37
C THR G 202 -32.11 36.09 3.41
N LYS G 203 -30.82 35.74 3.29
CA LYS G 203 -30.19 34.87 4.27
C LYS G 203 -30.18 35.51 5.66
N LYS G 204 -30.22 36.84 5.71
CA LYS G 204 -30.22 37.53 6.99
C LYS G 204 -31.36 37.06 7.88
N ASN G 205 -32.51 36.72 7.30
CA ASN G 205 -33.66 36.31 8.09
C ASN G 205 -33.54 34.86 8.55
N SER G 206 -33.32 33.94 7.61
CA SER G 206 -33.24 32.53 7.96
C SER G 206 -32.09 32.29 8.92
N ASN G 207 -32.31 31.39 9.88
CA ASN G 207 -31.32 31.14 10.92
C ASN G 207 -31.15 29.66 11.24
N ASN G 208 -31.65 28.75 10.39
CA ASN G 208 -31.50 27.33 10.66
C ASN G 208 -30.04 26.93 10.69
N LEU G 209 -29.24 27.46 9.76
CA LEU G 209 -27.83 27.11 9.71
C LEU G 209 -27.10 27.55 10.97
N ILE G 210 -27.32 28.79 11.40
CA ILE G 210 -26.66 29.28 12.61
C ILE G 210 -27.14 28.52 13.84
N ILE G 211 -28.43 28.16 13.86
CA ILE G 211 -28.94 27.38 14.99
C ILE G 211 -28.25 26.03 15.05
N LYS G 212 -28.09 25.36 13.91
CA LYS G 212 -27.40 24.08 13.89
C LYS G 212 -25.95 24.23 14.33
N TYR G 213 -25.27 25.27 13.84
CA TYR G 213 -23.89 25.49 14.22
C TYR G 213 -23.76 25.72 15.73
N ILE G 214 -24.64 26.56 16.29
CA ILE G 214 -24.59 26.84 17.72
C ILE G 214 -24.91 25.59 18.53
N SER G 215 -25.88 24.79 18.08
CA SER G 215 -26.21 23.57 18.80
C SER G 215 -25.04 22.60 18.80
N CYS G 216 -24.38 22.45 17.65
CA CYS G 216 -23.22 21.56 17.59
C CYS G 216 -22.10 22.05 18.50
N ARG G 217 -21.81 23.35 18.49
CA ARG G 217 -20.77 23.89 19.36
C ARG G 217 -21.13 23.70 20.83
N LEU G 218 -22.40 23.92 21.18
CA LEU G 218 -22.81 23.78 22.57
C LEU G 218 -22.73 22.32 23.01
N LEU G 219 -23.12 21.39 22.15
CA LEU G 219 -22.98 19.97 22.50
C LEU G 219 -21.51 19.59 22.65
N THR G 220 -20.65 20.11 21.78
CA THR G 220 -19.22 19.85 21.95
C THR G 220 -18.72 20.39 23.26
N LEU G 221 -19.14 21.60 23.63
CA LEU G 221 -18.72 22.18 24.91
C LEU G 221 -19.21 21.34 26.08
N ILE G 222 -20.47 20.87 26.02
CA ILE G 222 -21.01 20.05 27.10
C ILE G 222 -20.23 18.75 27.23
N ILE G 223 -19.93 18.11 26.09
CA ILE G 223 -19.16 16.87 26.13
C ILE G 223 -17.78 17.13 26.71
N ILE G 224 -17.16 18.24 26.33
CA ILE G 224 -15.83 18.57 26.84
C ILE G 224 -15.88 18.78 28.35
N LEU G 225 -16.90 19.49 28.84
CA LEU G 225 -17.00 19.71 30.28
C LEU G 225 -17.24 18.40 31.02
N LEU G 226 -18.09 17.52 30.47
CA LEU G 226 -18.31 16.23 31.11
C LEU G 226 -17.02 15.41 31.13
N ALA G 227 -16.26 15.45 30.04
CA ALA G 227 -14.98 14.77 30.00
C ALA G 227 -14.03 15.34 31.05
N CYS G 228 -14.02 16.66 31.21
CA CYS G 228 -13.17 17.28 32.23
C CYS G 228 -13.57 16.81 33.62
N ILE G 229 -14.87 16.74 33.90
CA ILE G 229 -15.33 16.28 35.20
C ILE G 229 -14.86 14.85 35.43
N TYR G 230 -15.04 13.98 34.42
CA TYR G 230 -14.64 12.59 34.58
C TYR G 230 -13.14 12.46 34.77
N LEU G 231 -12.35 13.20 34.00
CA LEU G 231 -10.90 13.10 34.12
C LEU G 231 -10.42 13.64 35.45
N GLY G 232 -11.05 14.71 35.95
CA GLY G 232 -10.70 15.20 37.28
C GLY G 232 -11.02 14.18 38.36
N TYR G 233 -12.17 13.52 38.25
CA TYR G 233 -12.50 12.48 39.22
C TYR G 233 -11.50 11.33 39.14
N TYR G 234 -11.09 10.96 37.92
CA TYR G 234 -10.14 9.87 37.76
C TYR G 234 -8.78 10.23 38.35
N PHE G 235 -8.33 11.46 38.11
CA PHE G 235 -7.03 11.89 38.60
C PHE G 235 -7.03 12.24 40.09
N SER G 236 -8.20 12.46 40.69
CA SER G 236 -8.27 12.76 42.10
C SER G 236 -8.25 11.51 42.98
N LEU G 237 -8.23 10.33 42.38
CA LEU G 237 -8.22 9.10 43.15
C LEU G 237 -6.92 9.00 43.96
N SER G 238 -6.96 8.16 45.00
CA SER G 238 -5.85 8.05 45.94
C SER G 238 -4.61 7.44 45.32
N SER G 239 -4.71 6.86 44.12
CA SER G 239 -3.66 6.14 43.41
C SER G 239 -3.41 4.77 44.02
N LEU G 240 -4.06 4.42 45.13
CA LEU G 240 -4.01 3.08 45.69
C LEU G 240 -5.29 2.30 45.41
N SER G 241 -6.27 2.92 44.75
CA SER G 241 -7.49 2.23 44.38
C SER G 241 -7.25 1.15 43.33
N ASP G 242 -6.16 1.26 42.57
CA ASP G 242 -5.79 0.21 41.63
C ASP G 242 -5.56 -1.12 42.33
N GLU G 243 -5.11 -1.10 43.58
CA GLU G 243 -4.92 -2.30 44.37
C GLU G 243 -6.25 -2.70 45.00
N PHE G 244 -6.72 -3.90 44.69
CA PHE G 244 -7.96 -4.43 45.25
C PHE G 244 -7.74 -5.86 45.67
N VAL G 245 -8.52 -6.29 46.66
CA VAL G 245 -8.46 -7.65 47.17
C VAL G 245 -9.42 -8.51 46.36
N CYS G 246 -8.93 -9.67 45.92
CA CYS G 246 -9.65 -10.54 45.01
C CYS G 246 -9.83 -11.91 45.65
N SER G 247 -11.01 -12.51 45.45
CA SER G 247 -11.36 -13.77 46.11
C SER G 247 -11.91 -14.73 45.07
N ILE G 248 -11.13 -15.75 44.72
CA ILE G 248 -11.63 -16.85 43.88
C ILE G 248 -12.18 -17.89 44.85
N LYS G 249 -13.42 -17.67 45.28
CA LYS G 249 -14.05 -18.53 46.27
C LYS G 249 -15.53 -18.73 45.97
N SER G 250 -15.91 -18.70 44.70
CA SER G 250 -17.28 -18.91 44.27
C SER G 250 -17.35 -20.19 43.45
N GLY G 251 -18.26 -21.08 43.84
CA GLY G 251 -18.41 -22.35 43.16
C GLY G 251 -17.79 -23.49 43.95
N ILE G 252 -17.11 -24.40 43.26
CA ILE G 252 -16.49 -25.53 43.93
C ILE G 252 -15.27 -25.09 44.75
N LEU G 253 -14.69 -23.94 44.43
CA LEU G 253 -13.53 -23.43 45.15
C LEU G 253 -13.91 -22.65 46.40
N ARG G 254 -15.20 -22.52 46.70
CA ARG G 254 -15.62 -21.73 47.85
C ARG G 254 -15.08 -22.31 49.15
N ASN G 255 -15.15 -23.63 49.30
CA ASN G 255 -14.72 -24.28 50.53
C ASN G 255 -13.36 -24.95 50.39
N ASP G 256 -12.67 -24.74 49.28
CA ASP G 256 -11.34 -25.29 49.10
C ASP G 256 -10.35 -24.67 50.08
N SER G 257 -9.43 -25.49 50.57
CA SER G 257 -8.50 -25.09 51.62
C SER G 257 -7.15 -24.62 51.09
N THR G 258 -6.58 -25.32 50.11
CA THR G 258 -5.25 -24.96 49.64
C THR G 258 -5.22 -23.56 49.04
N VAL G 259 -6.34 -23.10 48.49
CA VAL G 259 -6.40 -21.77 47.90
C VAL G 259 -6.56 -20.72 49.01
N PRO G 260 -5.75 -19.68 49.05
CA PRO G 260 -5.92 -18.65 50.07
C PRO G 260 -7.24 -17.93 49.93
N ASP G 261 -7.74 -17.43 51.05
CA ASP G 261 -9.06 -16.80 51.06
C ASP G 261 -9.11 -15.59 50.13
N GLN G 262 -7.98 -14.97 49.86
CA GLN G 262 -7.97 -13.76 49.03
C GLN G 262 -6.56 -13.53 48.50
N PHE G 263 -6.46 -12.61 47.55
CA PHE G 263 -5.23 -12.30 46.84
C PHE G 263 -5.04 -10.79 46.78
N GLN G 264 -3.81 -10.37 46.53
CA GLN G 264 -3.47 -8.96 46.40
C GLN G 264 -3.24 -8.65 44.92
N CYS G 265 -4.22 -8.01 44.30
CA CYS G 265 -4.16 -7.66 42.89
C CYS G 265 -3.96 -6.16 42.74
N LYS G 266 -3.22 -5.78 41.70
CA LYS G 266 -2.98 -4.39 41.37
C LYS G 266 -3.27 -4.17 39.89
N LEU G 267 -4.03 -3.12 39.60
CA LEU G 267 -4.34 -2.76 38.22
C LEU G 267 -3.20 -1.91 37.68
N ILE G 268 -2.50 -2.45 36.69
CA ILE G 268 -1.34 -1.77 36.14
C ILE G 268 -1.77 -0.72 35.13
N ALA G 269 -0.90 0.28 34.93
CA ALA G 269 -1.12 1.40 34.04
C ALA G 269 -2.15 2.38 34.58
N VAL G 270 -2.57 2.24 35.83
CA VAL G 270 -3.52 3.19 36.40
C VAL G 270 -2.86 4.55 36.60
N GLY G 271 -1.60 4.55 37.02
CA GLY G 271 -0.89 5.81 37.14
C GLY G 271 -0.70 6.50 35.79
N ILE G 272 -0.41 5.71 34.76
CA ILE G 272 -0.28 6.27 33.41
C ILE G 272 -1.61 6.81 32.94
N PHE G 273 -2.70 6.08 33.23
CA PHE G 273 -4.02 6.60 32.89
C PHE G 273 -4.29 7.92 33.60
N GLN G 274 -3.91 8.02 34.87
CA GLN G 274 -4.12 9.27 35.61
C GLN G 274 -3.31 10.41 35.01
N LEU G 275 -2.05 10.16 34.66
CA LEU G 275 -1.22 11.17 34.04
C LEU G 275 -1.84 11.65 32.73
N LEU G 276 -2.19 10.70 31.86
CA LEU G 276 -2.79 11.07 30.58
C LEU G 276 -4.13 11.76 30.77
N SER G 277 -4.89 11.38 31.80
CA SER G 277 -6.18 12.01 32.05
C SER G 277 -6.01 13.45 32.50
N VAL G 278 -5.02 13.73 33.36
CA VAL G 278 -4.79 15.11 33.75
C VAL G 278 -4.28 15.92 32.56
N ILE G 279 -3.48 15.31 31.69
CA ILE G 279 -3.04 16.02 30.48
C ILE G 279 -4.24 16.38 29.61
N ASN G 280 -5.14 15.40 29.40
CA ASN G 280 -6.33 15.67 28.60
C ASN G 280 -7.21 16.71 29.27
N LEU G 281 -7.29 16.69 30.59
CA LEU G 281 -8.07 17.68 31.32
C LEU G 281 -7.51 19.08 31.08
N VAL G 282 -6.18 19.22 31.15
CA VAL G 282 -5.55 20.51 30.89
C VAL G 282 -5.87 20.98 29.47
N VAL G 283 -5.73 20.07 28.50
CA VAL G 283 -5.99 20.45 27.12
C VAL G 283 -7.44 20.88 26.95
N TYR G 284 -8.37 20.14 27.53
CA TYR G 284 -9.79 20.44 27.36
C TYR G 284 -10.18 21.74 28.06
N VAL G 285 -9.61 22.02 29.24
CA VAL G 285 -9.93 23.28 29.89
C VAL G 285 -9.35 24.44 29.12
N LEU G 286 -8.17 24.27 28.51
CA LEU G 286 -7.65 25.31 27.63
C LEU G 286 -8.52 25.47 26.39
N LEU G 287 -9.11 24.38 25.90
CA LEU G 287 -9.87 24.42 24.67
C LEU G 287 -11.27 25.01 24.85
N ALA G 288 -11.88 24.79 26.01
CA ALA G 288 -13.26 25.24 26.21
C ALA G 288 -13.44 26.73 25.96
N PRO G 289 -12.55 27.62 26.40
CA PRO G 289 -12.69 29.03 26.02
C PRO G 289 -12.75 29.24 24.53
N VAL G 290 -11.98 28.47 23.76
CA VAL G 290 -12.08 28.54 22.30
C VAL G 290 -13.47 28.16 21.85
N VAL G 291 -14.07 27.16 22.51
CA VAL G 291 -15.40 26.72 22.12
C VAL G 291 -16.44 27.81 22.39
N VAL G 292 -16.35 28.47 23.55
CA VAL G 292 -17.32 29.52 23.85
C VAL G 292 -17.11 30.71 22.91
N TYR G 293 -15.86 30.99 22.56
CA TYR G 293 -15.58 32.06 21.59
C TYR G 293 -16.20 31.73 20.24
N THR G 294 -16.07 30.48 19.79
CA THR G 294 -16.70 30.08 18.54
C THR G 294 -18.21 30.16 18.65
N LEU G 295 -18.76 29.83 19.82
CA LEU G 295 -20.20 29.95 20.03
C LEU G 295 -20.66 31.40 19.87
N PHE G 296 -19.92 32.34 20.44
CA PHE G 296 -20.20 33.76 20.27
C PHE G 296 -19.78 34.20 18.87
N VAL G 297 -20.64 33.90 17.90
CA VAL G 297 -20.31 34.16 16.49
C VAL G 297 -20.39 35.63 16.13
N PRO G 298 -21.39 36.41 16.58
CA PRO G 298 -21.48 37.80 16.07
C PRO G 298 -20.24 38.61 16.38
N PHE G 299 -19.62 38.41 17.54
CA PHE G 299 -18.38 39.10 17.85
C PHE G 299 -17.28 38.71 16.87
N ARG G 300 -17.24 37.42 16.49
CA ARG G 300 -16.31 36.99 15.46
C ARG G 300 -16.61 37.66 14.13
N GLN G 301 -17.87 38.00 13.88
CA GLN G 301 -18.25 38.60 12.62
C GLN G 301 -17.72 40.03 12.54
N LYS G 302 -16.53 40.19 11.96
CA LYS G 302 -15.89 41.49 11.82
C LYS G 302 -14.96 41.44 10.62
N THR G 303 -14.31 42.58 10.34
CA THR G 303 -13.44 42.71 9.18
C THR G 303 -14.21 42.37 7.90
N ASP G 304 -15.20 43.21 7.60
CA ASP G 304 -16.14 42.95 6.52
C ASP G 304 -15.41 42.54 5.25
N VAL G 305 -15.64 41.30 4.81
CA VAL G 305 -15.05 40.83 3.57
C VAL G 305 -15.64 41.55 2.38
N LEU G 306 -16.95 41.84 2.43
CA LEU G 306 -17.64 42.49 1.33
C LEU G 306 -17.34 43.98 1.23
N LYS G 307 -16.75 44.58 2.26
CA LYS G 307 -16.41 46.00 2.19
C LYS G 307 -15.45 46.30 1.06
N VAL G 308 -14.64 45.31 0.67
CA VAL G 308 -13.69 45.51 -0.42
C VAL G 308 -14.40 45.68 -1.76
N TYR G 309 -15.49 44.94 -1.97
CA TYR G 309 -16.21 44.99 -3.24
C TYR G 309 -17.04 46.26 -3.41
N GLU G 310 -17.15 47.09 -2.37
CA GLU G 310 -18.05 48.24 -2.44
C GLU G 310 -17.56 49.32 -3.40
N ILE G 311 -16.32 49.23 -3.89
CA ILE G 311 -15.80 50.24 -4.80
C ILE G 311 -16.14 49.94 -6.26
N LEU G 312 -16.63 48.75 -6.56
CA LEU G 312 -16.96 48.39 -7.93
C LEU G 312 -18.22 49.14 -8.38
N PRO G 313 -18.20 49.80 -9.53
CA PRO G 313 -19.43 50.47 -10.01
C PRO G 313 -20.60 49.51 -10.16
N THR G 314 -20.35 48.27 -10.59
CA THR G 314 -21.42 47.32 -10.81
C THR G 314 -21.94 46.68 -9.53
N PHE G 315 -21.31 46.93 -8.40
CA PHE G 315 -21.71 46.37 -7.12
C PHE G 315 -22.26 47.47 -6.23
N ASP G 316 -23.47 47.25 -5.69
CA ASP G 316 -24.09 48.25 -4.83
C ASP G 316 -23.26 48.47 -3.57
N VAL G 317 -23.22 49.72 -3.11
CA VAL G 317 -22.42 50.08 -1.94
C VAL G 317 -23.32 49.87 -0.73
N LEU G 318 -23.34 48.63 -0.24
CA LEU G 318 -24.10 48.29 0.96
C LEU G 318 -23.63 46.94 1.46
N HIS G 319 -23.04 46.91 2.66
CA HIS G 319 -22.65 45.64 3.27
C HIS G 319 -23.84 45.00 3.97
N PHE G 320 -24.40 45.69 4.97
CA PHE G 320 -25.61 45.24 5.67
C PHE G 320 -25.45 43.81 6.18
N LYS G 321 -24.36 43.57 6.91
CA LYS G 321 -24.12 42.25 7.50
C LYS G 321 -23.34 42.46 8.79
N SER G 322 -24.07 42.53 9.91
CA SER G 322 -23.46 42.65 11.22
C SER G 322 -24.56 42.66 12.27
N GLU G 323 -24.17 42.33 13.51
CA GLU G 323 -25.06 42.41 14.66
C GLU G 323 -26.34 41.59 14.45
N GLY G 324 -26.16 40.29 14.32
CA GLY G 324 -27.29 39.40 14.15
C GLY G 324 -26.98 37.95 14.43
N TYR G 325 -27.83 37.29 15.23
CA TYR G 325 -27.74 35.85 15.45
C TYR G 325 -28.44 35.10 14.32
N ASN G 326 -27.92 35.30 13.11
CA ASN G 326 -28.51 34.76 11.90
C ASN G 326 -27.43 34.10 11.05
N ASP G 327 -27.88 33.39 10.01
CA ASP G 327 -26.95 32.70 9.13
C ASP G 327 -26.07 33.67 8.35
N LEU G 328 -26.44 34.95 8.31
CA LEU G 328 -25.62 35.91 7.57
C LEU G 328 -24.25 36.06 8.19
N SER G 329 -24.17 36.13 9.52
CA SER G 329 -22.87 36.23 10.19
C SER G 329 -22.03 34.98 9.94
N LEU G 330 -22.66 33.81 9.97
CA LEU G 330 -21.93 32.58 9.70
C LEU G 330 -21.40 32.56 8.27
N TYR G 331 -22.21 33.02 7.32
CA TYR G 331 -21.75 33.12 5.93
C TYR G 331 -20.60 34.11 5.82
N ASN G 332 -20.65 35.21 6.56
CA ASN G 332 -19.56 36.17 6.54
C ASN G 332 -18.28 35.54 7.06
N LEU G 333 -18.37 34.76 8.14
CA LEU G 333 -17.20 34.08 8.66
C LEU G 333 -16.66 33.08 7.65
N PHE G 334 -17.55 32.31 7.01
CA PHE G 334 -17.10 31.34 6.01
C PHE G 334 -16.42 32.03 4.84
N LEU G 335 -16.95 33.17 4.41
CA LEU G 335 -16.29 33.94 3.36
C LEU G 335 -14.91 34.40 3.81
N GLU G 336 -14.82 35.02 4.98
CA GLU G 336 -13.52 35.45 5.49
C GLU G 336 -12.55 34.28 5.60
N GLU G 337 -13.07 33.06 5.78
CA GLU G 337 -12.20 31.88 5.91
C GLU G 337 -11.72 31.38 4.56
N ASN G 338 -12.63 31.30 3.57
CA ASN G 338 -12.33 30.66 2.29
C ASN G 338 -12.58 31.60 1.11
N ILE G 339 -12.18 32.86 1.22
CA ILE G 339 -12.28 33.81 0.12
C ILE G 339 -10.92 34.13 -0.50
N SER G 340 -9.82 33.77 0.17
CA SER G 340 -8.49 34.06 -0.37
C SER G 340 -8.26 33.37 -1.71
N GLU G 341 -9.02 32.34 -2.03
CA GLU G 341 -8.86 31.62 -3.29
C GLU G 341 -9.49 32.34 -4.47
N VAL G 342 -10.18 33.45 -4.24
CA VAL G 342 -10.86 34.18 -5.31
C VAL G 342 -9.94 35.28 -5.82
N LYS G 343 -9.60 35.20 -7.11
CA LYS G 343 -8.68 36.18 -7.69
C LYS G 343 -9.28 37.58 -7.68
N SER G 344 -10.58 37.70 -7.95
CA SER G 344 -11.21 39.01 -7.93
C SER G 344 -11.14 39.62 -6.54
N TYR G 345 -11.42 38.83 -5.50
CA TYR G 345 -11.32 39.34 -4.14
C TYR G 345 -9.88 39.73 -3.82
N LYS G 346 -8.91 38.93 -4.23
CA LYS G 346 -7.51 39.27 -3.98
C LYS G 346 -7.15 40.60 -4.65
N CYS G 347 -7.57 40.78 -5.90
CA CYS G 347 -7.28 42.02 -6.61
C CYS G 347 -7.93 43.21 -5.91
N LEU G 348 -9.20 43.06 -5.50
CA LEU G 348 -9.87 44.15 -4.79
C LEU G 348 -9.18 44.46 -3.48
N LYS G 349 -8.72 43.42 -2.77
CA LYS G 349 -8.04 43.65 -1.50
C LYS G 349 -6.74 44.42 -1.70
N VAL G 350 -5.96 44.05 -2.72
CA VAL G 350 -4.72 44.79 -2.98
C VAL G 350 -5.03 46.21 -3.43
N LEU G 351 -6.11 46.40 -4.19
CA LEU G 351 -6.48 47.76 -4.58
C LEU G 351 -6.81 48.61 -3.36
N GLU G 352 -7.58 48.05 -2.43
CA GLU G 352 -7.91 48.79 -1.21
C GLU G 352 -6.66 49.06 -0.38
N ASN G 353 -5.76 48.08 -0.31
CA ASN G 353 -4.51 48.28 0.42
C ASN G 353 -3.71 49.42 -0.16
N ILE G 354 -3.60 49.48 -1.49
CA ILE G 354 -2.91 50.59 -2.13
C ILE G 354 -3.65 51.90 -1.88
N LYS G 355 -4.98 51.83 -1.79
CA LYS G 355 -5.76 53.04 -1.52
C LYS G 355 -5.45 53.64 -0.16
N SER G 356 -4.80 52.88 0.73
CA SER G 356 -4.40 53.43 2.02
C SER G 356 -3.51 54.65 1.84
N SER G 357 -2.56 54.59 0.91
CA SER G 357 -1.74 55.75 0.62
C SER G 357 -2.54 56.81 -0.15
N GLY G 358 -3.41 56.37 -1.06
CA GLY G 358 -4.21 57.29 -1.84
C GLY G 358 -3.51 57.93 -3.00
N GLN G 359 -2.32 57.45 -3.37
CA GLN G 359 -1.57 58.08 -4.46
C GLN G 359 -2.32 57.99 -5.78
N GLY G 360 -2.90 56.84 -6.07
CA GLY G 360 -3.57 56.58 -7.33
C GLY G 360 -5.07 56.69 -7.24
N ILE G 361 -5.75 56.00 -8.15
CA ILE G 361 -7.21 55.99 -8.22
C ILE G 361 -7.67 54.54 -8.31
N ASP G 362 -8.78 54.24 -7.64
CA ASP G 362 -9.30 52.88 -7.64
C ASP G 362 -9.68 52.40 -9.04
N PRO G 363 -10.47 53.13 -9.82
CA PRO G 363 -10.77 52.64 -11.19
C PRO G 363 -9.54 52.51 -12.06
N MET G 364 -8.58 53.44 -11.93
CA MET G 364 -7.36 53.35 -12.72
C MET G 364 -6.57 52.10 -12.36
N LEU G 365 -6.46 51.80 -11.06
CA LEU G 365 -5.76 50.58 -10.64
C LEU G 365 -6.50 49.34 -11.13
N LEU G 366 -7.83 49.35 -11.07
CA LEU G 366 -8.59 48.20 -11.54
C LEU G 366 -8.38 47.98 -13.03
N LEU G 367 -8.39 49.06 -13.82
CA LEU G 367 -8.14 48.92 -15.25
C LEU G 367 -6.73 48.41 -15.51
N THR G 368 -5.74 48.94 -14.78
CA THR G 368 -4.35 48.53 -15.00
C THR G 368 -4.12 47.07 -14.62
N ASN G 369 -4.82 46.58 -13.59
CA ASN G 369 -4.56 45.23 -13.11
C ASN G 369 -4.80 44.19 -14.20
N LEU G 370 -5.91 44.31 -14.91
CA LEU G 370 -6.29 43.35 -15.96
C LEU G 370 -6.22 41.92 -15.42
N GLY G 371 -7.03 41.68 -14.40
CA GLY G 371 -7.04 40.40 -13.71
C GLY G 371 -8.35 39.66 -13.84
N MET G 372 -8.94 39.67 -15.04
CA MET G 372 -10.22 39.01 -15.24
C MET G 372 -10.14 37.52 -14.89
N ILE G 373 -9.07 36.85 -15.34
CA ILE G 373 -8.91 35.43 -15.06
C ILE G 373 -7.49 35.00 -15.44
C1 PTY H . -29.32 -25.62 25.14
C2 PTY H . -31.73 -25.98 31.81
C3 PTY H . -30.83 -25.52 30.68
O4 PTY H . -29.14 -24.73 24.03
C5 PTY H . -30.26 -25.61 27.47
C6 PTY H . -30.36 -25.01 26.07
O7 PTY H . -31.66 -25.26 25.51
C8 PTY H . -31.88 -25.19 24.20
O10 PTY H . -31.86 -26.15 23.47
C11 PTY H . -32.15 -23.78 23.77
C12 PTY H . -32.56 -23.66 22.31
C13 PTY H . -32.95 -22.25 21.92
C14 PTY H . -31.74 -21.38 21.57
C15 PTY H . -32.09 -20.15 20.74
C16 PTY H . -30.88 -19.27 20.45
C17 PTY H . -31.14 -17.79 20.68
C18 PTY H . -29.93 -16.92 20.34
C19 PTY H . -29.50 -16.98 18.89
C20 PTY H . -29.00 -15.63 18.37
C21 PTY H . -28.65 -15.63 16.89
C30 PTY H . -28.28 -25.12 23.08
C31 PTY H . -28.43 -24.31 21.82
O30 PTY H . -27.49 -26.01 23.25
C32 PTY H . -27.76 -22.95 21.90
C33 PTY H . -28.21 -22.02 20.77
C34 PTY H . -27.08 -21.66 19.81
C35 PTY H . -26.25 -20.47 20.27
C36 PTY H . -25.06 -20.19 19.35
C37 PTY H . -25.34 -19.17 18.26
C38 PTY H . -24.23 -19.10 17.21
C39 PTY H . -24.39 -17.97 16.21
C40 PTY H . -23.39 -18.07 15.06
C41 PTY H . -23.58 -16.99 13.99
C42 PTY H . -22.46 -16.96 12.96
C43 PTY H . -22.86 -16.30 11.65
C44 PTY H . -21.69 -16.11 10.69
P1 PTY H . -30.68 -23.53 29.00
O11 PTY H . -31.53 -24.61 29.86
O12 PTY H . -29.89 -22.63 29.91
O13 PTY H . -31.52 -22.91 27.93
O14 PTY H . -29.69 -24.67 28.34
N1 PTY H . -33.02 -26.42 31.30
HC11 PTY H . -28.48 -25.70 25.63
HC12 PTY H . -29.58 -26.50 24.84
HC21 PTY H . -31.87 -25.22 32.40
HC22 PTY H . -31.26 -26.64 32.34
HC31 PTY H . -30.51 -26.29 30.18
HC32 PTY H . -30.03 -25.09 31.06
HC51 PTY H . -29.74 -26.42 27.40
HC52 PTY H . -31.15 -25.87 27.75
HC6 PTY H . -30.21 -24.06 26.15
H111 PTY H . -31.35 -23.25 23.95
H112 PTY H . -32.83 -23.41 24.34
H121 PTY H . -33.31 -24.26 22.13
H122 PTY H . -31.83 -23.97 21.74
H131 PTY H . -33.45 -21.84 22.64
H132 PTY H . -33.55 -22.27 21.16
H141 PTY H . -31.09 -21.91 21.10
H142 PTY H . -31.31 -21.09 22.39
H151 PTY H . -32.77 -19.63 21.20
H152 PTY H . -32.48 -20.44 19.90
H161 PTY H . -30.59 -19.41 19.54
H162 PTY H . -30.14 -19.55 21.01
H171 PTY H . -31.40 -17.63 21.60
H172 PTY H . -31.90 -17.51 20.14
H181 PTY H . -29.19 -17.18 20.91
H182 PTY H . -30.13 -16.00 20.58
H191 PTY H . -30.24 -17.28 18.35
H192 PTY H . -28.80 -17.64 18.78
H201 PTY H . -28.22 -15.37 18.87
H202 PTY H . -29.66 -14.95 18.54
H311 PTY H . -29.38 -24.21 21.65
H312 PTY H . -28.08 -24.83 21.08
H321 PTY H . -26.80 -23.05 21.85
H322 PTY H . -27.95 -22.54 22.74
H331 PTY H . -28.58 -21.21 21.16
H332 PTY H . -28.93 -22.43 20.28
H341 PTY H . -27.46 -21.47 18.94
H342 PTY H . -26.51 -22.43 19.69
H351 PTY H . -25.92 -20.63 21.17
H352 PTY H . -26.81 -19.68 20.32
H361 PTY H . -24.77 -21.02 18.94
H362 PTY H . -24.32 -19.88 19.88
H371 PTY H . -25.46 -18.29 18.66
H372 PTY H . -26.18 -19.39 17.82
H381 PTY H . -24.20 -19.94 16.74
H382 PTY H . -23.38 -19.01 17.67
H391 PTY H . -24.27 -17.12 16.66
H392 PTY H . -25.29 -17.96 15.86
H401 PTY H . -23.47 -18.94 14.64
H402 PTY H . -22.49 -18.03 15.41
H411 PTY H . -23.63 -16.12 14.43
H412 PTY H . -24.42 -17.12 13.55
H421 PTY H . -22.15 -17.85 12.79
H422 PTY H . -21.70 -16.48 13.32
H431 PTY H . -23.26 -15.44 11.83
H432 PTY H . -23.55 -16.83 11.22
H441 PTY H . -21.95 -15.63 9.89
H442 PTY H . -21.33 -16.96 10.41
H443 PTY H . -20.97 -15.62 11.11
HN11 PTY H . -32.91 -27.15 30.81
HN12 PTY H . -33.53 -26.67 31.98
C1 CLR I . -35.02 -21.80 26.44
C2 CLR I . -35.62 -23.00 27.18
C3 CLR I . -36.03 -22.62 28.58
C4 CLR I . -37.01 -21.45 28.54
C5 CLR I . -36.47 -20.28 27.75
C6 CLR I . -36.48 -19.06 28.29
C7 CLR I . -36.00 -17.83 27.59
C8 CLR I . -35.80 -18.02 26.09
C9 CLR I . -35.13 -19.37 25.82
C10 CLR I . -35.94 -20.58 26.35
C11 CLR I . -34.72 -19.50 24.34
C12 CLR I . -33.93 -18.31 23.80
C13 CLR I . -34.65 -16.99 24.03
C14 CLR I . -34.94 -16.90 25.54
C15 CLR I . -35.38 -15.46 25.75
C16 CLR I . -34.54 -14.67 24.75
C17 CLR I . -33.77 -15.71 23.87
C18 CLR I . -35.93 -16.91 23.18
C19 CLR I . -37.15 -20.92 25.46
C20 CLR I . -33.34 -15.20 22.48
C21 CLR I . -32.07 -14.35 22.59
C22 CLR I . -34.43 -14.41 21.75
C23 CLR I . -34.49 -14.58 20.23
C24 CLR I . -33.26 -14.02 19.52
C25 CLR I . -33.41 -13.80 18.02
C26 CLR I . -33.74 -15.12 17.32
C27 CLR I . -32.16 -13.17 17.40
O1 CLR I . -36.59 -23.75 29.21
H11 CLR I . -34.79 -22.08 25.54
H12 CLR I . -34.19 -21.56 26.87
H21 CLR I . -34.97 -23.72 27.21
H22 CLR I . -36.39 -23.35 26.69
H3 CLR I . -35.23 -22.33 29.07
H41 CLR I . -37.23 -21.16 29.43
H42 CLR I . -37.83 -21.77 28.14
H6 CLR I . -36.95 -18.92 29.08
H71 CLR I . -35.17 -17.53 27.99
H72 CLR I . -36.63 -17.10 27.75
H8 CLR I . -36.68 -18.00 25.66
H9 CLR I . -34.31 -19.35 26.34
H111 CLR I . -35.51 -19.62 23.79
H112 CLR I . -34.21 -20.31 24.22
H121 CLR I . -33.79 -18.43 22.84
H122 CLR I . -33.05 -18.32 24.21
H14 CLR I . -34.09 -16.99 25.97
H151 CLR I . -35.24 -15.17 26.67
H152 CLR I . -36.33 -15.36 25.59
H161 CLR I . -33.92 -14.07 25.20
H162 CLR I . -35.11 -14.09 24.20
H17 CLR I . -32.95 -15.92 24.34
H181 CLR I . -36.44 -16.10 23.34
H182 CLR I . -36.53 -17.65 23.36
H183 CLR I . -35.73 -16.93 22.23
H191 CLR I . -37.68 -20.13 25.26
H192 CLR I . -37.74 -21.56 25.88
H193 CLR I . -36.86 -21.28 24.61
H20 CLR I . -33.14 -15.97 21.94
H211 CLR I . -31.83 -13.96 21.74
H212 CLR I . -31.31 -14.87 22.91
H213 CLR I . -32.19 -13.63 23.22
H221 CLR I . -34.34 -13.47 21.96
H222 CLR I . -35.31 -14.65 22.09
H231 CLR I . -35.28 -14.14 19.89
H232 CLR I . -34.60 -15.52 20.01
H241 CLR I . -32.51 -14.61 19.68
H242 CLR I . -33.03 -13.18 19.93
H25 CLR I . -34.16 -13.19 17.88
H261 CLR I . -33.77 -15.01 16.35
H262 CLR I . -34.61 -15.47 17.61
H263 CLR I . -33.08 -15.79 17.52
H271 CLR I . -32.26 -13.09 16.44
H272 CLR I . -31.37 -13.70 17.58
H273 CLR I . -32.00 -12.29 17.76
H1 CLR I . -36.81 -23.53 30.00
C1 CLR J . -36.56 -13.75 29.42
C2 CLR J . -36.86 -15.03 30.18
C3 CLR J . -35.94 -15.17 31.37
C4 CLR J . -36.08 -13.96 32.28
C5 CLR J . -35.85 -12.66 31.54
C6 CLR J . -35.04 -11.73 32.03
C7 CLR J . -34.76 -10.41 31.38
C8 CLR J . -35.78 -10.05 30.32
C9 CLR J . -36.07 -11.28 29.44
C10 CLR J . -36.66 -12.46 30.26
C11 CLR J . -36.89 -10.91 28.20
C12 CLR J . -36.38 -9.70 27.43
C13 CLR J . -36.21 -8.47 28.33
C14 CLR J . -35.27 -8.91 29.46
C15 CLR J . -34.84 -7.62 30.14
C16 CLR J . -34.79 -6.60 28.99
C17 CLR J . -35.41 -7.27 27.74
C18 CLR J . -37.56 -7.98 28.87
C19 CLR J . -38.13 -12.23 30.66
C20 CLR J . -36.12 -6.27 26.82
C21 CLR J . -36.91 -6.95 25.70
C22 CLR J . -35.12 -5.27 26.22
C23 CLR J . -35.74 -4.04 25.57
C24 CLR J . -35.75 -4.15 24.04
C25 CLR J . -36.74 -3.21 23.33
C26 CLR J . -38.18 -3.61 23.64
C27 CLR J . -36.52 -3.20 21.82
O1 CLR J . -36.25 -16.37 32.05
H11 CLR J . -37.16 -13.68 28.67
H12 CLR J . -35.66 -13.81 29.04
H21 CLR J . -36.75 -15.79 29.59
H22 CLR J . -37.78 -15.03 30.49
H3 CLR J . -35.03 -15.20 31.05
H41 CLR J . -35.45 -14.01 33.01
H42 CLR J . -36.96 -13.97 32.67
H6 CLR J . -34.76 -11.82 32.91
H71 CLR J . -33.87 -10.42 31.00
H72 CLR J . -34.73 -9.72 32.07
H8 CLR J . -36.60 -9.77 30.76
H9 CLR J . -35.21 -11.57 29.12
H111 CLR J . -37.82 -10.75 28.45
H112 CLR J . -36.93 -11.67 27.60
H121 CLR J . -37.01 -9.48 26.72
H122 CLR J . -35.55 -9.94 26.99
H14 CLR J . -34.48 -9.25 29.00
H151 CLR J . -33.99 -7.71 30.60
H152 CLR J . -35.49 -7.36 30.81
H161 CLR J . -33.88 -6.31 28.82
H162 CLR J . -35.29 -5.80 29.21
H17 CLR J . -34.70 -7.67 27.22
H181 CLR J . -37.48 -7.21 29.45
H182 CLR J . -38.02 -8.66 29.37
H183 CLR J . -38.16 -7.72 28.14
H191 CLR J . -38.26 -11.36 31.07
H192 CLR J . -38.43 -12.90 31.29
H193 CLR J . -38.72 -12.26 29.89
H20 CLR J . -36.75 -5.77 27.36
H211 CLR J . -37.23 -6.31 25.05
H212 CLR J . -37.68 -7.43 26.05
H213 CLR J . -36.35 -7.60 25.24
H221 CLR J . -34.56 -5.73 25.57
H222 CLR J . -34.51 -4.96 26.92
H231 CLR J . -35.23 -3.25 25.82
H232 CLR J . -36.64 -3.90 25.89
H241 CLR J . -35.96 -5.06 23.79
H242 CLR J . -34.86 -3.97 23.71
H25 CLR J . -36.59 -2.32 23.66
H261 CLR J . -38.81 -3.10 23.11
H262 CLR J . -38.39 -3.47 24.57
H263 CLR J . -38.33 -4.55 23.43
H271 CLR J . -37.09 -2.53 21.40
H272 CLR J . -36.73 -4.05 21.41
H273 CLR J . -35.60 -2.99 21.60
H1 CLR J . -35.69 -16.47 32.68
C1 NAG K . -13.30 -47.29 34.32
C2 NAG K . -13.66 -48.14 33.08
C3 NAG K . -15.14 -48.52 33.20
C4 NAG K . -15.39 -49.22 34.53
C5 NAG K . -14.85 -48.37 35.69
C6 NAG K . -14.99 -49.03 37.04
C7 NAG K . -12.56 -47.86 30.90
C8 NAG K . -12.42 -46.92 29.73
N2 NAG K . -13.38 -47.42 31.88
O3 NAG K . -15.46 -49.32 32.09
O4 NAG K . -16.78 -49.42 34.63
O5 NAG K . -13.49 -48.08 35.47
O6 NAG K . -16.35 -49.26 37.32
O7 NAG K . -11.97 -48.92 30.95
H2 NAG K . -13.13 -48.95 33.10
H3 NAG K . -15.65 -47.70 33.20
H4 NAG K . -14.92 -50.07 34.51
H5 NAG K . -15.36 -47.56 35.73
H61 NAG K . -14.57 -48.48 37.70
H62 NAG K . -14.48 -49.87 37.02
H81 NAG K . -11.48 -46.84 29.50
H82 NAG K . -12.72 -46.04 29.99
H83 NAG K . -12.91 -47.19 28.94
HN2 NAG K . -13.76 -46.65 31.78
HO3 NAG K . -16.31 -49.42 32.08
HO4 NAG K . -16.93 -50.07 35.16
HO6 NAG K . -16.42 -49.58 38.11
C1 PTY L . -11.21 -44.44 6.84
C2 PTY L . -15.03 -48.34 11.37
C3 PTY L . -14.34 -47.10 10.86
O4 PTY L . -11.26 -43.31 5.97
C5 PTY L . -12.70 -45.76 8.36
C6 PTY L . -12.63 -44.91 7.11
O7 PTY L . -13.09 -45.66 5.98
C8 PTY L . -12.78 -45.29 4.73
O10 PTY L . -11.85 -45.74 4.11
C11 PTY L . -13.73 -44.24 4.22
C12 PTY L . -13.51 -43.90 2.75
C13 PTY L . -14.57 -42.93 2.22
C14 PTY L . -14.24 -41.48 2.53
C15 PTY L . -14.97 -40.48 1.63
C16 PTY L . -14.67 -39.04 2.00
C17 PTY L . -15.91 -38.15 2.05
C18 PTY L . -15.59 -36.71 2.38
C19 PTY L . -14.73 -36.01 1.34
C20 PTY L . -15.10 -34.54 1.15
C21 PTY L . -14.31 -33.84 0.05
C30 PTY L . -10.10 -42.78 5.60
C31 PTY L . -10.26 -41.84 4.44
O30 PTY L . -9.05 -43.05 6.15
C32 PTY L . -10.76 -40.46 4.83
C33 PTY L . -11.24 -39.65 3.64
C34 PTY L . -10.40 -38.41 3.38
C35 PTY L . -10.83 -37.20 4.19
C36 PTY L . -9.91 -35.99 4.00
C37 PTY L . -10.36 -35.04 2.92
C38 PTY L . -9.30 -33.99 2.58
C39 PTY L . -9.77 -32.89 1.63
C40 PTY L . -8.63 -32.00 1.14
C41 PTY L . -9.07 -30.95 0.14
C42 PTY L . -7.98 -29.93 -0.20
C43 PTY L . -8.18 -29.23 -1.53
C44 PTY L . -7.19 -28.10 -1.76
P1 PTY L . -14.94 -44.97 9.47
O11 PTY L . -15.09 -46.56 9.79
O12 PTY L . -15.37 -44.16 10.66
O13 PTY L . -15.48 -44.63 8.12
O14 PTY L . -13.29 -45.03 9.41
N1 PTY L . -15.37 -49.25 10.28
HC11 PTY L . -10.80 -44.19 7.69
HC12 PTY L . -10.67 -45.15 6.45
HC21 PTY L . -15.86 -48.06 11.80
HC22 PTY L . -14.49 -48.75 12.07
HC31 PTY L . -13.44 -47.34 10.58
HC32 PTY L . -14.27 -46.46 11.59
HC51 PTY L . -11.79 -46.04 8.58
HC52 PTY L . -13.21 -46.57 8.17
HC6 PTY L . -13.20 -44.13 7.26
H111 PTY L . -13.64 -43.45 4.78
H112 PTY L . -14.63 -44.56 4.37
H121 PTY L . -13.53 -44.71 2.23
H122 PTY L . -12.63 -43.52 2.64
H131 PTY L . -15.44 -43.16 2.59
H132 PTY L . -14.65 -43.05 1.27
H141 PTY L . -13.28 -41.34 2.45
H142 PTY L . -14.46 -41.30 3.45
H151 PTY L . -15.92 -40.65 1.67
H152 PTY L . -14.71 -40.64 0.71
H161 PTY L . -14.04 -38.67 1.36
H162 PTY L . -14.22 -39.01 2.86
H171 PTY L . -16.53 -38.51 2.72
H172 PTY L . -16.38 -38.21 1.21
H181 PTY L . -15.14 -36.67 3.24
H182 PTY L . -16.42 -36.22 2.49
H191 PTY L . -14.80 -36.47 0.50
H192 PTY L . -13.79 -36.07 1.61
H201 PTY L . -14.97 -34.07 1.98
H202 PTY L . -16.05 -34.48 0.95
H311 PTY L . -10.87 -42.25 3.80
H312 PTY L . -9.41 -41.77 3.98
H321 PTY L . -10.06 -39.98 5.28
H322 PTY L . -11.48 -40.55 5.47
H331 PTY L . -12.16 -39.38 3.79
H332 PTY L . -11.24 -40.21 2.84
H341 PTY L . -10.44 -38.19 2.43
H342 PTY L . -9.47 -38.61 3.57
H351 PTY L . -10.86 -37.43 5.13
H352 PTY L . -11.73 -36.95 3.95
H361 PTY L . -9.01 -36.30 3.80
H362 PTY L . -9.84 -35.51 4.84
H371 PTY L . -11.18 -34.59 3.19
H372 PTY L . -10.59 -35.53 2.11
H381 PTY L . -8.53 -34.43 2.19
H382 PTY L . -8.99 -33.59 3.40
H391 PTY L . -10.43 -32.34 2.07
H392 PTY L . -10.22 -33.29 0.88
H401 PTY L . -7.95 -32.56 0.75
H402 PTY L . -8.22 -31.58 1.90
H411 PTY L . -9.85 -30.49 0.47
H412 PTY L . -9.36 -31.38 -0.69
H421 PTY L . -7.12 -30.37 -0.19
H422 PTY L . -7.95 -29.27 0.50
H431 PTY L . -9.08 -28.89 -1.59
H432 PTY L . -8.11 -29.88 -2.25
H441 PTY L . -7.38 -27.62 -2.59
H442 PTY L . -6.28 -28.43 -1.83
H443 PTY L . -7.22 -27.45 -1.04
HN11 PTY L . -14.63 -49.56 9.92
HN12 PTY L . -15.80 -49.96 10.60
C1 CLR M . -17.90 -45.33 5.06
C2 CLR M . -17.76 -46.81 5.39
C3 CLR M . -18.81 -47.24 6.40
C4 CLR M . -20.21 -46.92 5.86
C5 CLR M . -20.34 -45.47 5.46
C6 CLR M . -21.37 -44.75 5.90
C7 CLR M . -21.62 -43.32 5.54
C8 CLR M . -20.79 -42.85 4.36
C9 CLR M . -19.35 -43.37 4.47
C10 CLR M . -19.28 -44.92 4.52
C11 CLR M . -18.45 -42.74 3.40
C12 CLR M . -18.53 -41.21 3.33
C13 CLR M . -19.97 -40.71 3.16
C14 CLR M . -20.78 -41.32 4.31
C15 CLR M . -22.11 -40.59 4.27
C16 CLR M . -21.72 -39.16 3.83
C17 CLR M . -20.20 -39.21 3.47
C18 CLR M . -20.51 -41.12 1.78
C19 CLR M . -19.49 -45.57 3.14
C20 CLR M . -19.74 -38.11 2.48
C21 CLR M . -19.53 -36.79 3.22
C22 CLR M . -20.69 -37.90 1.30
C23 CLR M . -20.04 -37.55 -0.04
C24 CLR M . -19.35 -36.19 -0.02
C25 CLR M . -19.03 -35.61 -1.40
C26 CLR M . -18.09 -36.54 -2.17
C27 CLR M . -18.41 -34.21 -1.29
O1 CLR M . -18.65 -48.62 6.66
H11 CLR M . -17.23 -45.10 4.41
H12 CLR M . -17.69 -44.81 5.86
H21 CLR M . -16.87 -46.97 5.76
H22 CLR M . -17.84 -47.35 4.59
H3 CLR M . -18.69 -46.72 7.21
H41 CLR M . -20.88 -47.13 6.52
H42 CLR M . -20.37 -47.50 5.09
H6 CLR M . -22.05 -45.18 6.35
H71 CLR M . -21.44 -42.76 6.31
H72 CLR M . -22.57 -43.20 5.36
H8 CLR M . -21.20 -43.19 3.54
H9 CLR M . -19.03 -43.06 5.33
H111 CLR M . -18.67 -43.10 2.53
H112 CLR M . -17.53 -43.00 3.56
H121 CLR M . -18.00 -40.89 2.59
H122 CLR M . -18.12 -40.85 4.13
H14 CLR M . -20.33 -41.05 5.12
H151 CLR M . -22.55 -40.59 5.13
H152 CLR M . -22.72 -40.99 3.65
H161 CLR M . -21.89 -38.52 4.53
H162 CLR M . -22.25 -38.87 3.07
H17 CLR M . -19.70 -39.05 4.28
H181 CLR M . -21.44 -40.85 1.65
H182 CLR M . -20.47 -42.07 1.63
H183 CLR M . -20.01 -40.69 1.07
H191 CLR M . -20.28 -45.22 2.69
H192 CLR M . -19.59 -46.53 3.20
H193 CLR M . -18.74 -45.39 2.54
H20 CLR M . -18.87 -38.38 2.13
H211 CLR M . -19.32 -36.07 2.61
H212 CLR M . -18.81 -36.84 3.87
H213 CLR M . -20.34 -36.53 3.71
H221 CLR M . -21.33 -37.21 1.53
H222 CLR M . -21.21 -38.70 1.15
H231 CLR M . -20.71 -37.56 -0.73
H232 CLR M . -19.38 -38.23 -0.28
H241 CLR M . -18.54 -36.24 0.49
H242 CLR M . -19.92 -35.56 0.44
H25 CLR M . -19.85 -35.53 -1.90
H261 CLR M . -17.82 -36.16 -3.01
H262 CLR M . -18.52 -37.39 -2.36
H263 CLR M . -17.29 -36.72 -1.66
H271 CLR M . -18.17 -33.88 -2.18
H272 CLR M . -17.61 -34.20 -0.75
H273 CLR M . -19.03 -33.59 -0.91
H1 CLR M . -19.24 -48.85 7.23
C1 CLR N . -25.39 -41.22 6.83
C2 CLR N . -25.02 -42.60 7.34
C3 CLR N . -24.78 -42.58 8.83
C4 CLR N . -26.04 -42.06 9.54
C5 CLR N . -26.48 -40.72 9.00
C6 CLR N . -26.75 -39.73 9.85
C7 CLR N . -27.22 -38.37 9.43
C8 CLR N . -27.71 -38.33 7.98
C9 CLR N . -26.74 -39.11 7.09
C10 CLR N . -26.64 -40.61 7.50
C11 CLR N . -27.05 -38.89 5.60
C12 CLR N . -27.23 -37.43 5.19
C13 CLR N . -28.29 -36.73 6.05
C14 CLR N . -27.81 -36.89 7.50
C15 CLR N . -28.66 -35.91 8.30
C16 CLR N . -28.87 -34.74 7.33
C17 CLR N . -28.34 -35.18 5.95
C18 CLR N . -29.69 -37.32 5.83
C19 CLR N . -27.88 -41.42 7.10
C20 CLR N . -29.12 -34.53 4.80
C21 CLR N . -28.74 -35.11 3.44
C22 CLR N . -28.92 -33.01 4.78
C23 CLR N . -29.88 -32.22 3.90
C24 CLR N . -29.25 -31.80 2.58
C25 CLR N . -30.24 -31.43 1.46
C26 CLR N . -31.01 -32.67 1.00
C27 CLR N . -29.53 -30.78 0.27
O1 CLR N . -24.45 -43.89 9.25
H11 CLR N . -25.55 -41.27 5.87
H12 CLR N . -24.63 -40.63 6.96
H21 CLR N . -24.22 -42.91 6.88
H22 CLR N . -25.72 -43.25 7.14
H3 CLR N . -24.06 -41.97 9.02
H41 CLR N . -25.87 -41.99 10.50
H42 CLR N . -26.73 -42.71 9.42
H6 CLR N . -26.85 -39.93 10.75
H71 CLR N . -26.49 -37.73 9.55
H72 CLR N . -27.92 -38.07 10.03
H8 CLR N . -28.59 -38.74 7.95
H9 CLR N . -25.86 -38.73 7.25
H111 CLR N . -27.84 -39.39 5.35
H112 CLR N . -26.33 -39.27 5.07
H121 CLR N . -27.51 -37.39 4.26
H122 CLR N . -26.37 -36.99 5.24
H14 CLR N . -26.90 -36.54 7.52
H151 CLR N . -28.23 -35.64 9.13
H152 CLR N . -29.50 -36.33 8.56
H161 CLR N . -28.42 -33.94 7.65
H162 CLR N . -29.81 -34.51 7.28
H17 CLR N . -27.42 -34.88 5.86
H181 CLR N . -30.37 -36.89 6.37
H182 CLR N . -29.71 -38.27 6.04
H183 CLR N . -29.95 -37.23 4.91
H191 CLR N . -28.70 -40.99 7.39
H192 CLR N . -27.87 -42.30 7.50
H193 CLR N . -27.95 -41.52 6.14
H20 CLR N . -30.07 -34.70 4.94
H211 CLR N . -29.13 -34.60 2.72
H212 CLR N . -29.05 -36.03 3.33
H213 CLR N . -27.79 -35.12 3.31
H221 CLR N . -28.01 -32.82 4.51
H222 CLR N . -29.00 -32.65 5.69
H231 CLR N . -30.18 -31.43 4.37
H232 CLR N . -30.68 -32.75 3.73
H241 CLR N . -28.67 -32.50 2.26
H242 CLR N . -28.67 -31.05 2.75
H25 CLR N . -30.86 -30.79 1.82
H261 CLR N . -31.56 -32.47 0.22
H262 CLR N . -31.59 -33.00 1.70
H263 CLR N . -30.40 -33.38 0.76
H271 CLR N . -30.18 -30.47 -0.38
H272 CLR N . -28.94 -31.41 -0.18
H273 CLR N . -29.00 -30.02 0.55
H1 CLR N . -24.26 -43.85 10.09
C1 NAG O . 10.05 -54.44 22.94
C2 NAG O . 10.84 -54.86 21.69
C3 NAG O . 10.11 -56.02 21.04
C4 NAG O . 9.92 -57.15 22.06
C5 NAG O . 9.26 -56.60 23.33
C6 NAG O . 9.10 -57.63 24.43
C7 NAG O . 12.19 -53.28 20.37
C8 NAG O . 12.11 -52.10 19.42
N2 NAG O . 11.01 -53.75 20.79
O3 NAG O . 10.86 -56.44 19.92
O4 NAG O . 9.12 -58.13 21.44
O5 NAG O . 10.02 -55.52 23.84
O6 NAG O . 8.27 -58.67 23.97
O7 NAG O . 13.27 -53.74 20.70
H2 NAG O . 11.72 -55.15 21.98
H3 NAG O . 9.24 -55.72 20.77
H4 NAG O . 10.79 -57.51 22.28
H5 NAG O . 8.37 -56.29 23.10
H61 NAG O . 8.74 -57.19 25.21
H62 NAG O . 9.98 -57.95 24.67
H81 NAG O . 12.74 -51.42 19.70
H82 NAG O . 11.22 -51.70 19.50
H83 NAG O . 12.28 -52.32 18.50
HN2 NAG O . 10.29 -53.37 20.52
HO3 NAG O . 10.38 -57.00 19.49
HO4 NAG O . 9.26 -58.88 21.82
HO6 NAG O . 8.14 -59.21 24.63
C1 PTY P . 19.90 -41.85 0.31
C2 PTY P . 18.34 -48.49 2.27
C3 PTY P . 18.16 -47.00 2.20
O4 PTY P . 19.44 -40.75 -0.47
C5 PTY P . 19.26 -44.22 0.87
C6 PTY P . 19.20 -43.11 -0.18
O7 PTY P . 19.84 -43.54 -1.39
C8 PTY P . 20.26 -42.67 -2.31
O10 PTY P . 21.40 -42.28 -2.37
C11 PTY P . 19.15 -42.27 -3.23
C12 PTY P . 19.62 -41.40 -4.38
C13 PTY P . 18.50 -41.11 -5.38
C14 PTY P . 17.62 -39.94 -4.95
C15 PTY P . 16.83 -39.32 -6.09
C16 PTY P . 15.91 -38.19 -5.63
C17 PTY P . 14.50 -38.27 -6.21
C18 PTY P . 13.61 -37.12 -5.77
C19 PTY P . 14.10 -35.74 -6.23
C20 PTY P . 12.96 -34.80 -6.59
C21 PTY P . 13.41 -33.46 -7.14
C30 PTY P . 19.98 -39.55 -0.21
C31 PTY P . 19.69 -38.56 -1.29
O30 PTY P . 20.61 -39.34 0.79
C32 PTY P . 18.30 -37.96 -1.21
C33 PTY P . 17.89 -37.22 -2.48
C34 PTY P . 17.70 -35.73 -2.27
C35 PTY P . 16.31 -35.34 -1.80
C36 PTY P . 16.17 -33.86 -1.50
C37 PTY P . 15.65 -33.03 -2.66
C38 PTY P . 15.76 -31.53 -2.42
C39 PTY P . 15.08 -30.67 -3.47
C40 PTY P . 15.41 -29.19 -3.32
C41 PTY P . 14.81 -28.31 -4.42
C42 PTY P . 14.94 -26.82 -4.14
C43 PTY P . 14.86 -25.97 -5.40
C44 PTY P . 14.82 -24.47 -5.10
P1 PTY P . 16.87 -45.27 0.69
O11 PTY P . 17.72 -46.66 0.88
O12 PTY P . 15.61 -45.32 1.49
O13 PTY P . 16.81 -44.89 -0.76
O14 PTY P . 18.00 -44.36 1.47
N1 PTY P . 19.14 -48.99 1.17
HC11 PTY P . 19.68 -41.71 1.24
HC12 PTY P . 20.87 -41.94 0.24
HC21 PTY P . 17.46 -48.90 2.23
HC22 PTY P . 18.71 -48.71 3.15
HC31 PTY P . 18.99 -46.55 2.41
HC32 PTY P . 17.50 -46.72 2.85
HC51 PTY P . 19.94 -43.97 1.51
HC52 PTY P . 19.55 -45.03 0.44
HC6 PTY P . 18.27 -42.91 -0.34
H111 PTY P . 18.47 -41.82 -2.71
H112 PTY P . 18.73 -43.08 -3.56
H121 PTY P . 20.35 -41.83 -4.85
H122 PTY P . 19.97 -40.56 -4.04
H131 PTY P . 17.96 -41.90 -5.50
H132 PTY P . 18.89 -40.91 -6.25
H141 PTY P . 18.17 -39.26 -4.53
H142 PTY P . 17.00 -40.25 -4.26
H151 PTY P . 16.30 -40.00 -6.54
H152 PTY P . 17.45 -38.97 -6.75
H161 PTY P . 16.31 -37.34 -5.86
H162 PTY P . 15.86 -38.20 -4.66
H171 PTY P . 14.10 -39.11 -5.96
H172 PTY P . 14.55 -38.29 -7.18
H181 PTY P . 13.55 -37.12 -4.81
H182 PTY P . 12.71 -37.25 -6.10
H191 PTY P . 14.69 -35.84 -6.99
H192 PTY P . 14.64 -35.34 -5.53
H201 PTY P . 12.40 -34.66 -5.81
H202 PTY P . 12.38 -35.24 -7.24
H311 PTY P . 19.81 -39.00 -2.14
H312 PTY P . 20.37 -37.86 -1.25
H321 PTY P . 18.25 -37.34 -0.46
H322 PTY P . 17.66 -38.66 -1.02
H331 PTY P . 17.08 -37.61 -2.83
H332 PTY P . 18.57 -37.38 -3.17
H341 PTY P . 17.90 -35.27 -3.11
H342 PTY P . 18.36 -35.41 -1.64
H351 PTY P . 16.10 -35.86 -1.00
H352 PTY P . 15.65 -35.60 -2.46
H361 PTY P . 17.03 -33.51 -1.21
H362 PTY P . 15.58 -33.74 -0.74
H371 PTY P . 14.72 -33.27 -2.84
H372 PTY P . 16.14 -33.27 -3.47
H381 PTY P . 16.69 -31.29 -2.36
H382 PTY P . 15.37 -31.33 -1.55
H391 PTY P . 14.12 -30.79 -3.43
H392 PTY P . 15.35 -30.97 -4.36
H401 PTY P . 16.37 -29.07 -3.31
H402 PTY P . 15.10 -28.88 -2.45
H411 PTY P . 13.87 -28.53 -4.52
H412 PTY P . 15.22 -28.53 -5.26
H421 PTY P . 15.79 -26.64 -3.70
H422 PTY P . 14.26 -26.54 -3.52
H431 PTY P . 14.07 -26.21 -5.90
H432 PTY P . 15.61 -26.16 -5.98
H441 PTY P . 14.69 -23.95 -5.90
H442 PTY P . 15.65 -24.18 -4.69
H443 PTY P . 14.10 -24.26 -4.49
HN11 PTY P . 19.97 -48.68 1.23
HN12 PTY P . 19.22 -49.87 1.23
C1 CLR Q . 16.89 -45.77 -4.61
C2 CLR Q . 17.84 -46.90 -4.25
C3 CLR Q . 17.07 -48.17 -3.92
C4 CLR Q . 16.17 -48.55 -5.10
C5 CLR Q . 15.27 -47.41 -5.52
C6 CLR Q . 13.96 -47.62 -5.65
C7 CLR Q . 12.97 -46.59 -6.09
C8 CLR Q . 13.63 -45.35 -6.70
C9 CLR Q . 14.87 -44.95 -5.87
C10 CLR Q . 15.93 -46.08 -5.79
C11 CLR Q . 15.42 -43.60 -6.34
C12 CLR Q . 14.39 -42.49 -6.43
C13 CLR Q . 13.20 -42.88 -7.31
C14 CLR Q . 12.66 -44.19 -6.73
C15 CLR Q . 11.31 -44.40 -7.43
C16 CLR Q . 10.79 -42.96 -7.63
C17 CLR Q . 11.92 -42.00 -7.17
C18 CLR Q . 13.63 -43.03 -8.78
C19 CLR Q . 16.75 -46.21 -7.08
C20 CLR Q . 11.86 -40.58 -7.78
C21 CLR Q . 10.83 -39.73 -7.04
C22 CLR Q . 11.56 -40.58 -9.29
C23 CLR Q . 12.25 -39.49 -10.11
C24 CLR Q . 11.77 -38.08 -9.75
C25 CLR Q . 12.12 -37.00 -10.77
C26 CLR Q . 13.62 -36.90 -10.96
C27 CLR Q . 11.54 -35.65 -10.37
O1 CLR Q . 17.99 -49.19 -3.62
H11 CLR Q . 17.41 -44.99 -4.84
H12 CLR Q . 16.37 -45.54 -3.83
H21 CLR Q . 18.38 -46.64 -3.49
H22 CLR Q . 18.45 -47.09 -4.99
H3 CLR Q . 16.51 -47.99 -3.16
H41 CLR Q . 15.63 -49.33 -4.87
H42 CLR Q . 16.73 -48.82 -5.83
H6 CLR Q . 13.64 -48.49 -5.61
H71 CLR Q . 12.42 -46.32 -5.33
H72 CLR Q . 12.36 -46.98 -6.73
H8 CLR Q . 13.92 -45.57 -7.60
H9 CLR Q . 14.54 -44.82 -4.97
H111 CLR Q . 15.86 -43.70 -7.19
H112 CLR Q . 16.13 -43.32 -5.72
H121 CLR Q . 14.79 -41.69 -6.82
H122 CLR Q . 14.10 -42.24 -5.54
H14 CLR Q . 12.44 -44.00 -5.81
H151 CLR Q . 10.72 -44.95 -6.92
H152 CLR Q . 11.44 -44.84 -8.29
H161 CLR Q . 9.98 -42.82 -7.11
H162 CLR Q . 10.54 -42.80 -8.55
H17 CLR Q . 11.83 -41.87 -6.21
H181 CLR Q . 12.92 -43.33 -9.36
H182 CLR Q . 14.36 -43.67 -8.88
H183 CLR Q . 13.95 -42.18 -9.13
H191 CLR Q . 16.19 -46.26 -7.87
H192 CLR Q . 17.30 -47.00 -7.08
H193 CLR Q . 17.34 -45.45 -7.21
H20 CLR Q . 12.73 -40.17 -7.66
H211 CLR Q . 10.72 -38.87 -7.47
H212 CLR Q . 11.08 -39.58 -6.12
H213 CLR Q . 9.96 -40.16 -7.04
H221 CLR Q . 10.60 -40.51 -9.41
H222 CLR Q . 11.81 -41.43 -9.68
H231 CLR Q . 12.10 -39.65 -11.05
H232 CLR Q . 13.22 -39.54 -9.99
H241 CLR Q . 12.14 -37.83 -8.90
H242 CLR Q . 10.81 -38.11 -9.64
H25 CLR Q . 11.73 -37.26 -11.62
H261 CLR Q . 13.86 -36.16 -11.55
H262 CLR Q . 13.99 -37.71 -11.33
H263 CLR Q . 14.07 -36.74 -10.11
H271 CLR Q . 11.81 -34.96 -11.01
H272 CLR Q . 11.84 -35.37 -9.50
H273 CLR Q . 10.57 -35.67 -10.36
H1 CLR Q . 17.56 -49.89 -3.42
C1 CLR R . 8.67 -47.62 -6.89
C2 CLR R . 9.64 -48.62 -6.27
C3 CLR R . 9.21 -48.96 -4.86
C4 CLR R . 7.79 -49.53 -4.89
C5 CLR R . 6.82 -48.61 -5.58
C6 CLR R . 5.66 -48.31 -4.99
C7 CLR R . 4.61 -47.43 -5.59
C8 CLR R . 4.82 -47.20 -7.09
C9 CLR R . 6.30 -46.92 -7.36
C10 CLR R . 7.21 -48.12 -6.95
C11 CLR R . 6.52 -46.43 -8.80
C12 CLR R . 5.58 -45.31 -9.25
C13 CLR R . 4.11 -45.69 -9.05
C14 CLR R . 3.97 -46.02 -7.55
C15 CLR R . 2.47 -46.06 -7.30
C16 CLR R . 1.91 -44.97 -8.24
C17 CLR R . 3.08 -44.53 -9.17
C18 CLR R . 3.70 -46.85 -9.95
C19 CLR R . 7.10 -49.30 -7.93
C20 CLR R . 2.58 -44.11 -10.56
C21 CLR R . 3.73 -43.87 -11.54
C22 CLR R . 1.69 -42.85 -10.47
C23 CLR R . 0.89 -42.53 -11.72
C24 CLR R . 1.52 -41.40 -12.54
C25 CLR R . 1.06 -41.32 -13.99
C26 CLR R . 1.56 -42.53 -14.78
C27 CLR R . 1.53 -40.03 -14.67
O1 CLR R . 10.13 -49.88 -4.32
H11 CLR R . 8.96 -47.43 -7.80
H12 CLR R . 8.71 -46.79 -6.41
H21 CLR R . 10.53 -48.23 -6.25
H22 CLR R . 9.70 -49.43 -6.80
H3 CLR R . 9.19 -48.15 -4.33
H41 CLR R . 7.49 -49.72 -3.98
H42 CLR R . 7.82 -50.39 -5.34
H6 CLR R . 5.39 -48.82 -4.26
H71 CLR R . 4.61 -46.58 -5.12
H72 CLR R . 3.73 -47.82 -5.43
H8 CLR R . 4.54 -48.00 -7.56
H9 CLR R . 6.54 -46.19 -6.78
H111 CLR R . 6.44 -47.17 -9.42
H112 CLR R . 7.43 -46.13 -8.90
H121 CLR R . 5.73 -45.13 -10.19
H122 CLR R . 5.81 -44.51 -8.77
H14 CLR R . 4.31 -45.25 -7.08
H151 CLR R . 2.25 -45.88 -6.36
H152 CLR R . 2.11 -46.93 -7.50
H161 CLR R . 1.55 -44.23 -7.74
H162 CLR R . 1.18 -45.32 -8.77
H17 CLR R . 3.50 -43.75 -8.78
H181 CLR R . 2.76 -47.11 -9.83
H182 CLR R . 4.23 -47.65 -9.78
H183 CLR R . 3.81 -46.64 -10.88
H191 CLR R . 6.18 -49.55 -8.10
H192 CLR R . 7.55 -50.08 -7.58
H193 CLR R . 7.50 -49.09 -8.79
H20 CLR R . 2.03 -44.83 -10.91
H211 CLR R . 3.41 -43.46 -12.36
H212 CLR R . 4.19 -44.69 -11.78
H213 CLR R . 4.39 -43.28 -11.16
H221 CLR R . 2.26 -42.09 -10.24
H222 CLR R . 1.07 -42.94 -9.73
H231 CLR R . -0.01 -42.27 -11.46
H232 CLR R . 0.79 -43.33 -12.27
H241 CLR R . 2.48 -41.48 -12.52
H242 CLR R . 1.31 -40.57 -12.10
H25 CLR R . 0.09 -41.33 -14.01
H261 CLR R . 1.37 -42.43 -15.73
H262 CLR R . 1.15 -43.35 -14.48
H263 CLR R . 2.52 -42.63 -14.69
H271 CLR R . 1.15 -39.96 -15.56
H272 CLR R . 2.50 -39.99 -14.77
H273 CLR R . 1.25 -39.25 -14.15
H1 CLR R . 9.92 -50.03 -3.51
C1 NAG S . 34.12 -42.47 24.98
C2 NAG S . 35.38 -41.91 24.31
C3 NAG S . 35.93 -42.98 23.38
C4 NAG S . 36.18 -44.27 24.16
C5 NAG S . 34.90 -44.67 24.92
C6 NAG S . 35.07 -45.90 25.79
C7 NAG S . 35.68 -39.51 23.85
C8 NAG S . 35.20 -38.37 22.99
N2 NAG S . 35.08 -40.69 23.62
O3 NAG S . 37.11 -42.48 22.80
O4 NAG S . 36.55 -45.26 23.22
O5 NAG S . 34.48 -43.60 25.74
O6 NAG S . 35.41 -47.01 24.98
O7 NAG S . 36.56 -39.35 24.69
H2 NAG S . 36.03 -41.72 25.00
H3 NAG S . 35.27 -43.17 22.70
H4 NAG S . 36.89 -44.10 24.79
H5 NAG S . 34.21 -44.88 24.27
H61 NAG S . 34.25 -46.05 26.28
H62 NAG S . 35.76 -45.71 26.44
H81 NAG S . 35.05 -37.58 23.55
H82 NAG S . 34.34 -38.61 22.61
H83 NAG S . 35.81 -38.12 22.28
HN2 NAG S . 34.47 -40.72 23.01
HO3 NAG S . 37.34 -43.03 22.18
HO4 NAG S . 37.00 -45.86 23.63
HO6 NAG S . 35.43 -47.70 25.48
C1 PTY T . 40.59 -19.80 10.45
C2 PTY T . 43.28 -26.31 11.38
C3 PTY T . 42.19 -25.27 11.20
O4 PTY T . 39.85 -18.98 9.55
C5 PTY T . 41.53 -22.11 10.61
C6 PTY T . 41.16 -20.97 9.68
O7 PTY T . 42.31 -20.52 8.97
C8 PTY T . 42.35 -19.32 8.40
O10 PTY T . 42.84 -18.34 8.91
C11 PTY T . 41.71 -19.35 7.02
C12 PTY T . 41.87 -18.05 6.27
C13 PTY T . 41.34 -18.13 4.84
C14 PTY T . 39.84 -17.91 4.76
C15 PTY T . 39.34 -17.52 3.38
C16 PTY T . 37.83 -17.37 3.31
C17 PTY T . 37.21 -18.03 2.09
C18 PTY T . 35.70 -17.84 2.02
C19 PTY T . 35.26 -16.39 1.86
C20 PTY T . 34.04 -16.22 0.98
C21 PTY T . 33.64 -14.77 0.72
C30 PTY T . 39.29 -17.88 10.05
C31 PTY T . 38.85 -16.93 8.97
O30 PTY T . 39.17 -17.68 11.23
C32 PTY T . 37.52 -17.31 8.33
C33 PTY T . 37.26 -16.57 7.02
C34 PTY T . 36.07 -15.63 7.10
C35 PTY T . 34.74 -16.31 6.81
C36 PTY T . 33.54 -15.38 6.99
C37 PTY T . 33.09 -14.68 5.71
C38 PTY T . 32.08 -13.59 5.98
C39 PTY T . 31.46 -12.97 4.73
C40 PTY T . 30.62 -11.73 5.02
C41 PTY T . 30.07 -11.06 3.78
C42 PTY T . 29.06 -9.96 4.08
C43 PTY T . 28.90 -8.95 2.94
C44 PTY T . 27.78 -7.96 3.18
P1 PTY T . 40.78 -24.22 9.25
O11 PTY T . 42.18 -24.83 9.86
O12 PTY T . 39.71 -25.26 9.30
O13 PTY T . 41.04 -23.48 7.97
O14 PTY T . 40.59 -23.15 10.49
N1 PTY T . 44.54 -25.84 10.83
HC11 PTY T . 40.00 -20.14 11.15
HC12 PTY T . 41.28 -19.28 10.89
HC21 PTY T . 43.00 -27.10 10.89
HC22 PTY T . 43.32 -26.55 12.31
HC31 PTY T . 42.35 -24.53 11.82
HC32 PTY T . 41.32 -25.66 11.43
HC51 PTY T . 41.56 -21.75 11.51
HC52 PTY T . 42.43 -22.43 10.40
HC6 PTY T . 40.49 -21.31 9.06
H111 PTY T . 40.78 -19.58 7.13
H112 PTY T . 42.11 -20.09 6.53
H121 PTY T . 42.81 -17.78 6.24
H122 PTY T . 41.41 -17.33 6.74
H131 PTY T . 41.57 -18.99 4.47
H132 PTY T . 41.79 -17.47 4.28
H141 PTY T . 39.57 -17.23 5.40
H142 PTY T . 39.38 -18.73 5.04
H151 PTY T . 39.63 -18.18 2.73
H152 PTY T . 39.77 -16.68 3.12
H161 PTY T . 37.61 -16.43 3.30
H162 PTY T . 37.44 -17.74 4.11
H171 PTY T . 37.40 -18.99 2.11
H172 PTY T . 37.61 -17.69 1.28
H181 PTY T . 35.29 -18.21 2.82
H182 PTY T . 35.34 -18.36 1.28
H191 PTY T . 36.00 -15.87 1.50
H192 PTY T . 35.08 -16.01 2.74
H201 PTY T . 33.30 -16.70 1.36
H202 PTY T . 34.21 -16.66 0.12
H311 PTY T . 39.55 -16.89 8.29
H312 PTY T . 38.81 -16.03 9.33
H321 PTY T . 36.81 -17.13 8.95
H322 PTY T . 37.51 -18.27 8.16
H331 PTY T . 37.12 -17.22 6.31
H332 PTY T . 38.05 -16.06 6.77
H341 PTY T . 36.19 -14.90 6.48
H342 PTY T . 36.03 -15.23 7.99
H351 PTY T . 34.64 -17.08 7.38
H352 PTY T . 34.73 -16.65 5.90
H361 PTY T . 33.75 -14.73 7.67
H362 PTY T . 32.79 -15.90 7.34
H371 PTY T . 32.73 -15.33 5.10
H372 PTY T . 33.87 -14.30 5.27
H381 PTY T . 32.48 -12.88 6.51
H382 PTY T . 31.36 -13.94 6.54
H391 PTY T . 30.91 -13.63 4.28
H392 PTY T . 32.17 -12.75 4.11
H401 PTY T . 31.15 -11.10 5.52
H402 PTY T . 29.89 -11.97 5.61
H411 PTY T . 29.65 -11.74 3.21
H412 PTY T . 30.80 -10.69 3.25
H421 PTY T . 29.31 -9.50 4.89
H422 PTY T . 28.19 -10.36 4.26
H431 PTY T . 28.75 -9.42 2.12
H432 PTY T . 29.74 -8.47 2.83
H441 PTY T . 27.64 -7.37 2.42
H442 PTY T . 27.95 -7.41 3.96
H443 PTY T . 26.93 -8.42 3.35
HN11 PTY T . 44.84 -25.15 11.31
HN12 PTY T . 45.16 -26.47 10.93
C1 CLR U . 43.13 -22.79 4.69
C2 CLR U . 44.36 -23.21 5.49
C3 CLR U . 44.59 -24.71 5.38
C4 CLR U . 44.71 -25.11 3.91
C5 CLR U . 43.53 -24.65 3.10
C6 CLR U . 42.88 -25.50 2.32
C7 CLR U . 41.72 -25.15 1.43
C8 CLR U . 41.56 -23.64 1.24
C9 CLR U . 41.77 -22.92 2.58
C10 CLR U . 43.17 -23.17 3.19
C11 CLR U . 41.40 -21.44 2.47
C12 CLR U . 40.03 -21.17 1.85
C13 CLR U . 39.86 -21.85 0.49
C14 CLR U . 40.17 -23.34 0.71
C15 CLR U . 39.72 -24.02 -0.57
C16 CLR U . 38.49 -23.20 -1.01
C17 CLR U . 38.41 -21.98 -0.03
C18 CLR U . 40.80 -21.22 -0.55
C19 CLR U . 44.27 -22.36 2.49
C20 CLR U . 37.65 -20.76 -0.60
C21 CLR U . 36.14 -20.96 -0.49
C22 CLR U . 38.03 -20.41 -2.04
C23 CLR U . 38.05 -18.93 -2.41
C24 CLR U . 36.67 -18.29 -2.35
C25 CLR U . 36.55 -16.93 -3.06
C26 CLR U . 37.53 -15.92 -2.45
C27 CLR U . 35.12 -16.39 -3.01
O1 CLR U . 45.74 -25.04 6.11
H11 CLR U . 43.03 -21.82 4.76
H12 CLR U . 42.35 -23.18 5.11
H21 CLR U . 44.25 -22.95 6.41
H22 CLR U . 45.14 -22.75 5.17
H3 CLR U . 43.82 -25.15 5.76
H41 CLR U . 44.79 -26.08 3.84
H42 CLR U . 45.53 -24.73 3.57
H6 CLR U . 43.24 -26.35 2.19
H71 CLR U . 40.91 -25.52 1.81
H72 CLR U . 41.83 -25.59 0.58
H8 CLR U . 42.23 -23.34 0.61
H9 CLR U . 41.13 -23.31 3.20
H111 CLR U . 42.07 -20.97 1.94
H112 CLR U . 41.44 -21.02 3.34
H121 CLR U . 39.90 -20.21 1.73
H122 CLR U . 39.34 -21.46 2.48
H14 CLR U . 39.56 -23.63 1.41
H151 CLR U . 39.51 -24.96 -0.44
H152 CLR U . 40.41 -24.00 -1.24
H161 CLR U . 37.68 -23.73 -0.97
H162 CLR U . 38.58 -22.90 -1.93
H17 CLR U . 37.89 -22.26 0.74
H181 CLR U . 40.75 -21.66 -1.41
H182 CLR U . 41.72 -21.24 -0.27
H183 CLR U . 40.57 -20.29 -0.70
H191 CLR U . 44.24 -22.46 1.54
H192 CLR U . 45.15 -22.65 2.78
H193 CLR U . 44.19 -21.41 2.68
H20 CLR U . 37.88 -20.00 -0.04
H211 CLR U . 35.65 -20.24 -0.91
H212 CLR U . 35.84 -21.02 0.43
H213 CLR U . 35.87 -21.79 -0.92
H221 CLR U . 37.41 -20.88 -2.65
H222 CLR U . 38.90 -20.77 -2.26
H231 CLR U . 38.41 -18.83 -3.30
H232 CLR U . 38.65 -18.46 -1.82
H241 CLR U . 36.41 -18.17 -1.43
H242 CLR U . 36.03 -18.89 -2.73
H25 CLR U . 36.79 -17.06 -3.99
H261 CLR U . 37.41 -15.04 -2.84
H262 CLR U . 38.44 -16.19 -2.59
H263 CLR U . 37.38 -15.84 -1.50
H271 CLR U . 35.08 -15.51 -3.42
H272 CLR U . 34.79 -16.30 -2.10
H273 CLR U . 34.52 -16.97 -3.48
H1 CLR U . 45.86 -25.88 6.07
C1 CLR V . 39.97 -28.13 -1.44
C2 CLR V . 41.02 -28.52 -0.40
C3 CLR V . 40.44 -29.50 0.59
C4 CLR V . 39.92 -30.73 -0.15
C5 CLR V . 38.94 -30.38 -1.24
C6 CLR V . 37.78 -31.02 -1.32
C7 CLR V . 36.75 -30.77 -2.37
C8 CLR V . 37.28 -29.97 -3.56
C9 CLR V . 38.16 -28.81 -3.05
C10 CLR V . 39.38 -29.32 -2.23
C11 CLR V . 38.51 -27.84 -4.17
C12 CLR V . 37.34 -27.40 -5.04
C13 CLR V . 36.56 -28.59 -5.61
C14 CLR V . 36.14 -29.42 -4.39
C15 CLR V . 35.10 -30.40 -4.93
C16 CLR V . 34.38 -29.60 -6.04
C17 CLR V . 35.18 -28.29 -6.24
C18 CLR V . 37.42 -29.40 -6.59
C19 CLR V . 40.47 -29.93 -3.12
C20 CLR V . 35.11 -27.79 -7.69
C21 CLR V . 36.05 -26.62 -7.95
C22 CLR V . 33.67 -27.40 -8.07
C23 CLR V . 33.41 -27.20 -9.55
C24 CLR V . 33.37 -25.72 -9.95
C25 CLR V . 33.57 -25.43 -11.43
C26 CLR V . 35.00 -25.77 -11.86
C27 CLR V . 33.27 -23.97 -11.78
O1 CLR V . 41.44 -29.84 1.52
H11 CLR V . 40.37 -27.51 -2.07
H12 CLR V . 39.25 -27.65 -1.00
H21 CLR V . 41.32 -27.73 0.06
H22 CLR V . 41.79 -28.92 -0.83
H3 CLR V . 39.69 -29.09 1.04
H41 CLR V . 39.50 -31.35 0.48
H42 CLR V . 40.68 -31.21 -0.53
H6 CLR V . 37.67 -31.81 -0.84
H71 CLR V . 36.00 -30.30 -1.97
H72 CLR V . 36.38 -31.62 -2.68
H8 CLR V . 37.82 -30.57 -4.10
H9 CLR V . 37.60 -28.33 -2.42
H111 CLR V . 39.19 -28.23 -4.75
H112 CLR V . 38.94 -27.05 -3.80
H121 CLR V . 37.66 -26.86 -5.78
H122 CLR V . 36.77 -26.83 -4.51
H14 CLR V . 35.67 -28.80 -3.81
H151 CLR V . 34.50 -30.72 -4.24
H152 CLR V . 35.53 -31.19 -5.29
H161 CLR V . 33.47 -29.42 -5.78
H162 CLR V . 34.34 -30.10 -6.86
H17 CLR V . 34.78 -27.59 -5.69
H181 CLR V . 36.96 -30.17 -6.95
H182 CLR V . 38.23 -29.74 -6.18
H183 CLR V . 37.70 -28.86 -7.34
H191 CLR V . 40.11 -30.60 -3.74
H192 CLR V . 41.16 -30.38 -2.59
H193 CLR V . 40.91 -29.26 -3.67
H20 CLR V . 35.36 -28.52 -8.27
H211 CLR V . 35.89 -26.23 -8.83
H212 CLR V . 36.98 -26.89 -7.93
H213 CLR V . 35.94 -25.93 -7.29
H221 CLR V . 33.44 -26.58 -7.59
H222 CLR V . 33.05 -28.07 -7.75
H231 CLR V . 32.57 -27.61 -9.78
H232 CLR V . 34.09 -27.66 -10.07
H241 CLR V . 34.03 -25.24 -9.43
H242 CLR V . 32.51 -25.36 -9.67
H25 CLR V . 32.97 -26.00 -11.93
H261 CLR V . 35.18 -25.49 -12.77
H262 CLR V . 35.17 -26.73 -11.80
H263 CLR V . 35.65 -25.33 -11.29
H271 CLR V . 33.31 -23.83 -12.73
H272 CLR V . 33.90 -23.36 -11.36
H273 CLR V . 32.38 -23.72 -11.48
H1 CLR V . 41.09 -30.34 2.11
C1 NAG W . 40.76 -20.39 38.94
C2 NAG W . 41.44 -19.03 38.99
C3 NAG W . 42.87 -19.18 38.47
C4 NAG W . 43.59 -20.27 39.27
C5 NAG W . 42.75 -21.55 39.28
C6 NAG W . 43.35 -22.67 40.11
C7 NAG W . 40.21 -16.90 38.74
C8 NAG W . 39.46 -16.04 37.76
N2 NAG W . 40.70 -18.05 38.24
O3 NAG W . 43.51 -17.94 38.57
O4 NAG W . 44.84 -20.47 38.66
O5 NAG W . 41.46 -21.28 39.77
O6 NAG W . 44.61 -23.03 39.59
O7 NAG W . 40.35 -16.57 39.91
H2 NAG W . 41.47 -18.74 39.92
H3 NAG W . 42.82 -19.48 37.55
H4 NAG W . 43.69 -19.95 40.19
H5 NAG W . 42.70 -21.89 38.37
H61 NAG W . 42.74 -23.41 40.12
H62 NAG W . 43.41 -22.35 41.03
H81 NAG W . 38.64 -15.74 38.16
H82 NAG W . 39.22 -16.58 36.98
H83 NAG W . 39.96 -15.27 37.45
HN2 NAG W . 40.55 -18.22 37.41
HO3 NAG W . 44.26 -18.00 38.16
HO4 NAG W . 45.38 -20.79 39.23
HO6 NAG W . 44.90 -23.69 40.03
C1 PTY X . 35.27 5.12 29.64
C2 PTY X . 40.99 1.52 31.81
C3 PTY X . 39.66 1.72 31.11
O4 PTY X . 34.58 5.61 28.49
C5 PTY X . 37.36 3.90 30.27
C6 PTY X . 36.71 4.84 29.27
O7 PTY X . 37.43 6.08 29.24
C8 PTY X . 36.86 7.19 28.76
O10 PTY X . 36.33 8.02 29.45
C11 PTY X . 36.99 7.26 27.26
C12 PTY X . 36.51 8.58 26.69
C13 PTY X . 36.77 8.69 25.18
C14 PTY X . 35.68 8.01 24.35
C15 PTY X . 35.63 8.50 22.91
C16 PTY X . 34.59 7.75 22.07
C17 PTY X . 35.10 7.30 20.71
C18 PTY X . 34.03 6.61 19.89
C19 PTY X . 32.83 7.49 19.53
C20 PTY X . 32.28 7.21 18.14
C21 PTY X . 31.15 8.14 17.72
C30 PTY X . 33.31 5.95 28.64
C31 PTY X . 32.80 6.76 27.47
O30 PTY X . 32.65 5.63 29.59
C32 PTY X . 32.44 5.93 26.25
C33 PTY X . 32.28 6.77 25.00
C34 PTY X . 30.86 6.75 24.45
C35 PTY X . 30.57 5.57 23.53
C36 PTY X . 29.12 5.52 23.07
C37 PTY X . 28.84 6.22 21.75
C38 PTY X . 27.35 6.36 21.45
C39 PTY X . 27.04 6.88 20.06
C40 PTY X . 25.56 7.22 19.89
C41 PTY X . 25.22 7.82 18.54
C42 PTY X . 23.73 7.96 18.27
C43 PTY X . 23.38 9.00 17.22
C44 PTY X . 21.90 9.01 16.86
P1 PTY X . 38.80 2.35 28.72
O11 PTY X . 39.87 2.50 29.94
O12 PTY X . 38.79 0.94 28.20
O13 PTY X . 38.95 3.48 27.74
O14 PTY X . 37.49 2.62 29.69
N1 PTY X . 41.69 2.77 31.98
HC11 PTY X . 34.86 4.30 29.93
HC12 PTY X . 35.21 5.76 30.37
HC21 PTY X . 41.52 0.93 31.26
HC22 PTY X . 40.82 1.04 32.64
HC31 PTY X . 39.03 2.15 31.71
HC32 PTY X . 39.28 0.85 30.88
HC51 PTY X . 36.80 3.87 31.05
HC52 PTY X . 38.22 4.25 30.54
HC6 PTY X . 36.74 4.41 28.40
H111 PTY X . 36.51 6.52 26.87
H112 PTY X . 37.92 7.12 27.03
H121 PTY X . 36.94 9.33 27.13
H122 PTY X . 35.55 8.69 26.85
H131 PTY X . 37.63 8.30 24.97
H132 PTY X . 36.82 9.63 24.93
H141 PTY X . 34.82 8.15 24.77
H142 PTY X . 35.84 7.05 24.37
H151 PTY X . 36.50 8.39 22.50
H152 PTY X . 35.44 9.44 22.89
H161 PTY X . 33.82 8.33 21.96
H162 PTY X . 34.27 6.98 22.58
H171 PTY X . 35.85 6.71 20.82
H172 PTY X . 35.43 8.07 20.23
H181 PTY X . 33.70 5.84 20.37
H182 PTY X . 34.42 6.27 19.06
H191 PTY X . 33.09 8.43 19.60
H192 PTY X . 32.13 7.37 20.19
H201 PTY X . 31.97 6.30 18.11
H202 PTY X . 33.00 7.28 17.50
H311 PTY X . 33.48 7.41 27.24
H312 PTY X . 32.03 7.28 27.77
H321 PTY X . 31.63 5.44 26.42
H322 PTY X . 33.14 5.26 26.10
H331 PTY X . 32.89 6.45 24.32
H332 PTY X . 32.54 7.69 25.18
H341 PTY X . 30.69 7.58 23.98
H342 PTY X . 30.23 6.73 25.19
H351 PTY X . 30.81 4.75 23.97
H352 PTY X . 31.14 5.63 22.75
H361 PTY X . 28.55 5.90 23.76
H362 PTY X . 28.84 4.59 23.00
H371 PTY X . 29.27 5.73 21.03
H372 PTY X . 29.25 7.10 21.76
H381 PTY X . 26.95 6.94 22.12
H382 PTY X . 26.93 5.49 21.58
H391 PTY X . 27.29 6.22 19.40
H392 PTY X . 27.56 7.67 19.89
H401 PTY X . 25.29 7.83 20.59
H402 PTY X . 25.03 6.42 20.03
H411 PTY X . 25.62 7.28 17.84
H412 PTY X . 25.64 8.69 18.45
H421 PTY X . 23.27 8.17 19.10
H422 PTY X . 23.37 7.10 17.99
H431 PTY X . 23.92 8.85 16.43
H432 PTY X . 23.64 9.89 17.54
H441 PTY X . 21.72 9.63 16.13
H442 PTY X . 21.35 9.27 17.60
H443 PTY X . 21.62 8.12 16.57
HN11 PTY X . 41.24 3.31 32.54
HN12 PTY X . 42.48 2.62 32.38
C1 CLR Y . 41.08 6.30 25.98
C2 CLR Y . 41.85 6.43 27.28
C3 CLR Y . 43.03 5.49 27.31
C4 CLR Y . 43.93 5.75 26.11
C5 CLR Y . 43.17 5.70 24.81
C6 CLR Y . 43.63 4.94 23.81
C7 CLR Y . 42.99 4.84 22.46
C8 CLR Y . 41.95 5.93 22.21
C9 CLR Y . 41.09 6.13 23.46
C10 CLR Y . 41.93 6.55 24.71
C11 CLR Y . 39.91 7.07 23.17
C12 CLR Y . 39.09 6.68 21.95
C13 CLR Y . 39.95 6.53 20.69
C14 CLR Y . 41.05 5.53 21.05
C15 CLR Y . 41.71 5.20 19.71
C16 CLR Y . 40.54 5.25 18.71
C17 CLR Y . 39.29 5.78 19.50
C18 CLR Y . 40.52 7.90 20.26
C19 CLR Y . 42.35 8.02 24.66
C20 CLR Y . 38.21 6.44 18.63
C21 CLR Y . 37.35 5.38 17.96
C22 CLR Y . 38.77 7.41 17.57
C23 CLR Y . 37.93 8.65 17.27
C24 CLR Y . 36.59 8.32 16.62
C25 CLR Y . 35.88 9.50 15.95
C26 CLR Y . 35.61 10.60 16.96
C27 CLR Y . 34.59 9.06 15.27
O1 CLR Y . 43.72 5.66 28.53
H11 CLR Y . 40.34 6.94 25.98
H12 CLR Y . 40.68 5.42 25.93
H21 CLR Y . 41.26 6.25 28.03
H22 CLR Y . 42.16 7.34 27.41
H3 CLR Y . 42.69 4.58 27.24
H41 CLR Y . 44.66 5.10 26.09
H42 CLR Y . 44.34 6.62 26.23
H6 CLR Y . 44.48 4.56 23.89
H71 CLR Y . 42.58 3.97 22.37
H72 CLR Y . 43.67 4.87 21.77
H8 CLR Y . 42.41 6.75 21.99
H9 CLR Y . 40.72 5.27 23.66
H111 CLR Y . 40.22 7.98 23.07
H112 CLR Y . 39.33 7.10 23.95
H121 CLR Y . 38.41 7.36 21.77
H122 CLR Y . 38.60 5.87 22.14
H14 CLR Y . 40.60 4.73 21.33
H151 CLR Y . 42.15 4.33 19.72
H152 CLR Y . 42.40 5.85 19.49
H161 CLR Y . 40.35 4.37 18.34
H162 CLR Y . 40.75 5.83 17.96
H17 CLR Y . 38.87 5.01 19.91
H181 CLR Y . 41.12 7.84 19.51
H182 CLR Y . 41.02 8.32 20.98
H183 CLR Y . 39.81 8.51 20.02
H191 CLR Y . 42.77 8.26 23.81
H192 CLR Y . 43.00 8.22 25.36
H193 CLR Y . 41.60 8.62 24.78
H20 CLR Y . 37.65 6.96 19.21
H211 CLR Y . 36.71 5.79 17.35
H212 CLR Y . 36.85 4.86 18.60
H213 CLR Y . 37.88 4.76 17.44
H221 CLR Y . 38.92 6.91 16.75
H222 CLR Y . 39.65 7.72 17.83
H231 CLR Y . 38.43 9.24 16.69
H232 CLR Y . 37.78 9.15 18.09
H241 CLR Y . 36.01 7.94 17.28
H242 CLR Y . 36.73 7.62 15.96
H25 CLR Y . 36.48 9.85 15.27
H261 CLR Y . 35.09 11.31 16.57
H262 CLR Y . 36.43 10.98 17.31
H263 CLR Y . 35.09 10.26 17.71
H271 CLR Y . 34.13 9.83 14.89
H272 CLR Y . 33.98 8.63 15.88
H273 CLR Y . 34.76 8.44 14.54
H1 CLR Y . 44.36 5.11 28.55
C1 CLR Z . 44.94 2.57 19.10
C2 CLR Z . 45.48 2.54 20.51
C3 CLR Z . 45.39 1.14 21.08
C4 CLR Z . 46.16 0.17 20.19
C5 CLR Z . 45.71 0.24 18.75
C6 CLR Z . 45.43 -0.87 18.08
C7 CLR Z . 44.99 -0.93 16.66
C8 CLR Z . 45.25 0.37 15.91
C9 CLR Z . 44.84 1.56 16.80
C10 CLR Z . 45.65 1.62 18.11
C11 CLR Z . 44.85 2.88 16.00
C12 CLR Z . 44.14 2.82 14.65
C13 CLR Z . 44.65 1.67 13.77
C14 CLR Z . 44.47 0.40 14.61
C15 CLR Z . 44.67 -0.74 13.62
C16 CLR Z . 44.08 -0.19 12.31
C17 CLR Z . 43.79 1.33 12.53
C18 CLR Z . 46.11 1.91 13.37
C19 CLR Z . 47.10 2.10 17.90
C20 CLR Z . 43.97 2.14 11.24
C21 CLR Z . 43.90 3.64 11.49
C22 CLR Z . 42.93 1.73 10.19
C23 CLR Z . 43.18 2.23 8.77
C24 CLR Z . 42.32 3.44 8.42
C25 CLR Z . 42.82 4.28 7.23
C26 CLR Z . 44.12 4.99 7.59
C27 CLR Z . 41.79 5.30 6.78
O1 CLR Z . 45.90 1.15 22.40
H11 CLR Z . 45.03 3.48 18.76
H12 CLR Z . 43.99 2.38 19.11
H21 CLR Z . 44.98 3.15 21.07
H22 CLR Z . 46.40 2.84 20.54
H3 CLR Z . 44.46 0.87 21.08
H41 CLR Z . 46.07 -0.73 20.51
H42 CLR Z . 47.10 0.39 20.26
H6 CLR Z . 45.69 -1.69 18.45
H71 CLR Z . 44.04 -1.14 16.62
H72 CLR Z . 45.43 -1.66 16.21
H8 CLR Z . 46.20 0.42 15.72
H9 CLR Z . 43.92 1.40 17.05
H111 CLR Z . 45.76 3.18 15.85
H112 CLR Z . 44.45 3.58 16.54
H121 CLR Z . 44.25 3.66 14.18
H122 CLR Z . 43.18 2.74 14.82
H14 CLR Z . 43.53 0.39 14.86
H151 CLR Z . 44.22 -1.55 13.92
H152 CLR Z . 45.60 -0.95 13.53
H161 CLR Z . 43.27 -0.66 12.05
H162 CLR Z . 44.71 -0.30 11.57
H17 CLR Z . 42.87 1.42 12.80
H181 CLR Z . 46.46 1.19 12.81
H182 CLR Z . 46.70 1.98 14.14
H183 CLR Z . 46.21 2.73 12.86
H191 CLR Z . 47.55 1.60 17.20
H192 CLR Z . 47.64 1.98 18.70
H193 CLR Z . 47.14 3.04 17.65
H20 CLR Z . 44.84 1.94 10.88
H211 CLR Z . 43.85 4.13 10.66
H212 CLR Z . 44.65 3.97 11.99
H213 CLR Z . 43.10 3.87 12.01
H221 CLR Z . 42.05 2.04 10.47
H222 CLR Z . 42.86 0.76 10.15
H231 CLR Z . 43.02 1.52 8.14
H232 CLR Z . 44.12 2.46 8.66
H241 CLR Z . 42.23 4.01 9.19
H242 CLR Z . 41.43 3.13 8.21
H25 CLR Z . 43.00 3.67 6.49
H261 CLR Z . 44.40 5.60 6.90
H262 CLR Z . 44.85 4.36 7.73
H263 CLR Z . 44.02 5.50 8.41
H271 CLR Z . 42.08 5.76 5.97
H272 CLR Z . 41.63 5.99 7.45
H273 CLR Z . 40.94 4.88 6.59
H1 CLR Z . 45.79 0.38 22.74
C1 NAG AA . 24.98 -4.83 54.27
C2 NAG AA . 24.49 -3.44 54.67
C3 NAG AA . 25.70 -2.56 54.94
C4 NAG AA . 26.58 -3.23 55.99
C5 NAG AA . 26.91 -4.67 55.58
C6 NAG AA . 27.72 -5.43 56.62
C7 NAG AA . 22.38 -2.49 53.82
C8 NAG AA . 21.70 -1.94 52.59
N2 NAG AA . 23.64 -2.89 53.64
O3 NAG AA . 25.25 -1.30 55.35
O4 NAG AA . 27.76 -2.44 56.11
O5 NAG AA . 25.70 -5.38 55.35
O6 NAG AA . 28.96 -4.80 56.80
O7 NAG AA . 21.80 -2.55 54.90
H2 NAG AA . 23.96 -3.52 55.48
H3 NAG AA . 26.22 -2.50 54.13
H4 NAG AA . 26.10 -3.24 56.83
H5 NAG AA . 27.44 -4.64 54.78
H61 NAG AA . 27.82 -6.34 56.31
H62 NAG AA . 27.20 -5.47 57.44
H81 NAG AA . 20.81 -2.33 52.52
H82 NAG AA . 22.19 -2.22 51.80
H83 NAG AA . 21.62 -0.98 52.58
HN2 NAG AA . 23.99 -2.82 52.86
HO3 NAG AA . 25.92 -0.77 55.38
HO4 NAG AA . 28.10 -2.58 56.88
HO6 NAG AA . 29.42 -5.27 57.33
C1 PTY BA . 7.96 14.14 43.40
C2 PTY BA . 13.20 14.03 48.19
C3 PTY BA . 12.48 13.64 46.91
O4 PTY BA . 7.62 14.51 42.07
C5 PTY BA . 9.87 14.23 45.01
C6 PTY BA . 9.20 14.89 43.82
O7 PTY BA . 8.84 16.24 44.15
C8 PTY BA . 7.93 16.90 43.45
O10 PTY BA . 6.76 16.97 43.78
C11 PTY BA . 8.53 17.53 42.23
C12 PTY BA . 7.56 18.43 41.48
C13 PTY BA . 8.21 19.17 40.32
C14 PTY BA . 8.29 18.32 39.06
C15 PTY BA . 8.49 19.14 37.78
C16 PTY BA . 8.62 18.26 36.54
C17 PTY BA . 9.76 18.68 35.63
C18 PTY BA . 9.86 17.83 34.37
C19 PTY BA . 8.63 17.92 33.47
C20 PTY BA . 9.00 17.86 31.98
C21 PTY BA . 7.81 18.04 31.05
C30 PTY BA . 6.52 13.97 41.54
C31 PTY BA . 6.10 14.68 40.29
O30 PTY BA . 5.95 13.03 42.04
C32 PTY BA . 6.89 14.26 39.06
C33 PTY BA . 6.69 15.22 37.89
C34 PTY BA . 6.00 14.58 36.70
C35 PTY BA . 6.96 13.84 35.75
C36 PTY BA . 6.24 13.11 34.63
C37 PTY BA . 6.09 13.92 33.35
C38 PTY BA . 5.16 13.26 32.34
C39 PTY BA . 5.13 13.93 30.98
C40 PTY BA . 4.02 13.39 30.08
C41 PTY BA . 3.92 14.12 28.74
C42 PTY BA . 2.96 13.44 27.75
C43 PTY BA . 2.45 14.37 26.67
C44 PTY BA . 1.64 13.65 25.60
P1 PTY BA . 12.41 14.43 44.41
O11 PTY BA . 12.54 14.74 46.02
O12 PTY BA . 13.54 13.54 43.97
O13 PTY BA . 12.13 15.69 43.65
O14 PTY BA . 11.04 13.55 44.59
N1 PTY BA . 12.75 15.31 48.69
HC11 PTY BA . 8.12 13.19 43.46
HC12 PTY BA . 7.21 14.34 44.01
HC21 PTY BA . 14.14 14.09 47.98
HC22 PTY BA . 13.11 13.30 48.83
HC31 PTY BA . 11.56 13.40 47.11
HC32 PTY BA . 12.91 12.86 46.52
HC51 PTY BA . 9.24 13.61 45.41
HC52 PTY BA . 10.08 14.89 45.68
HC6 PTY BA . 9.83 14.88 43.09
H111 PTY BA . 8.86 16.84 41.65
H112 PTY BA . 9.31 18.03 42.51
H121 PTY BA . 7.17 19.08 42.09
H122 PTY BA . 6.81 17.91 41.15
H131 PTY BA . 9.11 19.45 40.58
H132 PTY BA . 7.72 19.98 40.13
H141 PTY BA . 7.49 17.79 38.97
H142 PTY BA . 9.03 17.69 39.15
H151 PTY BA . 9.27 19.70 37.87
H152 PTY BA . 7.73 19.74 37.67
H161 PTY BA . 7.79 18.29 36.05
H162 PTY BA . 8.75 17.35 36.81
H171 PTY BA . 10.61 18.64 36.11
H172 PTY BA . 9.66 19.61 35.38
H181 PTY BA . 9.99 16.90 34.62
H182 PTY BA . 10.65 18.08 33.87
H191 PTY BA . 8.15 18.74 33.64
H192 PTY BA . 8.03 17.20 33.67
H201 PTY BA . 9.42 17.01 31.79
H202 PTY BA . 9.66 18.54 31.78
H311 PTY BA . 6.19 15.63 40.44
H312 PTY BA . 5.15 14.52 40.15
H321 PTY BA . 6.63 13.37 38.79
H322 PTY BA . 7.83 14.22 39.28
H331 PTY BA . 7.56 15.56 37.61
H332 PTY BA . 6.19 15.98 38.18
H341 PTY BA . 5.52 15.25 36.20
H342 PTY BA . 5.33 13.95 37.02
H351 PTY BA . 7.49 13.21 36.26
H352 PTY BA . 7.58 14.48 35.38
H361 PTY BA . 5.35 12.85 34.93
H362 PTY BA . 6.71 12.29 34.44
H371 PTY BA . 6.97 14.05 32.94
H372 PTY BA . 5.76 14.81 33.56
H381 PTY BA . 4.26 13.24 32.71
H382 PTY BA . 5.42 12.33 32.23
H391 PTY BA . 5.98 13.82 30.54
H392 PTY BA . 5.01 14.89 31.09
H401 PTY BA . 3.18 13.47 30.53
H402 PTY BA . 4.16 12.45 29.93
H411 PTY BA . 4.80 14.17 28.33
H412 PTY BA . 3.64 15.03 28.88
H421 PTY BA . 2.22 13.06 28.24
H422 PTY BA . 3.42 12.70 27.33
H431 PTY BA . 3.19 14.83 26.26
H432 PTY BA . 1.90 15.07 27.08
H441 PTY BA . 1.38 14.25 24.88
H442 PTY BA . 0.83 13.27 25.97
H443 PTY BA . 2.15 12.93 25.21
HN11 PTY BA . 11.89 15.25 48.94
HN12 PTY BA . 13.20 15.52 49.43
C1 CLR CA . 12.28 19.61 43.19
C2 CLR CA . 12.18 19.71 44.71
C3 CLR CA . 13.56 19.68 45.33
C4 CLR CA . 14.42 20.79 44.75
C5 CLR CA . 14.47 20.76 43.26
C6 CLR CA . 15.64 20.80 42.62
C7 CLR CA . 15.81 20.80 41.13
C8 CLR CA . 14.51 21.10 40.40
C9 CLR CA . 13.35 20.34 41.04
C10 CLR CA . 13.13 20.71 42.53
C11 CLR CA . 12.08 20.45 40.19
C12 CLR CA . 12.28 20.10 38.71
C13 CLR CA . 13.40 20.92 38.07
C14 CLR CA . 14.64 20.69 38.94
C15 CLR CA . 15.79 21.26 38.12
C16 CLR CA . 15.38 20.97 36.66
C17 CLR CA . 13.94 20.38 36.72
C18 CLR CA . 13.02 22.40 37.99
C19 CLR CA . 12.44 22.07 42.70
C20 CLR CA . 13.13 20.53 35.41
C21 CLR CA . 13.53 19.48 34.39
C22 CLR CA . 13.25 21.93 34.78
C23 CLR CA . 12.00 22.48 34.10
C24 CLR CA . 11.60 21.68 32.86
C25 CLR CA . 10.62 22.37 31.92
C26 CLR CA . 9.31 22.70 32.64
C27 CLR CA . 10.33 21.53 30.67
O1 CLR CA . 13.42 19.78 46.74
H11 CLR CA . 11.38 19.66 42.83
H12 CLR CA . 12.63 18.74 42.96
H21 CLR CA . 11.65 18.98 45.05
H22 CLR CA . 11.73 20.52 44.97
H3 CLR CA . 13.98 18.83 45.11
H41 CLR CA . 15.33 20.74 45.11
H42 CLR CA . 14.06 21.64 45.06
H6 CLR CA . 16.40 20.98 43.12
H71 CLR CA . 16.16 19.95 40.86
H72 CLR CA . 16.48 21.45 40.90
H8 CLR CA . 14.34 22.05 40.44
H9 CLR CA . 13.61 19.41 41.03
H111 CLR CA . 11.71 21.34 40.24
H112 CLR CA . 11.39 19.87 40.55
H121 CLR CA . 11.46 20.27 38.22
H122 CLR CA . 12.44 19.15 38.64
H14 CLR CA . 14.78 19.73 38.96
H151 CLR CA . 16.64 20.86 38.35
H152 CLR CA . 15.88 22.21 38.27
H161 CLR CA . 16.00 20.34 36.25
H162 CLR CA . 15.41 21.76 36.13
H17 CLR CA . 14.02 19.42 36.85
H181 CLR CA . 13.72 22.96 37.63
H182 CLR CA . 12.78 22.76 38.86
H183 CLR CA . 12.25 22.53 37.41
H191 CLR CA . 12.88 22.76 42.18
H192 CLR CA . 12.45 22.36 43.63
H193 CLR CA . 11.52 22.03 42.42
H20 CLR CA . 12.20 20.40 35.63
H211 CLR CA . 13.08 19.62 33.54
H212 CLR CA . 13.32 18.58 34.69
H213 CLR CA . 14.49 19.49 34.23
H221 CLR CA . 13.98 21.93 34.14
H222 CLR CA . 13.50 22.59 35.45
H231 CLR CA . 12.14 23.41 33.84
H232 CLR CA . 11.25 22.49 34.71
H241 CLR CA . 11.23 20.82 33.13
H242 CLR CA . 12.41 21.47 32.36
H25 CLR CA . 11.01 23.21 31.63
H261 CLR CA . 8.66 23.07 32.04
H262 CLR CA . 9.46 23.34 33.36
H263 CLR CA . 8.93 21.89 33.04
H271 CLR CA . 9.67 21.97 30.10
H272 CLR CA . 10.00 20.66 30.89
H273 CLR CA . 11.14 21.41 30.14
H1 CLR CA . 14.20 19.74 47.08
C1 CLR DA . 19.85 21.38 39.23
C2 CLR DA . 19.68 21.18 40.73
C3 CLR DA . 20.35 19.90 41.18
C4 CLR DA . 21.82 19.93 40.80
C5 CLR DA . 22.03 20.20 39.33
C6 CLR DA . 22.84 19.43 38.62
C7 CLR DA . 23.14 19.61 37.17
C8 CLR DA . 22.73 20.99 36.65
C9 CLR DA . 21.33 21.35 37.20
C10 CLR DA . 21.32 21.41 38.76
C11 CLR DA . 20.76 22.60 36.53
C12 CLR DA . 20.84 22.60 34.99
C13 CLR DA . 22.27 22.34 34.50
C14 CLR DA . 22.69 21.01 35.13
C15 CLR DA . 23.95 20.60 34.39
C16 CLR DA . 23.71 21.12 32.96
C17 CLR DA . 22.43 22.00 33.00
C18 CLR DA . 23.21 23.48 34.90
C19 CLR DA . 22.01 22.67 39.31
C20 CLR DA . 22.49 23.14 31.97
C21 CLR DA . 21.34 24.13 32.14
C22 CLR DA . 22.49 22.60 30.54
C23 CLR DA . 22.86 23.60 29.45
C24 CLR DA . 21.64 24.12 28.70
C25 CLR DA . 21.85 25.43 27.93
C26 CLR DA . 22.07 26.59 28.91
C27 CLR DA . 20.67 25.75 27.02
O1 CLR DA . 20.16 19.76 42.57
H11 CLR DA . 19.42 22.22 38.98
H12 CLR DA . 19.37 20.69 38.77
H21 CLR DA . 18.74 21.16 40.95
H22 CLR DA . 20.06 21.92 41.22
H3 CLR DA . 19.92 19.15 40.71
H41 CLR DA . 22.25 19.08 41.04
H42 CLR DA . 22.25 20.61 41.33
H6 CLR DA . 23.42 18.86 39.08
H71 CLR DA . 22.70 18.93 36.66
H72 CLR DA . 24.09 19.48 37.01
H8 CLR DA . 23.37 21.65 36.97
H9 CLR DA . 20.76 20.61 36.96
H111 CLR DA . 21.20 23.40 36.85
H112 CLR DA . 19.83 22.71 36.78
H121 CLR DA . 20.55 23.45 34.65
H122 CLR DA . 20.23 21.93 34.66
H14 CLR DA . 22.00 20.37 34.88
H151 CLR DA . 24.11 19.64 34.41
H152 CLR DA . 24.74 21.01 34.79
H161 CLR DA . 23.61 20.38 32.33
H162 CLR DA . 24.47 21.63 32.64
H17 CLR DA . 21.67 21.45 32.76
H181 CLR DA . 24.12 23.35 34.59
H182 CLR DA . 23.25 23.62 35.85
H183 CLR DA . 22.92 24.33 34.51
H191 CLR DA . 22.89 22.79 38.92
H192 CLR DA . 22.12 22.62 40.27
H193 CLR DA . 21.50 23.47 39.11
H20 CLR DA . 23.33 23.63 32.10
H211 CLR DA . 21.31 24.76 31.40
H212 CLR DA . 21.42 24.66 32.96
H213 CLR DA . 20.49 23.68 32.19
H221 CLR DA . 21.62 22.22 30.34
H222 CLR DA . 23.11 21.85 30.47
H231 CLR DA . 23.46 23.18 28.82
H232 CLR DA . 23.36 24.34 29.84
H241 CLR DA . 20.90 24.23 29.32
H242 CLR DA . 21.35 23.43 28.07
H25 CLR DA . 22.64 25.33 27.39
H261 CLR DA . 22.09 27.44 28.44
H262 CLR DA . 22.91 26.49 29.39
H263 CLR DA . 21.35 26.63 29.56
H271 CLR DA . 20.87 26.52 26.47
H272 CLR DA . 19.86 25.93 27.51
H273 CLR DA . 20.48 25.00 26.42
H1 CLR DA . 20.48 19.01 42.81
C1 NAG EA . -1.32 -7.49 59.44
C2 NAG EA . -2.73 -6.88 59.54
C3 NAG EA . -2.64 -5.62 60.38
C4 NAG EA . -2.02 -5.96 61.74
C5 NAG EA . -0.70 -6.72 61.55
C6 NAG EA . -0.06 -7.15 62.85
C7 NAG EA . -4.39 -7.10 57.73
C8 NAG EA . -4.72 -6.68 56.32
N2 NAG EA . -3.25 -6.61 58.21
O3 NAG EA . -3.92 -5.08 60.50
O4 NAG EA . -1.84 -4.75 62.43
O5 NAG EA . -0.91 -7.85 60.74
O6 NAG EA . 0.24 -6.03 63.64
O7 NAG EA . -5.13 -7.85 58.36
H2 NAG EA . -3.31 -7.52 59.97
H3 NAG EA . -2.04 -4.99 59.94
H4 NAG EA . -2.65 -6.54 62.21
H5 NAG EA . -0.07 -6.11 61.13
H61 NAG EA . 0.73 -7.68 62.64
H62 NAG EA . -0.68 -7.76 63.29
H81 NAG EA . -5.01 -7.45 55.81
H82 NAG EA . -3.92 -6.34 55.90
H83 NAG EA . -5.41 -6.00 56.26
HN2 NAG EA . -2.77 -6.09 57.71
HO3 NAG EA . -3.85 -4.31 60.85
HO4 NAG EA . -1.82 -4.90 63.26
HO6 NAG EA . 0.66 -6.30 64.33
C1 PTY FA . -20.79 0.45 41.42
C2 PTY FA . -19.16 1.76 48.20
C3 PTY FA . -18.88 1.51 46.74
O4 PTY FA . -20.74 0.98 40.10
C5 PTY FA . -20.22 1.07 43.77
C6 PTY FA . -20.64 1.59 42.40
O7 PTY FA . -21.91 2.26 42.51
C8 PTY FA . -22.67 2.47 41.44
O10 PTY FA . -23.58 1.75 41.12
C11 PTY FA . -22.24 3.70 40.68
C12 PTY FA . -23.18 4.06 39.54
C13 PTY FA . -22.81 5.39 38.88
C14 PTY FA . -21.71 5.22 37.84
C15 PTY FA . -21.65 6.37 36.83
C16 PTY FA . -20.52 6.22 35.83
C17 PTY FA . -19.71 7.50 35.62
C18 PTY FA . -18.60 7.33 34.58
C19 PTY FA . -19.11 7.01 33.18
C20 PTY FA . -18.27 7.67 32.09
C21 PTY FA . -18.80 7.44 30.68
C30 PTY FA . -20.89 0.12 39.09
C31 PTY FA . -21.15 0.83 37.79
O30 PTY FA . -20.81 -1.06 39.23
C32 PTY FA . -19.91 1.40 37.13
C33 PTY FA . -20.22 2.39 36.02
C34 PTY FA . -19.78 1.91 34.64
C35 PTY FA . -18.33 2.23 34.32
C36 PTY FA . -17.87 1.66 32.98
C37 PTY FA . -18.03 2.61 31.80
C38 PTY FA . -17.80 1.92 30.47
C39 PTY FA . -17.75 2.86 29.27
C40 PTY FA . -17.75 2.13 27.93
C41 PTY FA . -17.79 3.06 26.73
C42 PTY FA . -17.58 2.33 25.40
C43 PTY FA . -18.13 3.10 24.20
C44 PTY FA . -17.76 2.45 22.87
P1 PTY FA . -18.50 2.89 44.54
O11 PTY FA . -19.24 2.66 45.99
O12 PTY FA . -17.02 3.03 44.73
O13 PTY FA . -19.24 3.92 43.74
O14 PTY FA . -18.86 1.39 43.99
N1 PTY FA . -20.50 2.29 48.40
HC11 PTY FA . -20.06 -0.18 41.55
HC12 PTY FA . -21.62 -0.03 41.55
HC21 PTY FA . -18.52 2.43 48.50
HC22 PTY FA . -18.98 0.96 48.70
HC31 PTY FA . -19.39 0.73 46.44
HC32 PTY FA . -17.95 1.31 46.62
HC51 PTY FA . -20.38 0.12 43.79
HC52 PTY FA . -20.79 1.47 44.46
HC6 PTY FA . -19.96 2.19 42.09
H111 PTY FA . -21.34 3.57 40.36
H112 PTY FA . -22.18 4.43 41.32
H121 PTY FA . -24.09 4.12 39.88
H122 PTY FA . -23.18 3.36 38.88
H131 PTY FA . -22.52 6.02 39.55
H132 PTY FA . -23.60 5.77 38.46
H141 PTY FA . -21.85 4.39 37.35
H142 PTY FA . -20.85 5.15 38.28
H151 PTY FA . -21.56 7.21 37.31
H152 PTY FA . -22.49 6.43 36.35
H161 PTY FA . -20.87 5.93 34.98
H162 PTY FA . -19.92 5.51 36.13
H171 PTY FA . -19.32 7.78 36.46
H172 PTY FA . -20.31 8.21 35.34
H181 PTY FA . -18.00 6.64 34.87
H182 PTY FA . -18.08 8.15 34.54
H191 PTY FA . -20.03 7.28 33.09
H192 PTY FA . -19.10 6.05 33.05
H201 PTY FA . -17.36 7.35 32.15
H202 PTY FA . -18.23 8.63 32.26
H311 PTY FA . -21.79 1.54 37.95
H312 PTY FA . -21.61 0.22 37.18
H321 PTY FA . -19.37 0.67 36.76
H322 PTY FA . -19.35 1.82 37.80
H331 PTY FA . -19.79 3.23 36.22
H332 PTY FA . -21.18 2.57 36.01
H341 PTY FA . -20.36 2.30 33.97
H342 PTY FA . -19.91 0.95 34.58
H351 PTY FA . -17.75 1.90 35.02
H352 PTY FA . -18.20 3.20 34.31
H361 PTY FA . -18.38 0.84 32.80
H362 PTY FA . -16.95 1.39 33.05
H371 PTY FA . -17.40 3.34 31.90
H372 PTY FA . -18.90 3.00 31.82
H381 PTY FA . -18.50 1.27 30.32
H382 PTY FA . -16.97 1.41 30.50
H391 PTY FA . -16.96 3.42 29.33
H392 PTY FA . -18.50 3.46 29.31
H401 PTY FA . -18.53 1.54 27.91
H402 PTY FA . -16.98 1.56 27.88
H411 PTY FA . -17.11 3.74 26.83
H412 PTY FA . -18.64 3.52 26.70
H421 PTY FA . -17.99 1.46 25.44
H422 PTY FA . -16.63 2.18 25.26
H431 PTY FA . -17.79 4.01 24.22
H432 PTY FA . -19.09 3.16 24.27
H441 PTY FA . -18.05 3.00 22.12
H442 PTY FA . -18.16 1.58 22.77
H443 PTY FA . -16.80 2.34 22.80
HN11 PTY FA . -21.10 1.67 48.18
HN12 PTY FA . -20.63 2.46 49.27
C1 CLR GA . -21.59 7.08 43.42
C2 CLR GA . -22.29 6.59 44.68
C3 CLR GA . -21.62 7.15 45.91
C4 CLR GA . -21.60 8.67 45.85
C5 CLR GA . -20.97 9.18 44.58
C6 CLR GA . -20.01 10.10 44.63
C7 CLR GA . -19.35 10.70 43.43
C8 CLR GA . -20.09 10.43 42.13
C9 CLR GA . -20.57 8.96 42.09
C10 CLR GA . -21.52 8.62 43.27
C11 CLR GA . -21.13 8.60 40.72
C12 CLR GA . -20.22 8.96 39.55
C13 CLR GA . -19.80 10.43 39.56
C14 CLR GA . -19.18 10.68 40.94
C15 CLR GA . -18.51 12.05 40.82
C16 CLR GA . -18.03 12.08 39.36
C17 CLR GA . -18.58 10.79 38.68
C18 CLR GA . -21.01 11.35 39.30
C19 CLR GA . -22.94 9.17 43.07
C20 CLR GA . -18.71 10.89 37.14
C21 CLR GA . -17.36 10.68 36.47
C22 CLR GA . -19.34 12.21 36.65
C23 CLR GA . -20.24 12.12 35.42
C24 CLR GA . -19.48 11.73 34.16
C25 CLR GA . -20.22 11.99 32.85
C26 CLR GA . -21.55 11.23 32.81
C27 CLR GA . -19.38 11.62 31.63
O1 CLR GA . -22.31 6.68 47.04
H11 CLR GA . -22.06 6.73 42.64
H12 CLR GA . -20.69 6.71 43.39
H21 CLR GA . -22.27 5.62 44.69
H22 CLR GA . -23.22 6.85 44.67
H3 CLR GA . -20.70 6.83 45.93
H41 CLR GA . -21.12 9.03 46.61
H42 CLR GA . -22.51 8.99 45.93
H6 CLR GA . -19.83 10.51 45.44
H71 CLR GA . -18.44 10.36 43.37
H72 CLR GA . -19.26 11.65 43.57
H8 CLR GA . -20.86 11.02 42.09
H9 CLR GA . -19.78 8.43 42.23
H111 CLR GA . -22.00 9.04 40.58
H112 CLR GA . -21.34 7.65 40.69
H121 CLR GA . -20.67 8.78 38.71
H122 CLR GA . -19.45 8.37 39.57
H14 CLR GA . -18.46 10.04 41.03
H151 CLR GA . -17.79 12.17 41.46
H152 CLR GA . -19.16 12.76 41.00
H161 CLR GA . -17.06 12.11 39.31
H162 CLR GA . -18.34 12.88 38.91
H17 CLR GA . -17.94 10.09 38.83
H181 CLR GA . -20.79 12.29 39.35
H182 CLR GA . -21.73 11.19 39.93
H183 CLR GA . -21.37 11.19 38.41
H191 CLR GA . -22.93 10.11 42.84
H192 CLR GA . -23.47 9.09 43.88
H193 CLR GA . -23.41 8.71 42.35
H20 CLR GA . -19.30 10.17 36.85
H211 CLR GA . -17.41 10.81 35.51
H212 CLR GA . -17.01 9.79 36.62
H213 CLR GA . -16.70 11.29 36.81
H221 CLR GA . -18.62 12.84 36.47
H222 CLR GA . -19.86 12.61 37.36
H231 CLR GA . -20.66 12.98 35.28
H232 CLR GA . -20.96 11.49 35.58
H241 CLR GA . -19.26 10.78 34.20
H242 CLR GA . -18.64 12.20 34.14
H25 CLR GA . -20.42 12.93 32.80
H261 CLR GA . -22.00 11.33 31.96
H262 CLR GA . -22.15 11.55 33.50
H263 CLR GA . -21.41 10.29 32.95
H271 CLR GA . -19.87 11.75 30.81
H272 CLR GA . -19.09 10.70 31.66
H273 CLR GA . -18.58 12.18 31.58
H1 CLR GA . -21.92 6.97 47.74
C1 CLR HA . -16.42 14.10 43.84
C2 CLR HA . -16.96 13.35 45.05
C3 CLR HA . -15.85 12.63 45.77
C4 CLR HA . -14.78 13.62 46.19
C5 CLR HA . -14.27 14.44 45.03
C6 CLR HA . -12.96 14.59 44.83
C7 CLR HA . -12.36 15.38 43.74
C8 CLR HA . -13.35 16.34 43.08
C9 CLR HA . -14.68 15.62 42.85
C10 CLR HA . -15.33 15.13 44.17
C11 CLR HA . -15.62 16.45 41.96
C12 CLR HA . -14.98 17.01 40.69
C13 CLR HA . -13.72 17.81 40.99
C14 CLR HA . -12.80 16.84 41.75
C15 CLR HA . -11.44 17.52 41.75
C16 CLR HA . -11.39 18.25 40.39
C17 CLR HA . -12.81 18.16 39.78
C18 CLR HA . -14.03 19.07 41.80
C19 CLR HA . -15.93 16.28 45.00
C20 CLR HA . -13.16 19.38 38.92
C21 CLR HA . -14.62 19.40 38.48
C22 CLR HA . -12.25 19.46 37.69
C23 CLR HA . -12.27 20.79 36.93
C24 CLR HA . -13.11 20.73 35.67
C25 CLR HA . -13.57 22.08 35.11
C26 CLR HA . -14.56 22.74 36.06
C27 CLR HA . -14.18 21.94 33.72
O1 CLR HA . -16.40 11.95 46.88
H11 CLR HA . -17.16 14.57 43.41
H12 CLR HA . -16.08 13.46 43.20
H21 CLR HA . -17.64 12.71 44.76
H22 CLR HA . -17.40 13.95 45.66
H3 CLR HA . -15.45 11.99 45.16
H41 CLR HA . -14.05 13.16 46.61
H42 CLR HA . -15.17 14.21 46.87
H6 CLR HA . -12.38 14.33 45.52
H71 CLR HA . -11.99 14.78 43.07
H72 CLR HA . -11.59 15.88 44.07
H8 CLR HA . -13.49 17.09 43.67
H9 CLR HA . -14.46 14.81 42.34
H111 CLR HA . -16.00 17.18 42.47
H112 CLR HA . -16.39 15.90 41.71
H121 CLR HA . -15.62 17.59 40.24
H122 CLR HA . -14.82 16.28 40.08
H14 CLR HA . -12.72 16.06 41.19
H151 CLR HA . -10.70 16.89 41.85
H152 CLR HA . -11.36 18.14 42.48
H161 CLR HA . -10.73 17.86 39.80
H162 CLR HA . -11.13 19.18 40.50
H17 CLR HA . -12.85 17.38 39.19
H181 CLR HA . -13.23 19.59 42.01
H182 CLR HA . -14.45 18.86 42.65
H183 CLR HA . -14.63 19.66 41.32
H191 CLR HA . -15.30 17.01 45.11
H192 CLR HA . -16.18 15.99 45.88
H193 CLR HA . -16.71 16.65 44.57
H20 CLR HA . -13.00 20.18 39.46
H211 CLR HA . -14.78 20.09 37.83
H212 CLR HA . -15.22 19.56 39.23
H213 CLR HA . -14.88 18.55 38.09
H221 CLR HA . -12.48 18.74 37.08
H222 CLR HA . -11.33 19.28 37.94
H231 CLR HA . -11.36 21.03 36.70
H232 CLR HA . -12.59 21.50 37.51
H241 CLR HA . -13.90 20.18 35.83
H242 CLR HA . -12.60 20.26 34.99
H25 CLR HA . -12.78 22.65 35.04
H261 CLR HA . -14.93 23.55 35.67
H262 CLR HA . -14.15 22.99 36.89
H263 CLR HA . -15.29 22.14 36.26
H271 CLR HA . -14.36 22.82 33.35
H272 CLR HA . -15.02 21.45 33.73
H273 CLR HA . -13.58 21.49 33.11
H1 CLR HA . -15.79 11.48 47.24
C1 NAG IA . -18.36 -26.42 50.57
C2 NAG IA . -19.69 -26.80 49.93
C3 NAG IA . -20.80 -26.09 50.71
C4 NAG IA . -20.71 -26.45 52.19
C5 NAG IA . -19.28 -26.18 52.71
C6 NAG IA . -19.06 -26.59 54.15
C7 NAG IA . -19.93 -27.31 47.54
C8 NAG IA . -19.90 -26.71 46.15
N2 NAG IA . -19.72 -26.44 48.54
O3 NAG IA . -22.04 -26.47 50.15
O4 NAG IA . -21.65 -25.67 52.87
O5 NAG IA . -18.34 -26.87 51.90
O6 NAG IA . -19.92 -25.84 54.97
O7 NAG IA . -20.15 -28.50 47.71
H2 NAG IA . -19.82 -27.76 50.01
H3 NAG IA . -20.67 -25.14 50.63
H4 NAG IA . -20.90 -27.39 52.28
H5 NAG IA . -19.11 -25.23 52.65
H61 NAG IA . -18.13 -26.44 54.36
H62 NAG IA . -19.23 -27.54 54.22
H81 NAG IA . -19.37 -27.28 45.57
H82 NAG IA . -19.46 -25.85 46.19
H83 NAG IA . -20.77 -26.59 45.76
HN2 NAG IA . -19.57 -25.62 48.34
HO3 NAG IA . -22.64 -25.98 50.50
HO4 NAG IA . -21.86 -26.05 53.61
HO6 NAG IA . -19.74 -26.03 55.78
#